data_7LPO
#
_entry.id   7LPO
#
_cell.length_a   98.597
_cell.length_b   126.606
_cell.length_c   126.655
_cell.angle_alpha   90.000
_cell.angle_beta   95.460
_cell.angle_gamma   90.000
#
_symmetry.space_group_name_H-M   'P 1 21 1'
#
loop_
_entity.id
_entity.type
_entity.pdbx_description
1 polymer 'Cytoplasmic protein'
2 non-polymer 2-AMINO-2-HYDROXYMETHYL-PROPANE-1,3-DIOL
3 non-polymer 'MAGNESIUM ION'
4 water water
#
_entity_poly.entity_id   1
_entity_poly.type   'polypeptide(L)'
_entity_poly.pdbx_seq_one_letter_code
;SMPPPPEVSPVTGNPVSPHYIHSSTLHFQDVNGRSLVLRGVNLSGSAKHPNNQPSHIREGFWETAEAGKGDFINKPLNLD
DGSADLHLARLKAWGYNLLRYVFTWESLEHAGPKEYDYAYMDYIIAVLRKCKEWGFRVFMDPHQDVWSRFTGGSGAPLWT
LYACGIDPYHLTATAAAYLHCEWPSAESPKPQDFPAMIWGTNYTHLANQTIWTFFFAGKTYAPKCIIDGKNIQDFLQDHF
IDAVGELAKRIAEEAGDLLDECVIGWDSINEPGEGLIGCKDLAVIPAEQQLKKGPSPTPIEGMRLGMGEAQDVQAWNFGP
MGPYRGSRQTIDPKGVKLWLSKEDDVKRGSGKWGWTRGKEWALGTCIWAHHGVWEIATSTLLRPDYFSTLPTNPGHQVDF
VDDFWALHWLAYSSRIRLHHPESIHFIQAPVLRQPPKLPESFLKGRACSSPHFYDGLTLMTKHWNWFNADAIGVIRKKYW
SIVQAVRIGEGPIRKMIQGELAVLKQDTIDILGNYPTLVGEIGIPYDMDDKKAYGYVDGGRGEGDYSSQQKAMDCSMNAC
DGPNCLNYAIWNYVPDNVHEWGDNWNGEDLSLWSVDDKEQESYHDSPRSDTPNFSTNSNSLTNSSATLTVPMSGASKLRP
SPSVIDSGDFSPTLILDGSRAVAAFCRPYPVATVGIPERIDFDITSTKFKYAVRVRADDIANEQVYTEIYLPFVHYAASL
NASYSSFAQLSLDVTIVASHGRVEIQGQTLRWWYPVPGTGEEVYTIEVQRNGGALRRDLGYVQQGNFLDVCPECVIA
;
_entity_poly.pdbx_strand_id   A,B,C,D
#
loop_
_chem_comp.id
_chem_comp.type
_chem_comp.name
_chem_comp.formula
MG non-polymer 'MAGNESIUM ION' 'Mg 2'
TRS non-polymer 2-AMINO-2-HYDROXYMETHYL-PROPANE-1,3-DIOL 'C4 H12 N O3 1'
#
# COMPACT_ATOMS: atom_id res chain seq x y z
N PRO A 3 1.78 54.73 -33.54
CA PRO A 3 2.44 53.46 -33.18
C PRO A 3 1.49 52.45 -32.53
N PRO A 4 1.55 51.19 -32.95
CA PRO A 4 0.70 50.16 -32.32
C PRO A 4 1.38 49.56 -31.10
N PRO A 5 0.66 48.76 -30.31
CA PRO A 5 1.27 48.12 -29.13
C PRO A 5 2.48 47.28 -29.52
N PRO A 6 3.55 47.33 -28.74
CA PRO A 6 4.75 46.57 -29.09
C PRO A 6 4.59 45.09 -28.78
N GLU A 7 5.48 44.29 -29.37
CA GLU A 7 5.48 42.85 -29.15
C GLU A 7 6.25 42.45 -27.91
N VAL A 8 6.97 43.37 -27.27
CA VAL A 8 7.74 43.06 -26.07
C VAL A 8 7.31 43.98 -24.94
N SER A 9 7.43 43.47 -23.72
CA SER A 9 7.04 44.23 -22.54
C SER A 9 7.94 45.45 -22.37
N PRO A 10 7.39 46.60 -21.97
CA PRO A 10 8.24 47.75 -21.65
C PRO A 10 8.96 47.62 -20.32
N VAL A 11 8.60 46.64 -19.49
CA VAL A 11 9.25 46.45 -18.20
C VAL A 11 10.44 45.52 -18.30
N THR A 12 10.25 44.37 -18.95
CA THR A 12 11.27 43.34 -19.03
C THR A 12 11.92 43.22 -20.40
N GLY A 13 11.25 43.69 -21.45
CA GLY A 13 11.73 43.49 -22.80
C GLY A 13 11.43 42.13 -23.39
N ASN A 14 10.76 41.24 -22.62
CA ASN A 14 10.41 39.92 -23.09
C ASN A 14 9.16 39.98 -23.98
N PRO A 15 9.01 39.04 -24.91
CA PRO A 15 7.77 38.98 -25.68
C PRO A 15 6.59 38.65 -24.77
N VAL A 16 5.41 39.11 -25.17
CA VAL A 16 4.23 39.05 -24.31
C VAL A 16 3.30 37.94 -24.79
N SER A 17 2.62 37.32 -23.83
CA SER A 17 1.61 36.32 -24.13
C SER A 17 0.46 36.95 -24.91
N PRO A 18 -0.43 36.15 -25.50
CA PRO A 18 -1.53 36.74 -26.27
C PRO A 18 -2.61 37.36 -25.40
N HIS A 19 -2.64 37.08 -24.11
CA HIS A 19 -3.59 37.69 -23.18
C HIS A 19 -3.04 38.94 -22.51
N TYR A 20 -1.83 39.39 -22.89
CA TYR A 20 -1.22 40.55 -22.27
C TYR A 20 -2.07 41.80 -22.53
N ILE A 21 -2.28 42.59 -21.48
CA ILE A 21 -2.95 43.87 -21.60
C ILE A 21 -1.90 44.96 -21.49
N HIS A 22 -1.74 45.74 -22.56
CA HIS A 22 -0.84 46.88 -22.52
C HIS A 22 -1.46 48.01 -21.70
N SER A 23 -0.60 48.71 -20.95
CA SER A 23 -0.99 49.79 -20.06
C SER A 23 0.05 50.88 -20.22
N SER A 24 0.25 51.27 -21.49
CA SER A 24 1.32 52.13 -21.95
C SER A 24 0.82 53.40 -22.62
N THR A 25 -0.49 53.54 -22.78
CA THR A 25 -1.12 54.65 -23.45
C THR A 25 -2.33 55.06 -22.62
N LEU A 26 -3.15 55.95 -23.17
CA LEU A 26 -4.31 56.43 -22.43
C LEU A 26 -5.38 55.37 -22.24
N HIS A 27 -5.25 54.22 -22.89
CA HIS A 27 -6.22 53.14 -22.76
C HIS A 27 -5.49 51.81 -22.71
N PHE A 28 -6.06 50.89 -21.92
CA PHE A 28 -5.65 49.51 -21.97
C PHE A 28 -5.81 49.00 -23.41
N GLN A 29 -4.89 48.14 -23.83
CA GLN A 29 -4.96 47.56 -25.16
C GLN A 29 -4.60 46.09 -25.13
N ASP A 30 -5.28 45.29 -25.96
CA ASP A 30 -4.89 43.91 -26.19
C ASP A 30 -3.81 43.89 -27.27
N VAL A 31 -3.29 42.70 -27.58
CA VAL A 31 -2.15 42.59 -28.48
C VAL A 31 -2.48 42.93 -29.92
N ASN A 32 -3.76 43.04 -30.26
CA ASN A 32 -4.16 43.43 -31.61
C ASN A 32 -4.55 44.89 -31.71
N GLY A 33 -4.22 45.70 -30.70
CA GLY A 33 -4.43 47.13 -30.73
C GLY A 33 -5.80 47.60 -30.29
N ARG A 34 -6.69 46.70 -29.89
CA ARG A 34 -8.02 47.12 -29.48
C ARG A 34 -7.98 47.83 -28.13
N SER A 35 -8.67 48.95 -28.03
CA SER A 35 -8.83 49.62 -26.75
C SER A 35 -9.80 48.83 -25.88
N LEU A 36 -9.37 48.48 -24.67
CA LEU A 36 -10.18 47.70 -23.75
C LEU A 36 -10.76 48.58 -22.66
N VAL A 37 -12.00 48.27 -22.25
CA VAL A 37 -12.63 48.91 -21.11
C VAL A 37 -12.90 47.83 -20.08
N LEU A 38 -12.37 48.02 -18.87
CA LEU A 38 -12.49 47.05 -17.79
C LEU A 38 -13.48 47.57 -16.75
N ARG A 39 -14.53 46.81 -16.50
CA ARG A 39 -15.58 47.21 -15.59
C ARG A 39 -15.98 46.02 -14.75
N GLY A 40 -16.17 46.27 -13.45
CA GLY A 40 -16.52 45.21 -12.55
C GLY A 40 -16.80 45.71 -11.15
N VAL A 41 -16.44 44.92 -10.15
CA VAL A 41 -16.80 45.19 -8.76
C VAL A 41 -15.61 44.91 -7.86
N ASN A 42 -15.65 45.51 -6.67
CA ASN A 42 -14.76 45.12 -5.59
C ASN A 42 -15.33 43.87 -4.93
N LEU A 43 -14.48 42.86 -4.77
CA LEU A 43 -14.85 41.56 -4.19
C LEU A 43 -13.78 41.22 -3.16
N SER A 44 -14.04 41.46 -1.87
CA SER A 44 -15.30 41.96 -1.35
C SER A 44 -15.05 42.64 0.00
N GLY A 45 -15.93 43.57 0.37
CA GLY A 45 -15.92 44.11 1.72
C GLY A 45 -15.98 43.07 2.81
N SER A 46 -16.55 41.90 2.52
CA SER A 46 -16.68 40.87 3.54
C SER A 46 -15.34 40.31 3.97
N ALA A 47 -14.29 40.49 3.17
CA ALA A 47 -12.95 40.07 3.55
C ALA A 47 -12.28 41.03 4.53
N LYS A 48 -12.99 42.04 5.00
CA LYS A 48 -12.41 42.97 5.96
C LYS A 48 -12.31 42.40 7.38
N HIS A 49 -13.08 41.37 7.70
CA HIS A 49 -13.17 40.87 9.06
C HIS A 49 -13.28 39.35 9.03
N PRO A 50 -12.85 38.69 10.10
CA PRO A 50 -12.92 37.22 10.13
C PRO A 50 -14.35 36.71 10.20
N ASN A 51 -14.48 35.42 9.91
CA ASN A 51 -15.76 34.72 10.05
C ASN A 51 -16.38 34.99 11.41
N ASN A 52 -17.66 35.31 11.40
CA ASN A 52 -18.50 35.46 12.58
C ASN A 52 -18.09 36.63 13.46
N GLN A 53 -17.26 37.55 12.99
CA GLN A 53 -16.91 38.74 13.76
C GLN A 53 -17.17 40.00 12.92
N PRO A 54 -18.43 40.28 12.62
CA PRO A 54 -18.76 41.57 12.00
C PRO A 54 -18.55 42.73 12.97
N SER A 55 -18.59 43.93 12.40
CA SER A 55 -18.19 45.15 13.10
C SER A 55 -19.00 45.39 14.37
N HIS A 56 -20.26 44.94 14.39
CA HIS A 56 -21.13 45.30 15.51
C HIS A 56 -21.04 44.36 16.70
N ILE A 57 -20.32 43.24 16.60
CA ILE A 57 -20.32 42.24 17.66
C ILE A 57 -19.02 42.35 18.45
N ARG A 58 -19.17 42.63 19.75
CA ARG A 58 -17.99 42.79 20.60
C ARG A 58 -17.47 41.45 21.10
N GLU A 59 -18.34 40.48 21.31
CA GLU A 59 -17.90 39.20 21.85
C GLU A 59 -16.91 38.53 20.89
N GLY A 60 -15.76 38.12 21.44
CA GLY A 60 -14.73 37.47 20.66
C GLY A 60 -13.84 38.40 19.85
N PHE A 61 -14.18 39.68 19.77
CA PHE A 61 -13.47 40.63 18.93
C PHE A 61 -12.01 40.75 19.34
N TRP A 62 -11.77 41.06 20.61
CA TRP A 62 -10.41 41.21 21.10
C TRP A 62 -9.73 39.86 21.33
N GLU A 63 -10.46 38.89 21.90
CA GLU A 63 -9.82 37.66 22.35
C GLU A 63 -9.20 36.88 21.21
N THR A 64 -9.90 36.76 20.08
CA THR A 64 -9.35 35.99 18.97
C THR A 64 -8.10 36.66 18.42
N ALA A 65 -8.10 37.99 18.33
CA ALA A 65 -6.94 38.68 17.79
C ALA A 65 -5.76 38.63 18.77
N GLU A 66 -6.05 38.75 20.07
CA GLU A 66 -4.98 38.64 21.06
C GLU A 66 -4.32 37.27 21.02
N ALA A 67 -5.11 36.24 20.69
CA ALA A 67 -4.60 34.88 20.56
C ALA A 67 -3.87 34.65 19.25
N GLY A 68 -3.74 35.67 18.42
CA GLY A 68 -3.05 35.53 17.16
C GLY A 68 -3.85 34.87 16.07
N LYS A 69 -5.16 34.75 16.23
CA LYS A 69 -6.00 34.09 15.26
C LYS A 69 -6.55 35.10 14.24
N GLY A 70 -7.06 34.57 13.14
CA GLY A 70 -7.63 35.38 12.08
C GLY A 70 -8.22 34.46 11.04
N ASP A 71 -9.43 33.99 11.29
CA ASP A 71 -10.07 33.03 10.39
C ASP A 71 -10.82 33.81 9.32
N PHE A 72 -10.15 34.03 8.19
CA PHE A 72 -10.74 34.66 7.03
C PHE A 72 -11.08 33.67 5.93
N ILE A 73 -10.84 32.37 6.13
CA ILE A 73 -11.05 31.41 5.07
C ILE A 73 -12.50 31.45 4.60
N ASN A 74 -12.69 31.34 3.29
CA ASN A 74 -13.97 31.28 2.61
C ASN A 74 -14.66 32.63 2.51
N LYS A 75 -13.96 33.72 2.78
CA LYS A 75 -14.37 35.05 2.36
C LYS A 75 -13.32 35.59 1.41
N PRO A 76 -13.70 36.13 0.24
CA PRO A 76 -15.06 36.54 -0.09
C PRO A 76 -16.01 35.45 -0.58
N LEU A 77 -15.48 34.35 -1.09
CA LEU A 77 -16.30 33.31 -1.70
C LEU A 77 -16.09 31.99 -0.98
N ASN A 78 -17.19 31.32 -0.65
CA ASN A 78 -17.13 29.99 -0.04
C ASN A 78 -16.87 28.95 -1.13
N LEU A 79 -15.79 28.20 -1.00
CA LEU A 79 -15.40 27.21 -1.99
C LEU A 79 -15.82 25.80 -1.59
N ASP A 80 -16.51 25.64 -0.47
CA ASP A 80 -16.92 24.32 -0.02
C ASP A 80 -18.38 23.99 -0.34
N ASP A 81 -19.22 24.99 -0.59
CA ASP A 81 -20.67 24.78 -0.67
C ASP A 81 -21.24 25.03 -2.07
N GLY A 82 -20.39 25.24 -3.07
CA GLY A 82 -20.86 25.47 -4.42
C GLY A 82 -21.33 26.88 -4.72
N SER A 83 -21.50 27.72 -3.69
CA SER A 83 -22.02 29.07 -3.93
C SER A 83 -21.05 29.95 -4.73
N ALA A 84 -19.75 29.65 -4.72
CA ALA A 84 -18.79 30.56 -5.31
C ALA A 84 -19.02 30.73 -6.81
N ASP A 85 -19.35 29.64 -7.51
CA ASP A 85 -19.55 29.73 -8.96
C ASP A 85 -20.81 30.51 -9.30
N LEU A 86 -21.83 30.47 -8.44
CA LEU A 86 -23.05 31.21 -8.73
C LEU A 86 -22.83 32.71 -8.66
N HIS A 87 -22.03 33.17 -7.69
CA HIS A 87 -21.74 34.59 -7.59
C HIS A 87 -20.94 35.08 -8.78
N LEU A 88 -19.90 34.34 -9.18
CA LEU A 88 -19.10 34.75 -10.33
C LEU A 88 -19.93 34.69 -11.60
N ALA A 89 -20.81 33.69 -11.73
CA ALA A 89 -21.69 33.63 -12.88
C ALA A 89 -22.55 34.89 -12.96
N ARG A 90 -23.11 35.31 -11.82
CA ARG A 90 -23.93 36.51 -11.80
C ARG A 90 -23.13 37.71 -12.26
N LEU A 91 -21.93 37.89 -11.71
CA LEU A 91 -21.12 39.03 -12.07
C LEU A 91 -20.78 39.01 -13.56
N LYS A 92 -20.45 37.83 -14.09
CA LYS A 92 -20.13 37.74 -15.51
C LYS A 92 -21.35 38.01 -16.37
N ALA A 93 -22.52 37.49 -15.97
CA ALA A 93 -23.75 37.71 -16.72
C ALA A 93 -24.16 39.18 -16.74
N TRP A 94 -23.73 39.96 -15.74
CA TRP A 94 -23.96 41.40 -15.70
C TRP A 94 -22.99 42.16 -16.58
N GLY A 95 -22.12 41.46 -17.30
CA GLY A 95 -21.20 42.08 -18.22
C GLY A 95 -19.85 42.42 -17.64
N TYR A 96 -19.60 42.14 -16.36
CA TYR A 96 -18.35 42.53 -15.74
C TYR A 96 -17.21 41.62 -16.17
N ASN A 97 -16.03 42.21 -16.36
CA ASN A 97 -14.82 41.46 -16.69
C ASN A 97 -13.67 41.81 -15.75
N LEU A 98 -13.95 42.46 -14.63
CA LEU A 98 -12.91 42.98 -13.74
C LEU A 98 -13.32 42.77 -12.29
N LEU A 99 -12.34 42.43 -11.47
CA LEU A 99 -12.52 42.29 -10.04
C LEU A 99 -11.35 42.97 -9.36
N ARG A 100 -11.64 43.87 -8.41
CA ARG A 100 -10.64 44.40 -7.50
C ARG A 100 -10.70 43.51 -6.26
N TYR A 101 -9.63 42.75 -6.04
CA TYR A 101 -9.66 41.69 -5.03
C TYR A 101 -9.15 42.21 -3.70
N VAL A 102 -10.00 42.14 -2.69
CA VAL A 102 -9.73 42.74 -1.38
C VAL A 102 -9.10 41.71 -0.45
N PHE A 103 -7.95 42.05 0.12
CA PHE A 103 -7.34 41.29 1.19
C PHE A 103 -6.74 42.27 2.20
N THR A 104 -6.57 41.81 3.44
CA THR A 104 -6.03 42.68 4.47
C THR A 104 -4.71 42.13 4.99
N TRP A 105 -3.85 43.06 5.41
CA TRP A 105 -2.64 42.70 6.13
C TRP A 105 -2.94 41.80 7.31
N GLU A 106 -4.04 42.05 8.02
CA GLU A 106 -4.38 41.23 9.17
C GLU A 106 -4.54 39.78 8.77
N SER A 107 -5.21 39.53 7.65
CA SER A 107 -5.48 38.15 7.24
C SER A 107 -4.22 37.41 6.85
N LEU A 108 -3.13 38.14 6.56
CA LEU A 108 -1.87 37.52 6.20
C LEU A 108 -0.89 37.36 7.35
N GLU A 109 -0.99 38.19 8.41
CA GLU A 109 0.05 38.21 9.43
C GLU A 109 -0.55 38.39 10.84
N HIS A 110 -1.77 37.92 11.04
CA HIS A 110 -2.41 38.06 12.34
C HIS A 110 -1.67 37.30 13.44
N ALA A 111 -1.00 36.20 13.09
CA ALA A 111 -0.36 35.38 14.10
C ALA A 111 0.80 36.08 14.80
N GLY A 112 1.42 37.06 14.16
CA GLY A 112 2.54 37.77 14.75
C GLY A 112 3.51 38.18 13.66
N PRO A 113 4.47 39.05 14.01
CA PRO A 113 5.47 39.47 13.01
C PRO A 113 6.14 38.30 12.31
N LYS A 114 6.06 38.27 10.99
CA LYS A 114 6.67 37.26 10.13
C LYS A 114 6.09 35.86 10.34
N GLU A 115 4.93 35.76 10.97
CA GLU A 115 4.15 34.52 11.06
C GLU A 115 3.03 34.63 10.04
N TYR A 116 3.29 34.22 8.80
CA TYR A 116 2.37 34.43 7.70
C TYR A 116 1.38 33.28 7.59
N ASP A 117 0.10 33.63 7.38
CA ASP A 117 -0.97 32.66 7.22
C ASP A 117 -0.92 32.11 5.79
N TYR A 118 -0.06 31.10 5.61
CA TYR A 118 0.10 30.50 4.29
C TYR A 118 -1.17 29.82 3.82
N ALA A 119 -2.00 29.35 4.74
CA ALA A 119 -3.25 28.71 4.33
C ALA A 119 -4.19 29.73 3.71
N TYR A 120 -4.28 30.93 4.28
CA TYR A 120 -5.16 31.93 3.68
C TYR A 120 -4.62 32.35 2.33
N MET A 121 -3.31 32.46 2.20
CA MET A 121 -2.66 32.71 0.92
C MET A 121 -3.13 31.69 -0.16
N ASP A 122 -3.14 30.42 0.23
CA ASP A 122 -3.56 29.37 -0.72
C ASP A 122 -5.06 29.44 -0.98
N TYR A 123 -5.84 29.88 0.01
CA TYR A 123 -7.26 30.11 -0.25
C TYR A 123 -7.44 31.20 -1.30
N ILE A 124 -6.72 32.32 -1.16
CA ILE A 124 -6.82 33.39 -2.15
C ILE A 124 -6.47 32.86 -3.53
N ILE A 125 -5.42 32.05 -3.63
CA ILE A 125 -5.02 31.49 -4.92
C ILE A 125 -6.14 30.65 -5.51
N ALA A 126 -6.80 29.84 -4.67
CA ALA A 126 -7.93 29.05 -5.14
C ALA A 126 -9.06 29.94 -5.64
N VAL A 127 -9.35 31.02 -4.93
CA VAL A 127 -10.36 31.97 -5.40
C VAL A 127 -9.93 32.58 -6.72
N LEU A 128 -8.66 32.98 -6.82
CA LEU A 128 -8.19 33.55 -8.08
C LEU A 128 -8.31 32.57 -9.23
N ARG A 129 -8.09 31.28 -8.97
CA ARG A 129 -8.21 30.29 -10.03
C ARG A 129 -9.63 30.24 -10.59
N LYS A 130 -10.64 30.29 -9.71
CA LYS A 130 -12.02 30.30 -10.18
C LYS A 130 -12.34 31.58 -10.93
N CYS A 131 -11.83 32.73 -10.47
CA CYS A 131 -12.00 33.96 -11.24
C CYS A 131 -11.45 33.79 -12.65
N LYS A 132 -10.30 33.12 -12.78
CA LYS A 132 -9.72 32.92 -14.10
C LYS A 132 -10.58 32.01 -14.96
N GLU A 133 -11.11 30.94 -14.36
CA GLU A 133 -11.99 30.05 -15.12
C GLU A 133 -13.19 30.80 -15.67
N TRP A 134 -13.69 31.79 -14.94
CA TRP A 134 -14.83 32.57 -15.40
C TRP A 134 -14.44 33.75 -16.27
N GLY A 135 -13.16 33.93 -16.57
CA GLY A 135 -12.74 34.94 -17.51
C GLY A 135 -12.55 36.33 -16.95
N PHE A 136 -12.30 36.46 -15.66
CA PHE A 136 -12.10 37.77 -15.05
C PHE A 136 -10.63 38.20 -15.12
N ARG A 137 -10.42 39.50 -15.34
CA ARG A 137 -9.16 40.14 -15.00
C ARG A 137 -9.27 40.61 -13.55
N VAL A 138 -8.14 40.58 -12.84
CA VAL A 138 -8.11 40.90 -11.41
C VAL A 138 -6.91 41.80 -11.13
N PHE A 139 -7.10 42.81 -10.28
CA PHE A 139 -5.97 43.46 -9.64
C PHE A 139 -6.16 43.46 -8.13
N MET A 140 -5.05 43.32 -7.44
CA MET A 140 -5.04 43.03 -6.01
C MET A 140 -5.06 44.32 -5.20
N ASP A 141 -5.88 44.36 -4.16
CA ASP A 141 -6.05 45.54 -3.32
C ASP A 141 -5.63 45.20 -1.90
N PRO A 142 -4.43 45.61 -1.46
CA PRO A 142 -4.10 45.56 -0.03
C PRO A 142 -4.92 46.58 0.73
N HIS A 143 -5.94 46.12 1.43
CA HIS A 143 -7.02 47.00 1.85
C HIS A 143 -6.93 47.31 3.34
N GLN A 144 -7.27 48.56 3.67
CA GLN A 144 -7.36 49.03 5.04
C GLN A 144 -8.35 50.19 5.08
N ASP A 145 -8.91 50.39 6.26
CA ASP A 145 -9.73 51.56 6.57
C ASP A 145 -9.37 51.98 7.98
N VAL A 146 -8.99 53.25 8.14
CA VAL A 146 -8.58 53.84 9.41
C VAL A 146 -7.67 52.88 10.17
N TRP A 147 -6.67 52.37 9.45
CA TRP A 147 -5.56 51.54 9.90
C TRP A 147 -5.92 50.09 10.16
N SER A 148 -6.97 49.82 10.93
CA SER A 148 -7.29 48.45 11.32
C SER A 148 -8.69 48.35 11.90
N ARG A 149 -9.19 47.13 11.99
CA ARG A 149 -10.46 46.90 12.69
C ARG A 149 -10.41 47.42 14.12
N PHE A 150 -9.27 47.26 14.79
CA PHE A 150 -9.10 47.65 16.18
C PHE A 150 -9.02 49.15 16.36
N THR A 151 -8.94 49.92 15.27
CA THR A 151 -8.98 51.37 15.33
C THR A 151 -10.13 51.92 14.50
N GLY A 152 -11.13 51.09 14.21
CA GLY A 152 -12.42 51.55 13.69
C GLY A 152 -12.77 51.05 12.30
N GLY A 153 -11.96 50.19 11.69
CA GLY A 153 -12.15 49.87 10.28
C GLY A 153 -11.72 48.49 9.83
N SER A 154 -10.58 48.43 9.14
CA SER A 154 -10.04 47.19 8.62
C SER A 154 -8.57 47.41 8.34
N GLY A 155 -7.84 46.32 8.18
CA GLY A 155 -6.47 46.42 7.72
C GLY A 155 -5.42 45.69 8.53
N ALA A 156 -4.75 46.40 9.43
CA ALA A 156 -3.53 45.91 10.04
C ALA A 156 -3.82 44.95 11.21
N PRO A 157 -2.90 44.02 11.48
CA PRO A 157 -3.10 43.11 12.61
C PRO A 157 -2.98 43.83 13.94
N LEU A 158 -3.64 43.27 14.95
CA LEU A 158 -3.71 43.90 16.26
C LEU A 158 -2.34 44.20 16.84
N TRP A 159 -1.34 43.38 16.54
CA TRP A 159 -0.06 43.60 17.17
C TRP A 159 0.61 44.89 16.70
N THR A 160 0.15 45.50 15.61
CA THR A 160 0.74 46.78 15.20
C THR A 160 0.41 47.88 16.21
N LEU A 161 -0.77 47.82 16.83
CA LEU A 161 -1.10 48.78 17.88
C LEU A 161 -0.11 48.70 19.03
N TYR A 162 0.16 47.49 19.51
CA TYR A 162 1.13 47.31 20.58
C TYR A 162 2.51 47.79 20.14
N ALA A 163 2.89 47.51 18.90
CA ALA A 163 4.17 48.00 18.40
C ALA A 163 4.25 49.53 18.50
N CYS A 164 3.11 50.21 18.32
CA CYS A 164 3.05 51.67 18.41
C CYS A 164 2.87 52.18 19.84
N GLY A 165 2.91 51.29 20.83
CA GLY A 165 2.81 51.71 22.22
C GLY A 165 1.42 52.09 22.65
N ILE A 166 0.40 51.54 22.02
CA ILE A 166 -0.98 51.90 22.28
C ILE A 166 -1.65 50.71 22.95
N ASP A 167 -2.39 50.98 24.03
CA ASP A 167 -3.19 49.95 24.68
C ASP A 167 -4.55 49.89 24.01
N PRO A 168 -4.85 48.83 23.24
CA PRO A 168 -6.12 48.81 22.48
C PRO A 168 -7.36 48.98 23.35
N TYR A 169 -7.31 48.55 24.61
CA TYR A 169 -8.47 48.61 25.48
C TYR A 169 -8.76 50.01 26.01
N HIS A 170 -7.89 50.98 25.73
CA HIS A 170 -8.12 52.35 26.18
C HIS A 170 -8.54 53.28 25.04
N LEU A 171 -8.74 52.74 23.84
CA LEU A 171 -9.10 53.56 22.69
C LEU A 171 -10.42 54.27 22.91
N THR A 172 -11.42 53.56 23.43
CA THR A 172 -12.75 54.13 23.60
C THR A 172 -12.79 55.16 24.72
N ALA A 173 -12.19 54.83 25.87
CA ALA A 173 -12.22 55.76 27.01
C ALA A 173 -11.62 57.11 26.64
N THR A 174 -10.53 57.11 25.89
CA THR A 174 -9.84 58.34 25.50
C THR A 174 -10.39 58.96 24.22
N ALA A 175 -11.36 58.33 23.57
CA ALA A 175 -11.85 58.80 22.29
C ALA A 175 -10.74 58.81 21.23
N ALA A 176 -9.73 57.95 21.42
CA ALA A 176 -8.66 57.85 20.44
C ALA A 176 -9.12 57.14 19.17
N ALA A 177 -10.18 56.34 19.26
CA ALA A 177 -10.83 55.75 18.11
C ALA A 177 -12.26 55.39 18.52
N TYR A 178 -13.17 55.43 17.55
CA TYR A 178 -14.55 55.00 17.76
C TYR A 178 -14.71 53.65 17.07
N LEU A 179 -14.95 52.62 17.86
CA LEU A 179 -15.19 51.28 17.37
C LEU A 179 -16.69 51.01 17.36
N HIS A 180 -17.18 50.46 16.25
CA HIS A 180 -18.60 50.16 16.15
C HIS A 180 -19.08 49.29 17.32
N CYS A 181 -18.30 48.28 17.68
CA CYS A 181 -18.75 47.35 18.70
C CYS A 181 -18.63 47.90 20.12
N GLU A 182 -17.99 49.06 20.31
CA GLU A 182 -17.91 49.70 21.62
C GLU A 182 -18.56 51.08 21.61
N TRP A 183 -19.53 51.28 20.73
CA TRP A 183 -20.24 52.55 20.66
C TRP A 183 -21.60 52.41 21.34
N PRO A 184 -22.03 53.36 22.19
CA PRO A 184 -21.32 54.57 22.59
C PRO A 184 -20.32 54.34 23.71
N SER A 185 -20.31 53.13 24.26
CA SER A 185 -19.36 52.79 25.30
C SER A 185 -19.13 51.29 25.27
N ALA A 186 -17.92 50.88 25.69
CA ALA A 186 -17.60 49.47 25.80
C ALA A 186 -18.48 48.77 26.82
N GLU A 187 -18.89 49.47 27.87
CA GLU A 187 -19.67 48.85 28.93
C GLU A 187 -21.11 48.61 28.51
N SER A 188 -21.64 49.44 27.61
CA SER A 188 -23.04 49.35 27.19
C SER A 188 -23.16 49.66 25.71
N PRO A 189 -22.76 48.72 24.86
CA PRO A 189 -22.77 49.00 23.41
C PRO A 189 -24.17 49.05 22.84
N LYS A 190 -24.36 49.96 21.88
CA LYS A 190 -25.58 50.04 21.06
C LYS A 190 -25.16 50.17 19.61
N PRO A 191 -24.59 49.12 19.03
CA PRO A 191 -24.07 49.26 17.65
C PRO A 191 -25.08 49.80 16.66
N GLN A 192 -26.36 49.44 16.82
CA GLN A 192 -27.40 49.91 15.90
C GLN A 192 -27.52 51.43 15.92
N ASP A 193 -27.00 52.11 16.94
CA ASP A 193 -27.03 53.56 17.01
C ASP A 193 -25.78 54.22 16.44
N PHE A 194 -24.85 53.46 15.89
CA PHE A 194 -23.60 54.01 15.36
C PHE A 194 -23.89 55.06 14.30
N PRO A 195 -23.48 56.31 14.48
CA PRO A 195 -23.86 57.36 13.51
C PRO A 195 -23.33 57.05 12.12
N ALA A 196 -24.13 57.41 11.12
CA ALA A 196 -23.79 57.17 9.73
C ALA A 196 -22.43 57.74 9.37
N MET A 197 -21.56 56.86 8.85
CA MET A 197 -20.29 57.25 8.25
C MET A 197 -19.35 57.90 9.25
N ILE A 198 -19.60 57.75 10.54
CA ILE A 198 -18.69 58.36 11.51
C ILE A 198 -17.37 57.59 11.54
N TRP A 199 -17.34 56.36 11.03
CA TRP A 199 -16.11 55.58 11.08
C TRP A 199 -14.96 56.33 10.44
N GLY A 200 -15.26 57.18 9.45
CA GLY A 200 -14.22 57.87 8.70
C GLY A 200 -13.50 58.93 9.49
N THR A 201 -14.16 59.49 10.52
CA THR A 201 -13.51 60.48 11.39
C THR A 201 -12.37 59.88 12.21
N ASN A 202 -12.26 58.56 12.28
CA ASN A 202 -11.14 57.96 12.99
C ASN A 202 -9.81 58.43 12.42
N TYR A 203 -9.77 58.79 11.13
CA TYR A 203 -8.52 59.30 10.55
C TYR A 203 -8.03 60.56 11.27
N THR A 204 -8.93 61.30 11.91
CA THR A 204 -8.58 62.53 12.61
C THR A 204 -8.82 62.42 14.11
N HIS A 205 -8.75 61.21 14.64
CA HIS A 205 -8.63 60.99 16.07
C HIS A 205 -7.24 60.44 16.39
N LEU A 206 -6.94 60.38 17.69
CA LEU A 206 -5.55 60.31 18.13
C LEU A 206 -4.84 59.03 17.68
N ALA A 207 -5.53 57.89 17.68
CA ALA A 207 -4.84 56.65 17.35
C ALA A 207 -4.36 56.67 15.89
N ASN A 208 -5.27 56.95 14.95
CA ASN A 208 -4.87 57.04 13.56
C ASN A 208 -3.89 58.18 13.35
N GLN A 209 -4.08 59.31 14.06
CA GLN A 209 -3.19 60.45 13.88
C GLN A 209 -1.77 60.07 14.27
N THR A 210 -1.63 59.24 15.29
CA THR A 210 -0.29 58.79 15.71
C THR A 210 0.23 57.73 14.75
N ILE A 211 -0.58 56.69 14.50
CA ILE A 211 -0.09 55.50 13.82
C ILE A 211 0.33 55.84 12.40
N TRP A 212 -0.48 56.65 11.70
CA TRP A 212 -0.14 57.00 10.33
C TRP A 212 1.09 57.90 10.27
N THR A 213 1.30 58.76 11.27
CA THR A 213 2.51 59.56 11.31
C THR A 213 3.74 58.66 11.49
N PHE A 214 3.62 57.64 12.35
CA PHE A 214 4.65 56.61 12.48
C PHE A 214 4.91 55.94 11.12
N PHE A 215 3.84 55.43 10.50
CA PHE A 215 3.98 54.62 9.30
C PHE A 215 4.74 55.34 8.19
N PHE A 216 4.36 56.58 7.90
CA PHE A 216 4.88 57.29 6.75
C PHE A 216 6.05 58.20 7.08
N ALA A 217 6.20 58.62 8.34
CA ALA A 217 7.19 59.64 8.65
C ALA A 217 7.75 59.55 10.06
N GLY A 218 7.71 58.37 10.67
CA GLY A 218 8.27 58.23 12.01
C GLY A 218 9.71 58.71 12.14
N LYS A 219 10.51 58.52 11.08
CA LYS A 219 11.91 58.92 11.16
C LYS A 219 12.08 60.44 11.23
N THR A 220 11.07 61.19 10.78
CA THR A 220 11.12 62.65 10.80
C THR A 220 10.53 63.23 12.08
N TYR A 221 9.40 62.68 12.53
CA TYR A 221 8.63 63.28 13.62
C TYR A 221 8.67 62.49 14.91
N ALA A 222 9.06 61.21 14.88
CA ALA A 222 9.21 60.40 16.10
C ALA A 222 10.56 59.67 16.06
N PRO A 223 11.67 60.42 15.98
CA PRO A 223 12.99 59.76 15.85
C PRO A 223 13.36 58.87 17.03
N LYS A 224 12.80 59.10 18.19
CA LYS A 224 13.12 58.29 19.35
C LYS A 224 12.44 56.93 19.33
N CYS A 225 11.51 56.69 18.41
CA CYS A 225 10.68 55.48 18.44
C CYS A 225 11.41 54.36 17.71
N ILE A 226 12.32 53.72 18.44
CA ILE A 226 13.18 52.65 17.92
C ILE A 226 12.62 51.31 18.36
N ILE A 227 12.57 50.35 17.44
CA ILE A 227 12.00 49.04 17.71
C ILE A 227 12.73 48.03 16.82
N ASP A 228 13.29 46.99 17.43
CA ASP A 228 14.16 46.04 16.73
C ASP A 228 15.30 46.79 16.01
N GLY A 229 15.79 47.83 16.66
CA GLY A 229 16.86 48.63 16.08
C GLY A 229 16.47 49.46 14.88
N LYS A 230 15.19 49.51 14.53
CA LYS A 230 14.68 50.31 13.43
C LYS A 230 13.75 51.41 13.95
N ASN A 231 13.64 52.51 13.22
CA ASN A 231 12.53 53.42 13.50
C ASN A 231 11.21 52.70 13.25
N ILE A 232 10.21 53.00 14.07
CA ILE A 232 8.87 52.43 13.90
C ILE A 232 8.39 52.56 12.46
N GLN A 233 8.80 53.62 11.75
CA GLN A 233 8.40 53.79 10.37
C GLN A 233 8.86 52.61 9.50
N ASP A 234 10.12 52.21 9.65
CA ASP A 234 10.63 51.10 8.85
C ASP A 234 10.04 49.77 9.32
N PHE A 235 9.95 49.59 10.63
CA PHE A 235 9.33 48.38 11.16
C PHE A 235 7.94 48.16 10.54
N LEU A 236 7.07 49.17 10.62
CA LEU A 236 5.72 49.00 10.10
C LEU A 236 5.72 48.84 8.58
N GLN A 237 6.43 49.69 7.86
CA GLN A 237 6.40 49.61 6.40
C GLN A 237 7.02 48.30 5.91
N ASP A 238 8.13 47.88 6.51
CA ASP A 238 8.78 46.64 6.08
C ASP A 238 7.91 45.42 6.33
N HIS A 239 7.20 45.39 7.45
CA HIS A 239 6.34 44.22 7.71
C HIS A 239 5.14 44.22 6.75
N PHE A 240 4.60 45.39 6.44
CA PHE A 240 3.47 45.45 5.50
C PHE A 240 3.91 45.04 4.09
N ILE A 241 5.03 45.59 3.64
CA ILE A 241 5.55 45.27 2.31
C ILE A 241 5.98 43.81 2.24
N ASP A 242 6.55 43.28 3.33
CA ASP A 242 6.92 41.86 3.36
C ASP A 242 5.68 40.98 3.27
N ALA A 243 4.61 41.35 3.98
CA ALA A 243 3.43 40.51 3.99
C ALA A 243 2.78 40.45 2.62
N VAL A 244 2.55 41.62 2.01
CA VAL A 244 2.05 41.64 0.64
C VAL A 244 3.02 40.91 -0.29
N GLY A 245 4.33 41.14 -0.08
CA GLY A 245 5.31 40.49 -0.92
C GLY A 245 5.26 38.98 -0.83
N GLU A 246 4.88 38.45 0.34
CA GLU A 246 4.78 37.00 0.48
C GLU A 246 3.57 36.45 -0.26
N LEU A 247 2.47 37.20 -0.30
CA LEU A 247 1.33 36.79 -1.10
C LEU A 247 1.70 36.76 -2.58
N ALA A 248 2.31 37.85 -3.06
CA ALA A 248 2.75 37.92 -4.45
C ALA A 248 3.70 36.78 -4.79
N LYS A 249 4.72 36.58 -3.96
CA LYS A 249 5.64 35.47 -4.14
C LYS A 249 4.88 34.14 -4.19
N ARG A 250 3.92 33.96 -3.28
CA ARG A 250 3.17 32.71 -3.26
C ARG A 250 2.43 32.47 -4.57
N ILE A 251 1.76 33.51 -5.08
CA ILE A 251 1.07 33.39 -6.35
C ILE A 251 2.08 33.09 -7.46
N ALA A 252 3.23 33.77 -7.44
CA ALA A 252 4.20 33.60 -8.50
C ALA A 252 4.79 32.20 -8.51
N GLU A 253 4.97 31.60 -7.33
CA GLU A 253 5.65 30.31 -7.23
C GLU A 253 4.70 29.13 -7.30
N GLU A 254 3.48 29.28 -6.78
CA GLU A 254 2.54 28.17 -6.71
C GLU A 254 1.42 28.25 -7.73
N ALA A 255 1.22 29.39 -8.37
CA ALA A 255 0.16 29.54 -9.36
C ALA A 255 0.57 30.59 -10.38
N GLY A 256 1.73 30.39 -11.01
CA GLY A 256 2.27 31.40 -11.91
C GLY A 256 1.39 31.66 -13.11
N ASP A 257 0.54 30.69 -13.47
CA ASP A 257 -0.38 30.82 -14.59
C ASP A 257 -1.43 31.90 -14.38
N LEU A 258 -1.61 32.36 -13.15
CA LEU A 258 -2.57 33.43 -12.89
C LEU A 258 -2.02 34.77 -13.33
N LEU A 259 -0.70 34.93 -13.36
CA LEU A 259 -0.13 36.24 -13.56
C LEU A 259 -0.38 36.72 -14.99
N ASP A 260 -0.80 37.99 -15.10
CA ASP A 260 -0.94 38.68 -16.37
C ASP A 260 -2.17 38.24 -17.17
N GLU A 261 -2.44 36.93 -17.21
CA GLU A 261 -3.66 36.46 -17.85
C GLU A 261 -4.88 36.75 -16.99
N CYS A 262 -4.75 36.62 -15.66
CA CYS A 262 -5.83 36.93 -14.74
C CYS A 262 -5.44 38.10 -13.84
N VAL A 263 -4.44 37.92 -12.97
CA VAL A 263 -3.98 38.97 -12.06
C VAL A 263 -3.10 39.89 -12.89
N ILE A 264 -3.63 41.05 -13.26
CA ILE A 264 -2.89 41.94 -14.16
C ILE A 264 -2.02 42.94 -13.43
N GLY A 265 -2.23 43.17 -12.15
CA GLY A 265 -1.45 44.17 -11.44
C GLY A 265 -1.87 44.28 -9.99
N TRP A 266 -1.24 45.24 -9.31
CA TRP A 266 -1.42 45.43 -7.88
C TRP A 266 -1.72 46.89 -7.60
N ASP A 267 -2.76 47.13 -6.81
CA ASP A 267 -3.04 48.44 -6.23
C ASP A 267 -2.06 48.72 -5.10
N SER A 268 -1.84 50.01 -4.82
CA SER A 268 -1.06 50.38 -3.66
C SER A 268 -1.97 50.41 -2.42
N ILE A 269 -1.37 50.64 -1.26
CA ILE A 269 -2.11 50.57 -0.01
C ILE A 269 -3.36 51.43 -0.10
N ASN A 270 -4.48 50.85 0.30
CA ASN A 270 -5.77 51.50 0.10
C ASN A 270 -5.92 52.73 1.00
N GLU A 271 -6.41 53.83 0.41
CA GLU A 271 -6.80 55.08 1.09
C GLU A 271 -5.94 55.39 2.31
N PRO A 272 -4.65 55.59 2.11
CA PRO A 272 -3.74 55.71 3.26
C PRO A 272 -4.00 56.96 4.08
N GLY A 273 -3.90 56.83 5.40
CA GLY A 273 -4.05 57.98 6.28
C GLY A 273 -2.81 58.86 6.27
N GLU A 274 -3.05 60.15 6.49
CA GLU A 274 -1.98 61.14 6.52
C GLU A 274 -1.53 61.45 7.95
N GLY A 275 -2.19 60.88 8.95
CA GLY A 275 -1.87 61.20 10.33
C GLY A 275 -1.86 62.69 10.59
N LEU A 276 -0.86 63.15 11.30
CA LEU A 276 -0.69 64.56 11.58
C LEU A 276 0.22 65.27 10.60
N ILE A 277 0.69 64.56 9.57
CA ILE A 277 1.67 65.12 8.65
C ILE A 277 1.05 66.26 7.88
N GLY A 278 1.71 67.41 7.90
CA GLY A 278 1.19 68.60 7.25
C GLY A 278 0.25 69.42 8.09
N CYS A 279 -0.03 69.01 9.32
CA CYS A 279 -0.88 69.82 10.17
C CYS A 279 -0.25 71.19 10.36
N LYS A 280 -1.01 72.24 10.07
CA LYS A 280 -0.48 73.60 10.18
C LYS A 280 -0.53 74.11 11.61
N ASP A 281 -1.49 73.65 12.40
CA ASP A 281 -1.72 74.21 13.73
C ASP A 281 -2.45 73.14 14.54
N LEU A 282 -1.74 72.55 15.51
CA LEU A 282 -2.30 71.47 16.30
C LEU A 282 -3.41 71.93 17.23
N ALA A 283 -3.66 73.23 17.34
CA ALA A 283 -4.68 73.73 18.24
C ALA A 283 -6.05 73.82 17.59
N VAL A 284 -6.18 73.53 16.30
CA VAL A 284 -7.44 73.70 15.61
C VAL A 284 -7.66 72.57 14.61
N ILE A 285 -8.93 72.30 14.31
CA ILE A 285 -9.31 71.52 13.15
C ILE A 285 -9.55 72.49 12.00
N PRO A 286 -8.86 72.35 10.87
CA PRO A 286 -9.04 73.32 9.78
C PRO A 286 -10.43 73.20 9.16
N ALA A 287 -10.96 74.36 8.73
CA ALA A 287 -12.22 74.35 8.00
C ALA A 287 -12.12 73.54 6.73
N GLU A 288 -10.91 73.32 6.23
CA GLU A 288 -10.70 72.59 4.98
C GLU A 288 -10.87 71.09 5.17
N GLN A 289 -10.64 70.57 6.38
CA GLN A 289 -10.90 69.17 6.68
C GLN A 289 -12.37 68.89 6.40
N GLN A 290 -12.67 68.11 5.35
CA GLN A 290 -14.04 68.04 4.89
C GLN A 290 -14.90 67.07 5.69
N LEU A 291 -14.29 66.16 6.44
CA LEU A 291 -15.03 65.16 7.21
C LEU A 291 -14.96 65.51 8.70
N LYS A 292 -16.06 66.06 9.21
CA LYS A 292 -16.24 66.24 10.65
C LYS A 292 -17.63 65.76 11.00
N LYS A 293 -17.73 64.90 12.00
CA LYS A 293 -19.01 64.40 12.44
C LYS A 293 -18.86 63.81 13.83
N GLY A 294 -19.81 64.12 14.70
CA GLY A 294 -19.75 63.69 16.07
C GLY A 294 -18.70 64.47 16.82
N PRO A 295 -18.32 63.99 18.01
CA PRO A 295 -17.32 64.70 18.82
C PRO A 295 -15.98 64.72 18.09
N SER A 296 -15.43 65.91 17.93
CA SER A 296 -14.24 66.12 17.10
C SER A 296 -13.18 66.87 17.88
N PRO A 297 -12.35 66.17 18.64
CA PRO A 297 -11.25 66.87 19.33
C PRO A 297 -10.22 67.38 18.33
N THR A 298 -9.69 68.57 18.61
CA THR A 298 -8.53 69.06 17.89
C THR A 298 -7.35 68.13 18.17
N PRO A 299 -6.28 68.19 17.37
CA PRO A 299 -5.12 67.35 17.68
C PRO A 299 -4.63 67.49 19.12
N ILE A 300 -4.54 68.71 19.65
CA ILE A 300 -4.03 68.87 21.01
C ILE A 300 -5.06 68.41 22.04
N GLU A 301 -6.34 68.65 21.78
CA GLU A 301 -7.36 68.12 22.68
C GLU A 301 -7.31 66.60 22.73
N GLY A 302 -7.02 65.96 21.60
CA GLY A 302 -6.95 64.50 21.59
C GLY A 302 -5.77 63.96 22.36
N MET A 303 -4.63 64.66 22.29
CA MET A 303 -3.46 64.30 23.07
C MET A 303 -3.73 64.44 24.57
N ARG A 304 -4.37 65.53 24.98
CA ARG A 304 -4.75 65.66 26.39
C ARG A 304 -5.68 64.53 26.80
N LEU A 305 -6.65 64.21 25.94
CA LEU A 305 -7.52 63.08 26.22
C LEU A 305 -6.73 61.78 26.34
N GLY A 306 -5.75 61.60 25.46
CA GLY A 306 -4.93 60.39 25.50
C GLY A 306 -4.07 60.29 26.74
N MET A 307 -3.90 61.40 27.48
CA MET A 307 -3.28 61.39 28.79
C MET A 307 -4.31 61.36 29.92
N GLY A 308 -5.57 61.07 29.59
CA GLY A 308 -6.58 60.86 30.58
C GLY A 308 -7.29 62.10 31.08
N GLU A 309 -7.06 63.25 30.45
CA GLU A 309 -7.63 64.51 30.91
C GLU A 309 -8.93 64.79 30.18
N ALA A 310 -9.98 65.09 30.94
CA ALA A 310 -11.27 65.41 30.36
C ALA A 310 -11.20 66.66 29.49
N GLN A 311 -11.94 66.64 28.39
CA GLN A 311 -11.99 67.77 27.48
C GLN A 311 -13.42 67.98 27.00
N ASP A 312 -13.74 69.23 26.70
CA ASP A 312 -15.03 69.63 26.15
C ASP A 312 -14.81 69.92 24.67
N VAL A 313 -15.27 69.02 23.81
CA VAL A 313 -14.90 69.06 22.39
C VAL A 313 -16.10 69.47 21.56
N GLN A 314 -15.81 70.14 20.44
CA GLN A 314 -16.83 70.50 19.47
C GLN A 314 -17.39 69.24 18.82
N ALA A 315 -18.70 69.20 18.64
CA ALA A 315 -19.35 68.14 17.89
C ALA A 315 -19.93 68.72 16.61
N TRP A 316 -19.94 67.92 15.56
CA TRP A 316 -20.32 68.37 14.23
C TRP A 316 -21.46 67.55 13.68
N ASN A 317 -22.39 68.22 13.02
CA ASN A 317 -23.46 67.60 12.26
C ASN A 317 -23.18 67.78 10.77
N PHE A 318 -23.66 66.84 9.97
CA PHE A 318 -23.54 66.94 8.52
C PHE A 318 -24.84 67.53 7.97
N GLY A 319 -24.77 68.78 7.50
CA GLY A 319 -25.91 69.45 6.93
C GLY A 319 -25.93 69.35 5.42
N PRO A 320 -26.89 70.03 4.77
CA PRO A 320 -26.96 69.93 3.30
C PRO A 320 -25.75 70.51 2.58
N MET A 321 -25.07 71.49 3.18
CA MET A 321 -23.87 72.07 2.59
C MET A 321 -22.60 71.58 3.27
N GLY A 322 -22.67 70.49 4.02
CA GLY A 322 -21.52 69.96 4.70
C GLY A 322 -21.59 70.14 6.20
N PRO A 323 -20.49 69.84 6.88
CA PRO A 323 -20.48 69.89 8.35
C PRO A 323 -20.82 71.27 8.89
N TYR A 324 -21.58 71.30 9.97
CA TYR A 324 -21.82 72.50 10.74
C TYR A 324 -21.85 72.13 12.22
N ARG A 325 -21.53 73.10 13.06
CA ARG A 325 -21.32 72.83 14.48
C ARG A 325 -22.63 72.51 15.20
N GLY A 326 -22.57 71.53 16.10
CA GLY A 326 -23.66 71.26 17.02
C GLY A 326 -23.28 71.68 18.43
N SER A 327 -23.70 70.93 19.43
CA SER A 327 -23.30 71.25 20.79
C SER A 327 -21.91 70.71 21.08
N ARG A 328 -21.27 71.28 22.10
CA ARG A 328 -20.03 70.72 22.62
C ARG A 328 -20.36 69.57 23.55
N GLN A 329 -19.46 68.58 23.58
CA GLN A 329 -19.64 67.38 24.38
C GLN A 329 -18.38 67.13 25.22
N THR A 330 -18.58 66.78 26.47
CA THR A 330 -17.48 66.46 27.36
C THR A 330 -17.09 64.99 27.18
N ILE A 331 -15.80 64.75 26.95
CA ILE A 331 -15.22 63.42 26.97
C ILE A 331 -14.33 63.36 28.20
N ASP A 332 -14.59 62.39 29.08
CA ASP A 332 -13.85 62.26 30.33
C ASP A 332 -13.25 60.86 30.43
N PRO A 333 -11.98 60.67 30.07
CA PRO A 333 -11.36 59.34 30.24
C PRO A 333 -11.17 58.94 31.67
N LYS A 334 -11.30 59.89 32.61
CA LYS A 334 -11.14 59.61 34.04
C LYS A 334 -9.79 59.00 34.35
N GLY A 335 -8.73 59.62 33.84
CA GLY A 335 -7.38 59.21 34.10
C GLY A 335 -6.87 58.07 33.26
N VAL A 336 -7.74 57.39 32.51
CA VAL A 336 -7.29 56.31 31.63
C VAL A 336 -6.48 56.91 30.50
N LYS A 337 -5.35 56.28 30.19
CA LYS A 337 -4.42 56.77 29.20
C LYS A 337 -4.37 55.83 28.00
N LEU A 338 -4.19 56.42 26.82
CA LEU A 338 -4.11 55.61 25.60
C LEU A 338 -2.85 54.74 25.58
N TRP A 339 -1.81 55.17 26.26
CA TRP A 339 -0.48 54.63 26.06
C TRP A 339 -0.23 53.43 26.95
N LEU A 340 0.26 52.37 26.33
CA LEU A 340 0.71 51.17 27.03
C LEU A 340 1.67 51.53 28.15
N SER A 341 1.39 51.04 29.35
CA SER A 341 2.41 51.05 30.40
C SER A 341 3.53 50.06 30.07
N LYS A 342 4.68 50.26 30.70
CA LYS A 342 5.80 49.37 30.46
C LYS A 342 5.46 47.94 30.86
N GLU A 343 4.87 47.77 32.04
CA GLU A 343 4.50 46.44 32.50
C GLU A 343 3.57 45.78 31.49
N ASP A 344 2.65 46.55 30.92
CA ASP A 344 1.78 46.00 29.90
C ASP A 344 2.53 45.74 28.60
N ASP A 345 3.56 46.53 28.31
CA ASP A 345 4.37 46.22 27.13
C ASP A 345 5.10 44.90 27.30
N VAL A 346 5.70 44.69 28.48
CA VAL A 346 6.36 43.42 28.74
C VAL A 346 5.38 42.27 28.61
N LYS A 347 4.17 42.46 29.14
CA LYS A 347 3.21 41.36 29.25
C LYS A 347 2.49 41.11 27.94
N ARG A 348 2.07 42.19 27.25
CA ARG A 348 1.19 42.09 26.10
C ARG A 348 1.78 42.70 24.82
N GLY A 349 2.88 43.44 24.91
CA GLY A 349 3.43 44.12 23.76
C GLY A 349 4.75 43.52 23.30
N SER A 350 5.82 44.31 23.41
CA SER A 350 7.15 43.82 23.06
C SER A 350 7.42 42.42 23.59
N GLY A 351 7.10 42.18 24.86
CA GLY A 351 7.46 40.92 25.47
C GLY A 351 6.73 39.73 24.91
N LYS A 352 5.48 39.94 24.48
CA LYS A 352 4.66 38.85 23.97
C LYS A 352 4.91 38.60 22.49
N TRP A 353 4.86 39.65 21.67
CA TRP A 353 4.97 39.50 20.22
C TRP A 353 6.42 39.38 19.75
N GLY A 354 7.38 39.75 20.58
CA GLY A 354 8.77 39.41 20.32
C GLY A 354 9.62 40.44 19.59
N TRP A 355 9.49 41.71 19.94
CA TRP A 355 10.43 42.72 19.49
C TRP A 355 11.06 43.37 20.71
N THR A 356 12.14 44.11 20.47
CA THR A 356 12.81 44.89 21.51
C THR A 356 12.57 46.37 21.25
N ARG A 357 12.01 47.06 22.24
CA ARG A 357 11.75 48.48 22.12
C ARG A 357 12.92 49.27 22.70
N GLY A 358 13.31 50.33 21.98
CA GLY A 358 14.45 51.13 22.39
C GLY A 358 14.18 51.90 23.66
N LYS A 359 15.28 52.29 24.33
CA LYS A 359 15.15 52.88 25.65
C LYS A 359 14.68 54.34 25.61
N GLU A 360 14.81 55.03 24.49
CA GLU A 360 14.28 56.39 24.42
C GLU A 360 12.80 56.44 24.02
N TRP A 361 12.19 55.29 23.75
CA TRP A 361 10.76 55.23 23.44
C TRP A 361 10.01 55.17 24.76
N ALA A 362 9.68 56.34 25.30
CA ALA A 362 8.96 56.39 26.57
C ALA A 362 7.59 55.74 26.41
N LEU A 363 7.23 54.91 27.39
CA LEU A 363 5.96 54.23 27.41
C LEU A 363 5.07 54.82 28.50
N GLY A 364 3.76 54.61 28.35
CA GLY A 364 2.83 55.06 29.35
C GLY A 364 2.65 56.56 29.44
N THR A 365 3.18 57.30 28.48
CA THR A 365 3.01 58.75 28.43
C THR A 365 2.96 59.13 26.96
N CYS A 366 2.52 60.36 26.69
CA CYS A 366 2.31 60.79 25.31
C CYS A 366 3.64 60.84 24.56
N ILE A 367 3.69 60.16 23.41
CA ILE A 367 4.91 60.13 22.61
C ILE A 367 5.18 61.48 21.96
N TRP A 368 4.14 62.30 21.75
CA TRP A 368 4.34 63.61 21.13
C TRP A 368 4.85 64.63 22.14
N ALA A 369 4.34 64.56 23.36
CA ALA A 369 4.96 65.32 24.46
C ALA A 369 6.41 64.91 24.63
N HIS A 370 6.70 63.61 24.50
CA HIS A 370 8.05 63.12 24.66
C HIS A 370 8.99 63.65 23.59
N HIS A 371 8.46 64.07 22.45
CA HIS A 371 9.25 64.72 21.42
C HIS A 371 9.14 66.23 21.49
N GLY A 372 8.56 66.78 22.55
CA GLY A 372 8.54 68.21 22.76
C GLY A 372 7.41 68.95 22.07
N VAL A 373 6.39 68.25 21.58
CA VAL A 373 5.28 68.93 20.92
C VAL A 373 4.47 69.71 21.94
N TRP A 374 4.24 69.15 23.12
CA TRP A 374 3.49 69.84 24.15
C TRP A 374 4.00 69.43 25.53
N GLU A 375 3.60 70.21 26.53
CA GLU A 375 4.02 70.03 27.91
C GLU A 375 2.84 69.53 28.74
N ILE A 376 2.99 68.33 29.29
CA ILE A 376 1.87 67.68 29.98
C ILE A 376 1.51 68.41 31.27
N ALA A 377 2.51 68.92 32.00
CA ALA A 377 2.21 69.54 33.29
C ALA A 377 1.30 70.76 33.13
N THR A 378 1.55 71.57 32.10
CA THR A 378 0.79 72.78 31.87
C THR A 378 -0.19 72.69 30.71
N SER A 379 -0.17 71.61 29.94
CA SER A 379 -1.02 71.43 28.76
C SER A 379 -0.74 72.47 27.67
N THR A 380 0.47 73.02 27.67
CA THR A 380 0.83 74.07 26.73
C THR A 380 1.33 73.43 25.44
N LEU A 381 0.74 73.87 24.32
CA LEU A 381 1.22 73.50 22.99
C LEU A 381 2.52 74.24 22.74
N LEU A 382 3.62 73.50 22.64
CA LEU A 382 4.93 74.12 22.50
C LEU A 382 5.35 74.30 21.04
N ARG A 383 4.91 73.42 20.14
CA ARG A 383 5.29 73.48 18.73
C ARG A 383 4.05 73.24 17.88
N PRO A 384 3.16 74.22 17.81
CA PRO A 384 1.91 74.01 17.07
C PRO A 384 2.11 73.61 15.61
N ASP A 385 3.21 74.02 14.98
CA ASP A 385 3.48 73.72 13.57
C ASP A 385 4.46 72.57 13.41
N TYR A 386 4.74 71.82 14.47
CA TYR A 386 5.71 70.73 14.45
C TYR A 386 5.66 69.86 13.21
N PHE A 387 4.45 69.50 12.77
CA PHE A 387 4.28 68.55 11.69
C PHE A 387 4.19 69.19 10.31
N SER A 388 4.20 70.51 10.22
CA SER A 388 4.09 71.19 8.93
C SER A 388 5.43 71.36 8.22
N THR A 389 6.54 71.16 8.92
CA THR A 389 7.87 71.35 8.39
C THR A 389 8.74 70.19 8.87
N LEU A 390 10.04 70.26 8.60
CA LEU A 390 10.99 69.29 9.15
C LEU A 390 11.52 69.81 10.49
N PRO A 391 11.43 69.03 11.56
CA PRO A 391 11.82 69.58 12.88
C PRO A 391 13.24 70.11 12.96
N THR A 392 14.18 69.56 12.19
CA THR A 392 15.57 70.02 12.26
C THR A 392 15.96 70.97 11.12
N ASN A 393 15.08 71.21 10.16
CA ASN A 393 15.26 72.25 9.15
C ASN A 393 13.91 72.93 8.95
N PRO A 394 13.54 73.83 9.87
CA PRO A 394 12.13 74.19 10.06
C PRO A 394 11.55 75.24 9.16
N GLY A 395 12.31 75.85 8.24
CA GLY A 395 11.68 76.73 7.27
C GLY A 395 10.97 75.96 6.17
N HIS A 396 11.50 74.78 5.83
CA HIS A 396 10.96 73.95 4.76
C HIS A 396 9.59 73.38 5.14
N GLN A 397 8.62 73.49 4.24
CA GLN A 397 7.27 72.98 4.48
C GLN A 397 7.06 71.68 3.73
N VAL A 398 6.41 70.71 4.38
CA VAL A 398 6.35 69.33 3.87
C VAL A 398 5.11 69.11 3.02
N ASP A 399 5.20 68.13 2.14
CA ASP A 399 4.10 67.68 1.29
C ASP A 399 3.93 66.19 1.54
N PHE A 400 2.81 65.80 2.13
CA PHE A 400 2.62 64.39 2.49
C PHE A 400 2.79 63.50 1.27
N VAL A 401 2.19 63.88 0.14
CA VAL A 401 2.15 62.98 -1.01
C VAL A 401 3.52 62.87 -1.65
N ASP A 402 4.24 63.98 -1.80
CA ASP A 402 5.52 63.94 -2.50
C ASP A 402 6.65 63.45 -1.60
N ASP A 403 6.62 63.78 -0.31
CA ASP A 403 7.76 63.52 0.55
C ASP A 403 7.68 62.20 1.29
N PHE A 404 6.48 61.68 1.54
CA PHE A 404 6.36 60.50 2.39
C PHE A 404 5.57 59.38 1.72
N TRP A 405 4.43 59.70 1.12
CA TRP A 405 3.68 58.66 0.44
C TRP A 405 4.47 58.10 -0.74
N ALA A 406 5.05 58.99 -1.56
CA ALA A 406 5.74 58.53 -2.76
C ALA A 406 6.93 57.64 -2.40
N LEU A 407 7.63 57.99 -1.32
CA LEU A 407 8.76 57.18 -0.90
C LEU A 407 8.32 55.77 -0.50
N HIS A 408 7.21 55.66 0.24
CA HIS A 408 6.66 54.35 0.53
C HIS A 408 6.31 53.62 -0.76
N TRP A 409 5.78 54.35 -1.75
CA TRP A 409 5.33 53.71 -2.97
C TRP A 409 6.49 53.13 -3.78
N LEU A 410 7.65 53.79 -3.75
CA LEU A 410 8.82 53.24 -4.44
C LEU A 410 9.18 51.88 -3.86
N ALA A 411 9.29 51.79 -2.53
CA ALA A 411 9.60 50.53 -1.86
C ALA A 411 8.54 49.48 -2.14
N TYR A 412 7.27 49.84 -2.02
CA TYR A 412 6.19 48.88 -2.27
C TYR A 412 6.25 48.38 -3.71
N SER A 413 6.30 49.31 -4.67
CA SER A 413 6.19 48.92 -6.08
C SER A 413 7.38 48.06 -6.51
N SER A 414 8.58 48.33 -5.99
CA SER A 414 9.73 47.49 -6.31
C SER A 414 9.51 46.06 -5.85
N ARG A 415 8.93 45.88 -4.66
CA ARG A 415 8.70 44.53 -4.17
C ARG A 415 7.70 43.80 -5.05
N ILE A 416 6.63 44.49 -5.46
CA ILE A 416 5.62 43.87 -6.33
C ILE A 416 6.28 43.33 -7.59
N ARG A 417 7.12 44.14 -8.22
CA ARG A 417 7.74 43.75 -9.49
C ARG A 417 8.74 42.62 -9.30
N LEU A 418 9.32 42.49 -8.11
CA LEU A 418 10.25 41.40 -7.84
C LEU A 418 9.56 40.06 -8.06
N HIS A 419 8.31 39.94 -7.62
CA HIS A 419 7.56 38.69 -7.72
C HIS A 419 6.61 38.66 -8.90
N HIS A 420 6.27 39.81 -9.47
CA HIS A 420 5.34 39.90 -10.59
C HIS A 420 5.98 40.84 -11.59
N PRO A 421 6.88 40.31 -12.44
CA PRO A 421 7.69 41.19 -13.29
C PRO A 421 6.88 42.05 -14.24
N GLU A 422 5.76 41.57 -14.76
CA GLU A 422 4.94 42.33 -15.70
C GLU A 422 3.77 43.05 -15.02
N SER A 423 3.86 43.27 -13.70
CA SER A 423 2.74 43.83 -12.98
C SER A 423 2.43 45.25 -13.44
N ILE A 424 1.15 45.53 -13.63
CA ILE A 424 0.68 46.90 -13.76
C ILE A 424 0.64 47.52 -12.38
N HIS A 425 1.26 48.70 -12.24
CA HIS A 425 1.16 49.47 -11.01
C HIS A 425 -0.12 50.30 -11.05
N PHE A 426 -1.09 49.93 -10.22
CA PHE A 426 -2.30 50.71 -10.04
C PHE A 426 -2.02 51.72 -8.94
N ILE A 427 -1.89 52.97 -9.33
CA ILE A 427 -1.38 54.03 -8.47
C ILE A 427 -2.56 54.73 -7.83
N GLN A 428 -2.73 54.53 -6.53
CA GLN A 428 -3.83 55.11 -5.77
C GLN A 428 -3.24 56.15 -4.84
N ALA A 429 -3.21 57.39 -5.31
CA ALA A 429 -2.79 58.50 -4.47
C ALA A 429 -3.73 58.62 -3.28
N PRO A 430 -3.28 59.29 -2.21
CA PRO A 430 -4.17 59.50 -1.07
C PRO A 430 -5.46 60.21 -1.47
N VAL A 431 -6.53 59.89 -0.74
CA VAL A 431 -7.86 60.38 -1.06
C VAL A 431 -7.83 61.89 -1.24
N LEU A 432 -8.49 62.35 -2.30
CA LEU A 432 -8.72 63.76 -2.62
C LEU A 432 -7.43 64.52 -2.93
N ARG A 433 -6.34 63.83 -3.19
CA ARG A 433 -5.09 64.46 -3.57
C ARG A 433 -4.73 64.04 -5.00
N GLN A 434 -4.00 64.90 -5.68
CA GLN A 434 -3.43 64.50 -6.95
C GLN A 434 -2.24 63.58 -6.70
N PRO A 435 -1.97 62.64 -7.61
CA PRO A 435 -0.77 61.82 -7.45
C PRO A 435 0.46 62.68 -7.61
N PRO A 436 1.61 62.24 -7.07
CA PRO A 436 2.87 62.94 -7.36
C PRO A 436 3.37 62.54 -8.73
N LYS A 437 4.38 63.27 -9.20
CA LYS A 437 5.14 62.79 -10.34
C LYS A 437 6.00 61.63 -9.89
N LEU A 438 5.85 60.51 -10.55
CA LEU A 438 6.58 59.29 -10.22
C LEU A 438 7.56 58.95 -11.34
N PRO A 439 8.74 58.44 -11.01
CA PRO A 439 9.77 58.28 -12.04
C PRO A 439 9.45 57.13 -13.00
N GLU A 440 9.80 57.33 -14.27
CA GLU A 440 9.66 56.26 -15.25
C GLU A 440 10.57 55.08 -14.92
N SER A 441 11.65 55.31 -14.17
CA SER A 441 12.51 54.20 -13.78
C SER A 441 11.77 53.19 -12.92
N PHE A 442 10.64 53.58 -12.33
CA PHE A 442 9.78 52.65 -11.58
C PHE A 442 8.48 52.34 -12.29
N LEU A 443 7.91 53.30 -13.01
CA LEU A 443 6.69 53.02 -13.77
C LEU A 443 6.98 52.08 -14.94
N LYS A 444 8.00 52.41 -15.73
CA LYS A 444 8.48 51.56 -16.83
C LYS A 444 7.36 51.24 -17.82
N GLY A 445 6.52 52.25 -18.11
CA GLY A 445 5.51 52.11 -19.12
C GLY A 445 4.44 51.08 -18.82
N ARG A 446 4.19 50.79 -17.55
CA ARG A 446 3.21 49.77 -17.23
C ARG A 446 2.51 50.18 -15.92
N ALA A 447 1.58 51.12 -16.05
CA ALA A 447 0.93 51.70 -14.88
C ALA A 447 -0.46 52.19 -15.27
N CYS A 448 -1.25 52.50 -14.24
CA CYS A 448 -2.63 52.95 -14.40
C CYS A 448 -2.99 53.70 -13.13
N SER A 449 -3.59 54.88 -13.29
CA SER A 449 -4.04 55.66 -12.16
C SER A 449 -5.35 55.06 -11.64
N SER A 450 -5.46 54.93 -10.33
CA SER A 450 -6.60 54.23 -9.72
C SER A 450 -7.20 55.04 -8.58
N PRO A 451 -7.66 56.26 -8.84
CA PRO A 451 -8.35 57.02 -7.80
C PRO A 451 -9.69 56.41 -7.46
N HIS A 452 -10.19 56.77 -6.28
CA HIS A 452 -11.57 56.47 -5.90
C HIS A 452 -12.41 57.73 -6.06
N PHE A 453 -13.70 57.53 -6.32
CA PHE A 453 -14.64 58.64 -6.36
C PHE A 453 -15.98 58.21 -5.79
N TYR A 454 -16.51 59.00 -4.86
CA TYR A 454 -17.84 58.80 -4.32
C TYR A 454 -18.61 60.10 -4.43
N ASP A 455 -19.89 59.99 -4.82
CA ASP A 455 -20.87 61.05 -4.60
C ASP A 455 -21.02 61.23 -3.09
N GLY A 456 -20.20 62.12 -2.52
CA GLY A 456 -20.09 62.21 -1.07
C GLY A 456 -21.37 62.65 -0.40
N LEU A 457 -22.08 63.60 -1.00
CA LEU A 457 -23.35 64.03 -0.41
C LEU A 457 -24.29 62.84 -0.24
N THR A 458 -24.42 62.02 -1.29
CA THR A 458 -25.30 60.86 -1.22
C THR A 458 -24.80 59.85 -0.20
N LEU A 459 -23.49 59.59 -0.21
CA LEU A 459 -22.91 58.62 0.72
C LEU A 459 -23.15 59.04 2.16
N MET A 460 -22.89 60.31 2.50
CA MET A 460 -22.95 60.71 3.90
C MET A 460 -24.38 60.88 4.40
N THR A 461 -25.27 61.38 3.57
CA THR A 461 -26.65 61.63 3.99
C THR A 461 -27.55 60.43 3.78
N LYS A 462 -27.07 59.38 3.08
CA LYS A 462 -27.86 58.21 2.72
C LYS A 462 -29.25 58.65 2.17
N HIS A 463 -29.19 59.60 1.26
N HIS A 463 -29.20 59.68 1.34
CA HIS A 463 -30.38 60.16 0.62
CA HIS A 463 -30.38 60.18 0.62
C HIS A 463 -29.96 60.62 -0.77
C HIS A 463 -29.94 60.56 -0.79
N TRP A 464 -30.81 60.34 -1.76
CA TRP A 464 -30.62 60.90 -3.10
C TRP A 464 -31.28 62.27 -3.07
N ASN A 465 -30.47 63.33 -2.98
CA ASN A 465 -31.00 64.68 -2.84
C ASN A 465 -31.36 65.29 -4.18
N TRP A 466 -32.32 66.23 -4.14
CA TRP A 466 -32.69 67.01 -5.32
C TRP A 466 -31.66 68.09 -5.63
N PHE A 467 -30.65 68.22 -4.79
CA PHE A 467 -29.51 69.10 -5.01
C PHE A 467 -28.23 68.30 -4.80
N ASN A 468 -27.12 68.87 -5.27
CA ASN A 468 -25.81 68.29 -5.01
C ASN A 468 -24.80 69.41 -5.21
N ALA A 469 -23.53 69.11 -5.01
CA ALA A 469 -22.50 70.12 -5.10
C ALA A 469 -21.21 69.51 -5.59
N ASP A 470 -20.41 70.33 -6.28
CA ASP A 470 -19.18 69.88 -6.91
C ASP A 470 -18.07 69.87 -5.87
N ALA A 471 -17.92 68.73 -5.18
CA ALA A 471 -16.99 68.65 -4.05
C ALA A 471 -15.54 68.74 -4.49
N ILE A 472 -15.20 68.17 -5.64
CA ILE A 472 -13.81 68.26 -6.11
C ILE A 472 -13.46 69.70 -6.47
N GLY A 473 -14.36 70.40 -7.16
CA GLY A 473 -14.09 71.79 -7.50
C GLY A 473 -13.95 72.67 -6.28
N VAL A 474 -14.71 72.40 -5.23
CA VAL A 474 -14.56 73.14 -3.98
C VAL A 474 -13.20 72.86 -3.37
N ILE A 475 -12.87 71.56 -3.22
CA ILE A 475 -11.59 71.17 -2.64
C ILE A 475 -10.44 71.86 -3.34
N ARG A 476 -10.56 72.04 -4.66
CA ARG A 476 -9.49 72.58 -5.49
C ARG A 476 -9.66 74.06 -5.79
N LYS A 477 -10.44 74.77 -4.97
CA LYS A 477 -10.50 76.23 -5.00
C LYS A 477 -10.82 76.76 -6.39
N LYS A 478 -11.74 76.07 -7.07
CA LYS A 478 -12.25 76.52 -8.36
C LYS A 478 -13.42 77.48 -8.22
N TYR A 479 -14.00 77.57 -7.02
CA TYR A 479 -15.20 78.36 -6.79
C TYR A 479 -14.89 79.43 -5.75
N TRP A 480 -15.51 80.60 -5.91
CA TRP A 480 -15.30 81.70 -4.98
C TRP A 480 -16.19 81.58 -3.76
N SER A 481 -17.34 80.91 -3.90
CA SER A 481 -18.22 80.60 -2.79
C SER A 481 -18.83 79.23 -3.03
N ILE A 482 -19.08 78.49 -1.95
CA ILE A 482 -19.57 77.13 -2.10
C ILE A 482 -20.95 77.10 -2.75
N VAL A 483 -21.69 78.20 -2.69
CA VAL A 483 -23.04 78.20 -3.26
C VAL A 483 -22.98 78.12 -4.78
N GLN A 484 -21.89 78.58 -5.39
CA GLN A 484 -21.74 78.46 -6.83
C GLN A 484 -21.23 77.09 -7.24
N ALA A 485 -20.94 76.21 -6.29
CA ALA A 485 -20.71 74.80 -6.58
C ALA A 485 -21.99 73.98 -6.59
N VAL A 486 -23.12 74.59 -6.23
CA VAL A 486 -24.36 73.86 -6.05
C VAL A 486 -25.07 73.65 -7.39
N ARG A 487 -25.69 72.48 -7.54
CA ARG A 487 -26.50 72.19 -8.71
C ARG A 487 -27.84 71.62 -8.28
N ILE A 488 -28.86 71.90 -9.09
CA ILE A 488 -30.24 71.52 -8.81
C ILE A 488 -30.76 70.71 -9.98
N GLY A 489 -31.44 69.62 -9.68
CA GLY A 489 -32.10 68.86 -10.74
C GLY A 489 -31.24 67.76 -11.30
N GLU A 490 -31.91 66.72 -11.82
CA GLU A 490 -31.22 65.53 -12.29
C GLU A 490 -30.18 65.90 -13.35
N GLY A 491 -30.58 66.66 -14.36
CA GLY A 491 -29.71 67.02 -15.46
C GLY A 491 -28.44 67.69 -15.00
N PRO A 492 -28.57 68.85 -14.36
CA PRO A 492 -27.38 69.56 -13.88
C PRO A 492 -26.55 68.76 -12.89
N ILE A 493 -27.18 67.93 -12.06
CA ILE A 493 -26.43 67.14 -11.10
C ILE A 493 -25.60 66.09 -11.82
N ARG A 494 -26.20 65.39 -12.77
CA ARG A 494 -25.49 64.36 -13.51
C ARG A 494 -24.31 64.94 -14.28
N LYS A 495 -24.53 66.07 -14.96
CA LYS A 495 -23.46 66.68 -15.73
C LYS A 495 -22.32 67.12 -14.82
N MET A 496 -22.66 67.61 -13.63
CA MET A 496 -21.64 68.06 -12.70
C MET A 496 -20.78 66.90 -12.20
N ILE A 497 -21.42 65.77 -11.85
CA ILE A 497 -20.65 64.63 -11.36
C ILE A 497 -19.80 64.04 -12.48
N GLN A 498 -20.33 64.00 -13.69
CA GLN A 498 -19.51 63.57 -14.82
C GLN A 498 -18.32 64.50 -15.01
N GLY A 499 -18.49 65.79 -14.74
CA GLY A 499 -17.36 66.71 -14.79
C GLY A 499 -16.33 66.42 -13.71
N GLU A 500 -16.78 65.99 -12.53
CA GLU A 500 -15.82 65.62 -11.49
C GLU A 500 -14.96 64.43 -11.92
N LEU A 501 -15.56 63.42 -12.54
CA LEU A 501 -14.76 62.29 -12.98
C LEU A 501 -13.77 62.70 -14.08
N ALA A 502 -14.13 63.71 -14.89
CA ALA A 502 -13.22 64.18 -15.92
C ALA A 502 -11.98 64.83 -15.31
N VAL A 503 -12.12 65.47 -14.15
CA VAL A 503 -10.98 66.07 -13.48
C VAL A 503 -9.98 65.00 -13.06
N LEU A 504 -10.48 63.87 -12.55
CA LEU A 504 -9.58 62.81 -12.13
C LEU A 504 -8.88 62.18 -13.32
N LYS A 505 -9.61 61.99 -14.43
CA LYS A 505 -8.97 61.53 -15.65
C LYS A 505 -7.84 62.46 -16.05
N GLN A 506 -8.05 63.77 -15.91
CA GLN A 506 -7.05 64.74 -16.33
C GLN A 506 -5.82 64.73 -15.44
N ASP A 507 -6.00 64.46 -14.13
CA ASP A 507 -4.84 64.31 -13.26
C ASP A 507 -3.83 63.32 -13.83
N THR A 508 -4.33 62.25 -14.46
CA THR A 508 -3.44 61.20 -14.94
C THR A 508 -2.51 61.72 -16.02
N ILE A 509 -3.06 62.34 -17.06
CA ILE A 509 -2.24 62.78 -18.18
C ILE A 509 -1.40 64.00 -17.80
N ASP A 510 -1.91 64.85 -16.91
CA ASP A 510 -1.15 66.01 -16.46
C ASP A 510 0.11 65.59 -15.70
N ILE A 511 0.04 64.51 -14.92
CA ILE A 511 1.02 64.22 -13.88
C ILE A 511 1.77 62.93 -14.16
N LEU A 512 1.05 61.83 -14.36
CA LEU A 512 1.72 60.54 -14.52
C LEU A 512 2.17 60.29 -15.95
N GLY A 513 1.39 60.73 -16.94
CA GLY A 513 1.73 60.53 -18.32
C GLY A 513 0.56 59.95 -19.09
N ASN A 514 0.87 59.34 -20.24
CA ASN A 514 -0.16 58.76 -21.09
C ASN A 514 -0.40 57.32 -20.63
N TYR A 515 -1.26 57.21 -19.61
CA TYR A 515 -1.59 55.97 -18.96
C TYR A 515 -3.10 55.88 -18.81
N PRO A 516 -3.64 54.69 -18.63
CA PRO A 516 -5.08 54.58 -18.38
C PRO A 516 -5.45 55.08 -17.00
N THR A 517 -6.75 55.31 -16.82
CA THR A 517 -7.34 55.63 -15.53
C THR A 517 -8.42 54.60 -15.23
N LEU A 518 -8.47 54.14 -13.98
CA LEU A 518 -9.50 53.21 -13.54
C LEU A 518 -10.01 53.68 -12.19
N VAL A 519 -11.33 53.85 -12.07
CA VAL A 519 -11.91 54.32 -10.82
C VAL A 519 -12.02 53.10 -9.92
N GLY A 520 -11.07 52.94 -9.01
CA GLY A 520 -10.97 51.71 -8.25
C GLY A 520 -12.12 51.46 -7.29
N GLU A 521 -12.78 52.52 -6.85
CA GLU A 521 -13.99 52.40 -6.05
C GLU A 521 -14.98 53.48 -6.45
N ILE A 522 -16.23 53.10 -6.59
CA ILE A 522 -17.34 54.03 -6.80
C ILE A 522 -18.61 53.29 -6.45
N GLY A 523 -19.56 53.99 -5.82
CA GLY A 523 -20.80 53.34 -5.41
C GLY A 523 -21.70 54.26 -4.64
N ILE A 524 -22.84 53.71 -4.21
CA ILE A 524 -23.87 54.47 -3.50
C ILE A 524 -24.44 53.61 -2.37
N PRO A 525 -25.05 54.26 -1.38
CA PRO A 525 -25.67 53.50 -0.28
C PRO A 525 -27.09 53.04 -0.60
N TYR A 526 -27.38 51.79 -0.28
CA TYR A 526 -28.69 51.22 -0.54
C TYR A 526 -29.64 51.35 0.65
N ASP A 527 -29.10 51.61 1.85
CA ASP A 527 -29.93 51.79 3.05
C ASP A 527 -30.46 53.21 3.18
N MET A 528 -30.88 53.80 2.07
CA MET A 528 -31.41 55.15 2.07
C MET A 528 -32.74 55.24 2.77
N ASP A 529 -33.06 56.43 3.29
CA ASP A 529 -34.41 56.76 3.74
C ASP A 529 -34.85 55.86 4.89
N ASP A 530 -33.93 55.64 5.84
CA ASP A 530 -34.21 54.79 6.99
C ASP A 530 -34.66 53.41 6.54
N LYS A 531 -34.08 52.93 5.44
CA LYS A 531 -34.29 51.58 4.95
C LYS A 531 -35.74 51.35 4.50
N LYS A 532 -36.34 52.39 3.93
CA LYS A 532 -37.71 52.27 3.43
C LYS A 532 -37.81 51.18 2.38
N ALA A 533 -36.79 51.02 1.54
CA ALA A 533 -36.82 49.98 0.52
C ALA A 533 -36.79 48.58 1.12
N TYR A 534 -36.35 48.46 2.37
CA TYR A 534 -36.34 47.17 3.04
C TYR A 534 -37.63 46.89 3.78
N GLY A 535 -38.57 47.85 3.79
CA GLY A 535 -39.80 47.66 4.51
C GLY A 535 -39.74 48.03 5.98
N TYR A 536 -38.71 48.78 6.39
CA TYR A 536 -38.45 49.00 7.80
C TYR A 536 -39.26 50.13 8.40
N VAL A 537 -39.93 50.97 7.60
CA VAL A 537 -40.66 52.11 8.12
C VAL A 537 -42.00 52.25 7.39
N ASP A 538 -42.81 53.20 7.87
CA ASP A 538 -44.07 53.59 7.22
C ASP A 538 -44.99 52.39 7.04
N GLY A 539 -44.98 51.49 8.02
CA GLY A 539 -45.81 50.30 7.95
C GLY A 539 -45.42 49.30 6.88
N GLY A 540 -44.20 49.38 6.37
CA GLY A 540 -43.79 48.57 5.26
C GLY A 540 -43.97 49.22 3.90
N ARG A 541 -44.58 50.41 3.84
CA ARG A 541 -44.77 51.09 2.57
C ARG A 541 -43.42 51.40 1.95
N GLY A 542 -43.29 51.07 0.66
CA GLY A 542 -42.07 51.34 -0.07
C GLY A 542 -41.09 50.18 -0.20
N GLU A 543 -41.46 48.99 0.29
CA GLU A 543 -40.58 47.85 0.21
C GLU A 543 -40.40 47.37 -1.24
N GLY A 544 -39.14 47.18 -1.66
CA GLY A 544 -38.82 46.78 -2.99
C GLY A 544 -38.71 47.90 -3.99
N ASP A 545 -39.04 49.14 -3.61
CA ASP A 545 -38.99 50.23 -4.51
C ASP A 545 -37.62 50.85 -4.35
N TYR A 546 -36.73 50.63 -5.32
CA TYR A 546 -35.40 51.19 -5.27
C TYR A 546 -35.16 52.38 -6.21
N SER A 547 -36.23 53.07 -6.57
CA SER A 547 -36.20 54.25 -7.43
C SER A 547 -35.08 55.22 -7.06
N SER A 548 -34.97 55.57 -5.78
CA SER A 548 -33.96 56.54 -5.37
C SER A 548 -32.54 55.97 -5.50
N GLN A 549 -32.34 54.73 -5.06
CA GLN A 549 -31.03 54.12 -5.23
C GLN A 549 -30.66 54.03 -6.70
N GLN A 550 -31.65 53.78 -7.56
CA GLN A 550 -31.41 53.63 -8.98
C GLN A 550 -30.94 54.94 -9.60
N LYS A 551 -31.61 56.05 -9.30
CA LYS A 551 -31.17 57.34 -9.82
C LYS A 551 -29.75 57.67 -9.34
N ALA A 552 -29.49 57.50 -8.04
CA ALA A 552 -28.16 57.78 -7.51
C ALA A 552 -27.11 56.94 -8.21
N MET A 553 -27.35 55.62 -8.27
CA MET A 553 -26.45 54.70 -8.96
C MET A 553 -26.23 55.12 -10.41
N ASP A 554 -27.32 55.40 -11.11
CA ASP A 554 -27.23 55.75 -12.54
C ASP A 554 -26.48 57.05 -12.76
N CYS A 555 -26.61 58.02 -11.85
CA CYS A 555 -25.81 59.24 -11.95
C CYS A 555 -24.32 58.95 -11.80
N SER A 556 -23.95 58.13 -10.82
CA SER A 556 -22.54 57.80 -10.65
C SER A 556 -22.02 56.99 -11.83
N MET A 557 -22.82 56.05 -12.34
CA MET A 557 -22.39 55.26 -13.48
C MET A 557 -22.33 56.09 -14.76
N ASN A 558 -23.32 56.96 -14.98
CA ASN A 558 -23.27 57.85 -16.13
C ASN A 558 -22.03 58.72 -16.10
N ALA A 559 -21.52 59.04 -14.91
CA ALA A 559 -20.37 59.92 -14.80
C ALA A 559 -19.11 59.26 -15.34
N CYS A 560 -19.07 57.93 -15.36
CA CYS A 560 -17.97 57.21 -15.98
C CYS A 560 -18.18 57.02 -17.48
N ASP A 561 -19.33 57.41 -18.00
CA ASP A 561 -19.62 57.35 -19.43
C ASP A 561 -19.33 58.73 -20.03
N GLY A 562 -20.21 59.30 -20.85
CA GLY A 562 -19.94 60.58 -21.47
C GLY A 562 -18.64 60.53 -22.24
N PRO A 563 -17.88 61.62 -22.18
CA PRO A 563 -16.54 61.61 -22.81
C PRO A 563 -15.49 60.91 -21.98
N ASN A 564 -15.80 60.51 -20.74
CA ASN A 564 -14.80 59.93 -19.86
C ASN A 564 -14.48 58.49 -20.28
N CYS A 565 -15.50 57.68 -20.55
CA CYS A 565 -15.33 56.29 -21.00
C CYS A 565 -14.36 55.53 -20.11
N LEU A 566 -14.63 55.53 -18.81
CA LEU A 566 -13.67 55.09 -17.81
C LEU A 566 -13.79 53.60 -17.48
N ASN A 567 -12.66 53.04 -17.06
CA ASN A 567 -12.64 51.78 -16.35
C ASN A 567 -13.04 52.00 -14.90
N TYR A 568 -13.68 51.00 -14.30
CA TYR A 568 -14.01 51.18 -12.88
C TYR A 568 -14.39 49.87 -12.22
N ALA A 569 -14.33 49.91 -10.88
CA ALA A 569 -14.74 48.80 -10.01
C ALA A 569 -15.73 49.38 -9.01
N ILE A 570 -16.98 48.92 -9.10
CA ILE A 570 -18.02 49.34 -8.18
C ILE A 570 -17.74 48.78 -6.78
N TRP A 571 -17.90 49.63 -5.77
CA TRP A 571 -17.92 49.20 -4.38
C TRP A 571 -19.38 49.04 -3.96
N ASN A 572 -19.81 47.81 -3.63
CA ASN A 572 -19.06 46.57 -3.76
C ASN A 572 -20.09 45.42 -3.92
N TYR A 573 -19.60 44.19 -3.89
CA TYR A 573 -20.44 42.98 -3.97
C TYR A 573 -20.18 42.17 -2.71
N VAL A 574 -21.20 41.98 -1.89
CA VAL A 574 -21.04 41.35 -0.59
C VAL A 574 -21.99 40.18 -0.45
N PRO A 575 -21.52 38.94 -0.62
CA PRO A 575 -22.43 37.79 -0.54
C PRO A 575 -23.26 37.69 0.74
N ASP A 576 -22.79 38.19 1.87
CA ASP A 576 -23.51 38.03 3.13
C ASP A 576 -24.16 39.34 3.61
N ASN A 577 -24.35 40.30 2.72
CA ASN A 577 -25.08 41.51 3.08
C ASN A 577 -26.49 41.17 3.54
N VAL A 578 -26.96 41.87 4.57
CA VAL A 578 -28.32 41.72 5.07
C VAL A 578 -28.90 43.10 5.32
N HIS A 579 -30.22 43.19 5.32
CA HIS A 579 -30.88 44.49 5.54
C HIS A 579 -30.59 45.04 6.92
N GLU A 580 -30.56 44.18 7.94
CA GLU A 580 -30.42 44.66 9.31
C GLU A 580 -29.05 45.31 9.54
N TRP A 581 -27.98 44.64 9.08
CA TRP A 581 -26.63 45.13 9.34
C TRP A 581 -25.88 45.57 8.10
N GLY A 582 -26.54 45.58 6.94
CA GLY A 582 -25.89 46.04 5.73
C GLY A 582 -24.76 45.10 5.35
N ASP A 583 -23.62 45.72 4.95
CA ASP A 583 -22.42 44.97 4.59
C ASP A 583 -21.69 44.40 5.82
N ASN A 584 -22.27 44.54 7.03
CA ASN A 584 -21.69 44.05 8.27
C ASN A 584 -20.41 44.81 8.62
N TRP A 585 -20.38 46.10 8.32
CA TRP A 585 -19.19 46.92 8.55
C TRP A 585 -19.63 48.37 8.71
N ASN A 586 -19.69 48.82 9.97
CA ASN A 586 -19.78 50.23 10.33
C ASN A 586 -21.05 50.90 9.80
N GLY A 587 -22.09 50.12 9.55
CA GLY A 587 -23.34 50.68 9.09
C GLY A 587 -23.40 50.92 7.61
N GLU A 588 -22.37 50.58 6.85
CA GLU A 588 -22.39 50.75 5.41
C GLU A 588 -23.20 49.64 4.74
N ASP A 589 -23.85 49.99 3.63
CA ASP A 589 -24.67 49.02 2.91
C ASP A 589 -24.59 49.41 1.43
N LEU A 590 -23.51 48.99 0.78
CA LEU A 590 -23.23 49.35 -0.59
C LEU A 590 -23.22 48.16 -1.53
N SER A 591 -23.61 46.99 -1.05
CA SER A 591 -23.64 45.80 -1.90
C SER A 591 -24.71 45.89 -2.96
N LEU A 592 -24.35 45.49 -4.18
CA LEU A 592 -25.30 45.40 -5.29
C LEU A 592 -26.34 44.32 -5.07
N TRP A 593 -26.10 43.38 -4.17
CA TRP A 593 -26.85 42.13 -4.08
C TRP A 593 -27.00 41.76 -2.61
N SER A 594 -28.13 41.16 -2.28
CA SER A 594 -28.42 40.74 -0.91
C SER A 594 -29.41 39.60 -0.93
N VAL A 595 -29.15 38.56 -0.12
CA VAL A 595 -30.11 37.47 0.00
C VAL A 595 -31.45 37.99 0.50
N ASP A 596 -31.45 39.04 1.33
CA ASP A 596 -32.71 39.59 1.82
C ASP A 596 -33.57 40.19 0.71
N ASP A 597 -33.02 40.36 -0.49
CA ASP A 597 -33.79 40.87 -1.61
C ASP A 597 -34.23 39.76 -2.56
N LYS A 598 -34.04 38.50 -2.17
CA LYS A 598 -34.50 37.38 -2.97
C LYS A 598 -36.00 37.16 -2.83
N GLU A 599 -36.60 36.63 -3.88
CA GLU A 599 -38.05 36.38 -3.95
C GLU A 599 -38.84 37.65 -3.64
N ASP A 646 -22.80 35.87 -24.02
CA ASP A 646 -22.72 35.05 -25.23
C ASP A 646 -23.75 33.91 -25.23
N SER A 647 -24.42 33.70 -24.10
CA SER A 647 -25.49 32.72 -24.02
C SER A 647 -26.69 33.32 -23.31
N GLY A 648 -27.88 32.85 -23.69
CA GLY A 648 -29.09 33.19 -22.99
C GLY A 648 -29.66 31.96 -22.30
N ASP A 649 -28.78 30.98 -22.06
CA ASP A 649 -29.16 29.67 -21.56
C ASP A 649 -29.30 29.63 -20.04
N PHE A 650 -29.20 30.77 -19.37
CA PHE A 650 -29.46 30.86 -17.94
C PHE A 650 -30.80 31.54 -17.70
N SER A 651 -31.23 31.52 -16.43
CA SER A 651 -32.52 32.04 -16.00
C SER A 651 -32.42 33.53 -15.69
N PRO A 652 -33.46 34.32 -15.96
CA PRO A 652 -33.46 35.71 -15.49
C PRO A 652 -33.23 35.82 -13.99
N THR A 653 -33.56 34.78 -13.23
CA THR A 653 -33.38 34.83 -11.77
C THR A 653 -31.93 35.08 -11.39
N LEU A 654 -30.98 34.58 -12.18
CA LEU A 654 -29.57 34.81 -11.88
C LEU A 654 -29.25 36.31 -11.87
N ILE A 655 -29.73 37.04 -12.88
CA ILE A 655 -29.35 38.45 -13.01
C ILE A 655 -30.30 39.41 -12.33
N LEU A 656 -31.40 38.93 -11.79
CA LEU A 656 -32.37 39.82 -11.15
C LEU A 656 -32.59 39.52 -9.67
N ASP A 657 -32.69 38.26 -9.29
CA ASP A 657 -33.14 37.92 -7.94
C ASP A 657 -32.04 38.21 -6.92
N GLY A 658 -32.36 39.02 -5.91
CA GLY A 658 -31.38 39.48 -4.96
C GLY A 658 -30.71 40.80 -5.32
N SER A 659 -30.82 41.25 -6.57
CA SER A 659 -30.20 42.49 -7.00
C SER A 659 -31.01 43.70 -6.56
N ARG A 660 -30.32 44.83 -6.34
CA ARG A 660 -30.96 46.09 -6.01
C ARG A 660 -30.53 47.15 -7.03
N ALA A 661 -31.50 47.75 -7.71
CA ALA A 661 -31.25 48.78 -8.72
C ALA A 661 -30.34 48.25 -9.84
N VAL A 662 -30.56 47.00 -10.22
CA VAL A 662 -29.80 46.37 -11.30
C VAL A 662 -29.87 47.19 -12.58
N ALA A 663 -30.99 47.87 -12.83
CA ALA A 663 -31.11 48.64 -14.06
C ALA A 663 -30.02 49.71 -14.16
N ALA A 664 -29.51 50.19 -13.02
CA ALA A 664 -28.52 51.26 -13.07
C ALA A 664 -27.08 50.76 -13.15
N PHE A 665 -26.76 49.64 -12.51
CA PHE A 665 -25.37 49.19 -12.53
C PHE A 665 -25.06 48.16 -13.62
N CYS A 666 -26.07 47.55 -14.22
CA CYS A 666 -25.88 46.62 -15.34
C CYS A 666 -26.23 47.38 -16.63
N ARG A 667 -25.21 47.68 -17.42
CA ARG A 667 -25.32 48.68 -18.49
C ARG A 667 -24.57 48.23 -19.73
N PRO A 668 -25.02 48.66 -20.92
CA PRO A 668 -24.24 48.40 -22.13
C PRO A 668 -22.95 49.20 -22.15
N TYR A 669 -21.89 48.60 -22.67
CA TYR A 669 -20.62 49.30 -22.82
C TYR A 669 -19.73 48.50 -23.76
N PRO A 670 -18.73 49.16 -24.36
CA PRO A 670 -17.80 48.47 -25.29
C PRO A 670 -16.66 47.80 -24.55
N VAL A 671 -16.63 46.47 -24.63
CA VAL A 671 -15.57 45.71 -23.97
C VAL A 671 -14.23 45.90 -24.69
N ALA A 672 -14.26 45.97 -26.02
CA ALA A 672 -13.03 46.07 -26.80
C ALA A 672 -13.36 46.79 -28.10
N THR A 673 -12.48 47.73 -28.48
CA THR A 673 -12.79 48.66 -29.55
C THR A 673 -11.63 48.79 -30.51
N VAL A 674 -11.93 48.70 -31.80
CA VAL A 674 -10.98 49.05 -32.85
C VAL A 674 -11.04 50.58 -32.95
N GLY A 675 -10.02 51.25 -32.44
CA GLY A 675 -10.06 52.70 -32.31
C GLY A 675 -10.08 53.12 -30.86
N ILE A 676 -10.45 54.37 -30.65
CA ILE A 676 -10.42 55.02 -29.34
C ILE A 676 -11.85 55.34 -28.92
N PRO A 677 -12.31 54.89 -27.75
CA PRO A 677 -13.64 55.29 -27.28
C PRO A 677 -13.72 56.81 -27.18
N GLU A 678 -14.74 57.39 -27.80
CA GLU A 678 -14.94 58.83 -27.75
C GLU A 678 -16.07 59.25 -26.85
N ARG A 679 -17.24 58.59 -26.93
CA ARG A 679 -18.38 59.00 -26.13
C ARG A 679 -19.34 57.83 -25.92
N ILE A 680 -19.85 57.72 -24.70
CA ILE A 680 -20.88 56.72 -24.38
C ILE A 680 -22.05 57.43 -23.72
N ASP A 681 -23.27 57.08 -24.15
CA ASP A 681 -24.49 57.62 -23.57
C ASP A 681 -25.48 56.48 -23.43
N PHE A 682 -26.08 56.36 -22.25
CA PHE A 682 -27.08 55.33 -22.00
C PHE A 682 -28.20 55.94 -21.18
N ASP A 683 -29.44 55.69 -21.62
CA ASP A 683 -30.64 56.19 -20.96
C ASP A 683 -31.49 54.99 -20.54
N ILE A 684 -31.71 54.85 -19.24
CA ILE A 684 -32.45 53.70 -18.73
C ILE A 684 -33.88 53.70 -19.27
N THR A 685 -34.56 54.85 -19.22
CA THR A 685 -35.99 54.89 -19.51
C THR A 685 -36.27 54.48 -20.96
N SER A 686 -35.52 55.03 -21.91
CA SER A 686 -35.74 54.69 -23.32
C SER A 686 -34.96 53.45 -23.75
N THR A 687 -33.95 53.05 -22.99
CA THR A 687 -32.99 52.00 -23.34
C THR A 687 -32.01 52.44 -24.41
N LYS A 688 -32.08 53.70 -24.86
CA LYS A 688 -31.24 54.15 -25.95
C LYS A 688 -29.78 54.18 -25.54
N PHE A 689 -28.94 53.60 -26.39
CA PHE A 689 -27.51 53.51 -26.19
C PHE A 689 -26.83 54.06 -27.44
N LYS A 690 -25.84 54.92 -27.25
CA LYS A 690 -25.10 55.50 -28.35
C LYS A 690 -23.62 55.49 -28.02
N TYR A 691 -22.82 54.90 -28.90
CA TYR A 691 -21.38 54.78 -28.73
C TYR A 691 -20.69 55.39 -29.95
N ALA A 692 -19.79 56.35 -29.70
CA ALA A 692 -18.98 56.99 -30.73
C ALA A 692 -17.51 56.62 -30.52
N VAL A 693 -16.84 56.25 -31.60
CA VAL A 693 -15.45 55.81 -31.55
C VAL A 693 -14.64 56.56 -32.59
N ARG A 694 -13.45 57.00 -32.20
CA ARG A 694 -12.51 57.65 -33.11
C ARG A 694 -11.64 56.58 -33.72
N VAL A 695 -11.70 56.44 -35.05
CA VAL A 695 -11.00 55.39 -35.79
C VAL A 695 -10.00 56.06 -36.72
N ARG A 696 -8.74 55.66 -36.61
CA ARG A 696 -7.65 56.23 -37.41
C ARG A 696 -7.34 55.31 -38.59
N ALA A 697 -6.60 55.88 -39.56
CA ALA A 697 -6.29 55.14 -40.77
C ALA A 697 -5.30 54.00 -40.53
N ASP A 698 -4.53 54.05 -39.45
CA ASP A 698 -3.56 53.00 -39.16
C ASP A 698 -4.08 52.00 -38.12
N ASP A 699 -5.34 52.08 -37.73
CA ASP A 699 -5.91 51.10 -36.81
C ASP A 699 -6.11 49.77 -37.53
N ILE A 700 -6.08 48.69 -36.76
CA ILE A 700 -6.14 47.33 -37.28
C ILE A 700 -7.57 46.82 -37.15
N ALA A 701 -8.20 46.52 -38.29
CA ALA A 701 -9.55 45.96 -38.33
C ALA A 701 -9.59 44.86 -39.37
N ASN A 702 -10.16 43.72 -39.01
CA ASN A 702 -10.36 42.62 -39.95
C ASN A 702 -11.42 41.70 -39.37
N GLU A 703 -11.55 40.51 -39.97
CA GLU A 703 -12.62 39.59 -39.58
C GLU A 703 -12.41 39.03 -38.18
N GLN A 704 -11.18 39.06 -37.69
CA GLN A 704 -10.87 38.56 -36.36
C GLN A 704 -10.61 39.68 -35.36
N VAL A 705 -10.52 40.93 -35.82
CA VAL A 705 -10.22 42.08 -34.97
C VAL A 705 -11.33 43.10 -35.19
N TYR A 706 -12.28 43.14 -34.26
CA TYR A 706 -13.48 43.95 -34.38
C TYR A 706 -13.85 44.48 -33.01
N THR A 707 -14.85 45.35 -32.98
CA THR A 707 -15.35 45.93 -31.75
C THR A 707 -16.42 45.01 -31.15
N GLU A 708 -16.34 44.83 -29.83
CA GLU A 708 -17.27 44.00 -29.07
C GLU A 708 -17.93 44.85 -28.01
N ILE A 709 -19.26 44.78 -27.95
CA ILE A 709 -20.07 45.57 -27.04
C ILE A 709 -20.94 44.60 -26.25
N TYR A 710 -21.04 44.83 -24.94
CA TYR A 710 -21.94 44.08 -24.08
C TYR A 710 -23.32 44.74 -24.10
N LEU A 711 -24.35 43.94 -24.39
CA LEU A 711 -25.73 44.43 -24.34
C LEU A 711 -26.53 43.62 -23.33
N PRO A 712 -26.89 44.19 -22.18
CA PRO A 712 -27.46 43.36 -21.10
C PRO A 712 -28.90 42.94 -21.37
N PHE A 713 -29.18 41.66 -21.12
CA PHE A 713 -30.55 41.18 -21.06
C PHE A 713 -31.39 42.02 -20.13
N VAL A 714 -30.78 42.55 -19.07
CA VAL A 714 -31.49 43.37 -18.08
C VAL A 714 -32.26 44.50 -18.75
N HIS A 715 -31.70 45.07 -19.82
CA HIS A 715 -32.33 46.18 -20.52
C HIS A 715 -32.90 45.82 -21.89
N TYR A 716 -32.37 44.79 -22.53
CA TYR A 716 -32.62 44.56 -23.95
C TYR A 716 -33.23 43.20 -24.26
N ALA A 717 -33.52 42.38 -23.26
CA ALA A 717 -34.12 41.09 -23.53
C ALA A 717 -35.52 41.25 -24.09
N ALA A 718 -35.94 40.26 -24.89
CA ALA A 718 -37.31 40.23 -25.35
C ALA A 718 -38.28 40.13 -24.19
N SER A 719 -37.98 39.26 -23.22
CA SER A 719 -38.82 39.09 -22.04
C SER A 719 -37.94 38.55 -20.91
N LEU A 720 -38.32 38.89 -19.68
CA LEU A 720 -37.54 38.50 -18.51
C LEU A 720 -38.32 37.61 -17.55
N ASN A 721 -39.35 36.92 -18.03
CA ASN A 721 -40.10 36.01 -17.16
C ASN A 721 -39.23 34.83 -16.77
N ALA A 722 -39.25 34.48 -15.48
CA ALA A 722 -38.41 33.42 -14.92
C ALA A 722 -38.34 32.19 -15.83
N ALA A 728 -37.87 29.92 -24.17
CA ALA A 728 -37.69 30.32 -22.78
C ALA A 728 -36.26 30.78 -22.55
N GLN A 729 -35.42 30.67 -23.57
CA GLN A 729 -34.07 31.19 -23.52
C GLN A 729 -34.07 32.70 -23.65
N LEU A 730 -33.21 33.37 -22.88
CA LEU A 730 -33.10 34.81 -22.96
C LEU A 730 -32.51 35.20 -24.31
N SER A 731 -33.06 36.26 -24.90
CA SER A 731 -32.65 36.66 -26.24
C SER A 731 -32.87 38.16 -26.40
N LEU A 732 -31.91 38.81 -27.05
CA LEU A 732 -32.00 40.24 -27.30
C LEU A 732 -33.04 40.54 -28.38
N ASP A 733 -33.81 41.59 -28.16
CA ASP A 733 -34.80 42.11 -29.12
C ASP A 733 -34.51 43.59 -29.28
N VAL A 734 -33.57 43.93 -30.16
CA VAL A 734 -33.08 45.30 -30.29
C VAL A 734 -33.06 45.73 -31.74
N THR A 735 -33.05 47.05 -31.93
CA THR A 735 -32.79 47.69 -33.22
C THR A 735 -31.44 48.38 -33.15
N ILE A 736 -30.62 48.17 -34.17
CA ILE A 736 -29.24 48.67 -34.20
C ILE A 736 -29.05 49.54 -35.44
N VAL A 737 -28.45 50.71 -35.25
CA VAL A 737 -28.14 51.64 -36.33
C VAL A 737 -26.66 51.98 -36.21
N ALA A 738 -25.87 51.50 -37.17
CA ALA A 738 -24.44 51.78 -37.22
C ALA A 738 -24.12 52.62 -38.46
N SER A 739 -23.24 53.61 -38.29
CA SER A 739 -22.93 54.54 -39.37
C SER A 739 -22.04 53.91 -40.43
N HIS A 740 -21.20 52.95 -40.03
CA HIS A 740 -20.31 52.23 -40.92
C HIS A 740 -20.36 50.76 -40.55
N GLY A 741 -20.01 49.91 -41.51
CA GLY A 741 -19.75 48.51 -41.21
C GLY A 741 -21.00 47.65 -41.02
N ARG A 742 -20.78 46.50 -40.37
CA ARG A 742 -21.81 45.49 -40.17
C ARG A 742 -21.75 44.98 -38.73
N VAL A 743 -22.85 44.41 -38.27
CA VAL A 743 -22.97 43.94 -36.89
C VAL A 743 -23.67 42.59 -36.84
N GLU A 744 -23.44 41.87 -35.75
CA GLU A 744 -24.18 40.65 -35.44
C GLU A 744 -24.17 40.48 -33.93
N ILE A 745 -25.27 39.97 -33.39
CA ILE A 745 -25.44 39.79 -31.96
C ILE A 745 -25.46 38.30 -31.63
N GLN A 746 -24.88 37.95 -30.48
CA GLN A 746 -24.95 36.59 -29.96
C GLN A 746 -25.02 36.68 -28.44
N GLY A 747 -26.04 36.07 -27.85
CA GLY A 747 -26.20 36.17 -26.40
C GLY A 747 -26.33 37.63 -26.00
N GLN A 748 -25.44 38.07 -25.10
CA GLN A 748 -25.38 39.46 -24.69
C GLN A 748 -24.23 40.21 -25.36
N THR A 749 -23.76 39.73 -26.49
CA THR A 749 -22.61 40.30 -27.18
C THR A 749 -23.02 40.86 -28.54
N LEU A 750 -22.59 42.09 -28.82
CA LEU A 750 -22.70 42.69 -30.14
C LEU A 750 -21.30 42.79 -30.74
N ARG A 751 -21.16 42.34 -31.99
CA ARG A 751 -19.88 42.36 -32.70
C ARG A 751 -20.02 43.31 -33.88
N TRP A 752 -19.04 44.19 -34.04
CA TRP A 752 -19.15 45.32 -34.96
C TRP A 752 -17.87 45.41 -35.79
N TRP A 753 -17.96 44.99 -37.05
CA TRP A 753 -16.86 45.09 -38.01
C TRP A 753 -17.02 46.37 -38.82
N TYR A 754 -15.91 47.05 -39.08
CA TYR A 754 -15.95 48.21 -39.96
C TYR A 754 -14.58 48.43 -40.55
N PRO A 755 -14.50 49.03 -41.74
CA PRO A 755 -13.19 49.42 -42.29
C PRO A 755 -12.72 50.75 -41.71
N VAL A 756 -11.42 50.84 -41.47
CA VAL A 756 -10.84 52.10 -40.99
C VAL A 756 -10.88 53.08 -42.15
N PRO A 757 -10.77 54.38 -41.89
CA PRO A 757 -10.70 55.35 -42.98
C PRO A 757 -9.41 55.19 -43.78
N GLY A 758 -9.52 55.47 -45.09
CA GLY A 758 -8.33 55.44 -45.92
C GLY A 758 -7.31 56.49 -45.54
N THR A 759 -7.75 57.55 -44.88
CA THR A 759 -6.86 58.65 -44.50
C THR A 759 -7.40 59.31 -43.25
N GLY A 760 -6.49 59.71 -42.36
CA GLY A 760 -6.84 60.53 -41.23
C GLY A 760 -7.59 59.82 -40.13
N GLU A 761 -8.64 60.45 -39.63
CA GLU A 761 -9.44 59.85 -38.56
C GLU A 761 -10.88 60.30 -38.73
N GLU A 762 -11.79 59.47 -38.24
CA GLU A 762 -13.21 59.65 -38.45
C GLU A 762 -13.94 59.02 -37.27
N VAL A 763 -15.04 59.63 -36.87
CA VAL A 763 -15.86 59.12 -35.77
C VAL A 763 -17.00 58.29 -36.35
N TYR A 764 -17.00 57.00 -36.03
CA TYR A 764 -18.13 56.13 -36.31
C TYR A 764 -19.06 56.09 -35.09
N THR A 765 -20.33 55.76 -35.34
CA THR A 765 -21.31 55.70 -34.26
C THR A 765 -22.17 54.46 -34.41
N ILE A 766 -22.66 53.97 -33.28
CA ILE A 766 -23.59 52.85 -33.23
C ILE A 766 -24.64 53.18 -32.19
N GLU A 767 -25.91 52.97 -32.52
CA GLU A 767 -27.02 53.25 -31.63
C GLU A 767 -27.87 51.99 -31.46
N VAL A 768 -28.31 51.74 -30.25
CA VAL A 768 -29.03 50.53 -29.88
C VAL A 768 -30.22 50.92 -29.01
N GLN A 769 -31.34 50.23 -29.20
CA GLN A 769 -32.45 50.34 -28.27
C GLN A 769 -33.27 49.08 -28.34
N ARG A 770 -33.98 48.78 -27.25
CA ARG A 770 -34.91 47.67 -27.25
C ARG A 770 -36.12 47.99 -28.11
N ASN A 771 -36.50 47.06 -28.98
CA ASN A 771 -37.71 47.22 -29.77
C ASN A 771 -38.93 47.32 -28.87
N GLY A 772 -39.67 48.41 -28.98
CA GLY A 772 -40.84 48.62 -28.17
C GLY A 772 -40.57 49.24 -26.82
N GLY A 773 -39.38 49.79 -26.61
CA GLY A 773 -39.12 50.52 -25.39
C GLY A 773 -38.63 49.62 -24.27
N ALA A 774 -38.80 50.12 -23.06
CA ALA A 774 -38.18 49.53 -21.89
C ALA A 774 -38.98 48.34 -21.37
N LEU A 775 -38.26 47.42 -20.74
CA LEU A 775 -38.89 46.33 -20.02
C LEU A 775 -39.54 46.84 -18.74
N ARG A 776 -40.34 45.98 -18.12
CA ARG A 776 -40.76 46.15 -16.74
C ARG A 776 -40.25 44.94 -15.98
N ARG A 777 -39.42 45.19 -14.97
CA ARG A 777 -38.69 44.13 -14.28
C ARG A 777 -39.30 43.86 -12.89
N PRO B 4 18.79 31.96 -38.22
CA PRO B 4 19.71 30.94 -38.72
C PRO B 4 19.97 29.87 -37.67
N PRO B 5 19.96 28.59 -38.05
CA PRO B 5 20.26 27.54 -37.06
C PRO B 5 21.71 27.61 -36.63
N PRO B 6 22.01 27.37 -35.35
CA PRO B 6 23.41 27.44 -34.91
C PRO B 6 24.25 26.34 -35.55
N GLU B 7 25.55 26.59 -35.58
CA GLU B 7 26.50 25.58 -36.03
C GLU B 7 26.78 24.54 -34.96
N VAL B 8 26.45 24.83 -33.70
CA VAL B 8 26.75 23.96 -32.58
C VAL B 8 25.47 23.58 -31.88
N SER B 9 25.52 22.45 -31.17
CA SER B 9 24.35 21.95 -30.46
C SER B 9 24.06 22.83 -29.24
N PRO B 10 22.79 23.16 -28.99
CA PRO B 10 22.45 23.93 -27.77
C PRO B 10 22.55 23.10 -26.51
N VAL B 11 22.69 21.79 -26.63
CA VAL B 11 22.81 20.94 -25.46
C VAL B 11 24.27 20.71 -25.09
N THR B 12 25.11 20.33 -26.06
CA THR B 12 26.48 19.93 -25.78
C THR B 12 27.52 20.97 -26.18
N GLY B 13 27.19 21.87 -27.10
CA GLY B 13 28.19 22.73 -27.70
C GLY B 13 28.98 22.10 -28.83
N ASN B 14 28.78 20.81 -29.09
CA ASN B 14 29.52 20.15 -30.16
C ASN B 14 29.00 20.59 -31.52
N PRO B 15 29.88 20.62 -32.54
CA PRO B 15 29.39 20.77 -33.92
C PRO B 15 28.48 19.61 -34.27
N VAL B 16 27.49 19.88 -35.11
CA VAL B 16 26.47 18.90 -35.44
C VAL B 16 26.73 18.35 -36.83
N SER B 17 26.36 17.09 -37.02
CA SER B 17 26.41 16.46 -38.34
C SER B 17 25.39 17.12 -39.25
N PRO B 18 25.57 17.00 -40.57
CA PRO B 18 24.61 17.63 -41.50
C PRO B 18 23.23 17.00 -41.50
N HIS B 19 23.05 15.83 -40.88
CA HIS B 19 21.73 15.25 -40.72
C HIS B 19 21.04 15.66 -39.42
N TYR B 20 21.66 16.52 -38.63
CA TYR B 20 21.06 17.00 -37.39
C TYR B 20 19.73 17.69 -37.66
N ILE B 21 18.75 17.43 -36.80
CA ILE B 21 17.47 18.12 -36.84
C ILE B 21 17.41 19.06 -35.64
N HIS B 22 17.43 20.36 -35.90
CA HIS B 22 17.26 21.36 -34.86
C HIS B 22 15.83 21.37 -34.35
N SER B 23 15.68 21.57 -33.03
CA SER B 23 14.38 21.61 -32.38
C SER B 23 14.41 22.73 -31.33
N SER B 24 14.72 23.94 -31.80
CA SER B 24 14.89 25.11 -30.96
C SER B 24 14.06 26.30 -31.45
N THR B 25 13.12 26.07 -32.37
CA THR B 25 12.17 27.08 -32.81
C THR B 25 10.81 26.41 -32.90
N LEU B 26 9.83 27.14 -33.43
CA LEU B 26 8.48 26.60 -33.60
C LEU B 26 8.41 25.48 -34.63
N HIS B 27 9.49 25.22 -35.35
CA HIS B 27 9.51 24.15 -36.34
C HIS B 27 10.83 23.39 -36.26
N PHE B 28 10.78 22.10 -36.56
CA PHE B 28 12.00 21.36 -36.84
C PHE B 28 12.73 22.02 -37.99
N GLN B 29 14.05 22.11 -37.90
CA GLN B 29 14.85 22.66 -38.97
C GLN B 29 16.03 21.75 -39.29
N ASP B 30 16.42 21.73 -40.56
CA ASP B 30 17.67 21.09 -40.97
C ASP B 30 18.80 22.09 -40.80
N VAL B 31 20.03 21.63 -40.98
CA VAL B 31 21.18 22.51 -40.70
C VAL B 31 21.18 23.71 -41.64
N ASN B 32 20.44 23.63 -42.75
CA ASN B 32 20.31 24.75 -43.67
C ASN B 32 19.08 25.59 -43.40
N GLY B 33 18.44 25.41 -42.24
CA GLY B 33 17.36 26.28 -41.84
C GLY B 33 15.99 25.94 -42.41
N ARG B 34 15.88 24.91 -43.23
CA ARG B 34 14.58 24.56 -43.79
C ARG B 34 13.65 24.04 -42.70
N SER B 35 12.38 24.43 -42.79
CA SER B 35 11.36 23.91 -41.88
C SER B 35 10.99 22.50 -42.29
N LEU B 36 11.17 21.55 -41.38
CA LEU B 36 10.84 20.16 -41.64
C LEU B 36 9.48 19.82 -41.04
N VAL B 37 8.72 19.05 -41.79
CA VAL B 37 7.48 18.46 -41.29
C VAL B 37 7.71 16.95 -41.23
N LEU B 38 7.52 16.38 -40.05
CA LEU B 38 7.67 14.94 -39.83
C LEU B 38 6.28 14.34 -39.69
N ARG B 39 5.96 13.39 -40.57
CA ARG B 39 4.67 12.69 -40.55
C ARG B 39 4.89 11.21 -40.76
N GLY B 40 4.19 10.40 -39.96
CA GLY B 40 4.30 8.97 -40.05
C GLY B 40 3.31 8.25 -39.17
N VAL B 41 3.74 7.12 -38.58
CA VAL B 41 2.83 6.23 -37.87
C VAL B 41 3.47 5.75 -36.57
N ASN B 42 2.62 5.33 -35.65
CA ASN B 42 3.04 4.56 -34.50
C ASN B 42 3.30 3.13 -34.94
N LEU B 43 4.51 2.64 -34.68
CA LEU B 43 4.91 1.30 -35.05
C LEU B 43 5.47 0.63 -33.79
N SER B 44 4.68 -0.21 -33.13
CA SER B 44 3.33 -0.60 -33.52
C SER B 44 2.55 -1.01 -32.25
N GLY B 45 1.22 -0.94 -32.32
CA GLY B 45 0.40 -1.51 -31.27
C GLY B 45 0.68 -2.98 -30.99
N SER B 46 1.21 -3.71 -31.98
CA SER B 46 1.44 -5.14 -31.77
C SER B 46 2.53 -5.39 -30.74
N ALA B 47 3.35 -4.39 -30.43
CA ALA B 47 4.40 -4.55 -29.44
C ALA B 47 3.89 -4.46 -28.01
N LYS B 48 2.58 -4.27 -27.83
CA LYS B 48 2.04 -4.15 -26.47
C LYS B 48 1.98 -5.49 -25.73
N HIS B 49 1.99 -6.61 -26.45
CA HIS B 49 1.81 -7.91 -25.83
C HIS B 49 2.74 -8.93 -26.47
N PRO B 50 3.12 -9.97 -25.73
CA PRO B 50 4.04 -10.97 -26.28
C PRO B 50 3.38 -11.79 -27.37
N ASN B 51 4.22 -12.56 -28.06
CA ASN B 51 3.76 -13.37 -29.17
C ASN B 51 2.72 -14.39 -28.71
N ASN B 52 1.65 -14.49 -29.51
CA ASN B 52 0.55 -15.43 -29.28
C ASN B 52 -0.21 -15.17 -27.99
N GLN B 53 -0.06 -13.99 -27.37
CA GLN B 53 -0.83 -13.65 -26.18
C GLN B 53 -1.60 -12.35 -26.39
N PRO B 54 -2.48 -12.31 -27.39
CA PRO B 54 -3.36 -11.16 -27.54
C PRO B 54 -4.31 -11.05 -26.36
N SER B 55 -4.93 -9.87 -26.24
CA SER B 55 -5.65 -9.50 -25.04
C SER B 55 -6.89 -10.34 -24.79
N HIS B 56 -7.42 -11.02 -25.81
CA HIS B 56 -8.63 -11.78 -25.63
C HIS B 56 -8.38 -13.22 -25.17
N ILE B 57 -7.13 -13.64 -25.05
CA ILE B 57 -6.77 -15.02 -24.74
C ILE B 57 -6.30 -15.09 -23.29
N ARG B 58 -6.98 -15.91 -22.49
CA ARG B 58 -6.58 -16.12 -21.10
C ARG B 58 -5.58 -17.25 -20.95
N GLU B 59 -5.67 -18.30 -21.78
CA GLU B 59 -4.77 -19.42 -21.67
C GLU B 59 -3.31 -18.95 -21.78
N GLY B 60 -2.53 -19.21 -20.74
CA GLY B 60 -1.13 -18.83 -20.70
C GLY B 60 -0.87 -17.39 -20.32
N PHE B 61 -1.92 -16.58 -20.12
CA PHE B 61 -1.77 -15.16 -19.86
C PHE B 61 -1.06 -14.91 -18.53
N TRP B 62 -1.60 -15.47 -17.45
CA TRP B 62 -0.96 -15.28 -16.14
C TRP B 62 0.30 -16.13 -15.98
N GLU B 63 0.31 -17.33 -16.57
CA GLU B 63 1.35 -18.31 -16.25
C GLU B 63 2.70 -17.88 -16.79
N THR B 64 2.76 -17.49 -18.07
CA THR B 64 4.04 -17.08 -18.63
C THR B 64 4.59 -15.88 -17.90
N ALA B 65 3.73 -14.94 -17.50
CA ALA B 65 4.20 -13.75 -16.80
C ALA B 65 4.71 -14.09 -15.41
N GLU B 66 3.98 -14.93 -14.66
CA GLU B 66 4.43 -15.31 -13.32
C GLU B 66 5.80 -15.98 -13.35
N ALA B 67 6.15 -16.61 -14.46
CA ALA B 67 7.43 -17.28 -14.62
C ALA B 67 8.52 -16.37 -15.18
N GLY B 68 8.30 -15.05 -15.17
CA GLY B 68 9.29 -14.12 -15.66
C GLY B 68 9.51 -14.13 -17.16
N LYS B 69 8.64 -14.76 -17.92
CA LYS B 69 8.82 -14.83 -19.36
C LYS B 69 8.15 -13.62 -20.03
N GLY B 70 8.62 -13.32 -21.24
CA GLY B 70 8.05 -12.25 -22.02
C GLY B 70 8.63 -12.24 -23.43
N ASP B 71 8.00 -13.00 -24.33
CA ASP B 71 8.52 -13.21 -25.67
C ASP B 71 7.93 -12.17 -26.62
N PHE B 72 8.62 -11.04 -26.76
CA PHE B 72 8.19 -9.97 -27.64
C PHE B 72 8.95 -9.93 -28.95
N ILE B 73 9.97 -10.77 -29.11
CA ILE B 73 10.85 -10.70 -30.28
C ILE B 73 10.04 -10.80 -31.56
N ASN B 74 10.52 -10.12 -32.60
CA ASN B 74 9.94 -10.14 -33.95
C ASN B 74 8.61 -9.41 -34.03
N LYS B 75 8.29 -8.60 -33.02
CA LYS B 75 7.25 -7.60 -33.10
C LYS B 75 7.87 -6.26 -32.71
N PRO B 76 7.68 -5.20 -33.50
CA PRO B 76 6.70 -4.99 -34.57
C PRO B 76 6.98 -5.61 -35.93
N LEU B 77 8.24 -5.80 -36.30
CA LEU B 77 8.59 -6.34 -37.60
C LEU B 77 9.39 -7.63 -37.45
N ASN B 78 9.05 -8.61 -38.26
CA ASN B 78 9.76 -9.88 -38.27
C ASN B 78 10.98 -9.74 -39.17
N LEU B 79 12.17 -9.81 -38.57
CA LEU B 79 13.41 -9.62 -39.31
C LEU B 79 13.93 -10.90 -39.96
N ASP B 80 13.19 -12.01 -39.86
CA ASP B 80 13.65 -13.29 -40.35
C ASP B 80 13.03 -13.71 -41.67
N ASP B 81 11.79 -13.29 -41.94
CA ASP B 81 11.04 -13.78 -43.09
C ASP B 81 10.94 -12.77 -44.23
N GLY B 82 11.71 -11.69 -44.19
CA GLY B 82 11.73 -10.73 -45.28
C GLY B 82 10.53 -9.81 -45.34
N SER B 83 9.59 -9.93 -44.41
CA SER B 83 8.40 -9.11 -44.43
C SER B 83 8.70 -7.66 -44.04
N ALA B 84 9.76 -7.43 -43.25
CA ALA B 84 9.96 -6.12 -42.67
C ALA B 84 10.28 -5.07 -43.73
N ASP B 85 11.08 -5.44 -44.73
CA ASP B 85 11.44 -4.48 -45.76
C ASP B 85 10.22 -4.04 -46.57
N LEU B 86 9.27 -4.94 -46.78
CA LEU B 86 8.07 -4.57 -47.51
C LEU B 86 7.20 -3.60 -46.71
N HIS B 87 7.02 -3.86 -45.41
CA HIS B 87 6.25 -2.94 -44.59
C HIS B 87 6.87 -1.56 -44.58
N LEU B 88 8.19 -1.48 -44.44
CA LEU B 88 8.84 -0.17 -44.42
C LEU B 88 8.79 0.49 -45.80
N ALA B 89 8.82 -0.31 -46.86
CA ALA B 89 8.73 0.23 -48.21
C ALA B 89 7.36 0.86 -48.43
N ARG B 90 6.31 0.21 -47.95
CA ARG B 90 4.96 0.75 -48.04
C ARG B 90 4.88 2.09 -47.31
N LEU B 91 5.36 2.12 -46.07
CA LEU B 91 5.28 3.36 -45.29
C LEU B 91 6.03 4.47 -45.99
N LYS B 92 7.21 4.17 -46.53
CA LYS B 92 7.96 5.17 -47.29
C LYS B 92 7.20 5.59 -48.54
N ALA B 93 6.62 4.62 -49.27
CA ALA B 93 5.88 4.96 -50.47
C ALA B 93 4.69 5.85 -50.17
N TRP B 94 4.12 5.74 -48.97
CA TRP B 94 3.02 6.60 -48.56
C TRP B 94 3.50 8.00 -48.19
N GLY B 95 4.79 8.28 -48.29
CA GLY B 95 5.34 9.59 -48.01
C GLY B 95 5.85 9.78 -46.61
N TYR B 96 5.82 8.74 -45.79
CA TYR B 96 6.13 8.88 -44.37
C TYR B 96 7.64 8.91 -44.14
N ASN B 97 8.05 9.76 -43.20
CA ASN B 97 9.45 9.87 -42.80
C ASN B 97 9.62 9.81 -41.29
N LEU B 98 8.58 9.43 -40.54
CA LEU B 98 8.61 9.42 -39.09
C LEU B 98 8.00 8.13 -38.55
N LEU B 99 8.65 7.58 -37.52
CA LEU B 99 8.11 6.46 -36.78
C LEU B 99 8.14 6.81 -35.30
N ARG B 100 7.01 6.65 -34.63
CA ARG B 100 6.98 6.61 -33.17
C ARG B 100 7.09 5.15 -32.79
N TYR B 101 8.21 4.77 -32.19
CA TYR B 101 8.53 3.36 -31.96
C TYR B 101 8.04 2.93 -30.59
N VAL B 102 7.13 1.95 -30.58
CA VAL B 102 6.45 1.51 -29.37
C VAL B 102 7.24 0.37 -28.73
N PHE B 103 7.52 0.51 -27.43
CA PHE B 103 8.10 -0.56 -26.63
C PHE B 103 7.55 -0.41 -25.21
N THR B 104 7.52 -1.52 -24.48
CA THR B 104 6.97 -1.54 -23.13
C THR B 104 8.03 -1.86 -22.07
N TRP B 105 7.80 -1.35 -20.87
CA TRP B 105 8.56 -1.72 -19.69
C TRP B 105 8.59 -3.22 -19.51
N GLU B 106 7.44 -3.88 -19.70
CA GLU B 106 7.37 -5.32 -19.57
C GLU B 106 8.36 -6.00 -20.47
N SER B 107 8.41 -5.60 -21.74
CA SER B 107 9.30 -6.23 -22.71
C SER B 107 10.77 -6.09 -22.33
N LEU B 108 11.10 -5.11 -21.50
CA LEU B 108 12.47 -4.88 -21.09
C LEU B 108 12.84 -5.56 -19.78
N GLU B 109 11.88 -5.80 -18.88
CA GLU B 109 12.20 -6.16 -17.50
C GLU B 109 11.21 -7.17 -16.94
N HIS B 110 10.77 -8.11 -17.77
CA HIS B 110 9.74 -9.05 -17.34
C HIS B 110 10.31 -10.11 -16.41
N ALA B 111 11.61 -10.43 -16.55
CA ALA B 111 12.21 -11.45 -15.69
C ALA B 111 12.09 -11.09 -14.21
N GLY B 112 12.16 -9.80 -13.89
CA GLY B 112 12.16 -9.35 -12.52
C GLY B 112 13.01 -8.10 -12.37
N PRO B 113 12.99 -7.50 -11.20
CA PRO B 113 13.70 -6.21 -11.02
C PRO B 113 15.15 -6.24 -11.48
N LYS B 114 15.48 -5.36 -12.43
CA LYS B 114 16.81 -5.16 -12.98
C LYS B 114 17.35 -6.40 -13.69
N GLU B 115 16.46 -7.32 -14.04
CA GLU B 115 16.77 -8.47 -14.88
C GLU B 115 16.27 -8.11 -16.27
N TYR B 116 17.13 -7.46 -17.05
CA TYR B 116 16.71 -6.86 -18.31
C TYR B 116 16.83 -7.87 -19.44
N ASP B 117 15.96 -7.71 -20.44
CA ASP B 117 15.93 -8.59 -21.61
C ASP B 117 16.83 -7.98 -22.69
N TYR B 118 18.12 -8.31 -22.62
CA TYR B 118 19.08 -7.69 -23.52
C TYR B 118 18.92 -8.22 -24.94
N ALA B 119 18.43 -9.45 -25.09
CA ALA B 119 18.17 -9.96 -26.43
C ALA B 119 17.07 -9.16 -27.11
N TYR B 120 16.06 -8.74 -26.35
CA TYR B 120 15.02 -7.90 -26.92
C TYR B 120 15.56 -6.52 -27.28
N MET B 121 16.39 -5.95 -26.41
CA MET B 121 16.97 -4.65 -26.72
C MET B 121 17.80 -4.72 -28.00
N ASP B 122 18.51 -5.83 -28.21
CA ASP B 122 19.27 -5.99 -29.44
C ASP B 122 18.37 -6.22 -30.64
N TYR B 123 17.18 -6.80 -30.42
CA TYR B 123 16.22 -6.88 -31.51
C TYR B 123 15.71 -5.48 -31.88
N ILE B 124 15.36 -4.69 -30.86
CA ILE B 124 14.95 -3.31 -31.11
C ILE B 124 16.02 -2.59 -31.93
N ILE B 125 17.28 -2.77 -31.58
CA ILE B 125 18.39 -2.15 -32.30
C ILE B 125 18.41 -2.62 -33.75
N ALA B 126 18.14 -3.91 -33.98
CA ALA B 126 18.12 -4.41 -35.35
C ALA B 126 16.95 -3.84 -36.14
N VAL B 127 15.80 -3.63 -35.49
CA VAL B 127 14.68 -2.99 -36.17
C VAL B 127 15.02 -1.54 -36.50
N LEU B 128 15.60 -0.83 -35.54
CA LEU B 128 15.90 0.59 -35.77
C LEU B 128 16.91 0.78 -36.89
N ARG B 129 17.88 -0.14 -37.02
CA ARG B 129 18.83 -0.04 -38.13
C ARG B 129 18.13 -0.25 -39.47
N LYS B 130 17.15 -1.15 -39.51
CA LYS B 130 16.34 -1.31 -40.71
C LYS B 130 15.53 -0.05 -40.99
N CYS B 131 15.01 0.59 -39.95
CA CYS B 131 14.31 1.87 -40.13
C CYS B 131 15.25 2.94 -40.68
N LYS B 132 16.48 2.99 -40.17
CA LYS B 132 17.43 3.98 -40.67
C LYS B 132 17.81 3.70 -42.12
N GLU B 133 17.90 2.43 -42.48
CA GLU B 133 18.16 2.06 -43.87
C GLU B 133 17.08 2.59 -44.80
N TRP B 134 15.84 2.64 -44.34
CA TRP B 134 14.72 3.12 -45.13
C TRP B 134 14.47 4.61 -44.93
N GLY B 135 15.38 5.31 -44.24
CA GLY B 135 15.35 6.75 -44.22
C GLY B 135 14.41 7.38 -43.21
N PHE B 136 13.97 6.63 -42.20
CA PHE B 136 13.01 7.16 -41.24
C PHE B 136 13.72 7.85 -40.07
N ARG B 137 13.10 8.91 -39.57
CA ARG B 137 13.42 9.44 -38.25
C ARG B 137 12.52 8.75 -37.23
N VAL B 138 13.07 8.45 -36.06
CA VAL B 138 12.37 7.68 -35.03
C VAL B 138 12.49 8.42 -33.70
N PHE B 139 11.40 8.47 -32.94
CA PHE B 139 11.49 8.81 -31.52
C PHE B 139 10.81 7.71 -30.71
N MET B 140 11.38 7.44 -29.54
CA MET B 140 11.08 6.24 -28.76
C MET B 140 9.96 6.49 -27.77
N ASP B 141 8.98 5.60 -27.75
CA ASP B 141 7.80 5.75 -26.91
C ASP B 141 7.78 4.66 -25.83
N PRO B 142 8.16 4.97 -24.58
CA PRO B 142 7.91 4.01 -23.49
C PRO B 142 6.42 3.93 -23.24
N HIS B 143 5.80 2.84 -23.69
CA HIS B 143 4.36 2.79 -23.86
C HIS B 143 3.68 2.05 -22.73
N GLN B 144 2.51 2.55 -22.34
CA GLN B 144 1.67 1.90 -21.35
C GLN B 144 0.23 2.31 -21.59
N ASP B 145 -0.70 1.44 -21.17
CA ASP B 145 -2.12 1.76 -21.10
C ASP B 145 -2.65 1.20 -19.79
N VAL B 146 -3.36 2.04 -19.03
CA VAL B 146 -3.91 1.69 -17.73
C VAL B 146 -2.94 0.81 -16.97
N TRP B 147 -1.69 1.27 -16.92
CA TRP B 147 -0.57 0.74 -16.16
C TRP B 147 0.05 -0.53 -16.73
N SER B 148 -0.75 -1.56 -17.03
CA SER B 148 -0.17 -2.80 -17.52
C SER B 148 -1.23 -3.67 -18.17
N ARG B 149 -0.77 -4.66 -18.93
CA ARG B 149 -1.68 -5.67 -19.47
C ARG B 149 -2.51 -6.33 -18.36
N PHE B 150 -1.91 -6.54 -17.19
CA PHE B 150 -2.55 -7.25 -16.09
C PHE B 150 -3.55 -6.39 -15.34
N THR B 151 -3.61 -5.10 -15.66
CA THR B 151 -4.62 -4.21 -15.11
C THR B 151 -5.47 -3.59 -16.22
N GLY B 152 -5.47 -4.21 -17.40
CA GLY B 152 -6.40 -3.88 -18.47
C GLY B 152 -5.82 -3.35 -19.76
N GLY B 153 -4.49 -3.20 -19.88
CA GLY B 153 -3.93 -2.52 -21.04
C GLY B 153 -2.57 -3.00 -21.51
N SER B 154 -1.52 -2.24 -21.19
CA SER B 154 -0.16 -2.60 -21.56
C SER B 154 0.78 -1.80 -20.67
N GLY B 155 2.06 -2.18 -20.70
CA GLY B 155 3.07 -1.42 -19.98
C GLY B 155 3.94 -2.19 -19.02
N ALA B 156 3.59 -2.12 -17.72
CA ALA B 156 4.50 -2.55 -16.66
C ALA B 156 4.52 -4.06 -16.50
N PRO B 157 5.64 -4.61 -16.03
CA PRO B 157 5.70 -6.05 -15.77
C PRO B 157 4.79 -6.46 -14.61
N LEU B 158 4.39 -7.73 -14.64
CA LEU B 158 3.46 -8.26 -13.65
C LEU B 158 3.94 -8.00 -12.22
N TRP B 159 5.24 -8.09 -11.98
CA TRP B 159 5.72 -8.02 -10.61
C TRP B 159 5.49 -6.65 -9.96
N THR B 160 5.18 -5.62 -10.75
CA THR B 160 4.86 -4.33 -10.13
C THR B 160 3.54 -4.39 -9.37
N LEU B 161 2.59 -5.20 -9.84
CA LEU B 161 1.36 -5.38 -9.09
C LEU B 161 1.65 -5.96 -7.71
N TYR B 162 2.53 -6.97 -7.66
CA TYR B 162 2.89 -7.58 -6.38
C TYR B 162 3.63 -6.59 -5.51
N ALA B 163 4.49 -5.76 -6.11
CA ALA B 163 5.21 -4.76 -5.35
C ALA B 163 4.27 -3.77 -4.68
N CYS B 164 3.12 -3.48 -5.30
CA CYS B 164 2.16 -2.57 -4.71
C CYS B 164 1.18 -3.26 -3.78
N GLY B 165 1.34 -4.56 -3.56
CA GLY B 165 0.50 -5.26 -2.59
C GLY B 165 -0.82 -5.75 -3.12
N ILE B 166 -0.94 -5.96 -4.42
CA ILE B 166 -2.19 -6.33 -5.07
C ILE B 166 -2.10 -7.77 -5.53
N ASP B 167 -3.17 -8.52 -5.29
CA ASP B 167 -3.26 -9.90 -5.77
C ASP B 167 -3.88 -9.89 -7.16
N PRO B 168 -3.11 -10.13 -8.22
CA PRO B 168 -3.67 -9.98 -9.58
C PRO B 168 -4.88 -10.85 -9.85
N TYR B 169 -5.04 -11.97 -9.14
CA TYR B 169 -6.15 -12.87 -9.43
C TYR B 169 -7.47 -12.43 -8.80
N HIS B 170 -7.44 -11.37 -8.00
CA HIS B 170 -8.65 -10.81 -7.40
C HIS B 170 -9.07 -9.50 -8.06
N LEU B 171 -8.44 -9.13 -9.17
CA LEU B 171 -8.83 -7.90 -9.86
C LEU B 171 -10.28 -7.97 -10.33
N THR B 172 -10.65 -9.05 -11.01
CA THR B 172 -11.98 -9.14 -11.62
C THR B 172 -13.07 -9.17 -10.56
N ALA B 173 -12.91 -10.01 -9.53
CA ALA B 173 -13.97 -10.19 -8.54
C ALA B 173 -14.27 -8.89 -7.81
N THR B 174 -13.26 -8.04 -7.62
CA THR B 174 -13.43 -6.78 -6.91
C THR B 174 -13.72 -5.62 -7.85
N ALA B 175 -13.83 -5.88 -9.16
CA ALA B 175 -13.99 -4.85 -10.18
C ALA B 175 -12.88 -3.81 -10.10
N ALA B 176 -11.71 -4.20 -9.59
CA ALA B 176 -10.59 -3.27 -9.49
C ALA B 176 -9.95 -3.01 -10.84
N ALA B 177 -10.13 -3.92 -11.80
CA ALA B 177 -9.76 -3.70 -13.19
C ALA B 177 -10.60 -4.65 -14.03
N TYR B 178 -10.94 -4.20 -15.23
CA TYR B 178 -11.67 -5.00 -16.20
C TYR B 178 -10.65 -5.49 -17.22
N LEU B 179 -10.45 -6.80 -17.26
CA LEU B 179 -9.49 -7.43 -18.17
C LEU B 179 -10.26 -8.07 -19.30
N HIS B 180 -9.84 -7.79 -20.54
CA HIS B 180 -10.47 -8.37 -21.71
C HIS B 180 -10.55 -9.89 -21.61
N CYS B 181 -9.46 -10.53 -21.18
CA CYS B 181 -9.41 -12.00 -21.14
C CYS B 181 -10.34 -12.59 -20.08
N GLU B 182 -10.83 -11.78 -19.14
CA GLU B 182 -11.68 -12.28 -18.05
C GLU B 182 -13.03 -11.58 -18.03
N TRP B 183 -13.52 -11.17 -19.19
CA TRP B 183 -14.79 -10.48 -19.26
C TRP B 183 -15.86 -11.41 -19.79
N PRO B 184 -17.02 -11.50 -19.14
CA PRO B 184 -17.41 -10.77 -17.93
C PRO B 184 -16.93 -11.46 -16.63
N SER B 185 -16.34 -12.64 -16.76
CA SER B 185 -15.79 -13.35 -15.61
C SER B 185 -14.65 -14.22 -16.10
N ALA B 186 -13.71 -14.50 -15.20
CA ALA B 186 -12.65 -15.45 -15.53
C ALA B 186 -13.20 -16.84 -15.76
N GLU B 187 -14.30 -17.19 -15.10
CA GLU B 187 -14.88 -18.52 -15.24
C GLU B 187 -15.41 -18.73 -16.66
N SER B 188 -16.17 -17.76 -17.17
CA SER B 188 -16.93 -17.90 -18.40
C SER B 188 -16.73 -16.65 -19.24
N PRO B 189 -15.54 -16.46 -19.81
CA PRO B 189 -15.27 -15.21 -20.52
C PRO B 189 -15.87 -15.22 -21.92
N LYS B 190 -16.35 -14.05 -22.33
CA LYS B 190 -16.90 -13.82 -23.66
C LYS B 190 -16.19 -12.60 -24.25
N PRO B 191 -14.92 -12.76 -24.64
CA PRO B 191 -14.13 -11.57 -25.04
C PRO B 191 -14.77 -10.74 -26.14
N GLN B 192 -15.51 -11.35 -27.06
CA GLN B 192 -16.09 -10.57 -28.15
C GLN B 192 -17.17 -9.63 -27.66
N ASP B 193 -17.74 -9.87 -26.48
CA ASP B 193 -18.71 -8.96 -25.89
C ASP B 193 -18.06 -7.84 -25.08
N PHE B 194 -16.74 -7.74 -25.08
CA PHE B 194 -16.04 -6.68 -24.35
C PHE B 194 -16.53 -5.32 -24.85
N PRO B 195 -17.20 -4.52 -24.02
CA PRO B 195 -17.81 -3.29 -24.52
C PRO B 195 -16.78 -2.33 -25.09
N ALA B 196 -17.21 -1.58 -26.10
CA ALA B 196 -16.31 -0.73 -26.87
C ALA B 196 -15.63 0.30 -25.99
N MET B 197 -14.30 0.29 -26.01
CA MET B 197 -13.47 1.27 -25.32
C MET B 197 -13.70 1.29 -23.81
N ILE B 198 -14.22 0.21 -23.22
CA ILE B 198 -14.33 0.19 -21.77
C ILE B 198 -12.95 0.08 -21.11
N TRP B 199 -11.93 -0.38 -21.83
CA TRP B 199 -10.60 -0.56 -21.22
C TRP B 199 -10.14 0.72 -20.56
N GLY B 200 -10.46 1.87 -21.16
CA GLY B 200 -9.97 3.14 -20.63
C GLY B 200 -10.53 3.50 -19.27
N THR B 201 -11.69 2.95 -18.90
CA THR B 201 -12.23 3.26 -17.58
C THR B 201 -11.39 2.67 -16.45
N ASN B 202 -10.47 1.76 -16.75
CA ASN B 202 -9.62 1.20 -15.70
C ASN B 202 -8.81 2.27 -14.99
N TYR B 203 -8.60 3.43 -15.63
CA TYR B 203 -7.92 4.55 -14.98
C TYR B 203 -8.68 5.02 -13.74
N THR B 204 -10.00 4.83 -13.70
CA THR B 204 -10.82 5.25 -12.57
C THR B 204 -11.43 4.05 -11.83
N HIS B 205 -10.74 2.91 -11.86
CA HIS B 205 -11.03 1.78 -11.00
C HIS B 205 -9.85 1.56 -10.06
N LEU B 206 -10.06 0.72 -9.03
CA LEU B 206 -9.22 0.77 -7.84
C LEU B 206 -7.77 0.44 -8.10
N ALA B 207 -7.47 -0.54 -8.96
CA ALA B 207 -6.08 -0.94 -9.16
C ALA B 207 -5.25 0.20 -9.75
N ASN B 208 -5.72 0.79 -10.84
CA ASN B 208 -5.02 1.94 -11.41
C ASN B 208 -5.09 3.15 -10.49
N GLN B 209 -6.22 3.34 -9.82
CA GLN B 209 -6.33 4.44 -8.85
C GLN B 209 -5.26 4.32 -7.77
N THR B 210 -4.96 3.09 -7.34
CA THR B 210 -3.94 2.92 -6.31
C THR B 210 -2.54 3.02 -6.89
N ILE B 211 -2.29 2.37 -8.02
CA ILE B 211 -0.91 2.22 -8.49
C ILE B 211 -0.35 3.56 -8.98
N TRP B 212 -1.17 4.32 -9.72
CA TRP B 212 -0.68 5.62 -10.20
C TRP B 212 -0.42 6.58 -9.05
N THR B 213 -1.24 6.49 -7.99
CA THR B 213 -0.98 7.31 -6.81
C THR B 213 0.35 6.91 -6.18
N PHE B 214 0.59 5.60 -6.04
CA PHE B 214 1.89 5.13 -5.60
C PHE B 214 2.99 5.67 -6.50
N PHE B 215 2.84 5.47 -7.80
CA PHE B 215 3.90 5.81 -8.75
C PHE B 215 4.27 7.29 -8.67
N PHE B 216 3.29 8.17 -8.67
CA PHE B 216 3.59 9.58 -8.84
C PHE B 216 3.71 10.32 -7.52
N ALA B 217 3.01 9.87 -6.47
CA ALA B 217 2.95 10.65 -5.24
C ALA B 217 2.91 9.76 -3.99
N GLY B 218 3.52 8.57 -4.04
CA GLY B 218 3.49 7.69 -2.89
C GLY B 218 4.09 8.32 -1.64
N LYS B 219 5.14 9.12 -1.80
CA LYS B 219 5.78 9.72 -0.64
C LYS B 219 4.83 10.66 0.09
N THR B 220 3.84 11.21 -0.62
CA THR B 220 2.90 12.16 -0.07
C THR B 220 1.68 11.48 0.52
N TYR B 221 1.11 10.50 -0.20
CA TYR B 221 -0.15 9.91 0.19
C TYR B 221 -0.06 8.51 0.76
N ALA B 222 1.07 7.80 0.56
CA ALA B 222 1.26 6.45 1.10
C ALA B 222 2.62 6.34 1.78
N PRO B 223 2.89 7.19 2.78
CA PRO B 223 4.24 7.26 3.36
C PRO B 223 4.66 5.99 4.09
N LYS B 224 3.73 5.11 4.42
CA LYS B 224 4.07 3.87 5.10
C LYS B 224 4.44 2.75 4.14
N CYS B 225 4.33 2.98 2.83
CA CYS B 225 4.57 1.93 1.84
C CYS B 225 6.05 1.98 1.46
N ILE B 226 6.85 1.39 2.35
CA ILE B 226 8.29 1.32 2.20
C ILE B 226 8.66 -0.04 1.61
N ILE B 227 9.58 -0.03 0.65
CA ILE B 227 9.99 -1.25 -0.04
C ILE B 227 11.47 -1.08 -0.37
N ASP B 228 12.29 -2.03 0.08
CA ASP B 228 13.73 -1.92 -0.08
C ASP B 228 14.25 -0.62 0.52
N GLY B 229 13.68 -0.22 1.65
CA GLY B 229 14.08 1.00 2.31
C GLY B 229 13.62 2.27 1.66
N LYS B 230 12.95 2.21 0.51
CA LYS B 230 12.46 3.39 -0.19
C LYS B 230 10.93 3.42 -0.11
N ASN B 231 10.36 4.60 -0.37
CA ASN B 231 8.93 4.65 -0.64
C ASN B 231 8.63 4.00 -1.98
N ILE B 232 7.44 3.41 -2.10
CA ILE B 232 7.05 2.75 -3.34
C ILE B 232 7.15 3.71 -4.53
N GLN B 233 6.98 5.01 -4.28
CA GLN B 233 7.13 5.99 -5.36
C GLN B 233 8.52 5.90 -5.99
N ASP B 234 9.57 5.91 -5.15
CA ASP B 234 10.93 5.85 -5.67
C ASP B 234 11.24 4.49 -6.25
N PHE B 235 10.73 3.43 -5.61
CA PHE B 235 10.93 2.09 -6.12
C PHE B 235 10.39 1.97 -7.55
N LEU B 236 9.13 2.29 -7.75
CA LEU B 236 8.53 2.14 -9.08
C LEU B 236 9.18 3.07 -10.10
N GLN B 237 9.34 4.36 -9.76
CA GLN B 237 9.88 5.30 -10.73
C GLN B 237 11.31 4.94 -11.10
N ASP B 238 12.14 4.63 -10.10
CA ASP B 238 13.53 4.27 -10.38
C ASP B 238 13.61 3.07 -11.31
N HIS B 239 12.78 2.05 -11.10
CA HIS B 239 12.87 0.87 -11.97
C HIS B 239 12.41 1.20 -13.39
N PHE B 240 11.34 2.01 -13.53
CA PHE B 240 10.89 2.38 -14.86
C PHE B 240 11.95 3.21 -15.56
N ILE B 241 12.48 4.22 -14.85
CA ILE B 241 13.50 5.08 -15.45
C ILE B 241 14.76 4.28 -15.77
N ASP B 242 15.15 3.37 -14.87
CA ASP B 242 16.33 2.55 -15.12
C ASP B 242 16.11 1.62 -16.32
N ALA B 243 14.90 1.11 -16.49
CA ALA B 243 14.64 0.21 -17.60
C ALA B 243 14.78 0.92 -18.94
N VAL B 244 14.08 2.06 -19.09
CA VAL B 244 14.24 2.85 -20.31
C VAL B 244 15.68 3.29 -20.47
N GLY B 245 16.29 3.77 -19.38
CA GLY B 245 17.70 4.15 -19.44
C GLY B 245 18.61 3.04 -19.91
N GLU B 246 18.26 1.79 -19.56
CA GLU B 246 19.10 0.67 -19.98
C GLU B 246 18.99 0.42 -21.48
N LEU B 247 17.81 0.65 -22.07
CA LEU B 247 17.69 0.56 -23.52
C LEU B 247 18.42 1.71 -24.20
N ALA B 248 18.30 2.93 -23.65
CA ALA B 248 19.04 4.06 -24.17
C ALA B 248 20.54 3.82 -24.06
N LYS B 249 20.99 3.29 -22.93
CA LYS B 249 22.41 2.96 -22.80
C LYS B 249 22.82 1.92 -23.84
N ARG B 250 22.01 0.87 -24.00
CA ARG B 250 22.34 -0.17 -24.96
C ARG B 250 22.49 0.39 -26.37
N ILE B 251 21.58 1.28 -26.76
CA ILE B 251 21.66 1.87 -28.09
C ILE B 251 22.90 2.74 -28.21
N ALA B 252 23.11 3.63 -27.23
CA ALA B 252 24.23 4.56 -27.32
C ALA B 252 25.56 3.82 -27.38
N GLU B 253 25.69 2.71 -26.66
CA GLU B 253 26.97 2.01 -26.57
C GLU B 253 27.14 0.93 -27.63
N GLU B 254 26.07 0.24 -28.01
CA GLU B 254 26.18 -0.83 -29.00
C GLU B 254 25.78 -0.40 -30.39
N ALA B 255 25.11 0.75 -30.54
CA ALA B 255 24.56 1.16 -31.82
C ALA B 255 24.49 2.69 -31.93
N GLY B 256 25.58 3.35 -31.57
CA GLY B 256 25.68 4.80 -31.68
C GLY B 256 25.38 5.32 -33.07
N ASP B 257 25.55 4.48 -34.08
CA ASP B 257 25.20 4.83 -35.44
C ASP B 257 23.74 5.27 -35.58
N LEU B 258 22.88 4.82 -34.66
CA LEU B 258 21.47 5.16 -34.72
C LEU B 258 21.17 6.58 -34.23
N LEU B 259 22.01 7.11 -33.35
CA LEU B 259 21.70 8.34 -32.65
C LEU B 259 21.71 9.55 -33.58
N ASP B 260 20.62 10.33 -33.53
CA ASP B 260 20.51 11.64 -34.17
C ASP B 260 20.28 11.51 -35.65
N GLU B 261 20.95 10.56 -36.32
CA GLU B 261 20.64 10.30 -37.72
C GLU B 261 19.25 9.69 -37.86
N CYS B 262 18.90 8.73 -36.99
CA CYS B 262 17.60 8.07 -37.03
C CYS B 262 16.83 8.25 -35.72
N VAL B 263 17.37 7.83 -34.59
CA VAL B 263 16.68 8.03 -33.31
C VAL B 263 16.98 9.47 -32.87
N ILE B 264 16.00 10.37 -33.04
CA ILE B 264 16.25 11.77 -32.72
C ILE B 264 15.88 12.15 -31.30
N GLY B 265 15.08 11.35 -30.61
CA GLY B 265 14.73 11.69 -29.25
C GLY B 265 13.87 10.62 -28.60
N TRP B 266 13.39 10.94 -27.40
CA TRP B 266 12.61 10.03 -26.56
C TRP B 266 11.34 10.75 -26.09
N ASP B 267 10.20 10.07 -26.21
CA ASP B 267 8.97 10.48 -25.57
C ASP B 267 9.03 10.20 -24.07
N SER B 268 8.20 10.92 -23.32
CA SER B 268 8.02 10.61 -21.90
C SER B 268 6.96 9.52 -21.77
N ILE B 269 6.72 9.09 -20.53
CA ILE B 269 5.83 7.96 -20.31
C ILE B 269 4.47 8.23 -20.95
N ASN B 270 3.97 7.24 -21.67
CA ASN B 270 2.74 7.38 -22.43
C ASN B 270 1.53 7.59 -21.51
N GLU B 271 0.68 8.57 -21.87
CA GLU B 271 -0.61 8.89 -21.26
C GLU B 271 -0.69 8.46 -19.80
N PRO B 272 0.08 9.08 -18.91
CA PRO B 272 0.18 8.57 -17.55
C PRO B 272 -1.08 8.78 -16.74
N GLY B 273 -1.37 7.83 -15.87
CA GLY B 273 -2.51 7.95 -14.98
C GLY B 273 -2.26 8.90 -13.83
N GLU B 274 -3.33 9.58 -13.43
CA GLU B 274 -3.29 10.45 -12.26
C GLU B 274 -3.69 9.74 -10.97
N GLY B 275 -4.18 8.50 -11.06
CA GLY B 275 -4.62 7.82 -9.86
C GLY B 275 -5.71 8.60 -9.16
N LEU B 276 -5.58 8.76 -7.85
CA LEU B 276 -6.52 9.54 -7.05
C LEU B 276 -6.03 10.96 -6.79
N ILE B 277 -4.88 11.33 -7.37
CA ILE B 277 -4.28 12.61 -7.04
C ILE B 277 -5.20 13.73 -7.50
N GLY B 278 -5.47 14.67 -6.58
CA GLY B 278 -6.36 15.77 -6.86
C GLY B 278 -7.83 15.48 -6.71
N CYS B 279 -8.21 14.25 -6.36
CA CYS B 279 -9.62 13.94 -6.19
C CYS B 279 -10.22 14.86 -5.12
N LYS B 280 -11.29 15.55 -5.50
CA LYS B 280 -11.90 16.53 -4.60
C LYS B 280 -12.71 15.86 -3.49
N ASP B 281 -13.35 14.73 -3.80
CA ASP B 281 -14.33 14.13 -2.91
C ASP B 281 -14.42 12.66 -3.29
N LEU B 282 -13.85 11.79 -2.47
CA LEU B 282 -13.82 10.37 -2.78
C LEU B 282 -15.20 9.73 -2.80
N ALA B 283 -16.23 10.45 -2.36
CA ALA B 283 -17.59 9.92 -2.35
C ALA B 283 -18.33 10.09 -3.67
N VAL B 284 -17.77 10.86 -4.61
CA VAL B 284 -18.48 11.12 -5.86
C VAL B 284 -17.54 11.01 -7.05
N ILE B 285 -18.11 10.72 -8.21
CA ILE B 285 -17.43 10.85 -9.49
C ILE B 285 -17.84 12.19 -10.09
N PRO B 286 -16.90 13.08 -10.38
CA PRO B 286 -17.28 14.42 -10.84
C PRO B 286 -17.82 14.40 -12.28
N ALA B 287 -18.58 15.45 -12.59
CA ALA B 287 -19.10 15.61 -13.94
C ALA B 287 -17.98 15.81 -14.94
N GLU B 288 -16.83 16.34 -14.50
CA GLU B 288 -15.75 16.67 -15.42
C GLU B 288 -15.10 15.42 -16.00
N GLN B 289 -15.10 14.31 -15.26
CA GLN B 289 -14.65 13.02 -15.79
C GLN B 289 -15.72 12.52 -16.75
N GLN B 290 -15.49 12.64 -18.06
CA GLN B 290 -16.46 12.15 -19.03
C GLN B 290 -15.97 10.93 -19.78
N LEU B 291 -15.00 10.21 -19.24
CA LEU B 291 -14.79 8.80 -19.59
C LEU B 291 -15.45 8.00 -18.46
N LYS B 292 -16.74 7.72 -18.62
CA LYS B 292 -17.47 6.81 -17.75
C LYS B 292 -18.27 5.87 -18.63
N LYS B 293 -18.13 4.57 -18.41
CA LYS B 293 -18.89 3.58 -19.15
C LYS B 293 -18.94 2.30 -18.33
N GLY B 294 -20.12 1.70 -18.23
CA GLY B 294 -20.31 0.49 -17.49
C GLY B 294 -20.38 0.75 -16.00
N PRO B 295 -20.30 -0.32 -15.19
CA PRO B 295 -20.25 -0.15 -13.73
C PRO B 295 -19.11 0.77 -13.33
N SER B 296 -19.45 1.86 -12.63
CA SER B 296 -18.51 2.93 -12.35
C SER B 296 -18.53 3.26 -10.86
N PRO B 297 -17.82 2.47 -10.05
CA PRO B 297 -17.73 2.80 -8.62
C PRO B 297 -17.03 4.13 -8.40
N THR B 298 -17.57 4.91 -7.47
CA THR B 298 -16.87 6.07 -6.93
C THR B 298 -15.60 5.56 -6.25
N PRO B 299 -14.67 6.44 -5.89
CA PRO B 299 -13.44 5.95 -5.22
C PRO B 299 -13.71 5.16 -3.95
N ILE B 300 -14.59 5.66 -3.07
CA ILE B 300 -14.83 4.96 -1.81
C ILE B 300 -15.57 3.64 -2.08
N GLU B 301 -16.48 3.62 -3.04
CA GLU B 301 -17.16 2.38 -3.39
C GLU B 301 -16.15 1.34 -3.90
N GLY B 302 -15.19 1.77 -4.71
CA GLY B 302 -14.17 0.84 -5.18
C GLY B 302 -13.30 0.32 -4.06
N MET B 303 -13.02 1.17 -3.06
CA MET B 303 -12.25 0.72 -1.89
C MET B 303 -13.03 -0.33 -1.10
N ARG B 304 -14.33 -0.09 -0.91
CA ARG B 304 -15.17 -1.07 -0.23
C ARG B 304 -15.18 -2.39 -1.00
N LEU B 305 -15.38 -2.31 -2.32
CA LEU B 305 -15.30 -3.52 -3.14
C LEU B 305 -13.95 -4.22 -2.97
N GLY B 306 -12.89 -3.44 -2.82
CA GLY B 306 -11.56 -4.01 -2.61
C GLY B 306 -11.39 -4.71 -1.28
N MET B 307 -12.25 -4.42 -0.31
CA MET B 307 -12.29 -5.14 0.95
C MET B 307 -13.32 -6.26 0.97
N GLY B 308 -13.94 -6.55 -0.18
CA GLY B 308 -14.86 -7.65 -0.31
C GLY B 308 -16.32 -7.31 -0.14
N GLU B 309 -16.66 -6.08 0.21
CA GLU B 309 -18.05 -5.71 0.47
C GLU B 309 -18.77 -5.39 -0.83
N ALA B 310 -19.96 -5.97 -0.99
CA ALA B 310 -20.76 -5.72 -2.19
C ALA B 310 -21.24 -4.27 -2.20
N GLN B 311 -21.35 -3.70 -3.39
CA GLN B 311 -21.81 -2.34 -3.56
C GLN B 311 -22.75 -2.23 -4.74
N ASP B 312 -23.80 -1.44 -4.57
CA ASP B 312 -24.73 -1.09 -5.64
C ASP B 312 -24.18 0.15 -6.33
N VAL B 313 -23.64 -0.01 -7.53
CA VAL B 313 -22.93 1.08 -8.19
C VAL B 313 -23.72 1.60 -9.38
N GLN B 314 -23.39 2.82 -9.79
CA GLN B 314 -24.00 3.43 -10.97
C GLN B 314 -23.30 2.97 -12.23
N ALA B 315 -24.06 2.43 -13.17
CA ALA B 315 -23.57 2.16 -14.51
C ALA B 315 -23.88 3.34 -15.41
N TRP B 316 -22.97 3.60 -16.35
CA TRP B 316 -23.13 4.73 -17.26
C TRP B 316 -23.18 4.24 -18.71
N ASN B 317 -23.93 4.97 -19.52
CA ASN B 317 -24.02 4.76 -20.95
C ASN B 317 -23.38 5.93 -21.68
N PHE B 318 -22.79 5.67 -22.84
CA PHE B 318 -22.19 6.72 -23.65
C PHE B 318 -23.19 7.13 -24.71
N GLY B 319 -23.78 8.31 -24.54
CA GLY B 319 -24.73 8.84 -25.47
C GLY B 319 -24.11 9.84 -26.41
N PRO B 320 -24.94 10.45 -27.26
CA PRO B 320 -24.39 11.35 -28.28
C PRO B 320 -23.68 12.57 -27.72
N MET B 321 -24.02 13.00 -26.51
CA MET B 321 -23.38 14.14 -25.88
C MET B 321 -22.52 13.72 -24.70
N GLY B 322 -22.11 12.45 -24.64
CA GLY B 322 -21.26 11.97 -23.58
C GLY B 322 -21.97 11.04 -22.62
N PRO B 323 -21.25 10.66 -21.56
CA PRO B 323 -21.82 9.72 -20.58
C PRO B 323 -23.11 10.22 -19.98
N TYR B 324 -24.05 9.31 -19.78
CA TYR B 324 -25.27 9.59 -19.03
C TYR B 324 -25.61 8.37 -18.18
N ARG B 325 -26.38 8.60 -17.13
CA ARG B 325 -26.64 7.57 -16.13
C ARG B 325 -27.61 6.53 -16.65
N GLY B 326 -27.23 5.26 -16.50
CA GLY B 326 -28.08 4.14 -16.78
C GLY B 326 -28.65 3.54 -15.52
N SER B 327 -28.67 2.22 -15.46
CA SER B 327 -29.21 1.53 -14.31
C SER B 327 -28.17 1.42 -13.19
N ARG B 328 -28.66 1.05 -12.00
CA ARG B 328 -27.79 0.68 -10.89
C ARG B 328 -27.58 -0.83 -10.92
N GLN B 329 -26.32 -1.25 -10.83
CA GLN B 329 -25.96 -2.66 -10.82
C GLN B 329 -25.17 -2.95 -9.56
N THR B 330 -25.39 -4.13 -8.97
CA THR B 330 -24.68 -4.53 -7.76
C THR B 330 -23.48 -5.39 -8.14
N ILE B 331 -22.33 -5.05 -7.58
CA ILE B 331 -21.11 -5.83 -7.72
C ILE B 331 -20.84 -6.47 -6.36
N ASP B 332 -20.64 -7.79 -6.36
CA ASP B 332 -20.51 -8.56 -5.12
C ASP B 332 -19.26 -9.42 -5.17
N PRO B 333 -18.16 -8.98 -4.56
CA PRO B 333 -16.95 -9.83 -4.52
C PRO B 333 -17.07 -11.05 -3.63
N LYS B 334 -18.16 -11.20 -2.86
CA LYS B 334 -18.34 -12.34 -1.97
C LYS B 334 -17.15 -12.50 -1.02
N GLY B 335 -16.73 -11.37 -0.44
CA GLY B 335 -15.64 -11.36 0.50
C GLY B 335 -14.24 -11.38 -0.07
N VAL B 336 -14.09 -11.54 -1.39
CA VAL B 336 -12.75 -11.55 -1.98
C VAL B 336 -12.17 -10.14 -1.95
N LYS B 337 -10.91 -10.03 -1.53
CA LYS B 337 -10.22 -8.76 -1.42
C LYS B 337 -9.11 -8.65 -2.47
N LEU B 338 -8.83 -7.42 -2.87
CA LEU B 338 -7.77 -7.18 -3.84
C LEU B 338 -6.38 -7.33 -3.25
N TRP B 339 -6.26 -7.21 -1.92
CA TRP B 339 -4.98 -6.99 -1.26
C TRP B 339 -4.29 -8.31 -0.97
N LEU B 340 -3.08 -8.44 -1.48
CA LEU B 340 -2.25 -9.61 -1.20
C LEU B 340 -2.10 -9.83 0.30
N SER B 341 -2.40 -11.03 0.75
CA SER B 341 -2.19 -11.37 2.15
C SER B 341 -0.69 -11.53 2.44
N LYS B 342 -0.36 -11.54 3.74
CA LYS B 342 1.05 -11.58 4.12
C LYS B 342 1.71 -12.88 3.65
N GLU B 343 1.04 -14.02 3.80
CA GLU B 343 1.66 -15.25 3.36
C GLU B 343 1.72 -15.34 1.84
N ASP B 344 0.75 -14.76 1.13
CA ASP B 344 0.87 -14.68 -0.32
C ASP B 344 2.06 -13.81 -0.71
N ASP B 345 2.35 -12.76 0.06
CA ASP B 345 3.47 -11.89 -0.27
C ASP B 345 4.80 -12.63 -0.13
N VAL B 346 4.88 -13.54 0.85
CA VAL B 346 6.09 -14.31 1.05
C VAL B 346 6.33 -15.25 -0.12
N LYS B 347 5.27 -15.88 -0.61
CA LYS B 347 5.41 -16.94 -1.61
C LYS B 347 5.32 -16.41 -3.03
N ARG B 348 4.57 -15.31 -3.24
CA ARG B 348 4.30 -14.80 -4.57
C ARG B 348 4.74 -13.36 -4.78
N GLY B 349 5.10 -12.65 -3.73
CA GLY B 349 5.46 -11.25 -3.83
C GLY B 349 6.89 -10.94 -3.45
N SER B 350 7.07 -10.19 -2.37
CA SER B 350 8.41 -9.81 -1.92
C SER B 350 9.37 -11.00 -1.91
N GLY B 351 8.91 -12.14 -1.38
CA GLY B 351 9.79 -13.28 -1.23
C GLY B 351 10.13 -13.96 -2.53
N LYS B 352 9.28 -13.81 -3.55
CA LYS B 352 9.52 -14.44 -4.83
C LYS B 352 10.36 -13.57 -5.75
N TRP B 353 10.07 -12.27 -5.81
CA TRP B 353 10.72 -11.37 -6.74
C TRP B 353 11.94 -10.67 -6.16
N GLY B 354 12.05 -10.63 -4.84
CA GLY B 354 13.28 -10.19 -4.21
C GLY B 354 13.34 -8.75 -3.75
N TRP B 355 12.35 -8.32 -2.98
CA TRP B 355 12.44 -7.03 -2.30
C TRP B 355 12.03 -7.22 -0.84
N THR B 356 12.32 -6.19 -0.04
CA THR B 356 12.00 -6.19 1.37
C THR B 356 10.90 -5.17 1.61
N ARG B 357 9.75 -5.62 2.10
CA ARG B 357 8.64 -4.74 2.40
C ARG B 357 8.72 -4.20 3.82
N GLY B 358 8.48 -2.90 3.97
CA GLY B 358 8.56 -2.28 5.27
C GLY B 358 7.55 -2.85 6.25
N LYS B 359 7.83 -2.63 7.54
CA LYS B 359 6.99 -3.20 8.58
C LYS B 359 5.62 -2.53 8.66
N GLU B 360 5.55 -1.24 8.35
CA GLU B 360 4.30 -0.49 8.46
C GLU B 360 3.43 -0.58 7.22
N TRP B 361 3.84 -1.36 6.22
CA TRP B 361 3.02 -1.57 5.02
C TRP B 361 2.06 -2.73 5.31
N ALA B 362 0.85 -2.38 5.76
CA ALA B 362 -0.16 -3.39 6.05
C ALA B 362 -0.52 -4.14 4.77
N LEU B 363 -0.57 -5.46 4.86
CA LEU B 363 -0.94 -6.34 3.76
C LEU B 363 -2.28 -7.00 4.05
N GLY B 364 -2.96 -7.42 2.98
CA GLY B 364 -4.24 -8.07 3.10
C GLY B 364 -5.39 -7.18 3.48
N THR B 365 -5.16 -5.88 3.62
CA THR B 365 -6.19 -4.92 4.00
C THR B 365 -5.95 -3.64 3.24
N CYS B 366 -7.00 -2.84 3.09
CA CYS B 366 -6.91 -1.68 2.20
C CYS B 366 -5.83 -0.73 2.70
N ILE B 367 -4.96 -0.30 1.78
CA ILE B 367 -3.84 0.57 2.13
C ILE B 367 -4.28 2.00 2.40
N TRP B 368 -5.40 2.44 1.83
CA TRP B 368 -5.88 3.79 2.08
C TRP B 368 -6.58 3.88 3.43
N ALA B 369 -7.37 2.88 3.79
CA ALA B 369 -7.87 2.80 5.16
C ALA B 369 -6.71 2.81 6.17
N HIS B 370 -5.66 2.03 5.89
CA HIS B 370 -4.49 2.01 6.77
C HIS B 370 -3.84 3.37 6.88
N HIS B 371 -4.08 4.29 5.95
CA HIS B 371 -3.60 5.66 6.05
C HIS B 371 -4.67 6.62 6.54
N GLY B 372 -5.78 6.11 7.06
CA GLY B 372 -6.81 6.95 7.64
C GLY B 372 -7.82 7.51 6.67
N VAL B 373 -7.77 7.11 5.40
CA VAL B 373 -8.74 7.62 4.43
C VAL B 373 -10.15 7.21 4.82
N TRP B 374 -10.34 5.93 5.15
CA TRP B 374 -11.64 5.47 5.59
C TRP B 374 -11.48 4.41 6.69
N GLU B 375 -12.61 4.02 7.24
CA GLU B 375 -12.68 3.20 8.45
C GLU B 375 -13.33 1.88 8.05
N ILE B 376 -12.57 0.79 8.15
CA ILE B 376 -13.07 -0.50 7.67
C ILE B 376 -14.20 -1.00 8.56
N ALA B 377 -14.04 -0.88 9.88
CA ALA B 377 -15.04 -1.44 10.79
C ALA B 377 -16.44 -0.90 10.49
N THR B 378 -16.55 0.37 10.10
CA THR B 378 -17.82 1.00 9.82
C THR B 378 -18.06 1.24 8.33
N SER B 379 -17.06 1.01 7.48
CA SER B 379 -17.16 1.27 6.04
C SER B 379 -17.50 2.73 5.75
N THR B 380 -17.04 3.65 6.58
CA THR B 380 -17.34 5.06 6.40
C THR B 380 -16.09 5.83 5.97
N LEU B 381 -16.30 6.83 5.12
CA LEU B 381 -15.23 7.69 4.66
C LEU B 381 -14.88 8.70 5.74
N LEU B 382 -13.58 8.85 6.00
CA LEU B 382 -13.12 9.74 7.06
C LEU B 382 -12.53 11.03 6.53
N ARG B 383 -11.85 10.99 5.38
CA ARG B 383 -11.14 12.13 4.84
C ARG B 383 -11.43 12.19 3.35
N PRO B 384 -12.63 12.67 2.98
CA PRO B 384 -13.02 12.65 1.55
C PRO B 384 -12.10 13.45 0.66
N ASP B 385 -11.40 14.44 1.21
CA ASP B 385 -10.51 15.32 0.45
C ASP B 385 -9.04 14.97 0.64
N TYR B 386 -8.75 13.76 1.11
CA TYR B 386 -7.37 13.36 1.38
C TYR B 386 -6.43 13.68 0.22
N PHE B 387 -6.83 13.34 -1.01
CA PHE B 387 -5.92 13.42 -2.15
C PHE B 387 -5.94 14.79 -2.84
N SER B 388 -6.77 15.71 -2.40
CA SER B 388 -6.82 17.03 -3.01
C SER B 388 -5.79 17.99 -2.43
N THR B 389 -5.22 17.67 -1.28
CA THR B 389 -4.25 18.52 -0.63
C THR B 389 -3.09 17.65 -0.14
N LEU B 390 -2.16 18.27 0.59
CA LEU B 390 -1.03 17.55 1.16
C LEU B 390 -1.38 17.12 2.58
N PRO B 391 -1.32 15.82 2.90
CA PRO B 391 -1.78 15.39 4.23
C PRO B 391 -1.14 16.12 5.41
N THR B 392 0.08 16.64 5.26
CA THR B 392 0.73 17.38 6.34
C THR B 392 0.55 18.90 6.21
N ASN B 393 -0.01 19.38 5.10
CA ASN B 393 -0.35 20.80 4.93
C ASN B 393 -1.72 20.85 4.27
N PRO B 394 -2.77 20.51 5.03
CA PRO B 394 -4.11 20.35 4.41
C PRO B 394 -4.67 21.61 3.80
N GLY B 395 -4.04 22.76 3.99
CA GLY B 395 -4.52 23.97 3.35
C GLY B 395 -4.06 24.15 1.92
N HIS B 396 -3.17 23.28 1.43
CA HIS B 396 -2.54 23.46 0.15
C HIS B 396 -3.10 22.48 -0.86
N GLN B 397 -3.64 23.02 -1.96
CA GLN B 397 -4.19 22.19 -3.02
C GLN B 397 -3.08 21.72 -3.95
N VAL B 398 -3.14 20.46 -4.35
CA VAL B 398 -2.13 19.90 -5.22
C VAL B 398 -2.59 20.00 -6.67
N ASP B 399 -1.62 20.01 -7.58
CA ASP B 399 -1.86 19.95 -9.02
C ASP B 399 -1.06 18.78 -9.56
N PHE B 400 -1.74 17.81 -10.17
CA PHE B 400 -1.04 16.59 -10.60
C PHE B 400 0.14 16.93 -11.50
N VAL B 401 -0.08 17.80 -12.48
CA VAL B 401 0.94 18.04 -13.51
C VAL B 401 2.13 18.79 -12.93
N ASP B 402 1.87 19.88 -12.21
CA ASP B 402 2.96 20.69 -11.68
C ASP B 402 3.71 19.97 -10.56
N ASP B 403 3.00 19.30 -9.67
CA ASP B 403 3.63 18.82 -8.44
C ASP B 403 4.24 17.43 -8.58
N PHE B 404 3.67 16.56 -9.40
CA PHE B 404 4.09 15.16 -9.41
C PHE B 404 4.55 14.69 -10.78
N TRP B 405 3.75 14.89 -11.83
CA TRP B 405 4.24 14.52 -13.15
C TRP B 405 5.54 15.24 -13.48
N ALA B 406 5.59 16.54 -13.20
CA ALA B 406 6.76 17.32 -13.61
C ALA B 406 8.02 16.89 -12.88
N LEU B 407 7.90 16.48 -11.62
CA LEU B 407 9.07 15.95 -10.91
C LEU B 407 9.54 14.64 -11.53
N HIS B 408 8.60 13.78 -11.90
CA HIS B 408 8.97 12.57 -12.65
C HIS B 408 9.71 12.94 -13.93
N TRP B 409 9.15 13.87 -14.71
CA TRP B 409 9.78 14.19 -15.99
C TRP B 409 11.21 14.66 -15.82
N LEU B 410 11.48 15.44 -14.76
CA LEU B 410 12.85 15.90 -14.55
C LEU B 410 13.81 14.73 -14.37
N ALA B 411 13.44 13.77 -13.53
CA ALA B 411 14.29 12.60 -13.33
C ALA B 411 14.39 11.76 -14.60
N TYR B 412 13.27 11.58 -15.29
CA TYR B 412 13.29 10.83 -16.54
C TYR B 412 14.15 11.51 -17.60
N SER B 413 13.90 12.79 -17.87
CA SER B 413 14.59 13.46 -18.96
C SER B 413 16.08 13.54 -18.70
N SER B 414 16.48 13.69 -17.43
CA SER B 414 17.90 13.69 -17.09
C SER B 414 18.55 12.37 -17.46
N ARG B 415 17.90 11.25 -17.14
CA ARG B 415 18.50 9.95 -17.46
C ARG B 415 18.67 9.79 -18.96
N ILE B 416 17.67 10.21 -19.75
CA ILE B 416 17.75 10.11 -21.20
C ILE B 416 18.98 10.85 -21.72
N ARG B 417 19.18 12.09 -21.27
CA ARG B 417 20.28 12.90 -21.76
C ARG B 417 21.63 12.35 -21.31
N LEU B 418 21.69 11.57 -20.24
CA LEU B 418 22.96 10.96 -19.86
C LEU B 418 23.45 9.97 -20.91
N HIS B 419 22.53 9.24 -21.54
CA HIS B 419 22.88 8.24 -22.54
C HIS B 419 22.76 8.74 -23.98
N HIS B 420 21.82 9.65 -24.25
CA HIS B 420 21.59 10.20 -25.58
C HIS B 420 21.81 11.70 -25.49
N PRO B 421 23.05 12.17 -25.63
CA PRO B 421 23.32 13.59 -25.30
C PRO B 421 22.57 14.59 -26.17
N GLU B 422 22.36 14.30 -27.46
CA GLU B 422 21.65 15.20 -28.35
C GLU B 422 20.16 14.90 -28.42
N SER B 423 19.61 14.24 -27.41
CA SER B 423 18.22 13.81 -27.44
C SER B 423 17.28 15.01 -27.46
N ILE B 424 16.32 15.00 -28.39
CA ILE B 424 15.15 15.85 -28.29
C ILE B 424 14.21 15.28 -27.24
N HIS B 425 13.75 16.11 -26.32
CA HIS B 425 12.75 15.71 -25.33
C HIS B 425 11.37 15.91 -25.95
N PHE B 426 10.71 14.82 -26.31
CA PHE B 426 9.31 14.87 -26.71
C PHE B 426 8.46 14.85 -25.44
N ILE B 427 7.87 16.00 -25.12
CA ILE B 427 7.24 16.24 -23.83
C ILE B 427 5.75 15.93 -23.97
N GLN B 428 5.31 14.85 -23.32
CA GLN B 428 3.93 14.39 -23.41
C GLN B 428 3.23 14.65 -22.08
N ALA B 429 2.48 15.74 -22.01
CA ALA B 429 1.73 16.05 -20.81
C ALA B 429 0.58 15.06 -20.65
N PRO B 430 0.14 14.81 -19.42
CA PRO B 430 -0.99 13.90 -19.23
C PRO B 430 -2.16 14.27 -20.13
N VAL B 431 -2.98 13.27 -20.44
CA VAL B 431 -4.06 13.42 -21.40
C VAL B 431 -4.95 14.58 -21.00
N LEU B 432 -5.30 15.41 -21.98
CA LEU B 432 -6.25 16.49 -21.85
C LEU B 432 -5.81 17.54 -20.83
N ARG B 433 -4.53 17.61 -20.53
CA ARG B 433 -3.97 18.62 -19.66
C ARG B 433 -2.91 19.43 -20.40
N GLN B 434 -2.73 20.67 -19.97
CA GLN B 434 -1.64 21.48 -20.48
C GLN B 434 -0.32 21.04 -19.85
N PRO B 435 0.78 21.15 -20.59
CA PRO B 435 2.10 20.92 -19.98
C PRO B 435 2.37 21.95 -18.91
N PRO B 436 3.24 21.64 -17.94
CA PRO B 436 3.70 22.66 -17.00
C PRO B 436 4.84 23.47 -17.60
N LYS B 437 5.16 24.58 -16.94
CA LYS B 437 6.41 25.27 -17.23
C LYS B 437 7.56 24.37 -16.79
N LEU B 438 8.53 24.16 -17.68
CA LEU B 438 9.68 23.32 -17.38
C LEU B 438 10.96 24.11 -17.57
N PRO B 439 12.00 23.83 -16.80
CA PRO B 439 13.18 24.70 -16.82
C PRO B 439 13.98 24.54 -18.11
N GLU B 440 14.41 25.68 -18.66
CA GLU B 440 15.35 25.66 -19.77
C GLU B 440 16.60 24.87 -19.43
N SER B 441 16.99 24.87 -18.15
CA SER B 441 18.12 24.07 -17.71
C SER B 441 17.96 22.59 -18.04
N PHE B 442 16.72 22.13 -18.22
CA PHE B 442 16.44 20.74 -18.60
C PHE B 442 16.06 20.58 -20.06
N LEU B 443 15.38 21.57 -20.64
CA LEU B 443 15.06 21.50 -22.06
C LEU B 443 16.30 21.75 -22.92
N LYS B 444 17.08 22.77 -22.57
CA LYS B 444 18.33 23.11 -23.24
C LYS B 444 18.14 23.30 -24.75
N GLY B 445 17.02 23.92 -25.10
CA GLY B 445 16.78 24.31 -26.48
C GLY B 445 16.68 23.13 -27.42
N ARG B 446 16.24 21.97 -26.92
CA ARG B 446 16.14 20.78 -27.76
C ARG B 446 14.96 19.96 -27.24
N ALA B 447 13.76 20.37 -27.65
CA ALA B 447 12.54 19.78 -27.11
C ALA B 447 11.42 19.96 -28.13
N CYS B 448 10.37 19.16 -27.94
CA CYS B 448 9.20 19.16 -28.80
C CYS B 448 8.00 18.73 -27.96
N SER B 449 6.90 19.46 -28.07
CA SER B 449 5.67 19.08 -27.38
C SER B 449 5.01 17.97 -28.19
N SER B 450 4.56 16.91 -27.52
CA SER B 450 4.06 15.71 -28.19
C SER B 450 2.73 15.26 -27.60
N PRO B 451 1.73 16.13 -27.63
CA PRO B 451 0.40 15.73 -27.16
C PRO B 451 -0.27 14.74 -28.11
N HIS B 452 -1.27 14.06 -27.57
CA HIS B 452 -2.12 13.18 -28.36
C HIS B 452 -3.44 13.88 -28.65
N PHE B 453 -4.08 13.49 -29.74
CA PHE B 453 -5.43 13.96 -30.02
C PHE B 453 -6.22 12.90 -30.75
N TYR B 454 -7.45 12.68 -30.30
CA TYR B 454 -8.40 11.80 -30.95
C TYR B 454 -9.75 12.50 -31.05
N ASP B 455 -10.42 12.30 -32.19
CA ASP B 455 -11.84 12.62 -32.32
C ASP B 455 -12.60 11.67 -31.39
N GLY B 456 -12.88 12.13 -30.17
CA GLY B 456 -13.33 11.21 -29.13
C GLY B 456 -14.70 10.63 -29.43
N LEU B 457 -15.61 11.45 -29.94
CA LEU B 457 -16.94 10.94 -30.28
C LEU B 457 -16.83 9.79 -31.27
N THR B 458 -16.06 9.98 -32.33
CA THR B 458 -15.88 8.91 -33.31
C THR B 458 -15.24 7.69 -32.66
N LEU B 459 -14.25 7.91 -31.80
CA LEU B 459 -13.54 6.78 -31.21
C LEU B 459 -14.42 5.97 -30.27
N MET B 460 -15.26 6.64 -29.47
CA MET B 460 -16.06 5.91 -28.48
C MET B 460 -17.28 5.24 -29.11
N THR B 461 -17.90 5.87 -30.10
CA THR B 461 -19.09 5.31 -30.71
C THR B 461 -18.78 4.42 -31.90
N LYS B 462 -17.54 4.43 -32.41
CA LYS B 462 -17.19 3.64 -33.59
C LYS B 462 -18.17 3.94 -34.73
N HIS B 463 -18.48 5.22 -34.89
N HIS B 463 -18.54 5.21 -34.83
CA HIS B 463 -19.37 5.69 -35.92
CA HIS B 463 -19.42 5.71 -35.89
C HIS B 463 -18.93 7.09 -36.33
C HIS B 463 -18.90 7.06 -36.33
N TRP B 464 -19.08 7.38 -37.61
CA TRP B 464 -18.80 8.72 -38.13
C TRP B 464 -20.12 9.48 -38.13
N ASN B 465 -20.33 10.32 -37.12
CA ASN B 465 -21.61 10.95 -36.88
C ASN B 465 -21.77 12.24 -37.68
N TRP B 466 -23.02 12.55 -38.05
CA TRP B 466 -23.36 13.81 -38.71
C TRP B 466 -23.27 15.00 -37.76
N PHE B 467 -23.08 14.76 -36.47
CA PHE B 467 -22.82 15.80 -35.50
C PHE B 467 -21.50 15.49 -34.80
N ASN B 468 -20.92 16.50 -34.17
CA ASN B 468 -19.78 16.29 -33.29
C ASN B 468 -19.78 17.40 -32.24
N ALA B 469 -18.74 17.44 -31.42
CA ALA B 469 -18.69 18.40 -30.33
C ALA B 469 -17.24 18.73 -30.01
N ASP B 470 -17.01 19.97 -29.58
CA ASP B 470 -15.67 20.49 -29.28
C ASP B 470 -15.29 20.06 -27.87
N ALA B 471 -14.71 18.87 -27.77
CA ALA B 471 -14.33 18.32 -26.47
C ALA B 471 -13.30 19.20 -25.77
N ILE B 472 -12.27 19.66 -26.51
CA ILE B 472 -11.24 20.47 -25.89
C ILE B 472 -11.82 21.80 -25.42
N GLY B 473 -12.71 22.38 -26.23
CA GLY B 473 -13.36 23.61 -25.80
C GLY B 473 -14.14 23.44 -24.52
N VAL B 474 -14.91 22.35 -24.44
CA VAL B 474 -15.71 22.09 -23.24
C VAL B 474 -14.80 21.95 -22.04
N ILE B 475 -13.78 21.09 -22.14
CA ILE B 475 -12.88 20.83 -21.02
C ILE B 475 -12.27 22.12 -20.51
N ARG B 476 -11.98 23.06 -21.40
CA ARG B 476 -11.34 24.32 -21.05
C ARG B 476 -12.34 25.45 -20.90
N LYS B 477 -13.59 25.11 -20.59
CA LYS B 477 -14.61 26.09 -20.23
C LYS B 477 -14.63 27.26 -21.21
N LYS B 478 -14.57 26.93 -22.49
CA LYS B 478 -14.76 27.90 -23.56
C LYS B 478 -16.21 28.27 -23.77
N TYR B 479 -17.15 27.50 -23.21
CA TYR B 479 -18.56 27.66 -23.49
C TYR B 479 -19.37 27.79 -22.21
N TRP B 480 -20.43 28.60 -22.28
CA TRP B 480 -21.42 28.65 -21.21
C TRP B 480 -22.16 27.32 -21.11
N SER B 481 -22.60 26.78 -22.25
CA SER B 481 -23.40 25.56 -22.32
C SER B 481 -22.72 24.59 -23.27
N ILE B 482 -22.90 23.30 -23.01
CA ILE B 482 -22.24 22.31 -23.86
C ILE B 482 -22.87 22.29 -25.25
N VAL B 483 -24.16 22.64 -25.36
CA VAL B 483 -24.79 22.67 -26.68
C VAL B 483 -24.09 23.67 -27.58
N GLN B 484 -23.53 24.73 -27.00
CA GLN B 484 -22.68 25.66 -27.74
C GLN B 484 -21.55 24.96 -28.46
N ALA B 485 -21.11 23.81 -27.93
CA ALA B 485 -19.98 23.09 -28.49
C ALA B 485 -20.35 22.17 -29.65
N VAL B 486 -21.63 22.01 -29.92
CA VAL B 486 -22.06 21.05 -30.95
C VAL B 486 -21.93 21.68 -32.32
N ARG B 487 -21.54 20.86 -33.29
CA ARG B 487 -21.48 21.26 -34.69
C ARG B 487 -22.15 20.17 -35.51
N ILE B 488 -22.64 20.54 -36.69
CA ILE B 488 -23.33 19.61 -37.56
C ILE B 488 -22.88 19.86 -38.99
N GLY B 489 -22.79 18.79 -39.76
CA GLY B 489 -22.33 18.87 -41.14
C GLY B 489 -20.82 18.74 -41.25
N GLU B 490 -20.39 18.25 -42.42
CA GLU B 490 -18.96 18.04 -42.65
C GLU B 490 -18.16 19.32 -42.47
N GLY B 491 -18.61 20.41 -43.07
CA GLY B 491 -17.90 21.66 -43.01
C GLY B 491 -17.61 22.09 -41.59
N PRO B 492 -18.67 22.36 -40.83
CA PRO B 492 -18.48 22.85 -39.45
C PRO B 492 -17.74 21.87 -38.55
N ILE B 493 -17.93 20.56 -38.74
CA ILE B 493 -17.23 19.60 -37.89
C ILE B 493 -15.73 19.64 -38.16
N ARG B 494 -15.34 19.67 -39.43
CA ARG B 494 -13.92 19.70 -39.78
C ARG B 494 -13.23 20.95 -39.25
N LYS B 495 -13.86 22.12 -39.43
CA LYS B 495 -13.26 23.35 -38.94
C LYS B 495 -13.19 23.37 -37.42
N MET B 496 -14.17 22.78 -36.75
CA MET B 496 -14.15 22.72 -35.30
C MET B 496 -13.01 21.85 -34.80
N ILE B 497 -12.80 20.68 -35.42
CA ILE B 497 -11.73 19.82 -34.95
C ILE B 497 -10.37 20.42 -35.28
N GLN B 498 -10.27 21.13 -36.40
CA GLN B 498 -9.03 21.84 -36.71
C GLN B 498 -8.74 22.89 -35.65
N GLY B 499 -9.78 23.55 -35.14
CA GLY B 499 -9.59 24.49 -34.05
C GLY B 499 -9.12 23.83 -32.78
N GLU B 500 -9.53 22.58 -32.56
CA GLU B 500 -9.04 21.85 -31.39
C GLU B 500 -7.55 21.60 -31.49
N LEU B 501 -7.06 21.20 -32.66
CA LEU B 501 -5.62 21.03 -32.84
C LEU B 501 -4.88 22.34 -32.68
N ALA B 502 -5.51 23.45 -33.10
CA ALA B 502 -4.89 24.76 -32.90
C ALA B 502 -4.66 25.03 -31.42
N VAL B 503 -5.61 24.66 -30.58
CA VAL B 503 -5.47 24.92 -29.15
C VAL B 503 -4.28 24.15 -28.58
N LEU B 504 -4.07 22.92 -29.03
CA LEU B 504 -2.92 22.16 -28.56
C LEU B 504 -1.63 22.80 -29.04
N LYS B 505 -1.58 23.17 -30.33
CA LYS B 505 -0.41 23.87 -30.84
C LYS B 505 -0.11 25.10 -30.00
N GLN B 506 -1.14 25.85 -29.61
CA GLN B 506 -0.95 27.08 -28.85
C GLN B 506 -0.37 26.82 -27.47
N ASP B 507 -0.72 25.69 -26.84
CA ASP B 507 -0.15 25.35 -25.54
C ASP B 507 1.37 25.42 -25.56
N THR B 508 1.98 24.99 -26.67
CA THR B 508 3.44 24.90 -26.72
C THR B 508 4.07 26.28 -26.55
N ILE B 509 3.75 27.21 -27.45
CA ILE B 509 4.39 28.52 -27.38
C ILE B 509 4.01 29.25 -26.10
N ASP B 510 2.79 29.04 -25.61
CA ASP B 510 2.37 29.77 -24.42
C ASP B 510 3.09 29.30 -23.16
N ILE B 511 3.42 28.01 -23.05
CA ILE B 511 3.96 27.44 -21.81
C ILE B 511 5.42 27.03 -21.96
N LEU B 512 5.72 26.17 -22.94
CA LEU B 512 7.07 25.64 -23.08
C LEU B 512 8.01 26.63 -23.77
N GLY B 513 7.54 27.29 -24.85
CA GLY B 513 8.34 28.28 -25.56
C GLY B 513 8.33 28.01 -27.05
N ASN B 514 9.34 28.56 -27.73
CA ASN B 514 9.47 28.41 -29.18
C ASN B 514 10.04 27.03 -29.49
N TYR B 515 9.15 26.05 -29.52
CA TYR B 515 9.49 24.66 -29.78
C TYR B 515 8.47 24.08 -30.75
N PRO B 516 8.83 23.03 -31.47
CA PRO B 516 7.85 22.38 -32.35
C PRO B 516 6.77 21.66 -31.55
N THR B 517 5.73 21.28 -32.28
CA THR B 517 4.65 20.46 -31.76
C THR B 517 4.47 19.27 -32.69
N LEU B 518 4.25 18.10 -32.10
CA LEU B 518 4.08 16.87 -32.87
C LEU B 518 2.99 16.04 -32.21
N VAL B 519 1.90 15.77 -32.94
CA VAL B 519 0.80 14.97 -32.41
C VAL B 519 1.23 13.50 -32.43
N GLY B 520 1.62 12.99 -31.27
CA GLY B 520 2.18 11.66 -31.16
C GLY B 520 1.22 10.53 -31.47
N GLU B 521 -0.08 10.77 -31.29
CA GLU B 521 -1.09 9.81 -31.66
C GLU B 521 -2.32 10.54 -32.18
N ILE B 522 -2.88 10.04 -33.27
CA ILE B 522 -4.15 10.51 -33.82
C ILE B 522 -4.63 9.43 -34.78
N GLY B 523 -5.93 9.17 -34.78
CA GLY B 523 -6.44 8.09 -35.61
C GLY B 523 -7.91 7.87 -35.39
N ILE B 524 -8.44 6.87 -36.11
CA ILE B 524 -9.87 6.60 -36.12
C ILE B 524 -10.12 5.10 -36.14
N PRO B 525 -11.26 4.68 -35.62
CA PRO B 525 -11.58 3.24 -35.59
C PRO B 525 -12.07 2.78 -36.95
N TYR B 526 -11.53 1.67 -37.43
CA TYR B 526 -11.95 1.10 -38.69
C TYR B 526 -13.08 0.08 -38.55
N ASP B 527 -13.30 -0.46 -37.35
CA ASP B 527 -14.43 -1.37 -37.13
C ASP B 527 -15.75 -0.65 -36.86
N MET B 528 -16.05 0.37 -37.65
CA MET B 528 -17.28 1.12 -37.50
C MET B 528 -18.50 0.29 -37.91
N ASP B 529 -19.66 0.72 -37.46
CA ASP B 529 -20.94 0.21 -37.94
C ASP B 529 -20.98 -1.31 -37.88
N ASP B 530 -20.54 -1.85 -36.75
CA ASP B 530 -20.57 -3.28 -36.51
C ASP B 530 -19.77 -4.04 -37.56
N LYS B 531 -18.68 -3.43 -38.04
CA LYS B 531 -17.77 -4.06 -38.98
C LYS B 531 -18.45 -4.32 -40.32
N LYS B 532 -19.30 -3.38 -40.74
CA LYS B 532 -19.97 -3.53 -42.02
C LYS B 532 -18.98 -3.56 -43.18
N ALA B 533 -17.93 -2.74 -43.10
CA ALA B 533 -16.93 -2.70 -44.15
C ALA B 533 -16.11 -3.99 -44.25
N TYR B 534 -16.22 -4.89 -43.27
CA TYR B 534 -15.60 -6.19 -43.33
C TYR B 534 -16.56 -7.28 -43.81
N GLY B 535 -17.81 -6.93 -44.09
CA GLY B 535 -18.77 -7.91 -44.55
C GLY B 535 -19.46 -8.69 -43.46
N TYR B 536 -19.43 -8.20 -42.23
CA TYR B 536 -19.92 -8.94 -41.07
C TYR B 536 -21.41 -8.79 -40.82
N VAL B 537 -22.09 -7.83 -41.45
CA VAL B 537 -23.50 -7.61 -41.19
C VAL B 537 -24.26 -7.47 -42.50
N ASP B 538 -25.60 -7.44 -42.43
CA ASP B 538 -26.53 -7.22 -43.54
C ASP B 538 -26.27 -8.11 -44.71
N GLY B 539 -26.00 -9.37 -44.44
CA GLY B 539 -25.71 -10.34 -45.46
C GLY B 539 -24.45 -10.01 -46.23
N GLY B 540 -23.53 -9.30 -45.61
CA GLY B 540 -22.30 -8.87 -46.22
C GLY B 540 -22.36 -7.61 -47.03
N ARG B 541 -23.52 -6.97 -47.13
CA ARG B 541 -23.62 -5.76 -47.89
C ARG B 541 -22.74 -4.67 -47.24
N GLY B 542 -22.01 -3.94 -48.04
CA GLY B 542 -21.14 -2.89 -47.56
C GLY B 542 -19.69 -3.28 -47.41
N GLU B 543 -19.34 -4.51 -47.74
CA GLU B 543 -17.97 -4.93 -47.58
C GLU B 543 -17.02 -4.18 -48.53
N GLY B 544 -15.91 -3.68 -48.03
CA GLY B 544 -14.96 -2.93 -48.84
C GLY B 544 -15.27 -1.46 -48.96
N ASP B 545 -16.39 -1.00 -48.43
CA ASP B 545 -16.80 0.41 -48.53
C ASP B 545 -16.37 1.11 -47.25
N TYR B 546 -15.23 1.82 -47.33
CA TYR B 546 -14.68 2.55 -46.20
C TYR B 546 -14.98 4.04 -46.27
N SER B 547 -16.11 4.42 -46.84
CA SER B 547 -16.41 5.84 -47.04
C SER B 547 -16.54 6.57 -45.71
N SER B 548 -17.19 5.95 -44.73
CA SER B 548 -17.30 6.57 -43.41
C SER B 548 -15.92 6.70 -42.76
N GLN B 549 -15.15 5.61 -42.75
CA GLN B 549 -13.79 5.69 -42.22
C GLN B 549 -12.99 6.76 -42.94
N GLN B 550 -13.19 6.89 -44.26
CA GLN B 550 -12.42 7.87 -45.02
C GLN B 550 -12.75 9.29 -44.58
N LYS B 551 -14.03 9.60 -44.41
CA LYS B 551 -14.42 10.92 -43.95
C LYS B 551 -13.86 11.20 -42.55
N ALA B 552 -13.90 10.20 -41.67
CA ALA B 552 -13.39 10.41 -40.32
C ALA B 552 -11.88 10.65 -40.32
N MET B 553 -11.13 9.83 -41.06
CA MET B 553 -9.69 10.00 -41.15
C MET B 553 -9.36 11.33 -41.83
N ASP B 554 -10.05 11.63 -42.93
CA ASP B 554 -9.81 12.89 -43.63
C ASP B 554 -10.04 14.07 -42.70
N CYS B 555 -11.07 14.00 -41.86
CA CYS B 555 -11.33 15.11 -40.94
C CYS B 555 -10.19 15.28 -39.94
N SER B 556 -9.76 14.17 -39.31
CA SER B 556 -8.66 14.27 -38.36
C SER B 556 -7.35 14.67 -39.04
N MET B 557 -7.09 14.16 -40.23
CA MET B 557 -5.87 14.55 -40.94
C MET B 557 -5.93 16.00 -41.37
N ASN B 558 -7.11 16.46 -41.83
CA ASN B 558 -7.24 17.86 -42.21
C ASN B 558 -7.05 18.77 -41.02
N ALA B 559 -7.31 18.28 -39.80
CA ALA B 559 -7.15 19.11 -38.63
C ALA B 559 -5.68 19.43 -38.35
N CYS B 560 -4.76 18.62 -38.87
CA CYS B 560 -3.34 18.91 -38.74
C CYS B 560 -2.82 19.78 -39.87
N ASP B 561 -3.65 20.08 -40.86
CA ASP B 561 -3.30 20.98 -41.97
C ASP B 561 -3.79 22.36 -41.63
N GLY B 562 -4.46 23.08 -42.53
CA GLY B 562 -4.88 24.44 -42.28
C GLY B 562 -3.73 25.31 -41.82
N PRO B 563 -3.98 26.18 -40.85
CA PRO B 563 -2.88 26.98 -40.28
C PRO B 563 -1.98 26.21 -39.32
N ASN B 564 -2.38 25.02 -38.90
CA ASN B 564 -1.60 24.29 -37.90
C ASN B 564 -0.30 23.74 -38.50
N CYS B 565 -0.38 23.09 -39.67
CA CYS B 565 0.77 22.48 -40.34
C CYS B 565 1.62 21.67 -39.37
N LEU B 566 0.99 20.68 -38.74
CA LEU B 566 1.59 19.95 -37.63
C LEU B 566 2.31 18.68 -38.10
N ASN B 567 3.37 18.35 -37.35
CA ASN B 567 3.92 17.01 -37.39
C ASN B 567 2.98 16.06 -36.65
N TYR B 568 2.95 14.81 -37.07
CA TYR B 568 2.12 13.84 -36.35
C TYR B 568 2.56 12.43 -36.67
N ALA B 569 2.22 11.51 -35.76
CA ALA B 569 2.34 10.08 -35.97
C ALA B 569 0.95 9.45 -35.81
N ILE B 570 0.45 8.86 -36.90
CA ILE B 570 -0.87 8.24 -36.88
C ILE B 570 -0.85 6.98 -36.01
N TRP B 571 -1.88 6.81 -35.18
CA TRP B 571 -2.13 5.55 -34.49
C TRP B 571 -3.13 4.75 -35.32
N ASN B 572 -2.70 3.63 -35.91
CA ASN B 572 -1.33 3.11 -35.92
C ASN B 572 -1.22 2.10 -37.06
N TYR B 573 -0.09 1.41 -37.16
CA TYR B 573 0.21 0.45 -38.23
C TYR B 573 0.51 -0.90 -37.59
N VAL B 574 -0.34 -1.88 -37.84
CA VAL B 574 -0.31 -3.16 -37.16
C VAL B 574 -0.21 -4.27 -38.19
N PRO B 575 1.00 -4.82 -38.40
CA PRO B 575 1.13 -5.86 -39.45
C PRO B 575 0.23 -7.06 -39.26
N ASP B 576 -0.13 -7.44 -38.03
CA ASP B 576 -0.91 -8.66 -37.81
C ASP B 576 -2.37 -8.37 -37.49
N ASN B 577 -2.87 -7.21 -37.92
CA ASN B 577 -4.26 -6.85 -37.71
C ASN B 577 -5.17 -7.76 -38.53
N VAL B 578 -6.29 -8.17 -37.94
CA VAL B 578 -7.31 -8.97 -38.62
C VAL B 578 -8.67 -8.38 -38.32
N HIS B 579 -9.62 -8.67 -39.23
CA HIS B 579 -10.97 -8.15 -39.07
C HIS B 579 -11.63 -8.66 -37.79
N GLU B 580 -11.38 -9.93 -37.45
CA GLU B 580 -12.12 -10.54 -36.34
C GLU B 580 -11.73 -9.95 -34.99
N TRP B 581 -10.44 -9.70 -34.78
CA TRP B 581 -9.94 -9.22 -33.51
C TRP B 581 -9.27 -7.85 -33.59
N GLY B 582 -9.29 -7.22 -34.77
CA GLY B 582 -8.76 -5.86 -34.89
C GLY B 582 -7.26 -5.84 -34.63
N ASP B 583 -6.84 -4.84 -33.88
CA ASP B 583 -5.43 -4.74 -33.51
C ASP B 583 -5.02 -5.78 -32.44
N ASN B 584 -5.89 -6.73 -32.08
CA ASN B 584 -5.61 -7.75 -31.08
C ASN B 584 -5.43 -7.16 -29.68
N TRP B 585 -6.17 -6.09 -29.38
CA TRP B 585 -5.97 -5.36 -28.12
C TRP B 585 -7.28 -4.69 -27.74
N ASN B 586 -8.02 -5.29 -26.81
CA ASN B 586 -9.16 -4.67 -26.17
C ASN B 586 -10.23 -4.25 -27.17
N GLY B 587 -10.27 -4.91 -28.33
CA GLY B 587 -11.29 -4.63 -29.31
C GLY B 587 -11.05 -3.40 -30.16
N GLU B 588 -9.91 -2.73 -30.01
CA GLU B 588 -9.58 -1.61 -30.85
C GLU B 588 -9.17 -2.09 -32.23
N ASP B 589 -9.42 -1.24 -33.25
CA ASP B 589 -9.09 -1.58 -34.64
C ASP B 589 -8.76 -0.27 -35.36
N LEU B 590 -7.51 0.18 -35.19
CA LEU B 590 -7.07 1.46 -35.74
C LEU B 590 -5.97 1.33 -36.78
N SER B 591 -5.64 0.11 -37.21
CA SER B 591 -4.55 -0.06 -38.15
C SER B 591 -4.94 0.46 -39.54
N LEU B 592 -3.99 1.15 -40.19
CA LEU B 592 -4.19 1.60 -41.56
C LEU B 592 -4.19 0.46 -42.55
N TRP B 593 -3.71 -0.72 -42.15
CA TRP B 593 -3.41 -1.81 -43.06
C TRP B 593 -3.79 -3.12 -42.39
N SER B 594 -4.32 -4.04 -43.19
CA SER B 594 -4.63 -5.38 -42.71
C SER B 594 -4.53 -6.36 -43.87
N VAL B 595 -4.00 -7.54 -43.57
CA VAL B 595 -3.93 -8.64 -44.54
C VAL B 595 -5.33 -9.07 -44.95
N ASP B 596 -6.31 -8.92 -44.07
CA ASP B 596 -7.68 -9.27 -44.42
C ASP B 596 -8.26 -8.37 -45.50
N ASP B 597 -7.59 -7.27 -45.83
CA ASP B 597 -8.05 -6.35 -46.87
C ASP B 597 -7.25 -6.51 -48.17
N LYS B 598 -6.35 -7.48 -48.25
CA LYS B 598 -5.65 -7.76 -49.49
C LYS B 598 -6.54 -8.54 -50.44
N GLU B 599 -6.41 -8.26 -51.73
CA GLU B 599 -7.18 -8.95 -52.76
C GLU B 599 -6.54 -10.28 -53.14
N PRO B 640 11.70 -2.94 -53.62
CA PRO B 640 12.17 -3.56 -52.38
C PRO B 640 13.35 -2.82 -51.78
N SER B 641 13.76 -1.72 -52.39
CA SER B 641 14.88 -0.93 -51.89
C SER B 641 14.48 0.54 -51.80
N PRO B 642 15.08 1.28 -50.87
CA PRO B 642 14.73 2.70 -50.74
C PRO B 642 14.93 3.49 -52.02
N SER B 643 15.99 3.20 -52.77
CA SER B 643 16.25 3.96 -53.99
C SER B 643 15.17 3.71 -55.03
N VAL B 644 14.63 2.49 -55.08
CA VAL B 644 13.54 2.20 -56.01
C VAL B 644 12.26 2.91 -55.58
N ILE B 645 12.02 3.00 -54.28
CA ILE B 645 10.85 3.72 -53.78
C ILE B 645 10.94 5.20 -54.11
N ASP B 646 12.12 5.80 -53.92
CA ASP B 646 12.25 7.25 -54.15
C ASP B 646 12.13 7.60 -55.63
N SER B 647 12.52 6.69 -56.51
CA SER B 647 12.40 6.93 -57.94
C SER B 647 10.99 6.70 -58.45
N GLY B 648 10.16 5.99 -57.69
CA GLY B 648 8.78 5.71 -58.08
C GLY B 648 8.59 4.43 -58.85
N ASP B 649 9.63 3.62 -59.03
CA ASP B 649 9.55 2.43 -59.87
C ASP B 649 9.08 1.22 -59.06
N PHE B 650 7.89 1.35 -58.47
CA PHE B 650 7.27 0.26 -57.74
C PHE B 650 5.84 0.09 -58.23
N SER B 651 5.19 -0.99 -57.76
CA SER B 651 3.87 -1.31 -58.28
C SER B 651 2.77 -0.71 -57.41
N PRO B 652 1.63 -0.38 -58.02
CA PRO B 652 0.53 0.20 -57.22
C PRO B 652 0.02 -0.72 -56.14
N THR B 653 0.28 -2.02 -56.22
CA THR B 653 -0.18 -2.93 -55.18
C THR B 653 0.46 -2.62 -53.84
N LEU B 654 1.69 -2.09 -53.84
CA LEU B 654 2.37 -1.80 -52.58
C LEU B 654 1.59 -0.78 -51.77
N ILE B 655 1.13 0.28 -52.42
CA ILE B 655 0.48 1.38 -51.71
C ILE B 655 -1.02 1.22 -51.58
N LEU B 656 -1.62 0.22 -52.22
CA LEU B 656 -3.07 0.07 -52.17
C LEU B 656 -3.53 -1.23 -51.53
N ASP B 657 -2.92 -2.36 -51.87
CA ASP B 657 -3.44 -3.65 -51.42
C ASP B 657 -3.25 -3.80 -49.92
N GLY B 658 -4.35 -4.05 -49.22
CA GLY B 658 -4.34 -4.12 -47.77
C GLY B 658 -4.66 -2.83 -47.07
N SER B 659 -4.64 -1.70 -47.77
CA SER B 659 -4.90 -0.43 -47.11
C SER B 659 -6.39 -0.23 -46.91
N ARG B 660 -6.74 0.60 -45.93
CA ARG B 660 -8.13 0.96 -45.68
C ARG B 660 -8.23 2.47 -45.60
N ALA B 661 -9.02 3.06 -46.50
CA ALA B 661 -9.19 4.51 -46.56
C ALA B 661 -7.88 5.22 -46.87
N VAL B 662 -7.11 4.66 -47.81
CA VAL B 662 -5.79 5.19 -48.11
C VAL B 662 -5.86 6.60 -48.66
N ALA B 663 -6.99 6.98 -49.27
CA ALA B 663 -7.10 8.33 -49.82
C ALA B 663 -7.01 9.39 -48.73
N ALA B 664 -7.37 9.03 -47.50
CA ALA B 664 -7.41 10.00 -46.43
C ALA B 664 -6.07 10.12 -45.69
N PHE B 665 -5.34 9.00 -45.51
CA PHE B 665 -4.12 9.08 -44.72
C PHE B 665 -2.85 9.20 -45.57
N CYS B 666 -2.92 8.94 -46.86
CA CYS B 666 -1.80 9.17 -47.77
C CYS B 666 -2.07 10.50 -48.48
N ARG B 667 -1.34 11.54 -48.10
CA ARG B 667 -1.70 12.89 -48.50
C ARG B 667 -0.48 13.66 -48.97
N PRO B 668 -0.66 14.66 -49.82
CA PRO B 668 0.45 15.57 -50.14
C PRO B 668 0.78 16.45 -48.95
N TYR B 669 2.08 16.72 -48.73
CA TYR B 669 2.49 17.59 -47.64
C TYR B 669 3.91 18.09 -47.91
N PRO B 670 4.32 19.21 -47.28
CA PRO B 670 5.66 19.74 -47.49
C PRO B 670 6.67 19.08 -46.55
N VAL B 671 7.54 18.25 -47.12
CA VAL B 671 8.54 17.57 -46.32
C VAL B 671 9.56 18.57 -45.79
N ALA B 672 10.00 19.52 -46.61
CA ALA B 672 10.99 20.51 -46.21
C ALA B 672 10.72 21.82 -46.92
N THR B 673 10.76 22.92 -46.16
CA THR B 673 10.35 24.22 -46.68
C THR B 673 11.39 25.29 -46.42
N VAL B 674 11.75 26.02 -47.48
CA VAL B 674 12.45 27.29 -47.32
C VAL B 674 11.43 28.31 -46.84
N GLY B 675 11.54 28.70 -45.58
CA GLY B 675 10.53 29.53 -44.95
C GLY B 675 9.73 28.75 -43.93
N ILE B 676 8.61 29.35 -43.55
CA ILE B 676 7.73 28.80 -42.51
C ILE B 676 6.40 28.42 -43.17
N PRO B 677 5.91 27.20 -42.97
CA PRO B 677 4.59 26.86 -43.52
C PRO B 677 3.51 27.75 -42.93
N GLU B 678 2.67 28.30 -43.80
CA GLU B 678 1.59 29.17 -43.36
C GLU B 678 0.23 28.51 -43.46
N ARG B 679 -0.06 27.79 -44.55
CA ARG B 679 -1.31 27.10 -44.68
C ARG B 679 -1.19 25.90 -45.62
N ILE B 680 -1.88 24.82 -45.27
CA ILE B 680 -2.01 23.62 -46.10
C ILE B 680 -3.49 23.31 -46.27
N ASP B 681 -3.91 23.06 -47.49
CA ASP B 681 -5.27 22.64 -47.78
C ASP B 681 -5.22 21.54 -48.82
N PHE B 682 -5.89 20.43 -48.53
CA PHE B 682 -5.96 19.29 -49.42
C PHE B 682 -7.41 18.83 -49.50
N ASP B 683 -7.87 18.57 -50.72
CA ASP B 683 -9.24 18.17 -50.99
C ASP B 683 -9.19 16.86 -51.76
N ILE B 684 -9.74 15.80 -51.17
CA ILE B 684 -9.67 14.47 -51.79
C ILE B 684 -10.45 14.45 -53.11
N THR B 685 -11.66 15.01 -53.11
CA THR B 685 -12.55 14.86 -54.26
C THR B 685 -11.97 15.49 -55.52
N SER B 686 -11.47 16.72 -55.41
CA SER B 686 -10.87 17.40 -56.55
C SER B 686 -9.38 17.12 -56.70
N THR B 687 -8.73 16.62 -55.64
CA THR B 687 -7.30 16.37 -55.54
C THR B 687 -6.52 17.67 -55.37
N LYS B 688 -7.20 18.80 -55.24
CA LYS B 688 -6.51 20.09 -55.14
C LYS B 688 -5.71 20.16 -53.85
N PHE B 689 -4.43 20.48 -53.99
CA PHE B 689 -3.52 20.73 -52.87
C PHE B 689 -3.03 22.17 -53.00
N LYS B 690 -3.23 22.96 -51.96
CA LYS B 690 -2.70 24.32 -51.93
C LYS B 690 -1.83 24.53 -50.70
N TYR B 691 -0.69 25.19 -50.91
CA TYR B 691 0.31 25.38 -49.87
C TYR B 691 0.83 26.80 -49.92
N ALA B 692 0.79 27.49 -48.79
CA ALA B 692 1.32 28.84 -48.66
C ALA B 692 2.47 28.84 -47.66
N VAL B 693 3.54 29.56 -48.01
CA VAL B 693 4.75 29.67 -47.21
C VAL B 693 5.06 31.14 -46.95
N ARG B 694 5.45 31.45 -45.71
CA ARG B 694 5.94 32.78 -45.35
C ARG B 694 7.45 32.76 -45.50
N VAL B 695 7.97 33.52 -46.46
CA VAL B 695 9.40 33.52 -46.81
C VAL B 695 9.99 34.86 -46.43
N ARG B 696 11.08 34.82 -45.66
CA ARG B 696 11.73 36.00 -45.13
C ARG B 696 13.05 36.24 -45.85
N ALA B 697 13.50 37.50 -45.82
CA ALA B 697 14.69 37.87 -46.56
C ALA B 697 15.95 37.17 -46.03
N ASP B 698 15.93 36.72 -44.76
CA ASP B 698 17.10 36.08 -44.18
C ASP B 698 17.07 34.56 -44.31
N ASP B 699 16.07 33.98 -44.98
CA ASP B 699 16.03 32.54 -45.17
C ASP B 699 17.09 32.10 -46.18
N ILE B 700 17.58 30.88 -46.00
CA ILE B 700 18.61 30.33 -46.87
C ILE B 700 17.94 29.57 -48.00
N ALA B 701 18.33 29.88 -49.23
CA ALA B 701 17.84 29.17 -50.40
C ALA B 701 18.93 29.19 -51.46
N ASN B 702 19.09 28.07 -52.15
CA ASN B 702 20.06 27.96 -53.22
C ASN B 702 19.72 26.70 -54.01
N GLU B 703 20.58 26.35 -54.98
CA GLU B 703 20.33 25.18 -55.81
C GLU B 703 20.11 23.93 -54.98
N GLN B 704 20.74 23.84 -53.80
CA GLN B 704 20.67 22.66 -52.96
C GLN B 704 19.71 22.81 -51.79
N VAL B 705 19.15 24.00 -51.56
CA VAL B 705 18.23 24.25 -50.46
C VAL B 705 16.95 24.80 -51.07
N TYR B 706 15.96 23.92 -51.21
CA TYR B 706 14.71 24.21 -51.90
C TYR B 706 13.57 23.62 -51.08
N THR B 707 12.35 23.91 -51.50
CA THR B 707 11.17 23.34 -50.87
C THR B 707 10.81 22.02 -51.53
N GLU B 708 10.66 20.98 -50.71
CA GLU B 708 10.33 19.65 -51.17
C GLU B 708 8.93 19.26 -50.71
N ILE B 709 8.12 18.78 -51.64
CA ILE B 709 6.73 18.40 -51.39
C ILE B 709 6.54 16.97 -51.84
N TYR B 710 5.92 16.15 -50.99
CA TYR B 710 5.53 14.79 -51.37
C TYR B 710 4.19 14.84 -52.10
N LEU B 711 4.14 14.26 -53.29
CA LEU B 711 2.90 14.15 -54.06
C LEU B 711 2.57 12.69 -54.26
N PRO B 712 1.58 12.14 -53.55
CA PRO B 712 1.34 10.69 -53.63
C PRO B 712 0.75 10.25 -54.96
N PHE B 713 1.33 9.18 -55.52
CA PHE B 713 0.66 8.46 -56.61
C PHE B 713 -0.78 8.13 -56.24
N VAL B 714 -1.06 7.89 -54.96
CA VAL B 714 -2.41 7.51 -54.55
C VAL B 714 -3.43 8.51 -55.06
N HIS B 715 -3.06 9.80 -55.15
CA HIS B 715 -3.98 10.81 -55.63
C HIS B 715 -3.63 11.39 -56.99
N TYR B 716 -2.37 11.33 -57.40
CA TYR B 716 -1.88 12.11 -58.53
C TYR B 716 -1.27 11.28 -59.65
N ALA B 717 -1.27 9.95 -59.55
CA ALA B 717 -0.71 9.15 -60.63
C ALA B 717 -1.60 9.19 -61.87
N ALA B 718 -0.99 8.98 -63.03
CA ALA B 718 -1.77 8.88 -64.27
C ALA B 718 -2.77 7.73 -64.19
N SER B 719 -2.33 6.57 -63.68
CA SER B 719 -3.18 5.41 -63.52
C SER B 719 -2.62 4.56 -62.38
N LEU B 720 -3.52 3.86 -61.69
CA LEU B 720 -3.11 2.92 -60.64
C LEU B 720 -3.47 1.47 -61.00
N ASN B 721 -3.78 1.21 -62.26
CA ASN B 721 -4.01 -0.15 -62.72
C ASN B 721 -2.72 -0.95 -62.65
N ALA B 722 -2.79 -2.14 -62.05
CA ALA B 722 -1.57 -2.90 -61.79
C ALA B 722 -0.90 -3.36 -63.09
N SER B 723 -1.66 -3.95 -64.00
CA SER B 723 -0.98 -4.45 -65.19
C SER B 723 -0.65 -3.32 -66.15
N TYR B 724 -1.31 -2.17 -66.06
CA TYR B 724 -0.78 -1.01 -66.76
C TYR B 724 0.61 -0.65 -66.22
N SER B 725 0.84 -0.84 -64.92
CA SER B 725 2.14 -0.52 -64.33
C SER B 725 3.24 -1.42 -64.88
N SER B 726 2.90 -2.66 -65.24
CA SER B 726 3.82 -3.53 -65.96
C SER B 726 4.45 -2.77 -67.13
N PHE B 727 3.59 -2.29 -68.02
CA PHE B 727 3.99 -1.64 -69.26
C PHE B 727 4.51 -0.23 -69.02
N ALA B 728 3.91 0.48 -68.07
CA ALA B 728 4.22 1.89 -67.84
C ALA B 728 4.46 2.13 -66.35
N GLN B 729 5.68 2.54 -66.03
CA GLN B 729 6.01 2.90 -64.65
C GLN B 729 5.08 3.99 -64.13
N LEU B 730 4.72 3.88 -62.84
CA LEU B 730 3.89 4.90 -62.20
C LEU B 730 4.50 6.28 -62.38
N SER B 731 3.64 7.28 -62.60
CA SER B 731 4.15 8.62 -62.84
C SER B 731 3.07 9.65 -62.52
N LEU B 732 3.52 10.86 -62.18
CA LEU B 732 2.61 11.94 -61.79
C LEU B 732 1.98 12.57 -63.01
N ASP B 733 0.69 12.93 -62.87
CA ASP B 733 -0.14 13.48 -63.95
C ASP B 733 -0.85 14.72 -63.40
N VAL B 734 -0.11 15.82 -63.28
CA VAL B 734 -0.57 16.95 -62.49
C VAL B 734 -0.42 18.25 -63.26
N THR B 735 -1.19 19.25 -62.84
CA THR B 735 -1.00 20.65 -63.18
C THR B 735 -0.51 21.41 -61.96
N ILE B 736 0.52 22.23 -62.13
CA ILE B 736 1.17 22.92 -61.03
C ILE B 736 1.18 24.41 -61.31
N VAL B 737 0.77 25.21 -60.32
CA VAL B 737 0.74 26.66 -60.43
C VAL B 737 1.46 27.23 -59.22
N ALA B 738 2.55 27.95 -59.46
CA ALA B 738 3.36 28.51 -58.39
C ALA B 738 3.46 30.03 -58.53
N SER B 739 3.40 30.72 -57.40
CA SER B 739 3.50 32.17 -57.37
C SER B 739 4.89 32.65 -57.80
N HIS B 740 5.91 31.85 -57.55
CA HIS B 740 7.31 32.26 -57.68
C HIS B 740 8.16 31.07 -58.08
N GLY B 741 9.32 31.37 -58.67
CA GLY B 741 10.32 30.35 -58.93
C GLY B 741 9.87 29.29 -59.91
N ARG B 742 10.58 28.16 -59.85
CA ARG B 742 10.37 27.03 -60.76
C ARG B 742 10.27 25.72 -59.98
N VAL B 743 9.75 24.71 -60.66
CA VAL B 743 9.47 23.43 -60.03
C VAL B 743 9.97 22.29 -60.91
N GLU B 744 10.26 21.16 -60.28
CA GLU B 744 10.57 19.91 -60.94
C GLU B 744 9.89 18.77 -60.20
N ILE B 745 9.46 17.75 -60.94
CA ILE B 745 8.88 16.55 -60.34
C ILE B 745 9.65 15.32 -60.79
N GLN B 746 9.91 14.41 -59.86
CA GLN B 746 10.50 13.11 -60.15
C GLN B 746 9.87 12.12 -59.20
N GLY B 747 9.42 10.99 -59.73
CA GLY B 747 8.76 10.01 -58.86
C GLY B 747 7.58 10.64 -58.16
N GLN B 748 7.60 10.62 -56.82
CA GLN B 748 6.54 11.20 -56.01
C GLN B 748 6.99 12.49 -55.34
N THR B 749 7.98 13.18 -55.91
CA THR B 749 8.61 14.31 -55.25
C THR B 749 8.53 15.54 -56.15
N LEU B 750 8.11 16.65 -55.57
CA LEU B 750 8.10 17.95 -56.22
C LEU B 750 9.11 18.85 -55.53
N ARG B 751 10.02 19.42 -56.31
CA ARG B 751 11.04 20.34 -55.82
C ARG B 751 10.74 21.73 -56.34
N TRP B 752 10.81 22.72 -55.47
CA TRP B 752 10.32 24.07 -55.72
C TRP B 752 11.40 25.05 -55.29
N TRP B 753 12.07 25.64 -56.29
CA TRP B 753 13.11 26.65 -56.08
C TRP B 753 12.51 28.04 -56.22
N TYR B 754 12.90 28.94 -55.33
CA TYR B 754 12.48 30.32 -55.48
C TYR B 754 13.48 31.25 -54.80
N PRO B 755 13.57 32.50 -55.25
CA PRO B 755 14.35 33.50 -54.51
C PRO B 755 13.57 34.03 -53.33
N VAL B 756 14.30 34.41 -52.29
CA VAL B 756 13.69 34.99 -51.10
C VAL B 756 13.55 36.49 -51.32
N PRO B 757 12.61 37.16 -50.65
CA PRO B 757 12.44 38.60 -50.86
C PRO B 757 13.69 39.38 -50.50
N GLY B 758 13.88 40.51 -51.16
CA GLY B 758 15.03 41.35 -50.87
C GLY B 758 15.00 41.90 -49.47
N THR B 759 13.83 42.35 -49.01
CA THR B 759 13.64 42.77 -47.63
C THR B 759 12.29 42.29 -47.15
N GLY B 760 12.12 42.27 -45.84
CA GLY B 760 10.84 41.92 -45.27
C GLY B 760 10.50 40.44 -45.44
N GLU B 761 9.21 40.16 -45.56
CA GLU B 761 8.71 38.81 -45.73
C GLU B 761 7.51 38.84 -46.67
N GLU B 762 7.34 37.73 -47.40
CA GLU B 762 6.25 37.58 -48.36
C GLU B 762 5.69 36.17 -48.26
N VAL B 763 4.46 36.02 -48.73
CA VAL B 763 3.79 34.72 -48.80
C VAL B 763 3.92 34.20 -50.22
N TYR B 764 4.57 33.06 -50.38
CA TYR B 764 4.60 32.33 -51.64
C TYR B 764 3.60 31.18 -51.58
N THR B 765 3.00 30.85 -52.73
CA THR B 765 1.97 29.82 -52.77
C THR B 765 2.22 28.90 -53.97
N ILE B 766 1.78 27.65 -53.82
CA ILE B 766 1.81 26.67 -54.90
C ILE B 766 0.54 25.85 -54.81
N GLU B 767 0.04 25.44 -55.98
CA GLU B 767 -1.18 24.66 -56.08
C GLU B 767 -0.93 23.50 -57.02
N VAL B 768 -1.36 22.31 -56.61
CA VAL B 768 -1.17 21.09 -57.38
C VAL B 768 -2.52 20.41 -57.56
N GLN B 769 -2.74 19.84 -58.74
CA GLN B 769 -3.96 19.08 -58.95
C GLN B 769 -3.73 18.07 -60.07
N ARG B 770 -4.34 16.90 -59.91
CA ARG B 770 -4.27 15.90 -60.96
C ARG B 770 -5.05 16.35 -62.18
N ASN B 771 -4.47 16.14 -63.36
CA ASN B 771 -5.18 16.40 -64.61
C ASN B 771 -6.39 15.48 -64.74
N GLY B 772 -7.57 16.09 -64.87
CA GLY B 772 -8.79 15.33 -65.00
C GLY B 772 -9.48 15.00 -63.69
N GLY B 773 -9.07 15.62 -62.59
CA GLY B 773 -9.71 15.33 -61.32
C GLY B 773 -9.19 14.04 -60.72
N ALA B 774 -10.02 13.48 -59.84
CA ALA B 774 -9.56 12.39 -58.99
C ALA B 774 -9.55 11.06 -59.72
N LEU B 775 -8.86 10.10 -59.11
CA LEU B 775 -8.63 8.78 -59.67
C LEU B 775 -9.76 7.82 -59.34
N ARG B 776 -9.69 6.64 -59.99
CA ARG B 776 -10.37 5.43 -59.56
C ARG B 776 -9.32 4.52 -58.96
N ARG B 777 -9.47 4.18 -57.68
CA ARG B 777 -8.42 3.45 -56.96
C ARG B 777 -8.72 1.96 -57.02
N ASP B 778 -8.31 1.35 -58.13
CA ASP B 778 -8.41 -0.09 -58.32
C ASP B 778 -7.15 -0.62 -59.00
N MET C 2 30.19 -19.41 41.73
CA MET C 2 29.14 -19.21 40.69
C MET C 2 27.81 -18.79 41.31
N PRO C 3 27.35 -17.58 40.99
CA PRO C 3 26.11 -17.06 41.63
C PRO C 3 24.91 -17.93 41.30
N PRO C 4 23.83 -17.79 42.08
CA PRO C 4 22.57 -18.44 41.73
C PRO C 4 21.87 -17.67 40.61
N PRO C 5 21.03 -18.31 39.81
CA PRO C 5 20.56 -17.66 38.58
C PRO C 5 19.52 -16.59 38.89
N PRO C 6 19.45 -15.55 38.07
CA PRO C 6 18.45 -14.50 38.30
C PRO C 6 17.04 -14.99 37.99
N GLU C 7 16.07 -14.21 38.48
CA GLU C 7 14.67 -14.49 38.23
C GLU C 7 14.13 -13.79 36.99
N VAL C 8 14.87 -12.82 36.45
CA VAL C 8 14.53 -12.15 35.21
C VAL C 8 15.69 -12.27 34.23
N SER C 9 15.37 -12.17 32.95
CA SER C 9 16.39 -12.29 31.92
C SER C 9 17.36 -11.11 32.01
N PRO C 10 18.67 -11.35 31.91
CA PRO C 10 19.61 -10.23 31.83
C PRO C 10 19.55 -9.49 30.51
N VAL C 11 18.87 -10.04 29.50
CA VAL C 11 18.74 -9.38 28.21
C VAL C 11 17.55 -8.43 28.19
N THR C 12 16.38 -8.90 28.62
CA THR C 12 15.14 -8.14 28.49
C THR C 12 14.54 -7.71 29.82
N GLY C 13 15.06 -8.18 30.94
CA GLY C 13 14.44 -7.91 32.23
C GLY C 13 13.10 -8.57 32.46
N ASN C 14 12.61 -9.37 31.52
CA ASN C 14 11.36 -10.09 31.72
C ASN C 14 11.61 -11.37 32.52
N PRO C 15 10.58 -11.85 33.23
CA PRO C 15 10.70 -13.18 33.87
C PRO C 15 10.94 -14.26 32.82
N VAL C 16 11.52 -15.36 33.26
CA VAL C 16 11.93 -16.43 32.36
C VAL C 16 11.09 -17.67 32.59
N SER C 17 10.89 -18.43 31.50
CA SER C 17 10.20 -19.70 31.58
C SER C 17 10.94 -20.67 32.50
N PRO C 18 10.27 -21.74 32.93
CA PRO C 18 10.96 -22.77 33.73
C PRO C 18 11.98 -23.58 32.93
N HIS C 19 11.90 -23.59 31.61
CA HIS C 19 12.83 -24.31 30.75
C HIS C 19 14.00 -23.44 30.30
N TYR C 20 14.11 -22.23 30.81
CA TYR C 20 15.17 -21.30 30.44
C TYR C 20 16.53 -21.85 30.86
N ILE C 21 17.49 -21.81 29.94
CA ILE C 21 18.87 -22.16 30.25
C ILE C 21 19.64 -20.87 30.42
N HIS C 22 20.06 -20.58 31.65
CA HIS C 22 20.87 -19.40 31.91
C HIS C 22 22.27 -19.59 31.35
N SER C 23 22.84 -18.50 30.85
CA SER C 23 24.16 -18.52 30.22
C SER C 23 24.89 -17.24 30.63
N SER C 24 25.05 -17.06 31.95
CA SER C 24 25.59 -15.85 32.52
C SER C 24 26.68 -16.13 33.56
N THR C 25 27.12 -17.38 33.68
CA THR C 25 28.24 -17.75 34.53
C THR C 25 29.11 -18.72 33.74
N LEU C 26 30.04 -19.38 34.43
CA LEU C 26 30.93 -20.33 33.79
C LEU C 26 30.22 -21.59 33.30
N HIS C 27 28.98 -21.83 33.71
CA HIS C 27 28.24 -23.01 33.28
C HIS C 27 26.81 -22.62 32.96
N PHE C 28 26.23 -23.32 31.97
CA PHE C 28 24.79 -23.25 31.77
C PHE C 28 24.09 -23.66 33.08
N GLN C 29 22.96 -23.02 33.37
CA GLN C 29 22.21 -23.35 34.58
C GLN C 29 20.72 -23.40 34.29
N ASP C 30 20.03 -24.34 34.94
CA ASP C 30 18.57 -24.34 34.88
C ASP C 30 18.01 -23.40 35.95
N VAL C 31 16.69 -23.20 35.92
CA VAL C 31 16.08 -22.24 36.82
C VAL C 31 16.23 -22.65 38.27
N ASN C 32 16.54 -23.92 38.54
CA ASN C 32 16.74 -24.39 39.90
C ASN C 32 18.19 -24.28 40.34
N GLY C 33 19.04 -23.65 39.54
CA GLY C 33 20.43 -23.44 39.91
C GLY C 33 21.37 -24.58 39.57
N ARG C 34 20.88 -25.64 38.93
CA ARG C 34 21.75 -26.75 38.57
C ARG C 34 22.64 -26.38 37.39
N SER C 35 23.89 -26.80 37.45
CA SER C 35 24.82 -26.67 36.33
C SER C 35 24.50 -27.74 35.29
N LEU C 36 24.36 -27.33 34.04
CA LEU C 36 23.99 -28.23 32.96
C LEU C 36 25.16 -28.41 32.00
N VAL C 37 25.35 -29.66 31.57
CA VAL C 37 26.33 -29.99 30.55
C VAL C 37 25.54 -30.42 29.32
N LEU C 38 25.80 -29.75 28.20
CA LEU C 38 25.16 -30.04 26.92
C LEU C 38 26.18 -30.70 26.01
N ARG C 39 25.89 -31.93 25.61
CA ARG C 39 26.77 -32.69 24.73
C ARG C 39 25.94 -33.33 23.64
N GLY C 40 26.46 -33.27 22.42
CA GLY C 40 25.79 -33.88 21.30
C GLY C 40 26.58 -33.81 20.01
N VAL C 41 25.89 -33.58 18.90
CA VAL C 41 26.49 -33.69 17.59
C VAL C 41 26.09 -32.50 16.71
N ASN C 42 26.90 -32.29 15.68
CA ASN C 42 26.52 -31.43 14.56
C ASN C 42 25.61 -32.21 13.63
N LEU C 43 24.42 -31.68 13.39
CA LEU C 43 23.44 -32.32 12.51
C LEU C 43 23.01 -31.30 11.45
N SER C 44 23.50 -31.43 10.22
CA SER C 44 24.43 -32.43 9.74
C SER C 44 25.27 -31.82 8.63
N GLY C 45 26.45 -32.39 8.38
CA GLY C 45 27.22 -32.00 7.21
C GLY C 45 26.52 -32.29 5.89
N SER C 46 25.55 -33.21 5.89
CA SER C 46 24.84 -33.52 4.66
C SER C 46 24.03 -32.33 4.16
N ALA C 47 23.69 -31.39 5.03
CA ALA C 47 22.96 -30.19 4.62
C ALA C 47 23.84 -29.20 3.88
N LYS C 48 25.12 -29.51 3.69
CA LYS C 48 26.02 -28.62 2.98
C LYS C 48 25.73 -28.54 1.49
N HIS C 49 25.09 -29.54 0.93
CA HIS C 49 24.90 -29.63 -0.51
C HIS C 49 23.50 -30.12 -0.80
N PRO C 50 22.97 -29.80 -1.98
CA PRO C 50 21.61 -30.26 -2.32
C PRO C 50 21.58 -31.74 -2.62
N ASN C 51 20.37 -32.29 -2.59
CA ASN C 51 20.16 -33.70 -2.87
C ASN C 51 20.80 -34.09 -4.19
N ASN C 52 21.53 -35.21 -4.17
CA ASN C 52 22.13 -35.82 -5.35
C ASN C 52 23.19 -34.96 -6.00
N GLN C 53 23.74 -33.99 -5.28
CA GLN C 53 24.80 -33.12 -5.80
CA GLN C 53 24.82 -33.15 -5.80
C GLN C 53 25.94 -33.06 -4.79
N PRO C 54 26.55 -34.19 -4.46
CA PRO C 54 27.68 -34.20 -3.53
C PRO C 54 28.97 -33.69 -4.18
N SER C 55 29.99 -33.55 -3.34
CA SER C 55 31.24 -32.90 -3.73
C SER C 55 31.78 -33.42 -5.05
N HIS C 56 31.74 -34.73 -5.25
CA HIS C 56 32.54 -35.37 -6.28
C HIS C 56 31.87 -35.40 -7.63
N ILE C 57 30.62 -34.94 -7.74
CA ILE C 57 29.86 -35.05 -8.98
C ILE C 57 29.80 -33.69 -9.66
N ARG C 58 30.25 -33.64 -10.92
CA ARG C 58 30.18 -32.41 -11.69
C ARG C 58 28.90 -32.28 -12.48
N GLU C 59 28.31 -33.39 -12.92
CA GLU C 59 27.10 -33.32 -13.72
C GLU C 59 25.98 -32.67 -12.92
N GLY C 60 25.42 -31.59 -13.46
CA GLY C 60 24.40 -30.83 -12.78
C GLY C 60 24.93 -29.82 -11.79
N PHE C 61 26.21 -29.85 -11.45
CA PHE C 61 26.74 -29.01 -10.39
C PHE C 61 26.51 -27.54 -10.71
N TRP C 62 26.97 -27.10 -11.89
CA TRP C 62 26.83 -25.69 -12.23
C TRP C 62 25.44 -25.35 -12.72
N GLU C 63 24.79 -26.27 -13.45
CA GLU C 63 23.56 -25.93 -14.15
C GLU C 63 22.42 -25.60 -13.19
N THR C 64 22.21 -26.45 -12.18
CA THR C 64 21.12 -26.21 -11.23
C THR C 64 21.34 -24.92 -10.45
N ALA C 65 22.58 -24.66 -10.04
CA ALA C 65 22.86 -23.43 -9.29
C ALA C 65 22.67 -22.20 -10.17
N GLU C 66 23.08 -22.30 -11.45
CA GLU C 66 22.89 -21.19 -12.37
C GLU C 66 21.41 -20.90 -12.60
N ALA C 67 20.57 -21.94 -12.56
CA ALA C 67 19.13 -21.77 -12.71
C ALA C 67 18.47 -21.24 -11.46
N GLY C 68 19.24 -20.95 -10.41
CA GLY C 68 18.67 -20.53 -9.15
C GLY C 68 18.04 -21.63 -8.33
N LYS C 69 18.33 -22.89 -8.63
CA LYS C 69 17.73 -23.98 -7.88
C LYS C 69 18.60 -24.39 -6.71
N GLY C 70 18.05 -25.27 -5.87
CA GLY C 70 18.73 -25.71 -4.67
C GLY C 70 17.82 -26.55 -3.80
N ASP C 71 17.79 -27.85 -4.07
CA ASP C 71 16.89 -28.78 -3.40
C ASP C 71 17.62 -29.38 -2.19
N PHE C 72 17.47 -28.72 -1.04
CA PHE C 72 18.02 -29.17 0.22
C PHE C 72 16.99 -29.86 1.10
N ILE C 73 15.75 -29.95 0.65
CA ILE C 73 14.68 -30.50 1.50
C ILE C 73 14.99 -31.93 1.89
N ASN C 74 14.65 -32.27 3.14
CA ASN C 74 14.77 -33.59 3.75
C ASN C 74 16.21 -33.99 4.06
N LYS C 75 17.11 -33.01 4.10
CA LYS C 75 18.39 -33.13 4.74
C LYS C 75 18.48 -32.06 5.81
N PRO C 76 18.93 -32.39 7.02
CA PRO C 76 19.58 -33.65 7.43
C PRO C 76 18.69 -34.87 7.66
N LEU C 77 17.40 -34.68 7.88
CA LEU C 77 16.50 -35.77 8.25
C LEU C 77 15.33 -35.83 7.29
N ASN C 78 15.06 -37.02 6.75
CA ASN C 78 13.95 -37.18 5.81
C ASN C 78 12.65 -37.27 6.60
N LEU C 79 11.82 -36.24 6.50
CA LEU C 79 10.58 -36.17 7.25
C LEU C 79 9.44 -36.93 6.59
N ASP C 80 9.63 -37.49 5.40
CA ASP C 80 8.54 -38.11 4.66
C ASP C 80 8.53 -39.63 4.71
N ASP C 81 9.67 -40.27 5.01
CA ASP C 81 9.81 -41.70 4.85
C ASP C 81 9.89 -42.45 6.17
N GLY C 82 9.72 -41.77 7.30
CA GLY C 82 9.74 -42.41 8.61
C GLY C 82 11.11 -42.55 9.23
N SER C 83 12.18 -42.15 8.55
CA SER C 83 13.52 -42.42 9.04
C SER C 83 13.93 -41.48 10.18
N ALA C 84 13.33 -40.30 10.26
CA ALA C 84 13.88 -39.27 11.12
C ALA C 84 13.83 -39.66 12.58
N ASP C 85 12.72 -40.25 13.03
CA ASP C 85 12.56 -40.55 14.45
C ASP C 85 13.65 -41.50 14.93
N LEU C 86 14.01 -42.47 14.10
CA LEU C 86 15.02 -43.45 14.51
C LEU C 86 16.38 -42.79 14.68
N HIS C 87 16.76 -41.90 13.75
CA HIS C 87 18.02 -41.17 13.92
C HIS C 87 18.01 -40.39 15.23
N LEU C 88 16.91 -39.70 15.51
CA LEU C 88 16.84 -38.92 16.74
C LEU C 88 16.78 -39.82 17.97
N ALA C 89 16.11 -40.97 17.85
CA ALA C 89 16.12 -41.93 18.94
C ALA C 89 17.54 -42.43 19.19
N ARG C 90 18.28 -42.73 18.13
CA ARG C 90 19.65 -43.19 18.30
C ARG C 90 20.48 -42.16 19.06
N LEU C 91 20.39 -40.90 18.65
CA LEU C 91 21.18 -39.85 19.30
C LEU C 91 20.75 -39.65 20.75
N LYS C 92 19.46 -39.75 21.02
CA LYS C 92 19.01 -39.66 22.41
C LYS C 92 19.47 -40.87 23.23
N ALA C 93 19.44 -42.06 22.63
CA ALA C 93 19.86 -43.26 23.34
C ALA C 93 21.34 -43.23 23.69
N TRP C 94 22.16 -42.55 22.87
CA TRP C 94 23.56 -42.35 23.17
C TRP C 94 23.82 -41.28 24.23
N GLY C 95 22.77 -40.69 24.79
CA GLY C 95 22.91 -39.71 25.86
C GLY C 95 22.96 -38.27 25.42
N TYR C 96 22.91 -37.99 24.13
CA TYR C 96 23.06 -36.62 23.67
C TYR C 96 21.80 -35.80 23.95
N ASN C 97 22.00 -34.54 24.34
CA ASN C 97 20.91 -33.60 24.54
C ASN C 97 21.09 -32.31 23.74
N LEU C 98 22.07 -32.27 22.83
CA LEU C 98 22.38 -31.05 22.10
C LEU C 98 22.59 -31.36 20.62
N LEU C 99 22.04 -30.50 19.77
CA LEU C 99 22.33 -30.51 18.34
C LEU C 99 22.81 -29.13 17.93
N ARG C 100 23.92 -29.09 17.19
CA ARG C 100 24.31 -27.91 16.43
C ARG C 100 23.73 -28.11 15.05
N TYR C 101 22.75 -27.30 14.68
CA TYR C 101 21.96 -27.52 13.47
C TYR C 101 22.58 -26.74 12.31
N VAL C 102 23.00 -27.45 11.27
CA VAL C 102 23.74 -26.89 10.16
C VAL C 102 22.77 -26.46 9.05
N PHE C 103 22.87 -25.20 8.63
CA PHE C 103 22.19 -24.70 7.45
C PHE C 103 23.14 -23.74 6.73
N THR C 104 22.96 -23.61 5.42
CA THR C 104 23.80 -22.71 4.63
C THR C 104 23.01 -21.52 4.09
N TRP C 105 23.75 -20.45 3.81
CA TRP C 105 23.19 -19.30 3.11
C TRP C 105 22.57 -19.71 1.78
N GLU C 106 23.27 -20.55 1.01
CA GLU C 106 22.74 -21.02 -0.26
C GLU C 106 21.37 -21.67 -0.06
N SER C 107 21.23 -22.48 1.00
CA SER C 107 19.99 -23.17 1.30
C SER C 107 18.82 -22.19 1.34
N LEU C 108 19.07 -20.98 1.82
CA LEU C 108 18.04 -19.99 2.09
C LEU C 108 17.81 -19.03 0.93
N GLU C 109 18.79 -18.86 0.04
CA GLU C 109 18.77 -17.75 -0.91
C GLU C 109 19.40 -18.14 -2.23
N HIS C 110 19.20 -19.39 -2.67
CA HIS C 110 19.81 -19.82 -3.92
C HIS C 110 19.15 -19.18 -5.15
N ALA C 111 17.86 -18.82 -5.06
CA ALA C 111 17.17 -18.34 -6.25
C ALA C 111 17.69 -17.00 -6.71
N GLY C 112 18.13 -16.15 -5.78
CA GLY C 112 18.67 -14.86 -6.13
C GLY C 112 18.61 -13.94 -4.93
N PRO C 113 19.18 -12.73 -5.06
CA PRO C 113 19.19 -11.81 -3.92
C PRO C 113 17.77 -11.54 -3.44
N LYS C 114 17.52 -11.88 -2.16
CA LYS C 114 16.28 -11.64 -1.43
C LYS C 114 15.14 -12.53 -1.90
N GLU C 115 15.45 -13.58 -2.65
CA GLU C 115 14.45 -14.57 -3.07
C GLU C 115 14.66 -15.80 -2.17
N TYR C 116 13.93 -15.84 -1.06
CA TYR C 116 14.22 -16.80 -0.01
C TYR C 116 13.39 -18.06 -0.18
N ASP C 117 13.99 -19.19 0.20
CA ASP C 117 13.35 -20.50 0.11
C ASP C 117 12.55 -20.75 1.38
N TYR C 118 11.33 -20.21 1.40
CA TYR C 118 10.47 -20.36 2.56
C TYR C 118 10.03 -21.79 2.75
N ALA C 119 9.95 -22.57 1.67
CA ALA C 119 9.64 -23.99 1.82
C ALA C 119 10.71 -24.70 2.64
N TYR C 120 11.98 -24.37 2.40
CA TYR C 120 13.06 -24.99 3.16
C TYR C 120 13.07 -24.48 4.59
N MET C 121 12.77 -23.19 4.80
CA MET C 121 12.70 -22.69 6.17
C MET C 121 11.61 -23.39 6.94
N ASP C 122 10.46 -23.64 6.30
CA ASP C 122 9.39 -24.36 6.97
C ASP C 122 9.79 -25.82 7.22
N TYR C 123 10.59 -26.40 6.33
CA TYR C 123 11.13 -27.73 6.58
C TYR C 123 12.05 -27.71 7.81
N ILE C 124 12.95 -26.72 7.89
CA ILE C 124 13.82 -26.62 9.07
C ILE C 124 12.97 -26.56 10.32
N ILE C 125 11.88 -25.80 10.29
CA ILE C 125 11.02 -25.67 11.46
C ILE C 125 10.41 -27.02 11.83
N ALA C 126 10.02 -27.81 10.83
CA ALA C 126 9.46 -29.12 11.14
C ALA C 126 10.52 -30.05 11.70
N VAL C 127 11.76 -29.94 11.23
CA VAL C 127 12.84 -30.72 11.83
C VAL C 127 13.05 -30.30 13.27
N LEU C 128 13.03 -28.99 13.53
CA LEU C 128 13.24 -28.50 14.90
C LEU C 128 12.14 -28.97 15.84
N ARG C 129 10.91 -29.09 15.32
CA ARG C 129 9.81 -29.56 16.17
C ARG C 129 10.02 -31.02 16.57
N LYS C 130 10.51 -31.85 15.66
CA LYS C 130 10.91 -33.21 16.02
C LYS C 130 11.98 -33.19 17.09
N CYS C 131 13.03 -32.38 16.89
CA CYS C 131 14.11 -32.31 17.87
C CYS C 131 13.58 -31.92 19.23
N LYS C 132 12.62 -30.99 19.28
CA LYS C 132 12.04 -30.62 20.56
C LYS C 132 11.28 -31.78 21.16
N GLU C 133 10.52 -32.53 20.34
CA GLU C 133 9.82 -33.71 20.83
C GLU C 133 10.79 -34.68 21.48
N TRP C 134 11.98 -34.84 20.88
CA TRP C 134 12.96 -35.80 21.35
C TRP C 134 13.88 -35.23 22.44
N GLY C 135 13.59 -34.04 22.93
CA GLY C 135 14.25 -33.52 24.11
C GLY C 135 15.56 -32.80 23.88
N PHE C 136 15.83 -32.36 22.66
CA PHE C 136 17.12 -31.76 22.35
C PHE C 136 17.07 -30.25 22.54
N ARG C 137 18.18 -29.70 23.05
CA ARG C 137 18.46 -28.28 22.91
C ARG C 137 19.24 -28.08 21.62
N VAL C 138 18.96 -26.98 20.92
CA VAL C 138 19.53 -26.73 19.61
C VAL C 138 20.07 -25.30 19.56
N PHE C 139 21.25 -25.13 18.95
CA PHE C 139 21.68 -23.81 18.53
C PHE C 139 22.04 -23.88 17.05
N MET C 140 21.78 -22.76 16.36
CA MET C 140 21.77 -22.73 14.92
C MET C 140 23.15 -22.32 14.40
N ASP C 141 23.60 -23.01 13.35
CA ASP C 141 24.92 -22.83 12.76
C ASP C 141 24.76 -22.34 11.33
N PRO C 142 24.92 -21.04 11.05
CA PRO C 142 25.05 -20.59 9.66
C PRO C 142 26.39 -21.03 9.11
N HIS C 143 26.38 -22.07 8.29
CA HIS C 143 27.59 -22.80 7.98
C HIS C 143 28.16 -22.42 6.62
N GLN C 144 29.49 -22.36 6.56
CA GLN C 144 30.20 -22.23 5.30
C GLN C 144 31.59 -22.85 5.44
N ASP C 145 32.17 -23.22 4.31
CA ASP C 145 33.56 -23.65 4.20
C ASP C 145 34.14 -23.04 2.93
N VAL C 146 35.28 -22.35 3.07
CA VAL C 146 35.96 -21.65 1.97
C VAL C 146 34.93 -20.96 1.08
N TRP C 147 34.03 -20.22 1.73
CA TRP C 147 33.07 -19.29 1.17
C TRP C 147 31.85 -19.99 0.58
N SER C 148 32.04 -20.98 -0.30
CA SER C 148 30.91 -21.64 -0.92
C SER C 148 31.35 -22.95 -1.56
N ARG C 149 30.36 -23.75 -1.95
CA ARG C 149 30.63 -24.95 -2.74
C ARG C 149 31.36 -24.61 -4.03
N PHE C 150 30.99 -23.49 -4.65
CA PHE C 150 31.56 -23.09 -5.93
C PHE C 150 32.97 -22.55 -5.80
N THR C 151 33.46 -22.35 -4.58
CA THR C 151 34.86 -22.05 -4.34
C THR C 151 35.52 -23.10 -3.45
N GLY C 152 34.94 -24.30 -3.39
CA GLY C 152 35.61 -25.46 -2.83
C GLY C 152 35.02 -26.02 -1.55
N GLY C 153 33.89 -25.50 -1.08
CA GLY C 153 33.38 -25.95 0.20
C GLY C 153 31.87 -25.96 0.35
N SER C 154 31.36 -24.97 1.07
CA SER C 154 29.94 -24.87 1.34
C SER C 154 29.68 -23.43 1.77
N GLY C 155 28.42 -23.03 1.71
CA GLY C 155 28.03 -21.73 2.22
C GLY C 155 27.15 -20.88 1.33
N ALA C 156 27.75 -19.93 0.63
CA ALA C 156 27.02 -18.86 -0.01
C ALA C 156 26.45 -19.30 -1.37
N PRO C 157 25.36 -18.65 -1.80
CA PRO C 157 24.82 -18.95 -3.13
C PRO C 157 25.78 -18.55 -4.25
N LEU C 158 25.64 -19.23 -5.38
CA LEU C 158 26.53 -18.98 -6.51
C LEU C 158 26.50 -17.53 -6.98
N TRP C 159 25.37 -16.84 -6.83
CA TRP C 159 25.34 -15.48 -7.36
C TRP C 159 26.29 -14.54 -6.63
N THR C 160 26.77 -14.91 -5.43
CA THR C 160 27.74 -14.05 -4.76
C THR C 160 29.06 -13.99 -5.51
N LEU C 161 29.44 -15.08 -6.19
CA LEU C 161 30.68 -15.02 -6.98
C LEU C 161 30.54 -14.01 -8.10
N TYR C 162 29.40 -14.02 -8.80
CA TYR C 162 29.14 -13.05 -9.84
C TYR C 162 29.15 -11.63 -9.29
N ALA C 163 28.54 -11.44 -8.11
CA ALA C 163 28.55 -10.10 -7.51
C ALA C 163 29.97 -9.63 -7.24
N CYS C 164 30.89 -10.55 -6.94
CA CYS C 164 32.29 -10.22 -6.73
C CYS C 164 33.08 -10.08 -8.02
N GLY C 165 32.43 -10.19 -9.18
CA GLY C 165 33.15 -10.04 -10.43
C GLY C 165 33.99 -11.21 -10.84
N ILE C 166 33.64 -12.41 -10.38
CA ILE C 166 34.42 -13.62 -10.63
C ILE C 166 33.64 -14.52 -11.58
N ASP C 167 34.31 -15.00 -12.61
CA ASP C 167 33.75 -15.99 -13.51
C ASP C 167 33.98 -17.37 -12.90
N PRO C 168 32.93 -18.06 -12.44
CA PRO C 168 33.18 -19.34 -11.74
C PRO C 168 33.88 -20.37 -12.59
N TYR C 169 33.69 -20.34 -13.91
CA TYR C 169 34.20 -21.40 -14.77
C TYR C 169 35.67 -21.28 -15.06
N HIS C 170 36.34 -20.25 -14.56
CA HIS C 170 37.79 -20.11 -14.70
C HIS C 170 38.51 -20.18 -13.35
N LEU C 171 37.84 -20.68 -12.31
CA LEU C 171 38.52 -20.88 -11.03
C LEU C 171 39.61 -21.95 -11.14
N THR C 172 39.30 -23.06 -11.79
CA THR C 172 40.24 -24.17 -11.88
C THR C 172 41.47 -23.79 -12.71
N ALA C 173 41.25 -23.25 -13.91
CA ALA C 173 42.37 -22.98 -14.80
C ALA C 173 43.36 -22.02 -14.16
N THR C 174 42.87 -21.03 -13.41
CA THR C 174 43.71 -20.05 -12.75
C THR C 174 44.18 -20.52 -11.38
N ALA C 175 43.72 -21.69 -10.92
CA ALA C 175 44.01 -22.17 -9.57
C ALA C 175 43.50 -21.20 -8.51
N ALA C 176 42.49 -20.40 -8.84
CA ALA C 176 41.92 -19.51 -7.85
C ALA C 176 41.11 -20.28 -6.80
N ALA C 177 40.67 -21.50 -7.12
CA ALA C 177 40.08 -22.40 -6.13
C ALA C 177 40.19 -23.82 -6.67
N TYR C 178 40.36 -24.78 -5.75
CA TYR C 178 40.38 -26.20 -6.08
C TYR C 178 39.03 -26.80 -5.70
N LEU C 179 38.28 -27.23 -6.71
CA LEU C 179 36.99 -27.88 -6.49
C LEU C 179 37.12 -29.38 -6.65
N HIS C 180 36.50 -30.12 -5.74
CA HIS C 180 36.50 -31.57 -5.82
C HIS C 180 36.02 -32.07 -7.18
N CYS C 181 34.97 -31.44 -7.71
CA CYS C 181 34.33 -31.89 -8.94
C CYS C 181 35.19 -31.65 -10.18
N GLU C 182 36.21 -30.80 -10.09
CA GLU C 182 37.05 -30.46 -11.23
C GLU C 182 38.52 -30.76 -10.93
N TRP C 183 38.77 -31.78 -10.12
CA TRP C 183 40.13 -32.15 -9.78
C TRP C 183 40.55 -33.41 -10.52
N PRO C 184 41.71 -33.44 -11.17
CA PRO C 184 42.71 -32.35 -11.27
C PRO C 184 42.36 -31.29 -12.31
N SER C 185 41.40 -31.61 -13.20
CA SER C 185 40.91 -30.65 -14.18
C SER C 185 39.46 -30.96 -14.48
N ALA C 186 38.74 -29.94 -14.96
CA ALA C 186 37.33 -30.13 -15.26
C ALA C 186 37.13 -31.06 -16.45
N GLU C 187 38.12 -31.15 -17.34
CA GLU C 187 37.98 -31.98 -18.53
C GLU C 187 38.09 -33.46 -18.16
N SER C 188 39.07 -33.82 -17.34
CA SER C 188 39.33 -35.21 -16.94
C SER C 188 39.43 -35.28 -15.43
N PRO C 189 38.30 -35.19 -14.73
CA PRO C 189 38.37 -35.24 -13.26
C PRO C 189 38.52 -36.65 -12.73
N LYS C 190 39.36 -36.78 -11.71
CA LYS C 190 39.55 -38.02 -10.95
C LYS C 190 39.27 -37.65 -9.49
N PRO C 191 37.99 -37.54 -9.11
CA PRO C 191 37.68 -37.04 -7.76
C PRO C 191 38.30 -37.86 -6.63
N GLN C 192 38.44 -39.17 -6.80
CA GLN C 192 39.01 -39.98 -5.73
C GLN C 192 40.50 -39.75 -5.53
N ASP C 193 41.14 -38.95 -6.38
CA ASP C 193 42.52 -38.54 -6.17
C ASP C 193 42.65 -37.23 -5.40
N PHE C 194 41.54 -36.57 -5.09
CA PHE C 194 41.54 -35.30 -4.37
C PHE C 194 42.39 -35.44 -3.10
N PRO C 195 43.49 -34.70 -2.98
CA PRO C 195 44.37 -34.90 -1.82
C PRO C 195 43.66 -34.66 -0.51
N ALA C 196 44.17 -35.30 0.54
CA ALA C 196 43.56 -35.26 1.87
C ALA C 196 43.56 -33.84 2.42
N MET C 197 42.36 -33.33 2.74
CA MET C 197 42.19 -32.04 3.39
C MET C 197 42.85 -30.90 2.63
N ILE C 198 42.94 -31.03 1.30
CA ILE C 198 43.41 -29.92 0.49
C ILE C 198 42.37 -28.79 0.46
N TRP C 199 41.09 -29.13 0.63
CA TRP C 199 40.02 -28.15 0.47
C TRP C 199 40.26 -26.91 1.34
N GLY C 200 40.87 -27.09 2.51
CA GLY C 200 41.13 -25.98 3.40
C GLY C 200 42.13 -24.97 2.86
N THR C 201 43.00 -25.38 1.93
CA THR C 201 43.93 -24.42 1.34
C THR C 201 43.23 -23.41 0.43
N ASN C 202 41.98 -23.63 0.06
CA ASN C 202 41.28 -22.64 -0.74
C ASN C 202 41.22 -21.30 -0.03
N TYR C 203 41.32 -21.29 1.31
CA TYR C 203 41.30 -20.01 2.04
C TYR C 203 42.46 -19.10 1.65
N THR C 204 43.56 -19.65 1.16
CA THR C 204 44.73 -18.87 0.80
C THR C 204 45.01 -18.95 -0.70
N HIS C 205 43.96 -19.15 -1.50
CA HIS C 205 44.00 -19.01 -2.94
C HIS C 205 43.12 -17.82 -3.33
N LEU C 206 43.21 -17.43 -4.60
CA LEU C 206 42.81 -16.07 -4.97
C LEU C 206 41.32 -15.82 -4.78
N ALA C 207 40.46 -16.80 -5.07
CA ALA C 207 39.02 -16.56 -4.96
C ALA C 207 38.63 -16.20 -3.53
N ASN C 208 39.00 -17.05 -2.57
CA ASN C 208 38.69 -16.76 -1.17
C ASN C 208 39.46 -15.55 -0.68
N GLN C 209 40.72 -15.40 -1.12
CA GLN C 209 41.49 -14.24 -0.70
C GLN C 209 40.80 -12.95 -1.12
N THR C 210 40.13 -12.96 -2.27
CA THR C 210 39.41 -11.78 -2.73
C THR C 210 38.08 -11.62 -1.99
N ILE C 211 37.26 -12.67 -1.98
CA ILE C 211 35.88 -12.55 -1.53
C ILE C 211 35.81 -12.21 -0.04
N TRP C 212 36.67 -12.84 0.77
CA TRP C 212 36.65 -12.54 2.20
C TRP C 212 37.15 -11.12 2.49
N THR C 213 38.09 -10.61 1.68
CA THR C 213 38.50 -9.22 1.82
C THR C 213 37.35 -8.28 1.50
N PHE C 214 36.61 -8.56 0.42
CA PHE C 214 35.38 -7.83 0.15
C PHE C 214 34.43 -7.93 1.33
N PHE C 215 34.16 -9.17 1.79
CA PHE C 215 33.10 -9.40 2.76
C PHE C 215 33.33 -8.61 4.04
N PHE C 216 34.54 -8.68 4.60
CA PHE C 216 34.81 -8.06 5.89
C PHE C 216 35.37 -6.64 5.81
N ALA C 217 36.02 -6.27 4.69
CA ALA C 217 36.76 -5.00 4.67
C ALA C 217 36.72 -4.33 3.30
N GLY C 218 35.67 -4.57 2.51
CA GLY C 218 35.63 -4.01 1.17
C GLY C 218 35.64 -2.50 1.15
N LYS C 219 35.01 -1.87 2.14
CA LYS C 219 35.03 -0.41 2.20
C LYS C 219 36.45 0.12 2.38
N THR C 220 37.33 -0.64 3.01
CA THR C 220 38.68 -0.18 3.28
C THR C 220 39.63 -0.50 2.13
N TYR C 221 39.59 -1.72 1.60
CA TYR C 221 40.57 -2.14 0.62
C TYR C 221 40.07 -2.15 -0.82
N ALA C 222 38.75 -2.07 -1.04
CA ALA C 222 38.20 -2.05 -2.40
C ALA C 222 37.11 -0.99 -2.50
N PRO C 223 37.45 0.28 -2.22
CA PRO C 223 36.42 1.33 -2.22
C PRO C 223 35.74 1.54 -3.57
N LYS C 224 36.38 1.16 -4.68
CA LYS C 224 35.74 1.34 -5.98
C LYS C 224 34.71 0.26 -6.29
N CYS C 225 34.56 -0.75 -5.44
CA CYS C 225 33.71 -1.90 -5.75
C CYS C 225 32.31 -1.60 -5.23
N ILE C 226 31.58 -0.82 -6.02
CA ILE C 226 30.24 -0.37 -5.67
C ILE C 226 29.23 -1.24 -6.40
N ILE C 227 28.14 -1.57 -5.70
CA ILE C 227 27.10 -2.43 -6.26
C ILE C 227 25.78 -2.06 -5.58
N ASP C 228 24.78 -1.73 -6.40
CA ASP C 228 23.51 -1.19 -5.91
C ASP C 228 23.74 -0.01 -4.96
N GLY C 229 24.66 0.87 -5.33
CA GLY C 229 24.98 2.02 -4.52
C GLY C 229 25.69 1.72 -3.21
N LYS C 230 26.02 0.47 -2.94
CA LYS C 230 26.69 0.05 -1.73
C LYS C 230 28.09 -0.46 -2.06
N ASN C 231 29.00 -0.36 -1.10
CA ASN C 231 30.22 -1.14 -1.24
C ASN C 231 29.89 -2.63 -1.15
N ILE C 232 30.65 -3.43 -1.88
CA ILE C 232 30.42 -4.88 -1.89
C ILE C 232 30.44 -5.45 -0.47
N GLN C 233 31.20 -4.82 0.43
CA GLN C 233 31.20 -5.24 1.82
C GLN C 233 29.79 -5.19 2.42
N ASP C 234 29.12 -4.05 2.29
CA ASP C 234 27.75 -3.93 2.81
C ASP C 234 26.79 -4.84 2.05
N PHE C 235 26.98 -4.95 0.73
CA PHE C 235 26.08 -5.77 -0.08
C PHE C 235 26.12 -7.22 0.37
N LEU C 236 27.31 -7.80 0.48
CA LEU C 236 27.42 -9.19 0.89
C LEU C 236 26.96 -9.38 2.33
N GLN C 237 27.45 -8.53 3.25
CA GLN C 237 27.13 -8.70 4.65
C GLN C 237 25.64 -8.51 4.89
N ASP C 238 25.05 -7.47 4.31
CA ASP C 238 23.61 -7.25 4.50
C ASP C 238 22.79 -8.45 4.02
N HIS C 239 23.15 -9.02 2.86
CA HIS C 239 22.38 -10.14 2.35
C HIS C 239 22.54 -11.38 3.23
N PHE C 240 23.76 -11.66 3.70
CA PHE C 240 23.95 -12.80 4.60
C PHE C 240 23.16 -12.62 5.89
N ILE C 241 23.34 -11.47 6.56
CA ILE C 241 22.61 -11.22 7.79
C ILE C 241 21.11 -11.26 7.54
N ASP C 242 20.66 -10.66 6.43
CA ASP C 242 19.23 -10.66 6.14
C ASP C 242 18.71 -12.08 5.97
N ALA C 243 19.50 -12.96 5.33
CA ALA C 243 19.04 -14.32 5.09
C ALA C 243 18.88 -15.08 6.40
N VAL C 244 19.89 -15.03 7.26
CA VAL C 244 19.79 -15.68 8.55
C VAL C 244 18.68 -15.04 9.37
N GLY C 245 18.54 -13.72 9.27
CA GLY C 245 17.46 -13.05 9.97
C GLY C 245 16.08 -13.44 9.49
N GLU C 246 15.93 -13.71 8.20
CA GLU C 246 14.63 -14.18 7.71
C GLU C 246 14.30 -15.56 8.29
N LEU C 247 15.30 -16.43 8.46
CA LEU C 247 15.05 -17.73 9.09
C LEU C 247 14.66 -17.54 10.55
N ALA C 248 15.42 -16.74 11.28
CA ALA C 248 15.06 -16.44 12.66
C ALA C 248 13.66 -15.85 12.74
N LYS C 249 13.34 -14.91 11.85
CA LYS C 249 12.00 -14.34 11.83
C LYS C 249 10.95 -15.42 11.58
N ARG C 250 11.20 -16.30 10.61
CA ARG C 250 10.25 -17.37 10.31
C ARG C 250 9.99 -18.24 11.55
N ILE C 251 11.05 -18.57 12.29
CA ILE C 251 10.85 -19.36 13.50
C ILE C 251 10.10 -18.57 14.55
N ALA C 252 10.48 -17.30 14.74
CA ALA C 252 9.82 -16.47 15.73
C ALA C 252 8.32 -16.38 15.49
N GLU C 253 7.92 -16.18 14.24
CA GLU C 253 6.52 -15.88 13.93
C GLU C 253 5.70 -17.13 13.66
N GLU C 254 6.30 -18.17 13.09
CA GLU C 254 5.55 -19.38 12.77
C GLU C 254 5.64 -20.44 13.86
N ALA C 255 6.69 -20.42 14.67
CA ALA C 255 6.94 -21.49 15.62
C ALA C 255 7.68 -20.93 16.85
N GLY C 256 7.06 -19.92 17.48
CA GLY C 256 7.68 -19.29 18.62
C GLY C 256 7.88 -20.20 19.80
N ASP C 257 7.11 -21.28 19.88
CA ASP C 257 7.29 -22.24 20.96
C ASP C 257 8.67 -22.87 20.94
N LEU C 258 9.33 -22.86 19.78
CA LEU C 258 10.66 -23.48 19.68
C LEU C 258 11.71 -22.66 20.41
N LEU C 259 11.51 -21.35 20.49
CA LEU C 259 12.53 -20.48 21.05
C LEU C 259 12.74 -20.75 22.54
N ASP C 260 14.01 -20.93 22.91
CA ASP C 260 14.44 -21.03 24.30
C ASP C 260 14.16 -22.37 24.95
N GLU C 261 13.00 -23.00 24.68
CA GLU C 261 12.82 -24.36 25.12
C GLU C 261 13.64 -25.32 24.27
N CYS C 262 13.70 -25.08 22.96
CA CYS C 262 14.51 -25.89 22.07
C CYS C 262 15.64 -25.08 21.44
N VAL C 263 15.33 -24.08 20.61
CA VAL C 263 16.38 -23.26 20.01
C VAL C 263 16.85 -22.27 21.06
N ILE C 264 18.04 -22.50 21.62
CA ILE C 264 18.52 -21.64 22.68
C ILE C 264 19.41 -20.49 22.19
N GLY C 265 19.89 -20.55 20.95
CA GLY C 265 20.71 -19.45 20.46
C GLY C 265 21.25 -19.73 19.08
N TRP C 266 22.14 -18.83 18.63
CA TRP C 266 22.65 -18.82 17.27
C TRP C 266 24.16 -18.64 17.29
N ASP C 267 24.86 -19.53 16.58
CA ASP C 267 26.28 -19.36 16.33
C ASP C 267 26.51 -18.22 15.35
N SER C 268 27.69 -17.62 15.40
CA SER C 268 28.08 -16.66 14.38
C SER C 268 28.58 -17.41 13.14
N ILE C 269 28.90 -16.65 12.08
CA ILE C 269 29.27 -17.29 10.82
C ILE C 269 30.43 -18.24 11.03
N ASN C 270 30.32 -19.43 10.44
CA ASN C 270 31.26 -20.51 10.70
C ASN C 270 32.63 -20.23 10.09
N GLU C 271 33.69 -20.47 10.88
CA GLU C 271 35.09 -20.39 10.49
C GLU C 271 35.33 -19.35 9.40
N PRO C 272 35.11 -18.08 9.70
CA PRO C 272 35.18 -17.05 8.63
C PRO C 272 36.60 -16.91 8.09
N GLY C 273 36.68 -16.77 6.77
CA GLY C 273 37.96 -16.51 6.14
C GLY C 273 38.43 -15.09 6.39
N GLU C 274 39.74 -14.92 6.51
CA GLU C 274 40.33 -13.61 6.71
C GLU C 274 40.73 -12.92 5.39
N GLY C 275 40.74 -13.65 4.29
CA GLY C 275 41.12 -13.04 3.02
C GLY C 275 42.57 -12.62 3.06
N LEU C 276 42.84 -11.40 2.58
CA LEU C 276 44.18 -10.84 2.59
C LEU C 276 44.37 -9.82 3.71
N ILE C 277 43.36 -9.58 4.53
CA ILE C 277 43.43 -8.57 5.57
C ILE C 277 44.53 -8.94 6.55
N GLY C 278 45.45 -8.00 6.78
CA GLY C 278 46.57 -8.23 7.65
C GLY C 278 47.78 -8.86 7.02
N CYS C 279 47.75 -9.11 5.71
CA CYS C 279 48.92 -9.65 5.03
C CYS C 279 50.04 -8.62 5.05
N LYS C 280 51.16 -8.95 5.69
CA LYS C 280 52.25 -8.00 5.81
C LYS C 280 53.09 -7.89 4.55
N ASP C 281 53.09 -8.91 3.70
CA ASP C 281 53.95 -8.95 2.53
C ASP C 281 53.29 -9.86 1.49
N LEU C 282 52.68 -9.24 0.47
CA LEU C 282 52.00 -10.01 -0.56
C LEU C 282 52.94 -10.87 -1.38
N ALA C 283 54.25 -10.76 -1.20
CA ALA C 283 55.21 -11.51 -1.99
C ALA C 283 55.61 -12.83 -1.36
N VAL C 284 55.23 -13.08 -0.11
CA VAL C 284 55.69 -14.28 0.58
C VAL C 284 54.51 -15.00 1.21
N ILE C 285 54.72 -16.29 1.45
CA ILE C 285 53.85 -17.11 2.30
C ILE C 285 54.32 -16.89 3.73
N PRO C 286 53.48 -16.36 4.62
CA PRO C 286 53.90 -16.26 6.02
C PRO C 286 54.22 -17.63 6.62
N ALA C 287 55.32 -17.70 7.38
CA ALA C 287 55.51 -18.84 8.27
C ALA C 287 54.38 -18.90 9.28
N GLU C 288 53.79 -17.74 9.60
CA GLU C 288 52.55 -17.67 10.36
C GLU C 288 51.56 -18.73 9.92
N GLN C 289 51.27 -18.74 8.62
CA GLN C 289 50.19 -19.55 8.06
C GLN C 289 50.43 -21.03 8.36
N GLN C 290 49.46 -21.65 9.03
CA GLN C 290 49.63 -23.01 9.49
C GLN C 290 49.41 -24.03 8.38
N LEU C 291 48.37 -23.83 7.56
CA LEU C 291 47.96 -24.83 6.59
C LEU C 291 48.55 -24.51 5.22
N LYS C 292 49.40 -25.40 4.72
CA LYS C 292 49.89 -25.39 3.35
C LYS C 292 49.87 -26.83 2.86
N LYS C 293 49.27 -27.07 1.71
CA LYS C 293 49.33 -28.39 1.12
C LYS C 293 49.13 -28.27 -0.39
N GLY C 294 49.94 -28.98 -1.14
CA GLY C 294 49.89 -28.91 -2.58
C GLY C 294 50.41 -27.59 -3.09
N PRO C 295 50.11 -27.27 -4.36
CA PRO C 295 50.59 -26.01 -4.93
C PRO C 295 50.04 -24.82 -4.15
N SER C 296 50.94 -23.94 -3.73
CA SER C 296 50.58 -22.83 -2.85
C SER C 296 51.18 -21.52 -3.37
N PRO C 297 50.49 -20.87 -4.31
CA PRO C 297 50.95 -19.55 -4.76
C PRO C 297 50.96 -18.54 -3.62
N THR C 298 51.95 -17.65 -3.63
CA THR C 298 51.89 -16.48 -2.78
C THR C 298 50.73 -15.61 -3.24
N PRO C 299 50.36 -14.61 -2.44
CA PRO C 299 49.27 -13.73 -2.88
C PRO C 299 49.53 -13.10 -4.24
N ILE C 300 50.74 -12.60 -4.48
CA ILE C 300 51.01 -11.94 -5.77
C ILE C 300 51.04 -12.98 -6.90
N GLU C 301 51.59 -14.16 -6.64
CA GLU C 301 51.60 -15.19 -7.66
C GLU C 301 50.18 -15.59 -8.04
N GLY C 302 49.29 -15.67 -7.05
CA GLY C 302 47.91 -16.03 -7.35
C GLY C 302 47.21 -14.96 -8.16
N MET C 303 47.52 -13.70 -7.89
CA MET C 303 46.94 -12.61 -8.68
C MET C 303 47.46 -12.66 -10.12
N ARG C 304 48.76 -12.93 -10.29
CA ARG C 304 49.30 -13.10 -11.63
C ARG C 304 48.59 -14.24 -12.35
N LEU C 305 48.43 -15.39 -11.66
CA LEU C 305 47.65 -16.49 -12.23
C LEU C 305 46.25 -16.04 -12.60
N GLY C 306 45.65 -15.16 -11.78
CA GLY C 306 44.31 -14.69 -12.06
C GLY C 306 44.19 -13.87 -13.32
N MET C 307 45.30 -13.29 -13.78
CA MET C 307 45.36 -12.57 -15.05
C MET C 307 45.85 -13.46 -16.18
N GLY C 308 45.94 -14.77 -15.96
CA GLY C 308 46.30 -15.71 -17.01
C GLY C 308 47.78 -15.99 -17.15
N GLU C 309 48.60 -15.40 -16.31
CA GLU C 309 50.05 -15.52 -16.39
C GLU C 309 50.52 -16.77 -15.68
N ALA C 310 51.34 -17.57 -16.36
CA ALA C 310 51.87 -18.78 -15.75
C ALA C 310 52.83 -18.42 -14.62
N GLN C 311 52.85 -19.27 -13.58
CA GLN C 311 53.73 -19.09 -12.44
C GLN C 311 54.28 -20.43 -12.00
N ASP C 312 55.53 -20.41 -11.54
CA ASP C 312 56.12 -21.54 -10.83
C ASP C 312 55.90 -21.32 -9.34
N VAL C 313 55.27 -22.28 -8.68
CA VAL C 313 54.84 -22.08 -7.30
C VAL C 313 55.42 -23.16 -6.41
N GLN C 314 55.51 -22.84 -5.13
CA GLN C 314 55.96 -23.78 -4.12
C GLN C 314 54.84 -24.74 -3.77
N ALA C 315 55.15 -26.03 -3.78
CA ALA C 315 54.24 -27.06 -3.31
C ALA C 315 54.71 -27.52 -1.93
N TRP C 316 53.75 -27.81 -1.05
CA TRP C 316 54.05 -28.19 0.32
C TRP C 316 53.50 -29.58 0.61
N ASN C 317 54.18 -30.27 1.51
CA ASN C 317 53.75 -31.56 2.03
C ASN C 317 53.46 -31.40 3.51
N PHE C 318 52.57 -32.24 4.04
CA PHE C 318 52.29 -32.23 5.46
C PHE C 318 53.09 -33.34 6.13
N GLY C 319 54.15 -32.96 6.84
CA GLY C 319 55.02 -33.91 7.48
C GLY C 319 54.67 -34.11 8.95
N PRO C 320 55.51 -34.88 9.65
CA PRO C 320 55.21 -35.16 11.07
C PRO C 320 55.24 -33.94 11.95
N MET C 321 56.03 -32.93 11.59
CA MET C 321 56.10 -31.68 12.34
C MET C 321 55.36 -30.54 11.65
N GLY C 322 54.41 -30.86 10.77
CA GLY C 322 53.67 -29.85 10.06
C GLY C 322 54.17 -29.66 8.64
N PRO C 323 53.62 -28.66 7.95
CA PRO C 323 53.99 -28.47 6.54
C PRO C 323 55.46 -28.13 6.37
N TYR C 324 56.05 -28.71 5.33
CA TYR C 324 57.39 -28.33 4.89
C TYR C 324 57.40 -28.26 3.37
N ARG C 325 58.31 -27.45 2.84
CA ARG C 325 58.37 -27.25 1.40
C ARG C 325 58.82 -28.51 0.69
N GLY C 326 58.15 -28.83 -0.42
CA GLY C 326 58.59 -29.87 -1.30
C GLY C 326 59.05 -29.32 -2.64
N SER C 327 58.63 -29.96 -3.73
CA SER C 327 59.04 -29.55 -5.06
C SER C 327 58.42 -28.20 -5.44
N ARG C 328 58.83 -27.68 -6.59
CA ARG C 328 58.19 -26.54 -7.22
C ARG C 328 57.46 -27.00 -8.47
N GLN C 329 56.38 -26.29 -8.80
CA GLN C 329 55.41 -26.73 -9.79
C GLN C 329 54.96 -25.54 -10.60
N THR C 330 54.65 -25.80 -11.87
CA THR C 330 54.23 -24.76 -12.80
C THR C 330 52.72 -24.83 -13.00
N ILE C 331 52.04 -23.74 -12.66
CA ILE C 331 50.63 -23.58 -12.96
C ILE C 331 50.50 -22.65 -14.17
N ASP C 332 49.75 -23.08 -15.17
CA ASP C 332 49.65 -22.33 -16.43
C ASP C 332 48.21 -22.18 -16.87
N PRO C 333 47.57 -21.03 -16.59
CA PRO C 333 46.19 -20.81 -17.06
C PRO C 333 46.07 -20.62 -18.57
N LYS C 334 47.18 -20.42 -19.30
CA LYS C 334 47.16 -20.24 -20.76
C LYS C 334 46.32 -19.03 -21.16
N GLY C 335 46.43 -17.95 -20.39
CA GLY C 335 45.74 -16.72 -20.72
C GLY C 335 44.34 -16.61 -20.20
N VAL C 336 43.78 -17.67 -19.62
CA VAL C 336 42.46 -17.58 -19.03
C VAL C 336 42.52 -16.77 -17.74
N LYS C 337 41.53 -15.90 -17.54
CA LYS C 337 41.52 -14.99 -16.40
C LYS C 337 40.36 -15.29 -15.46
N LEU C 338 40.58 -15.00 -14.18
CA LEU C 338 39.55 -15.19 -13.17
C LEU C 338 38.36 -14.26 -13.37
N TRP C 339 38.62 -13.06 -13.87
CA TRP C 339 37.68 -11.95 -13.77
C TRP C 339 36.64 -11.95 -14.87
N LEU C 340 35.40 -11.69 -14.47
CA LEU C 340 34.28 -11.63 -15.40
C LEU C 340 34.46 -10.48 -16.39
N SER C 341 34.25 -10.77 -17.67
CA SER C 341 34.27 -9.71 -18.67
C SER C 341 33.05 -8.81 -18.53
N LYS C 342 33.16 -7.60 -19.08
CA LYS C 342 32.06 -6.65 -19.02
C LYS C 342 30.81 -7.20 -19.71
N GLU C 343 30.99 -7.98 -20.76
CA GLU C 343 29.87 -8.55 -21.47
C GLU C 343 29.28 -9.75 -20.72
N ASP C 344 30.13 -10.58 -20.14
CA ASP C 344 29.62 -11.69 -19.34
C ASP C 344 28.84 -11.20 -18.13
N ASP C 345 29.18 -10.01 -17.61
CA ASP C 345 28.42 -9.46 -16.49
C ASP C 345 27.00 -9.12 -16.92
N VAL C 346 26.82 -8.67 -18.16
CA VAL C 346 25.49 -8.37 -18.67
C VAL C 346 24.67 -9.64 -18.77
N LYS C 347 25.30 -10.73 -19.23
CA LYS C 347 24.58 -11.96 -19.53
C LYS C 347 24.47 -12.90 -18.33
N ARG C 348 25.48 -12.94 -17.46
CA ARG C 348 25.49 -13.88 -16.34
C ARG C 348 25.63 -13.21 -14.99
N GLY C 349 25.92 -11.93 -14.93
CA GLY C 349 26.17 -11.28 -13.65
C GLY C 349 25.11 -10.26 -13.29
N SER C 350 25.53 -9.01 -13.14
CA SER C 350 24.59 -7.92 -12.84
C SER C 350 23.31 -8.01 -13.66
N GLY C 351 23.44 -8.21 -14.97
CA GLY C 351 22.28 -8.20 -15.84
C GLY C 351 21.36 -9.37 -15.65
N LYS C 352 21.86 -10.49 -15.14
CA LYS C 352 21.03 -11.67 -14.97
C LYS C 352 20.42 -11.75 -13.58
N TRP C 353 21.16 -11.37 -12.54
CA TRP C 353 20.71 -11.57 -11.17
C TRP C 353 20.04 -10.34 -10.60
N GLY C 354 20.24 -9.16 -11.19
CA GLY C 354 19.44 -8.00 -10.84
C GLY C 354 20.08 -6.96 -9.96
N TRP C 355 21.33 -6.61 -10.22
CA TRP C 355 21.95 -5.51 -9.49
C TRP C 355 22.68 -4.61 -10.47
N THR C 356 23.11 -3.45 -9.97
CA THR C 356 23.75 -2.41 -10.77
C THR C 356 25.18 -2.23 -10.27
N ARG C 357 26.15 -2.64 -11.07
CA ARG C 357 27.54 -2.48 -10.69
C ARG C 357 27.98 -1.04 -10.93
N GLY C 358 28.76 -0.51 -9.98
CA GLY C 358 29.23 0.85 -10.10
C GLY C 358 30.22 1.04 -11.26
N LYS C 359 30.27 2.27 -11.74
CA LYS C 359 31.07 2.57 -12.94
C LYS C 359 32.55 2.32 -12.71
N GLU C 360 33.05 2.58 -11.51
CA GLU C 360 34.46 2.44 -11.23
C GLU C 360 34.90 1.00 -10.92
N TRP C 361 33.99 0.03 -11.04
CA TRP C 361 34.34 -1.37 -10.79
C TRP C 361 34.82 -1.99 -12.10
N ALA C 362 36.12 -1.97 -12.32
CA ALA C 362 36.69 -2.55 -13.52
C ALA C 362 36.40 -4.05 -13.58
N LEU C 363 35.85 -4.50 -14.71
CA LEU C 363 35.61 -5.90 -14.95
C LEU C 363 36.63 -6.46 -15.93
N GLY C 364 36.80 -7.78 -15.88
CA GLY C 364 37.70 -8.44 -16.80
C GLY C 364 39.17 -8.24 -16.51
N THR C 365 39.51 -7.65 -15.37
CA THR C 365 40.89 -7.41 -15.00
C THR C 365 40.96 -7.45 -13.48
N CYS C 366 42.18 -7.59 -12.95
CA CYS C 366 42.34 -7.84 -11.53
C CYS C 366 41.94 -6.61 -10.72
N ILE C 367 41.06 -6.82 -9.74
CA ILE C 367 40.54 -5.71 -8.96
C ILE C 367 41.57 -5.14 -8.00
N TRP C 368 42.59 -5.91 -7.65
CA TRP C 368 43.63 -5.41 -6.74
C TRP C 368 44.66 -4.62 -7.52
N ALA C 369 44.97 -5.03 -8.74
CA ALA C 369 45.73 -4.17 -9.63
C ALA C 369 45.01 -2.85 -9.83
N HIS C 370 43.69 -2.90 -10.03
CA HIS C 370 42.92 -1.70 -10.32
C HIS C 370 42.89 -0.74 -9.14
N HIS C 371 43.17 -1.23 -7.93
CA HIS C 371 43.34 -0.37 -6.77
C HIS C 371 44.80 -0.09 -6.47
N GLY C 372 45.70 -0.41 -7.40
CA GLY C 372 47.10 -0.07 -7.27
C GLY C 372 47.94 -1.01 -6.47
N VAL C 373 47.46 -2.22 -6.19
CA VAL C 373 48.27 -3.16 -5.41
C VAL C 373 49.48 -3.60 -6.22
N TRP C 374 49.26 -3.96 -7.48
CA TRP C 374 50.34 -4.32 -8.39
C TRP C 374 50.05 -3.73 -9.76
N GLU C 375 51.03 -3.87 -10.66
CA GLU C 375 50.99 -3.25 -11.98
C GLU C 375 50.93 -4.35 -13.04
N ILE C 376 49.83 -4.37 -13.80
CA ILE C 376 49.63 -5.46 -14.75
C ILE C 376 50.63 -5.36 -15.89
N ALA C 377 50.91 -4.14 -16.37
CA ALA C 377 51.80 -3.99 -17.52
C ALA C 377 53.14 -4.66 -17.26
N THR C 378 53.68 -4.52 -16.05
CA THR C 378 54.97 -5.07 -15.71
C THR C 378 54.89 -6.22 -14.72
N SER C 379 53.69 -6.62 -14.30
CA SER C 379 53.52 -7.74 -13.38
C SER C 379 54.29 -7.51 -12.08
N THR C 380 54.42 -6.26 -11.69
CA THR C 380 55.24 -5.87 -10.55
C THR C 380 54.38 -5.52 -9.35
N LEU C 381 54.74 -6.08 -8.20
CA LEU C 381 54.11 -5.73 -6.93
C LEU C 381 54.51 -4.31 -6.55
N LEU C 382 53.51 -3.45 -6.30
CA LEU C 382 53.74 -2.05 -5.97
C LEU C 382 53.57 -1.73 -4.50
N ARG C 383 52.58 -2.37 -3.85
CA ARG C 383 52.28 -2.12 -2.44
C ARG C 383 52.24 -3.47 -1.74
N PRO C 384 53.40 -4.01 -1.37
CA PRO C 384 53.42 -5.33 -0.73
C PRO C 384 52.65 -5.38 0.58
N ASP C 385 52.52 -4.25 1.28
CA ASP C 385 51.90 -4.17 2.59
C ASP C 385 50.52 -3.52 2.55
N TYR C 386 49.89 -3.47 1.38
CA TYR C 386 48.62 -2.78 1.22
C TYR C 386 47.59 -3.21 2.26
N PHE C 387 47.49 -4.52 2.51
CA PHE C 387 46.44 -5.03 3.38
C PHE C 387 46.83 -5.03 4.85
N SER C 388 48.06 -4.63 5.16
CA SER C 388 48.59 -4.59 6.52
C SER C 388 48.12 -3.38 7.31
N THR C 389 47.65 -2.35 6.63
CA THR C 389 47.37 -1.07 7.25
C THR C 389 46.12 -0.49 6.57
N LEU C 390 45.82 0.76 6.89
CA LEU C 390 44.69 1.44 6.31
C LEU C 390 45.14 2.25 5.10
N PRO C 391 44.57 2.03 3.92
CA PRO C 391 44.99 2.83 2.76
C PRO C 391 44.92 4.33 2.98
N THR C 392 43.97 4.82 3.77
CA THR C 392 43.88 6.24 4.10
C THR C 392 44.65 6.61 5.36
N ASN C 393 45.32 5.65 6.00
CA ASN C 393 46.22 5.92 7.11
C ASN C 393 47.31 4.86 7.08
N PRO C 394 48.27 5.01 6.16
CA PRO C 394 49.19 3.89 5.87
C PRO C 394 50.15 3.56 6.99
N GLY C 395 50.23 4.36 8.04
CA GLY C 395 51.07 4.01 9.16
C GLY C 395 50.41 3.15 10.20
N HIS C 396 49.10 2.95 10.10
CA HIS C 396 48.33 2.28 11.14
C HIS C 396 48.12 0.82 10.79
N GLN C 397 48.65 -0.07 11.63
CA GLN C 397 48.46 -1.50 11.45
C GLN C 397 47.03 -1.89 11.80
N VAL C 398 46.49 -2.85 11.05
CA VAL C 398 45.11 -3.29 11.24
C VAL C 398 45.12 -4.63 11.95
N ASP C 399 43.97 -4.98 12.53
CA ASP C 399 43.76 -6.24 13.23
C ASP C 399 42.45 -6.81 12.72
N PHE C 400 42.51 -7.97 12.05
CA PHE C 400 41.33 -8.52 11.40
C PHE C 400 40.19 -8.70 12.40
N VAL C 401 40.47 -9.36 13.52
CA VAL C 401 39.39 -9.74 14.43
C VAL C 401 38.78 -8.51 15.07
N ASP C 402 39.61 -7.56 15.53
CA ASP C 402 39.08 -6.39 16.23
C ASP C 402 38.49 -5.37 15.28
N ASP C 403 39.08 -5.20 14.09
CA ASP C 403 38.66 -4.11 13.23
C ASP C 403 37.54 -4.49 12.28
N PHE C 404 37.45 -5.76 11.90
CA PHE C 404 36.53 -6.14 10.83
C PHE C 404 35.58 -7.27 11.23
N TRP C 405 36.12 -8.37 11.76
CA TRP C 405 35.24 -9.43 12.24
C TRP C 405 34.30 -8.91 13.32
N ALA C 406 34.85 -8.17 14.29
CA ALA C 406 34.07 -7.71 15.42
C ALA C 406 32.91 -6.82 14.98
N LEU C 407 33.14 -5.96 13.99
CA LEU C 407 32.07 -5.07 13.53
C LEU C 407 31.00 -5.86 12.78
N HIS C 408 31.42 -6.86 12.00
CA HIS C 408 30.42 -7.77 11.44
C HIS C 408 29.60 -8.42 12.53
N TRP C 409 30.27 -8.92 13.58
CA TRP C 409 29.56 -9.62 14.64
C TRP C 409 28.55 -8.70 15.31
N LEU C 410 28.89 -7.43 15.51
CA LEU C 410 27.94 -6.50 16.11
C LEU C 410 26.66 -6.42 15.30
N ALA C 411 26.77 -6.31 13.97
CA ALA C 411 25.59 -6.21 13.13
C ALA C 411 24.81 -7.52 13.11
N TYR C 412 25.52 -8.65 13.13
CA TYR C 412 24.86 -9.94 13.07
C TYR C 412 24.13 -10.27 14.37
N SER C 413 24.81 -10.07 15.51
CA SER C 413 24.19 -10.41 16.78
C SER C 413 22.98 -9.52 17.06
N SER C 414 23.04 -8.26 16.64
CA SER C 414 21.89 -7.37 16.85
C SER C 414 20.66 -7.86 16.10
N ARG C 415 20.84 -8.35 14.87
CA ARG C 415 19.69 -8.85 14.13
C ARG C 415 19.12 -10.09 14.78
N ILE C 416 19.98 -10.99 15.28
CA ILE C 416 19.50 -12.20 15.94
C ILE C 416 18.61 -11.84 17.12
N ARG C 417 19.07 -10.92 17.97
CA ARG C 417 18.26 -10.50 19.12
C ARG C 417 16.97 -9.79 18.71
N LEU C 418 16.92 -9.22 17.51
CA LEU C 418 15.68 -8.56 17.08
C LEU C 418 14.57 -9.57 16.90
N HIS C 419 14.90 -10.78 16.45
CA HIS C 419 13.90 -11.81 16.20
C HIS C 419 13.84 -12.86 17.30
N HIS C 420 14.93 -13.05 18.03
CA HIS C 420 15.03 -14.04 19.10
C HIS C 420 15.53 -13.26 20.31
N PRO C 421 14.63 -12.67 21.10
CA PRO C 421 15.09 -11.70 22.11
C PRO C 421 15.91 -12.32 23.22
N GLU C 422 15.67 -13.58 23.56
CA GLU C 422 16.43 -14.26 24.60
C GLU C 422 17.56 -15.11 24.04
N SER C 423 18.00 -14.82 22.81
CA SER C 423 18.97 -15.69 22.17
C SER C 423 20.30 -15.66 22.91
N ILE C 424 20.88 -16.83 23.14
CA ILE C 424 22.28 -16.93 23.52
C ILE C 424 23.13 -16.67 22.28
N HIS C 425 24.10 -15.77 22.39
CA HIS C 425 25.08 -15.55 21.33
C HIS C 425 26.21 -16.56 21.52
N PHE C 426 26.29 -17.53 20.61
CA PHE C 426 27.43 -18.43 20.56
C PHE C 426 28.51 -17.75 19.72
N ILE C 427 29.60 -17.41 20.39
CA ILE C 427 30.64 -16.52 19.86
C ILE C 427 31.71 -17.41 19.27
N GLN C 428 31.81 -17.42 17.95
CA GLN C 428 32.82 -18.21 17.24
C GLN C 428 33.85 -17.28 16.60
N ALA C 429 35.00 -17.16 17.25
CA ALA C 429 36.10 -16.38 16.72
C ALA C 429 36.71 -17.07 15.51
N PRO C 430 37.42 -16.32 14.64
CA PRO C 430 38.15 -16.95 13.54
C PRO C 430 39.08 -18.04 14.03
N VAL C 431 39.28 -19.04 13.17
CA VAL C 431 40.01 -20.23 13.57
C VAL C 431 41.39 -19.86 14.09
N LEU C 432 41.79 -20.53 15.17
CA LEU C 432 43.10 -20.37 15.79
C LEU C 432 43.40 -18.93 16.17
N ARG C 433 42.35 -18.16 16.45
CA ARG C 433 42.50 -16.79 16.92
C ARG C 433 41.71 -16.62 18.22
N GLN C 434 42.23 -15.79 19.10
CA GLN C 434 41.47 -15.46 20.30
C GLN C 434 40.33 -14.50 19.95
N PRO C 435 39.16 -14.66 20.56
CA PRO C 435 38.05 -13.74 20.29
C PRO C 435 38.44 -12.32 20.66
N PRO C 436 37.82 -11.33 20.06
CA PRO C 436 38.03 -9.94 20.49
C PRO C 436 37.30 -9.71 21.80
N LYS C 437 37.64 -8.59 22.45
CA LYS C 437 36.82 -8.11 23.56
C LYS C 437 35.54 -7.53 22.98
N LEU C 438 34.45 -8.20 23.19
CA LEU C 438 33.18 -7.70 22.70
C LEU C 438 32.45 -6.97 23.82
N PRO C 439 31.67 -5.95 23.48
CA PRO C 439 31.05 -5.12 24.52
C PRO C 439 29.91 -5.85 25.22
N GLU C 440 29.90 -5.78 26.55
CA GLU C 440 28.81 -6.32 27.34
C GLU C 440 27.48 -5.68 26.94
N SER C 441 27.53 -4.47 26.38
CA SER C 441 26.34 -3.81 25.84
C SER C 441 25.58 -4.71 24.87
N PHE C 442 26.27 -5.58 24.16
CA PHE C 442 25.67 -6.45 23.15
C PHE C 442 25.52 -7.88 23.65
N LEU C 443 26.41 -8.32 24.54
CA LEU C 443 26.31 -9.67 25.10
C LEU C 443 25.15 -9.77 26.09
N LYS C 444 25.05 -8.80 26.99
CA LYS C 444 23.97 -8.72 27.99
C LYS C 444 23.82 -10.00 28.78
N GLY C 445 24.95 -10.56 29.21
CA GLY C 445 24.90 -11.67 30.13
C GLY C 445 24.23 -12.91 29.59
N ARG C 446 24.30 -13.10 28.26
CA ARG C 446 23.61 -14.24 27.64
C ARG C 446 24.45 -14.66 26.43
N ALA C 447 25.54 -15.37 26.70
CA ALA C 447 26.49 -15.68 25.64
C ALA C 447 27.29 -16.91 26.02
N CYS C 448 27.93 -17.51 25.03
CA CYS C 448 28.69 -18.74 25.19
C CYS C 448 29.78 -18.73 24.12
N SER C 449 31.01 -19.02 24.52
CA SER C 449 32.10 -19.15 23.55
C SER C 449 31.97 -20.51 22.85
N SER C 450 32.08 -20.50 21.52
CA SER C 450 31.85 -21.70 20.71
C SER C 450 33.03 -21.96 19.77
N PRO C 451 34.23 -22.09 20.31
CA PRO C 451 35.39 -22.41 19.46
C PRO C 451 35.28 -23.84 18.94
N HIS C 452 36.09 -24.13 17.92
CA HIS C 452 36.25 -25.48 17.41
C HIS C 452 37.62 -26.01 17.80
N PHE C 453 37.71 -27.33 17.94
CA PHE C 453 39.00 -27.94 18.21
C PHE C 453 39.11 -29.27 17.49
N TYR C 454 40.22 -29.46 16.80
CA TYR C 454 40.55 -30.72 16.16
C TYR C 454 41.98 -31.09 16.51
N ASP C 455 42.19 -32.38 16.77
CA ASP C 455 43.52 -32.97 16.82
C ASP C 455 44.09 -32.89 15.41
N GLY C 456 44.86 -31.82 15.14
CA GLY C 456 45.22 -31.52 13.76
C GLY C 456 46.11 -32.57 13.14
N LEU C 457 47.07 -33.10 13.91
CA LEU C 457 47.94 -34.14 13.38
C LEU C 457 47.10 -35.32 12.88
N THR C 458 46.14 -35.75 13.69
CA THR C 458 45.30 -36.88 13.31
C THR C 458 44.45 -36.54 12.10
N LEU C 459 43.84 -35.37 12.10
CA LEU C 459 42.91 -35.01 11.04
C LEU C 459 43.62 -34.94 9.68
N MET C 460 44.82 -34.37 9.65
CA MET C 460 45.47 -34.15 8.36
C MET C 460 46.21 -35.38 7.87
N THR C 461 46.67 -36.25 8.77
CA THR C 461 47.35 -37.47 8.37
C THR C 461 46.39 -38.65 8.27
N LYS C 462 45.16 -38.51 8.75
CA LYS C 462 44.20 -39.60 8.77
C LYS C 462 44.85 -40.86 9.34
N HIS C 463 45.43 -40.69 10.52
CA HIS C 463 46.18 -41.74 11.19
C HIS C 463 46.32 -41.38 12.66
N TRP C 464 46.25 -42.39 13.53
CA TRP C 464 46.46 -42.19 14.96
C TRP C 464 47.92 -42.47 15.25
N ASN C 465 48.70 -41.41 15.43
CA ASN C 465 50.15 -41.52 15.55
C ASN C 465 50.60 -41.85 16.97
N TRP C 466 51.72 -42.56 17.07
CA TRP C 466 52.33 -42.85 18.36
C TRP C 466 52.96 -41.61 19.00
N PHE C 467 53.05 -40.52 18.27
CA PHE C 467 53.54 -39.24 18.75
C PHE C 467 52.50 -38.16 18.45
N ASN C 468 52.63 -37.01 19.10
CA ASN C 468 51.83 -35.83 18.80
C ASN C 468 52.57 -34.61 19.32
N ALA C 469 52.08 -33.43 18.96
CA ALA C 469 52.68 -32.20 19.46
C ALA C 469 51.64 -31.10 19.63
N VAL C 486 57.18 -32.43 21.48
CA VAL C 486 56.59 -33.73 21.16
C VAL C 486 56.26 -34.51 22.43
N ARG C 487 55.15 -35.24 22.41
CA ARG C 487 54.82 -36.21 23.43
C ARG C 487 54.65 -37.57 22.75
N ILE C 488 55.05 -38.63 23.46
CA ILE C 488 54.91 -39.98 22.94
C ILE C 488 54.13 -40.81 23.95
N GLY C 489 53.40 -41.79 23.44
CA GLY C 489 52.60 -42.63 24.31
C GLY C 489 51.22 -42.05 24.56
N GLU C 490 50.27 -42.95 24.83
CA GLU C 490 48.88 -42.54 25.03
C GLU C 490 48.77 -41.52 26.16
N GLY C 491 49.39 -41.82 27.30
CA GLY C 491 49.28 -40.94 28.45
C GLY C 491 49.69 -39.52 28.15
N PRO C 492 50.95 -39.33 27.78
CA PRO C 492 51.41 -37.97 27.48
C PRO C 492 50.65 -37.29 26.35
N ILE C 493 50.23 -38.03 25.32
CA ILE C 493 49.47 -37.40 24.23
C ILE C 493 48.11 -36.93 24.72
N ARG C 494 47.41 -37.79 25.46
CA ARG C 494 46.09 -37.43 25.99
C ARG C 494 46.18 -36.24 26.93
N LYS C 495 47.19 -36.21 27.81
CA LYS C 495 47.36 -35.08 28.70
C LYS C 495 47.59 -33.80 27.91
N MET C 496 48.39 -33.88 26.86
CA MET C 496 48.72 -32.69 26.08
C MET C 496 47.48 -32.13 25.40
N ILE C 497 46.67 -33.00 24.80
CA ILE C 497 45.45 -32.53 24.13
C ILE C 497 44.46 -32.00 25.16
N GLN C 498 44.38 -32.62 26.33
CA GLN C 498 43.53 -32.09 27.38
C GLN C 498 43.99 -30.70 27.80
N GLY C 499 45.31 -30.48 27.84
CA GLY C 499 45.82 -29.15 28.15
C GLY C 499 45.50 -28.11 27.12
N GLU C 500 45.38 -28.51 25.85
CA GLU C 500 45.02 -27.55 24.80
C GLU C 500 43.57 -27.12 24.93
N LEU C 501 42.67 -28.04 25.31
CA LEU C 501 41.29 -27.64 25.56
C LEU C 501 41.19 -26.76 26.81
N ALA C 502 42.07 -26.98 27.79
CA ALA C 502 42.08 -26.10 28.96
C ALA C 502 42.45 -24.68 28.57
N VAL C 503 43.31 -24.54 27.57
CA VAL C 503 43.66 -23.21 27.06
C VAL C 503 42.44 -22.55 26.44
N LEU C 504 41.68 -23.30 25.65
CA LEU C 504 40.47 -22.73 25.05
C LEU C 504 39.47 -22.32 26.12
N LYS C 505 39.29 -23.17 27.15
CA LYS C 505 38.38 -22.82 28.23
C LYS C 505 38.76 -21.50 28.90
N GLN C 506 40.06 -21.31 29.17
CA GLN C 506 40.45 -20.10 29.88
C GLN C 506 40.37 -18.88 28.99
N ASP C 507 40.53 -19.04 27.67
CA ASP C 507 40.35 -17.91 26.77
C ASP C 507 38.98 -17.28 26.97
N THR C 508 37.98 -18.07 27.39
CA THR C 508 36.63 -17.54 27.55
C THR C 508 36.56 -16.57 28.71
N ILE C 509 37.02 -17.00 29.90
CA ILE C 509 36.96 -16.13 31.05
C ILE C 509 37.93 -14.96 30.89
N ASP C 510 39.05 -15.18 30.20
CA ASP C 510 40.05 -14.12 30.07
C ASP C 510 39.55 -12.95 29.23
N ILE C 511 38.71 -13.21 28.22
CA ILE C 511 38.41 -12.23 27.18
C ILE C 511 36.93 -11.86 27.16
N LEU C 512 36.04 -12.86 27.15
CA LEU C 512 34.62 -12.54 27.08
C LEU C 512 33.97 -12.34 28.45
N GLY C 513 34.34 -13.14 29.46
CA GLY C 513 33.82 -13.00 30.80
C GLY C 513 33.34 -14.34 31.35
N ASN C 514 32.57 -14.26 32.43
CA ASN C 514 31.97 -15.50 32.96
C ASN C 514 30.89 -16.02 32.03
N TYR C 515 31.27 -16.85 31.08
CA TYR C 515 30.31 -17.44 30.16
C TYR C 515 30.70 -18.90 30.01
N PRO C 516 29.77 -19.75 29.62
CA PRO C 516 30.12 -21.15 29.34
C PRO C 516 31.01 -21.21 28.12
N THR C 517 31.62 -22.38 27.93
CA THR C 517 32.37 -22.72 26.74
C THR C 517 31.75 -23.96 26.14
N LEU C 518 31.50 -23.95 24.84
CA LEU C 518 30.97 -25.09 24.11
C LEU C 518 31.83 -25.31 22.89
N VAL C 519 32.49 -26.46 22.82
CA VAL C 519 33.33 -26.81 21.66
C VAL C 519 32.36 -27.16 20.53
N GLY C 520 32.12 -26.21 19.62
CA GLY C 520 31.10 -26.36 18.61
C GLY C 520 31.39 -27.43 17.60
N GLU C 521 32.66 -27.79 17.42
CA GLU C 521 33.05 -28.87 16.52
C GLU C 521 34.27 -29.55 17.10
N ILE C 522 34.21 -30.88 17.18
CA ILE C 522 35.35 -31.69 17.55
C ILE C 522 35.10 -33.08 16.96
N GLY C 523 36.14 -33.68 16.41
CA GLY C 523 35.96 -34.98 15.79
C GLY C 523 37.24 -35.53 15.23
N ILE C 524 37.11 -36.70 14.61
CA ILE C 524 38.26 -37.43 14.08
C ILE C 524 37.87 -38.12 12.78
N PRO C 525 38.84 -38.40 11.90
CA PRO C 525 38.53 -39.08 10.63
C PRO C 525 38.42 -40.58 10.78
N TYR C 526 37.39 -41.15 10.18
CA TYR C 526 37.20 -42.59 10.23
C TYR C 526 37.83 -43.30 9.03
N ASP C 527 38.15 -42.56 7.95
CA ASP C 527 38.83 -43.12 6.80
C ASP C 527 40.34 -43.18 6.99
N MET C 528 40.78 -43.63 8.16
CA MET C 528 42.20 -43.74 8.46
C MET C 528 42.82 -44.89 7.66
N ASP C 529 44.14 -44.80 7.50
CA ASP C 529 44.94 -45.92 6.97
C ASP C 529 44.38 -46.45 5.65
N ASP C 530 44.01 -45.51 4.77
CA ASP C 530 43.52 -45.86 3.43
C ASP C 530 42.30 -46.77 3.53
N LYS C 531 41.41 -46.46 4.47
CA LYS C 531 40.12 -47.12 4.62
C LYS C 531 40.29 -48.60 4.96
N LYS C 532 41.33 -48.91 5.72
CA LYS C 532 41.56 -50.29 6.14
C LYS C 532 40.36 -50.84 6.92
N ALA C 533 39.74 -50.02 7.75
CA ALA C 533 38.60 -50.50 8.53
C ALA C 533 37.35 -50.74 7.70
N TYR C 534 37.33 -50.29 6.44
CA TYR C 534 36.23 -50.59 5.55
C TYR C 534 36.50 -51.80 4.67
N GLY C 535 37.67 -52.43 4.81
CA GLY C 535 38.00 -53.58 4.00
C GLY C 535 38.57 -53.25 2.65
N TYR C 536 39.09 -52.04 2.46
CA TYR C 536 39.48 -51.57 1.15
C TYR C 536 40.91 -51.95 0.74
N VAL C 537 41.74 -52.43 1.66
CA VAL C 537 43.14 -52.71 1.36
C VAL C 537 43.55 -54.04 1.99
N ASP C 538 44.73 -54.51 1.58
CA ASP C 538 45.35 -55.72 2.15
C ASP C 538 44.41 -56.90 2.06
N GLY C 539 43.73 -57.04 0.94
CA GLY C 539 42.79 -58.11 0.74
C GLY C 539 41.63 -58.08 1.70
N GLY C 540 41.28 -56.91 2.18
CA GLY C 540 40.21 -56.75 3.14
C GLY C 540 40.56 -57.02 4.60
N ARG C 541 41.83 -57.26 4.90
CA ARG C 541 42.24 -57.51 6.28
C ARG C 541 42.04 -56.24 7.11
N GLY C 542 41.45 -56.36 8.28
CA GLY C 542 41.24 -55.21 9.11
C GLY C 542 39.84 -54.66 9.03
N GLU C 543 38.98 -55.26 8.22
CA GLU C 543 37.66 -54.73 8.06
C GLU C 543 36.88 -54.80 9.40
N GLY C 544 36.31 -53.68 9.86
CA GLY C 544 35.58 -53.62 11.11
C GLY C 544 36.42 -53.35 12.34
N ASP C 545 37.74 -53.24 12.21
CA ASP C 545 38.62 -52.96 13.34
C ASP C 545 38.86 -51.45 13.40
N TYR C 546 38.11 -50.78 14.28
CA TYR C 546 38.21 -49.33 14.49
C TYR C 546 39.06 -48.99 15.70
N SER C 547 40.06 -49.81 15.99
CA SER C 547 40.87 -49.60 17.19
C SER C 547 41.57 -48.25 17.18
N SER C 548 42.16 -47.88 16.04
CA SER C 548 42.84 -46.59 15.94
C SER C 548 41.84 -45.44 16.05
N GLN C 549 40.70 -45.56 15.37
CA GLN C 549 39.66 -44.54 15.45
C GLN C 549 39.17 -44.37 16.89
N GLN C 550 39.00 -45.47 17.60
CA GLN C 550 38.52 -45.39 18.98
C GLN C 550 39.54 -44.71 19.89
N LYS C 551 40.83 -44.96 19.67
CA LYS C 551 41.84 -44.28 20.49
C LYS C 551 41.86 -42.80 20.18
N ALA C 552 41.85 -42.45 18.90
CA ALA C 552 41.82 -41.04 18.51
C ALA C 552 40.58 -40.37 19.06
N MET C 553 39.40 -40.98 18.86
CA MET C 553 38.15 -40.39 19.35
C MET C 553 38.18 -40.24 20.87
N ASP C 554 38.67 -41.28 21.56
CA ASP C 554 38.69 -41.27 23.02
C ASP C 554 39.61 -40.17 23.54
N CYS C 555 40.75 -39.97 22.88
CA CYS C 555 41.64 -38.89 23.30
C CYS C 555 40.96 -37.53 23.17
N SER C 556 40.29 -37.28 22.05
CA SER C 556 39.64 -36.00 21.85
C SER C 556 38.46 -35.81 22.81
N MET C 557 37.70 -36.87 23.08
CA MET C 557 36.59 -36.75 24.03
C MET C 557 37.11 -36.61 25.46
N ASN C 558 38.17 -37.35 25.80
CA ASN C 558 38.77 -37.21 27.12
C ASN C 558 39.29 -35.80 27.35
N ALA C 559 39.69 -35.11 26.27
CA ALA C 559 40.17 -33.75 26.42
C ALA C 559 39.08 -32.82 26.95
N CYS C 560 37.81 -33.13 26.68
CA CYS C 560 36.70 -32.33 27.19
C CYS C 560 36.30 -32.71 28.61
N ASP C 561 36.90 -33.76 29.16
CA ASP C 561 36.65 -34.19 30.53
C ASP C 561 37.74 -33.62 31.43
N GLY C 562 38.27 -34.43 32.33
CA GLY C 562 39.23 -33.95 33.30
C GLY C 562 38.70 -32.72 34.01
N PRO C 563 39.57 -31.74 34.27
CA PRO C 563 39.10 -30.50 34.91
C PRO C 563 38.32 -29.59 33.97
N ASN C 564 38.24 -29.90 32.68
CA ASN C 564 37.62 -28.99 31.73
C ASN C 564 36.10 -29.08 31.80
N CYS C 565 35.57 -30.30 31.83
CA CYS C 565 34.12 -30.57 31.91
C CYS C 565 33.34 -29.68 30.93
N LEU C 566 33.69 -29.80 29.65
CA LEU C 566 33.16 -28.90 28.64
C LEU C 566 31.88 -29.44 28.02
N ASN C 567 31.05 -28.50 27.59
CA ASN C 567 30.01 -28.76 26.61
C ASN C 567 30.65 -28.95 25.23
N TYR C 568 30.01 -29.77 24.39
CA TYR C 568 30.51 -29.87 23.03
C TYR C 568 29.51 -30.51 22.09
N ALA C 569 29.77 -30.32 20.80
CA ALA C 569 29.03 -30.94 19.72
C ALA C 569 30.03 -31.60 18.78
N ILE C 570 29.92 -32.91 18.62
CA ILE C 570 30.84 -33.67 17.78
C ILE C 570 30.54 -33.43 16.30
N TRP C 571 31.58 -33.20 15.50
CA TRP C 571 31.46 -33.26 14.05
C TRP C 571 31.80 -34.68 13.60
N ASN C 572 30.85 -35.41 13.00
CA ASN C 572 29.47 -34.99 12.71
C ASN C 572 28.60 -36.27 12.74
N TYR C 573 27.32 -36.14 12.45
CA TYR C 573 26.40 -37.27 12.26
C TYR C 573 25.79 -37.14 10.87
N VAL C 574 26.06 -38.12 10.01
CA VAL C 574 25.71 -38.05 8.59
C VAL C 574 24.90 -39.28 8.21
N PRO C 575 23.57 -39.16 8.17
CA PRO C 575 22.73 -40.32 7.81
C PRO C 575 23.09 -41.00 6.49
N ASP C 576 23.61 -40.28 5.50
CA ASP C 576 23.90 -40.86 4.20
C ASP C 576 25.41 -41.02 3.94
N ASN C 577 26.20 -41.06 5.00
CA ASN C 577 27.62 -41.33 4.87
C ASN C 577 27.83 -42.74 4.31
N VAL C 578 28.81 -42.88 3.41
CA VAL C 578 29.16 -44.19 2.86
C VAL C 578 30.68 -44.33 2.87
N HIS C 579 31.14 -45.58 2.78
CA HIS C 579 32.57 -45.85 2.84
C HIS C 579 33.29 -45.29 1.62
N GLU C 580 32.67 -45.41 0.45
CA GLU C 580 33.35 -45.05 -0.80
C GLU C 580 33.63 -43.55 -0.86
N TRP C 581 32.68 -42.72 -0.42
CA TRP C 581 32.80 -41.27 -0.50
C TRP C 581 32.72 -40.57 0.85
N GLY C 582 32.60 -41.30 1.95
CA GLY C 582 32.61 -40.68 3.26
C GLY C 582 31.37 -39.83 3.49
N ASP C 583 31.59 -38.61 3.97
CA ASP C 583 30.53 -37.64 4.23
C ASP C 583 30.02 -36.99 2.94
N ASN C 584 30.48 -37.46 1.79
CA ASN C 584 30.14 -36.90 0.49
C ASN C 584 30.56 -35.43 0.37
N TRP C 585 31.69 -35.07 0.99
CA TRP C 585 32.16 -33.69 0.98
C TRP C 585 33.69 -33.70 1.06
N ASN C 586 34.33 -33.51 -0.10
CA ASN C 586 35.75 -33.19 -0.19
C ASN C 586 36.64 -34.27 0.43
N GLY C 587 36.15 -35.50 0.48
CA GLY C 587 36.91 -36.59 1.03
C GLY C 587 36.89 -36.72 2.54
N GLU C 588 36.20 -35.83 3.24
CA GLU C 588 36.10 -35.97 4.69
C GLU C 588 35.19 -37.13 5.03
N ASP C 589 35.51 -37.84 6.12
CA ASP C 589 34.70 -38.96 6.62
C ASP C 589 34.75 -38.93 8.15
N LEU C 590 33.90 -38.09 8.74
CA LEU C 590 33.89 -37.90 10.19
C LEU C 590 32.56 -38.26 10.81
N SER C 591 31.73 -39.04 10.14
CA SER C 591 30.44 -39.41 10.69
C SER C 591 30.58 -40.53 11.72
N LEU C 592 29.85 -40.37 12.83
CA LEU C 592 29.79 -41.41 13.84
C LEU C 592 29.16 -42.69 13.34
N TRP C 593 28.34 -42.63 12.29
CA TRP C 593 27.41 -43.68 11.92
C TRP C 593 27.37 -43.80 10.41
N SER C 594 27.16 -45.02 9.94
CA SER C 594 27.08 -45.25 8.50
C SER C 594 26.29 -46.52 8.20
N VAL C 595 25.43 -46.44 7.18
CA VAL C 595 24.72 -47.63 6.74
C VAL C 595 25.71 -48.73 6.34
N ASP C 596 26.86 -48.34 5.80
CA ASP C 596 27.85 -49.32 5.38
C ASP C 596 28.45 -50.09 6.55
N ASP C 597 28.17 -49.71 7.79
CA ASP C 597 28.64 -50.44 8.95
C ASP C 597 27.53 -51.23 9.63
N LYS C 598 26.32 -51.20 9.07
CA LYS C 598 25.25 -52.05 9.57
C LYS C 598 25.51 -53.49 9.19
N GLU C 599 24.90 -54.41 9.96
CA GLU C 599 24.96 -55.83 9.65
C GLU C 599 23.57 -56.37 9.34
N PRO C 640 11.57 -46.61 19.65
CA PRO C 640 10.94 -45.64 18.74
C PRO C 640 10.20 -44.49 19.38
N SER C 641 9.94 -44.49 20.67
CA SER C 641 9.30 -43.33 21.25
C SER C 641 10.25 -42.64 22.24
N PRO C 642 10.15 -41.32 22.38
CA PRO C 642 11.01 -40.63 23.38
C PRO C 642 10.90 -41.23 24.77
N SER C 643 9.68 -41.55 25.21
CA SER C 643 9.50 -42.12 26.53
C SER C 643 10.04 -43.54 26.62
N VAL C 644 10.03 -44.29 25.52
CA VAL C 644 10.61 -45.62 25.52
C VAL C 644 12.14 -45.53 25.62
N ILE C 645 12.74 -44.57 24.90
CA ILE C 645 14.19 -44.39 25.00
C ILE C 645 14.58 -44.02 26.42
N ASP C 646 13.78 -43.18 27.08
CA ASP C 646 14.08 -42.80 28.45
C ASP C 646 13.93 -43.98 29.40
N SER C 647 12.98 -44.88 29.12
CA SER C 647 12.80 -46.10 29.91
C SER C 647 13.94 -47.08 29.74
N GLY C 648 14.66 -47.02 28.64
CA GLY C 648 15.71 -47.97 28.36
C GLY C 648 15.26 -49.29 27.78
N ASP C 649 14.01 -49.41 27.34
CA ASP C 649 13.52 -50.67 26.78
C ASP C 649 13.48 -50.58 25.26
N PHE C 650 14.68 -50.49 24.68
CA PHE C 650 14.89 -50.50 23.25
C PHE C 650 15.95 -51.55 22.92
N SER C 651 16.05 -51.89 21.65
CA SER C 651 16.96 -52.94 21.25
C SER C 651 18.40 -52.43 21.19
N PRO C 652 19.38 -53.25 21.55
CA PRO C 652 20.78 -52.82 21.41
C PRO C 652 21.20 -52.52 19.97
N THR C 653 20.48 -53.03 18.98
CA THR C 653 20.85 -52.69 17.61
C THR C 653 20.80 -51.20 17.38
N LEU C 654 19.88 -50.50 18.06
CA LEU C 654 19.74 -49.07 17.87
C LEU C 654 21.04 -48.33 18.19
N ILE C 655 21.72 -48.73 19.27
CA ILE C 655 22.91 -48.00 19.69
C ILE C 655 24.21 -48.56 19.14
N LEU C 656 24.20 -49.74 18.54
CA LEU C 656 25.41 -50.34 18.00
C LEU C 656 25.45 -50.44 16.49
N ASP C 657 24.38 -50.91 15.85
CA ASP C 657 24.43 -51.22 14.42
C ASP C 657 24.64 -49.96 13.59
N GLY C 658 25.69 -49.96 12.77
CA GLY C 658 26.05 -48.81 11.97
C GLY C 658 27.04 -47.87 12.61
N SER C 659 27.23 -47.95 13.92
CA SER C 659 28.16 -47.08 14.63
C SER C 659 29.61 -47.49 14.40
N ARG C 660 30.51 -46.52 14.56
CA ARG C 660 31.96 -46.74 14.45
C ARG C 660 32.63 -46.14 15.67
N ALA C 661 33.36 -46.97 16.42
CA ALA C 661 34.05 -46.53 17.64
C ALA C 661 33.06 -45.98 18.67
N VAL C 662 31.92 -46.64 18.80
CA VAL C 662 30.88 -46.16 19.70
C VAL C 662 31.39 -46.12 21.14
N ALA C 663 32.36 -46.96 21.48
CA ALA C 663 32.87 -46.95 22.85
C ALA C 663 33.53 -45.62 23.19
N ALA C 664 34.06 -44.92 22.19
CA ALA C 664 34.74 -43.66 22.42
C ALA C 664 33.80 -42.47 22.49
N PHE C 665 32.71 -42.44 21.70
CA PHE C 665 31.90 -41.23 21.65
C PHE C 665 30.61 -41.32 22.45
N CYS C 666 30.21 -42.50 22.91
CA CYS C 666 29.06 -42.66 23.80
C CYS C 666 29.61 -42.87 25.21
N ARG C 667 29.41 -41.88 26.08
CA ARG C 667 30.18 -41.76 27.30
C ARG C 667 29.29 -41.36 28.46
N PRO C 668 29.59 -41.85 29.67
CA PRO C 668 28.91 -41.32 30.87
C PRO C 668 29.29 -39.87 31.12
N TYR C 669 28.31 -39.06 31.53
CA TYR C 669 28.59 -37.67 31.85
C TYR C 669 27.45 -37.12 32.67
N PRO C 670 27.70 -36.04 33.45
CA PRO C 670 26.65 -35.44 34.29
C PRO C 670 25.79 -34.46 33.50
N VAL C 671 24.53 -34.82 33.29
CA VAL C 671 23.60 -33.97 32.54
C VAL C 671 23.24 -32.73 33.33
N ALA C 672 22.98 -32.88 34.64
CA ALA C 672 22.60 -31.77 35.50
C ALA C 672 23.17 -32.00 36.88
N THR C 673 23.69 -30.93 37.49
CA THR C 673 24.46 -31.07 38.71
C THR C 673 24.07 -30.03 39.75
N VAL C 674 23.79 -30.50 40.97
CA VAL C 674 23.69 -29.63 42.14
C VAL C 674 25.12 -29.36 42.61
N GLY C 675 25.61 -28.17 42.34
CA GLY C 675 27.01 -27.82 42.52
C GLY C 675 27.65 -27.46 41.20
N ILE C 676 28.97 -27.40 41.20
CA ILE C 676 29.76 -27.05 40.03
C ILE C 676 30.56 -28.28 39.62
N PRO C 677 30.52 -28.68 38.34
CA PRO C 677 31.38 -29.80 37.92
C PRO C 677 32.84 -29.49 38.21
N GLU C 678 33.53 -30.45 38.81
CA GLU C 678 34.93 -30.28 39.18
C GLU C 678 35.87 -31.15 38.37
N ARG C 679 35.55 -32.42 38.16
CA ARG C 679 36.43 -33.31 37.41
C ARG C 679 35.63 -34.51 36.92
N ILE C 680 35.88 -34.90 35.68
CA ILE C 680 35.33 -36.11 35.10
C ILE C 680 36.48 -36.96 34.58
N ASP C 681 36.47 -38.25 34.92
CA ASP C 681 37.42 -39.21 34.36
C ASP C 681 36.68 -40.46 33.92
N PHE C 682 36.96 -40.91 32.70
CA PHE C 682 36.33 -42.10 32.14
C PHE C 682 37.39 -42.92 31.41
N ASP C 683 37.39 -44.22 31.66
CA ASP C 683 38.38 -45.14 31.09
C ASP C 683 37.64 -46.27 30.39
N ILE C 684 37.84 -46.41 29.09
CA ILE C 684 37.07 -47.39 28.32
C ILE C 684 37.34 -48.81 28.81
N THR C 685 38.62 -49.17 28.97
CA THR C 685 38.94 -50.59 29.15
C THR C 685 38.46 -51.11 30.51
N SER C 686 38.54 -50.28 31.55
CA SER C 686 38.03 -50.66 32.86
C SER C 686 36.57 -50.28 33.07
N THR C 687 36.05 -49.35 32.27
CA THR C 687 34.71 -48.77 32.40
C THR C 687 34.61 -47.84 33.61
N LYS C 688 35.73 -47.57 34.28
CA LYS C 688 35.69 -46.75 35.48
C LYS C 688 35.31 -45.31 35.13
N PHE C 689 34.28 -44.80 35.80
CA PHE C 689 33.82 -43.42 35.67
C PHE C 689 33.87 -42.78 37.04
N LYS C 690 34.54 -41.63 37.14
CA LYS C 690 34.61 -40.89 38.39
C LYS C 690 34.22 -39.45 38.13
N TYR C 691 33.31 -38.93 38.94
CA TYR C 691 32.83 -37.57 38.81
C TYR C 691 32.92 -36.88 40.16
N ALA C 692 33.64 -35.77 40.21
CA ALA C 692 33.73 -34.93 41.39
C ALA C 692 32.96 -33.64 41.17
N VAL C 693 32.29 -33.17 42.22
CA VAL C 693 31.46 -31.98 42.12
C VAL C 693 31.75 -31.09 43.32
N ARG C 694 31.85 -29.78 43.07
CA ARG C 694 31.93 -28.79 44.14
C ARG C 694 30.53 -28.44 44.59
N VAL C 695 30.22 -28.72 45.86
CA VAL C 695 28.92 -28.46 46.44
C VAL C 695 29.06 -27.38 47.49
N ARG C 696 28.24 -26.35 47.39
CA ARG C 696 28.27 -25.18 48.26
C ARG C 696 27.12 -25.23 49.26
N ALA C 697 27.34 -24.63 50.43
CA ALA C 697 26.28 -24.52 51.44
C ALA C 697 25.05 -23.84 50.87
N ASP C 698 25.23 -22.90 49.94
CA ASP C 698 24.22 -22.12 49.26
C ASP C 698 23.46 -22.86 48.17
N ASP C 699 23.81 -24.11 47.89
CA ASP C 699 23.19 -24.82 46.78
C ASP C 699 21.84 -25.38 47.20
N ILE C 700 20.95 -25.52 46.22
CA ILE C 700 19.59 -26.00 46.45
C ILE C 700 19.56 -27.48 46.10
N ALA C 701 19.36 -28.32 47.11
CA ALA C 701 19.26 -29.76 46.93
C ALA C 701 18.10 -30.29 47.76
N ASN C 702 17.19 -31.00 47.11
CA ASN C 702 16.07 -31.63 47.80
C ASN C 702 15.62 -32.84 46.99
N GLU C 703 14.53 -33.47 47.45
CA GLU C 703 14.04 -34.69 46.83
C GLU C 703 13.80 -34.50 45.34
N GLN C 704 13.55 -33.26 44.90
CA GLN C 704 13.21 -32.98 43.51
C GLN C 704 14.33 -32.30 42.74
N VAL C 705 15.33 -31.76 43.41
CA VAL C 705 16.46 -31.10 42.78
C VAL C 705 17.69 -31.94 43.10
N TYR C 706 18.11 -32.77 42.16
CA TYR C 706 19.18 -33.72 42.33
C TYR C 706 20.12 -33.62 41.14
N THR C 707 21.19 -34.42 41.18
CA THR C 707 22.16 -34.52 40.12
C THR C 707 21.82 -35.71 39.23
N GLU C 708 21.89 -35.50 37.92
CA GLU C 708 21.49 -36.50 36.94
C GLU C 708 22.67 -36.87 36.06
N ILE C 709 22.96 -38.17 35.97
CA ILE C 709 24.10 -38.68 35.23
C ILE C 709 23.60 -39.68 34.21
N TYR C 710 24.07 -39.55 32.98
CA TYR C 710 23.81 -40.51 31.92
C TYR C 710 24.84 -41.63 32.02
N LEU C 711 24.35 -42.86 32.09
CA LEU C 711 25.22 -44.05 32.13
C LEU C 711 24.91 -44.91 30.92
N PRO C 712 25.79 -44.95 29.92
CA PRO C 712 25.43 -45.63 28.66
C PRO C 712 25.42 -47.14 28.79
N PHE C 713 24.33 -47.74 28.27
CA PHE C 713 24.29 -49.17 28.05
C PHE C 713 25.50 -49.66 27.25
N VAL C 714 26.03 -48.80 26.37
CA VAL C 714 27.16 -49.20 25.53
C VAL C 714 28.33 -49.67 26.37
N HIS C 715 28.47 -49.16 27.59
CA HIS C 715 29.55 -49.54 28.48
C HIS C 715 29.12 -50.32 29.69
N TYR C 716 27.87 -50.18 30.13
CA TYR C 716 27.45 -50.63 31.46
C TYR C 716 26.29 -51.61 31.45
N ALA C 717 25.78 -51.99 30.28
CA ALA C 717 24.69 -52.96 30.26
C ALA C 717 25.19 -54.34 30.68
N ALA C 718 24.27 -55.13 31.23
CA ALA C 718 24.59 -56.52 31.53
C ALA C 718 24.95 -57.29 30.26
N SER C 719 24.29 -56.98 29.15
CA SER C 719 24.58 -57.62 27.88
C SER C 719 23.96 -56.80 26.76
N LEU C 720 24.67 -56.74 25.62
CA LEU C 720 24.18 -56.06 24.43
C LEU C 720 23.82 -57.04 23.33
N ASN C 721 23.66 -58.32 23.67
CA ASN C 721 23.26 -59.32 22.69
C ASN C 721 21.80 -59.11 22.31
N ALA C 722 21.53 -59.11 21.01
CA ALA C 722 20.17 -58.83 20.55
C ALA C 722 19.21 -59.97 20.89
N SER C 723 19.66 -61.21 20.72
CA SER C 723 18.77 -62.34 21.03
C SER C 723 18.30 -62.29 22.48
N TYR C 724 19.23 -62.11 23.42
CA TYR C 724 18.83 -61.98 24.82
C TYR C 724 17.97 -60.74 25.03
N SER C 725 18.17 -59.70 24.21
CA SER C 725 17.37 -58.48 24.31
C SER C 725 15.88 -58.79 24.26
N SER C 726 15.49 -59.72 23.39
CA SER C 726 14.09 -60.07 23.16
C SER C 726 13.35 -60.31 24.49
N PHE C 727 13.93 -61.18 25.31
CA PHE C 727 13.30 -61.70 26.52
C PHE C 727 13.62 -60.86 27.74
N ALA C 728 14.80 -60.24 27.78
CA ALA C 728 15.24 -59.43 28.91
C ALA C 728 15.62 -58.05 28.41
N GLN C 729 14.93 -57.04 28.92
CA GLN C 729 15.23 -55.66 28.53
C GLN C 729 16.62 -55.27 29.01
N LEU C 730 17.23 -54.33 28.29
CA LEU C 730 18.53 -53.81 28.64
C LEU C 730 18.52 -53.22 30.04
N SER C 731 19.62 -53.41 30.75
CA SER C 731 19.72 -53.12 32.18
C SER C 731 21.16 -52.71 32.49
N LEU C 732 21.33 -51.72 33.36
CA LEU C 732 22.66 -51.41 33.85
C LEU C 732 23.10 -52.47 34.87
N ASP C 733 24.37 -52.87 34.80
CA ASP C 733 24.94 -53.90 35.66
C ASP C 733 26.22 -53.32 36.26
N VAL C 734 26.07 -52.47 37.28
CA VAL C 734 27.16 -51.64 37.74
C VAL C 734 27.26 -51.72 39.26
N THR C 735 28.41 -51.32 39.77
CA THR C 735 28.63 -51.06 41.19
C THR C 735 28.95 -49.58 41.33
N ILE C 736 28.34 -48.95 42.33
CA ILE C 736 28.41 -47.51 42.50
C ILE C 736 28.92 -47.19 43.89
N VAL C 737 29.79 -46.19 44.00
CA VAL C 737 30.25 -45.69 45.29
C VAL C 737 30.12 -44.18 45.29
N ALA C 738 29.24 -43.66 46.14
CA ALA C 738 29.10 -42.23 46.36
C ALA C 738 29.77 -41.86 47.69
N SER C 739 30.55 -40.78 47.67
CA SER C 739 31.13 -40.28 48.91
C SER C 739 30.08 -39.66 49.82
N HIS C 740 28.98 -39.17 49.25
CA HIS C 740 27.90 -38.54 50.01
C HIS C 740 26.58 -38.88 49.35
N GLY C 741 25.52 -38.87 50.15
CA GLY C 741 24.21 -39.02 49.57
C GLY C 741 23.96 -40.44 49.07
N ARG C 742 22.95 -40.56 48.21
CA ARG C 742 22.56 -41.86 47.67
C ARG C 742 22.07 -41.68 46.24
N VAL C 743 21.94 -42.81 45.54
CA VAL C 743 21.61 -42.81 44.13
C VAL C 743 20.43 -43.75 43.88
N GLU C 744 19.86 -43.61 42.69
CA GLU C 744 18.80 -44.45 42.16
C GLU C 744 19.04 -44.55 40.66
N ILE C 745 18.82 -45.73 40.10
CA ILE C 745 19.06 -45.97 38.68
C ILE C 745 17.79 -46.46 38.02
N GLN C 746 17.53 -45.93 36.82
CA GLN C 746 16.46 -46.39 35.93
C GLN C 746 16.96 -46.17 34.52
N GLY C 747 16.78 -47.18 33.67
CA GLY C 747 17.23 -47.07 32.28
C GLY C 747 18.71 -46.76 32.22
N GLN C 748 19.05 -45.66 31.52
CA GLN C 748 20.42 -45.19 31.40
C GLN C 748 20.67 -43.96 32.26
N THR C 749 19.83 -43.73 33.26
CA THR C 749 19.83 -42.51 34.04
C THR C 749 20.10 -42.84 35.50
N LEU C 750 21.08 -42.16 36.08
CA LEU C 750 21.42 -42.24 37.49
C LEU C 750 21.09 -40.91 38.16
N ARG C 751 20.33 -40.98 39.24
CA ARG C 751 19.98 -39.80 40.03
C ARG C 751 20.72 -39.87 41.36
N TRP C 752 21.32 -38.75 41.75
CA TRP C 752 22.23 -38.68 42.90
C TRP C 752 21.76 -37.55 43.80
N TRP C 753 21.19 -37.93 44.94
CA TRP C 753 20.74 -36.98 45.94
C TRP C 753 21.80 -36.83 47.01
N TYR C 754 21.97 -35.63 47.55
CA TYR C 754 22.88 -35.46 48.68
C TYR C 754 22.54 -34.17 49.40
N PRO C 755 22.92 -34.04 50.66
CA PRO C 755 22.81 -32.76 51.35
C PRO C 755 23.97 -31.85 50.99
N VAL C 756 23.74 -30.55 51.14
CA VAL C 756 24.79 -29.57 50.92
C VAL C 756 25.57 -29.40 52.22
N PRO C 757 26.81 -28.95 52.16
CA PRO C 757 27.57 -28.73 53.41
C PRO C 757 26.85 -27.75 54.32
N GLY C 758 27.17 -27.85 55.61
CA GLY C 758 26.65 -26.89 56.56
C GLY C 758 27.24 -25.51 56.38
N THR C 759 28.47 -25.44 55.88
CA THR C 759 29.13 -24.17 55.61
C THR C 759 30.17 -24.40 54.53
N GLY C 760 30.53 -23.31 53.84
CA GLY C 760 31.65 -23.37 52.91
C GLY C 760 31.33 -24.15 51.65
N GLU C 761 32.30 -24.97 51.23
CA GLU C 761 32.20 -25.75 50.01
C GLU C 761 32.97 -27.05 50.22
N GLU C 762 32.40 -28.16 49.73
CA GLU C 762 33.04 -29.46 49.79
C GLU C 762 32.91 -30.13 48.43
N VAL C 763 33.84 -31.04 48.14
CA VAL C 763 33.85 -31.77 46.88
C VAL C 763 33.33 -33.17 47.15
N TYR C 764 32.17 -33.51 46.58
CA TYR C 764 31.64 -34.87 46.62
C TYR C 764 32.09 -35.64 45.38
N THR C 765 32.10 -36.98 45.50
CA THR C 765 32.53 -37.82 44.39
C THR C 765 31.58 -39.00 44.22
N ILE C 766 31.47 -39.48 42.98
CA ILE C 766 30.73 -40.70 42.67
C ILE C 766 31.53 -41.50 41.66
N GLU C 767 31.60 -42.81 41.88
CA GLU C 767 32.38 -43.71 41.03
C GLU C 767 31.48 -44.82 40.53
N VAL C 768 31.54 -45.09 39.23
CA VAL C 768 30.70 -46.11 38.61
C VAL C 768 31.61 -47.05 37.83
N GLN C 769 31.31 -48.34 37.90
CA GLN C 769 32.10 -49.34 37.20
C GLN C 769 31.20 -50.52 36.89
N ARG C 770 31.37 -51.10 35.70
CA ARG C 770 30.58 -52.25 35.31
C ARG C 770 31.07 -53.50 36.03
N ASN C 771 30.13 -54.25 36.59
CA ASN C 771 30.45 -55.53 37.21
C ASN C 771 31.04 -56.50 36.21
N GLY C 772 32.20 -57.06 36.56
CA GLY C 772 32.86 -58.00 35.70
C GLY C 772 33.66 -57.40 34.57
N GLY C 773 33.92 -56.11 34.61
CA GLY C 773 34.79 -55.51 33.61
C GLY C 773 34.03 -55.07 32.37
N ALA C 774 34.80 -54.92 31.30
CA ALA C 774 34.27 -54.29 30.09
C ALA C 774 33.40 -55.25 29.30
N LEU C 775 32.35 -54.71 28.71
CA LEU C 775 31.49 -55.47 27.83
C LEU C 775 32.21 -55.88 26.56
N ARG C 776 31.68 -56.91 25.91
CA ARG C 776 31.95 -57.18 24.50
C ARG C 776 30.75 -56.66 23.71
N ARG C 777 30.98 -55.68 22.84
CA ARG C 777 29.91 -54.98 22.12
C ARG C 777 29.61 -55.74 20.83
N ASP C 778 28.87 -56.83 20.99
CA ASP C 778 28.47 -57.69 19.87
C ASP C 778 26.98 -57.95 19.96
N LEU C 779 26.26 -57.63 18.88
CA LEU C 779 24.83 -57.88 18.84
C LEU C 779 24.52 -59.37 18.74
N GLY C 780 25.46 -60.18 18.25
CA GLY C 780 25.26 -61.62 18.15
C GLY C 780 25.02 -62.09 16.73
N PRO D 4 -8.48 -33.92 -11.38
CA PRO D 4 -8.10 -35.34 -11.41
C PRO D 4 -7.41 -35.78 -10.13
N PRO D 5 -8.00 -36.72 -9.38
CA PRO D 5 -7.37 -37.14 -8.12
C PRO D 5 -6.05 -37.85 -8.40
N PRO D 6 -5.07 -37.70 -7.51
CA PRO D 6 -3.78 -38.38 -7.72
C PRO D 6 -3.93 -39.89 -7.53
N GLU D 7 -3.01 -40.62 -8.15
CA GLU D 7 -2.94 -42.06 -7.92
C GLU D 7 -2.01 -42.42 -6.76
N VAL D 8 -1.28 -41.43 -6.25
CA VAL D 8 -0.40 -41.58 -5.10
C VAL D 8 -1.04 -40.84 -3.93
N SER D 9 -0.79 -41.33 -2.72
CA SER D 9 -1.24 -40.61 -1.53
C SER D 9 -0.38 -39.37 -1.34
N PRO D 10 -0.97 -38.19 -1.10
CA PRO D 10 -0.14 -37.00 -0.86
C PRO D 10 0.65 -37.08 0.45
N VAL D 11 0.31 -38.00 1.35
CA VAL D 11 0.96 -38.10 2.65
C VAL D 11 2.12 -39.08 2.57
N THR D 12 1.80 -40.33 2.21
CA THR D 12 2.73 -41.45 2.20
C THR D 12 3.50 -41.57 0.89
N GLY D 13 2.89 -41.19 -0.22
CA GLY D 13 3.37 -41.53 -1.53
C GLY D 13 3.04 -42.95 -1.97
N ASN D 14 2.42 -43.75 -1.10
CA ASN D 14 2.02 -45.10 -1.47
C ASN D 14 0.85 -45.05 -2.45
N PRO D 15 0.66 -46.11 -3.25
CA PRO D 15 -0.57 -46.19 -4.05
C PRO D 15 -1.77 -46.37 -3.15
N VAL D 16 -2.88 -45.73 -3.51
CA VAL D 16 -4.06 -45.68 -2.66
C VAL D 16 -4.96 -46.87 -2.96
N SER D 17 -5.69 -47.29 -1.93
CA SER D 17 -6.69 -48.33 -2.10
C SER D 17 -7.86 -47.82 -2.95
N PRO D 18 -8.72 -48.73 -3.41
CA PRO D 18 -9.95 -48.29 -4.08
C PRO D 18 -10.78 -47.34 -3.23
N HIS D 19 -11.06 -47.77 -2.01
CA HIS D 19 -11.95 -47.08 -1.10
C HIS D 19 -11.36 -45.79 -0.59
N TYR D 20 -10.15 -45.45 -1.02
CA TYR D 20 -9.52 -44.20 -0.62
C TYR D 20 -10.44 -43.03 -0.96
N ILE D 21 -10.76 -42.23 0.05
CA ILE D 21 -11.47 -40.97 -0.15
C ILE D 21 -10.42 -39.88 -0.18
N HIS D 22 -10.22 -39.27 -1.35
CA HIS D 22 -9.31 -38.14 -1.47
C HIS D 22 -9.91 -36.92 -0.78
N SER D 23 -9.06 -36.19 -0.04
CA SER D 23 -9.46 -34.97 0.65
C SER D 23 -8.38 -33.92 0.36
N SER D 24 -8.30 -33.55 -0.94
CA SER D 24 -7.24 -32.74 -1.52
C SER D 24 -7.80 -31.61 -2.35
N THR D 25 -9.12 -31.41 -2.33
CA THR D 25 -9.79 -30.38 -3.10
C THR D 25 -10.95 -29.88 -2.25
N LEU D 26 -11.83 -29.09 -2.86
CA LEU D 26 -12.98 -28.58 -2.12
C LEU D 26 -14.04 -29.65 -1.86
N HIS D 27 -13.90 -30.83 -2.46
CA HIS D 27 -14.81 -31.94 -2.23
C HIS D 27 -14.06 -33.23 -2.03
N PHE D 28 -14.63 -34.10 -1.19
CA PHE D 28 -14.18 -35.48 -1.13
C PHE D 28 -14.28 -36.11 -2.52
N GLN D 29 -13.36 -37.01 -2.83
CA GLN D 29 -13.35 -37.65 -4.14
C GLN D 29 -13.03 -39.14 -4.02
N ASP D 30 -13.68 -39.95 -4.84
CA ASP D 30 -13.30 -41.35 -4.99
C ASP D 30 -12.24 -41.47 -6.09
N VAL D 31 -11.68 -42.68 -6.23
CA VAL D 31 -10.58 -42.87 -7.15
C VAL D 31 -11.01 -42.63 -8.61
N ASN D 32 -12.30 -42.71 -8.90
CA ASN D 32 -12.80 -42.46 -10.24
C ASN D 32 -13.19 -41.00 -10.47
N GLY D 33 -12.81 -40.12 -9.55
CA GLY D 33 -13.00 -38.69 -9.74
C GLY D 33 -14.34 -38.14 -9.33
N ARG D 34 -15.25 -38.97 -8.83
CA ARG D 34 -16.56 -38.48 -8.45
C ARG D 34 -16.48 -37.66 -7.16
N SER D 35 -17.24 -36.57 -7.12
CA SER D 35 -17.40 -35.81 -5.88
C SER D 35 -18.33 -36.57 -4.94
N LEU D 36 -17.87 -36.83 -3.73
CA LEU D 36 -18.64 -37.56 -2.73
C LEU D 36 -19.22 -36.60 -1.70
N VAL D 37 -20.44 -36.88 -1.25
CA VAL D 37 -21.05 -36.15 -0.14
C VAL D 37 -21.30 -37.15 0.97
N LEU D 38 -20.76 -36.87 2.16
CA LEU D 38 -20.88 -37.75 3.31
C LEU D 38 -21.85 -37.13 4.31
N ARG D 39 -22.93 -37.85 4.61
CA ARG D 39 -23.96 -37.38 5.53
C ARG D 39 -24.32 -38.48 6.51
N GLY D 40 -24.39 -38.13 7.79
CA GLY D 40 -24.75 -39.11 8.78
C GLY D 40 -25.05 -38.49 10.12
N VAL D 41 -24.70 -39.21 11.18
CA VAL D 41 -25.05 -38.85 12.54
C VAL D 41 -23.82 -38.98 13.43
N ASN D 42 -23.87 -38.26 14.54
CA ASN D 42 -22.97 -38.53 15.66
C ASN D 42 -23.48 -39.72 16.43
N LEU D 43 -22.62 -40.72 16.61
CA LEU D 43 -22.95 -41.95 17.33
C LEU D 43 -21.88 -42.20 18.39
N SER D 44 -22.17 -41.89 19.66
CA SER D 44 -23.46 -41.38 20.12
C SER D 44 -23.21 -40.59 21.40
N GLY D 45 -24.12 -39.66 21.72
CA GLY D 45 -24.04 -38.98 23.00
C GLY D 45 -24.16 -39.89 24.20
N SER D 46 -24.72 -41.09 24.03
CA SER D 46 -24.80 -42.04 25.14
C SER D 46 -23.43 -42.51 25.63
N ALA D 47 -22.40 -42.40 24.80
CA ALA D 47 -21.04 -42.77 25.21
C ALA D 47 -20.41 -41.73 26.13
N LYS D 48 -21.11 -40.65 26.45
CA LYS D 48 -20.53 -39.64 27.30
C LYS D 48 -20.40 -40.09 28.76
N HIS D 49 -21.10 -41.14 29.16
CA HIS D 49 -21.14 -41.53 30.57
C HIS D 49 -21.28 -43.04 30.69
N PRO D 50 -20.81 -43.61 31.78
CA PRO D 50 -20.88 -45.06 31.94
C PRO D 50 -22.31 -45.55 31.98
N ASN D 51 -22.45 -46.87 31.92
CA ASN D 51 -23.76 -47.49 32.03
C ASN D 51 -24.44 -47.10 33.33
N ASN D 52 -25.72 -46.71 33.22
CA ASN D 52 -26.57 -46.40 34.37
C ASN D 52 -26.02 -45.28 35.25
N GLN D 53 -25.21 -44.38 34.69
CA GLN D 53 -24.76 -43.19 35.41
C GLN D 53 -25.07 -41.94 34.58
N PRO D 54 -26.34 -41.71 34.27
CA PRO D 54 -26.70 -40.47 33.55
C PRO D 54 -26.43 -39.25 34.41
N SER D 55 -26.55 -38.08 33.78
CA SER D 55 -26.12 -36.83 34.42
C SER D 55 -26.97 -36.50 35.66
N HIS D 56 -28.22 -36.95 35.70
CA HIS D 56 -29.11 -36.57 36.78
C HIS D 56 -29.01 -37.46 38.00
N ILE D 57 -28.24 -38.56 37.93
CA ILE D 57 -28.13 -39.52 39.01
C ILE D 57 -26.84 -39.23 39.76
N ARG D 58 -26.97 -38.86 41.04
CA ARG D 58 -25.79 -38.69 41.88
C ARG D 58 -25.33 -40.02 42.50
N GLU D 59 -26.23 -41.00 42.56
CA GLU D 59 -25.91 -42.29 43.17
C GLU D 59 -24.77 -42.97 42.42
N GLY D 60 -23.67 -43.22 43.12
CA GLY D 60 -22.53 -43.86 42.53
C GLY D 60 -21.71 -42.99 41.61
N PHE D 61 -22.07 -41.72 41.46
CA PHE D 61 -21.39 -40.83 40.53
C PHE D 61 -19.93 -40.64 40.91
N TRP D 62 -19.68 -40.25 42.16
CA TRP D 62 -18.32 -40.01 42.61
C TRP D 62 -17.60 -41.31 42.97
N GLU D 63 -18.32 -42.30 43.50
CA GLU D 63 -17.66 -43.47 44.08
C GLU D 63 -17.02 -44.34 43.02
N THR D 64 -17.76 -44.64 41.94
CA THR D 64 -17.21 -45.53 40.91
C THR D 64 -15.99 -44.91 40.24
N ALA D 65 -16.03 -43.59 40.02
CA ALA D 65 -14.88 -42.92 39.40
C ALA D 65 -13.69 -42.89 40.35
N GLU D 66 -13.94 -42.74 41.65
CA GLU D 66 -12.82 -42.72 42.60
C GLU D 66 -12.15 -44.08 42.70
N ALA D 67 -12.92 -45.15 42.50
CA ALA D 67 -12.38 -46.51 42.44
C ALA D 67 -11.74 -46.82 41.09
N GLY D 68 -11.54 -45.81 40.23
CA GLY D 68 -10.97 -46.08 38.92
C GLY D 68 -11.85 -46.88 37.98
N LYS D 69 -13.14 -46.95 38.27
CA LYS D 69 -14.05 -47.69 37.40
C LYS D 69 -14.57 -46.80 36.26
N GLY D 70 -15.20 -47.45 35.29
CA GLY D 70 -15.68 -46.76 34.10
C GLY D 70 -16.24 -47.72 33.07
N ASP D 71 -17.47 -48.16 33.31
CA ASP D 71 -18.10 -49.22 32.51
C ASP D 71 -18.88 -48.60 31.37
N PHE D 72 -18.21 -48.46 30.23
CA PHE D 72 -18.82 -47.91 29.03
C PHE D 72 -19.17 -48.99 28.02
N ILE D 73 -18.96 -50.26 28.36
CA ILE D 73 -19.16 -51.34 27.40
C ILE D 73 -20.60 -51.34 26.90
N ASN D 74 -20.78 -51.67 25.62
CA ASN D 74 -22.06 -51.81 24.93
C ASN D 74 -22.77 -50.47 24.73
N LYS D 75 -22.10 -49.36 24.97
CA LYS D 75 -22.53 -48.06 24.49
C LYS D 75 -21.53 -47.58 23.46
N PRO D 76 -21.95 -47.14 22.26
CA PRO D 76 -23.31 -46.80 21.80
C PRO D 76 -24.21 -47.96 21.41
N LEU D 77 -23.63 -49.06 20.94
CA LEU D 77 -24.41 -50.18 20.44
C LEU D 77 -24.13 -51.42 21.28
N ASN D 78 -25.21 -52.12 21.64
CA ASN D 78 -25.10 -53.41 22.30
C ASN D 78 -24.80 -54.47 21.24
N LEU D 79 -23.60 -55.04 21.30
CA LEU D 79 -23.16 -56.03 20.33
C LEU D 79 -23.57 -57.45 20.67
N ASP D 80 -24.25 -57.66 21.81
CA ASP D 80 -24.59 -59.02 22.23
C ASP D 80 -25.94 -59.48 21.70
N ASP D 81 -26.95 -58.62 21.73
CA ASP D 81 -28.34 -59.03 21.57
C ASP D 81 -28.89 -58.80 20.17
N GLY D 82 -28.06 -58.42 19.21
CA GLY D 82 -28.52 -58.11 17.88
C GLY D 82 -29.06 -56.71 17.69
N SER D 83 -29.20 -55.92 18.76
CA SER D 83 -29.76 -54.59 18.63
C SER D 83 -28.92 -53.71 17.72
N ALA D 84 -27.60 -53.93 17.68
CA ALA D 84 -26.74 -53.07 16.90
C ALA D 84 -27.11 -53.10 15.42
N ASP D 85 -27.38 -54.29 14.87
CA ASP D 85 -27.69 -54.39 13.45
C ASP D 85 -28.94 -53.57 13.11
N LEU D 86 -29.90 -53.51 14.04
CA LEU D 86 -31.14 -52.81 13.77
C LEU D 86 -30.94 -51.29 13.77
N HIS D 87 -30.11 -50.77 14.67
CA HIS D 87 -29.82 -49.34 14.67
C HIS D 87 -29.06 -48.93 13.41
N LEU D 88 -28.09 -49.75 13.01
CA LEU D 88 -27.29 -49.42 11.84
C LEU D 88 -28.11 -49.59 10.56
N ALA D 89 -28.99 -50.59 10.53
CA ALA D 89 -29.90 -50.74 9.40
C ALA D 89 -30.77 -49.50 9.24
N ARG D 90 -31.30 -49.01 10.37
CA ARG D 90 -32.11 -47.79 10.32
C ARG D 90 -31.31 -46.62 9.73
N LEU D 91 -30.14 -46.35 10.29
CA LEU D 91 -29.32 -45.24 9.82
C LEU D 91 -29.00 -45.40 8.33
N LYS D 92 -28.73 -46.63 7.90
CA LYS D 92 -28.48 -46.86 6.48
C LYS D 92 -29.76 -46.65 5.66
N ALA D 93 -30.89 -47.16 6.15
CA ALA D 93 -32.15 -46.98 5.44
C ALA D 93 -32.48 -45.50 5.25
N TRP D 94 -32.10 -44.66 6.21
CA TRP D 94 -32.30 -43.21 6.10
C TRP D 94 -31.33 -42.55 5.14
N GLY D 95 -30.47 -43.33 4.48
CA GLY D 95 -29.58 -42.78 3.47
C GLY D 95 -28.23 -42.34 3.97
N TYR D 96 -27.90 -42.56 5.24
CA TYR D 96 -26.66 -42.07 5.80
C TYR D 96 -25.51 -43.00 5.44
N ASN D 97 -24.32 -42.40 5.25
CA ASN D 97 -23.10 -43.13 4.95
C ASN D 97 -21.94 -42.70 5.82
N LEU D 98 -22.18 -41.84 6.80
CA LEU D 98 -21.15 -41.29 7.66
C LEU D 98 -21.56 -41.47 9.12
N LEU D 99 -20.57 -41.74 9.97
CA LEU D 99 -20.77 -41.75 11.40
C LEU D 99 -19.60 -41.02 12.04
N ARG D 100 -19.89 -40.06 12.93
CA ARG D 100 -18.89 -39.45 13.79
C ARG D 100 -18.92 -40.24 15.10
N TYR D 101 -17.88 -41.02 15.35
CA TYR D 101 -17.89 -41.97 16.45
C TYR D 101 -17.40 -41.28 17.73
N VAL D 102 -18.24 -41.27 18.75
CA VAL D 102 -18.00 -40.55 19.99
C VAL D 102 -17.30 -41.47 20.98
N PHE D 103 -16.20 -41.00 21.57
CA PHE D 103 -15.51 -41.70 22.64
C PHE D 103 -14.80 -40.68 23.51
N THR D 104 -14.63 -41.03 24.79
CA THR D 104 -14.09 -40.11 25.77
C THR D 104 -12.76 -40.59 26.35
N TRP D 105 -11.92 -39.61 26.69
CA TRP D 105 -10.70 -39.88 27.45
C TRP D 105 -10.98 -40.72 28.68
N GLU D 106 -12.10 -40.46 29.35
CA GLU D 106 -12.42 -41.20 30.57
C GLU D 106 -12.62 -42.69 30.29
N SER D 107 -13.27 -43.03 29.17
CA SER D 107 -13.52 -44.42 28.86
C SER D 107 -12.24 -45.17 28.51
N LEU D 108 -11.17 -44.46 28.16
CA LEU D 108 -9.90 -45.09 27.80
C LEU D 108 -8.92 -45.15 28.97
N GLU D 109 -9.00 -44.24 29.94
CA GLU D 109 -7.96 -44.14 30.97
C GLU D 109 -8.53 -43.89 32.37
N HIS D 110 -9.71 -44.42 32.68
CA HIS D 110 -10.34 -44.11 33.96
C HIS D 110 -9.59 -44.75 35.13
N ALA D 111 -8.96 -45.90 34.92
CA ALA D 111 -8.31 -46.60 36.03
C ALA D 111 -7.20 -45.77 36.64
N GLY D 112 -6.61 -44.87 35.87
CA GLY D 112 -5.55 -44.02 36.36
C GLY D 112 -4.55 -43.75 35.26
N PRO D 113 -3.60 -42.86 35.52
CA PRO D 113 -2.62 -42.53 34.50
C PRO D 113 -1.94 -43.76 33.92
N LYS D 114 -2.06 -43.92 32.61
CA LYS D 114 -1.44 -44.99 31.82
C LYS D 114 -2.01 -46.37 32.12
N GLU D 115 -3.13 -46.45 32.83
CA GLU D 115 -3.86 -47.70 33.05
C GLU D 115 -5.00 -47.70 32.03
N TYR D 116 -4.71 -48.18 30.83
CA TYR D 116 -5.66 -48.05 29.74
C TYR D 116 -6.66 -49.21 29.74
N ASP D 117 -7.88 -48.90 29.33
CA ASP D 117 -8.98 -49.87 29.30
C ASP D 117 -8.96 -50.55 27.93
N TYR D 118 -8.17 -51.62 27.82
CA TYR D 118 -8.02 -52.31 26.54
C TYR D 118 -9.28 -53.08 26.16
N ALA D 119 -10.06 -53.53 27.15
CA ALA D 119 -11.35 -54.15 26.83
C ALA D 119 -12.27 -53.19 26.10
N TYR D 120 -12.28 -51.91 26.50
CA TYR D 120 -13.16 -50.96 25.82
C TYR D 120 -12.67 -50.64 24.42
N MET D 121 -11.35 -50.50 24.26
CA MET D 121 -10.78 -50.33 22.93
C MET D 121 -11.20 -51.45 21.98
N ASP D 122 -11.14 -52.70 22.45
CA ASP D 122 -11.55 -53.81 21.61
C ASP D 122 -13.05 -53.75 21.33
N TYR D 123 -13.83 -53.30 22.31
CA TYR D 123 -15.24 -53.06 22.05
C TYR D 123 -15.42 -52.07 20.91
N ILE D 124 -14.70 -50.95 20.96
CA ILE D 124 -14.81 -49.95 19.90
C ILE D 124 -14.48 -50.58 18.56
N ILE D 125 -13.42 -51.41 18.52
CA ILE D 125 -13.03 -52.04 17.26
C ILE D 125 -14.15 -52.94 16.76
N ALA D 126 -14.81 -53.65 17.67
CA ALA D 126 -15.92 -54.50 17.27
C ALA D 126 -17.08 -53.68 16.72
N VAL D 127 -17.33 -52.51 17.29
CA VAL D 127 -18.37 -51.63 16.74
C VAL D 127 -17.96 -51.15 15.36
N LEU D 128 -16.71 -50.72 15.20
CA LEU D 128 -16.24 -50.23 13.90
C LEU D 128 -16.38 -51.30 12.83
N ARG D 129 -16.13 -52.57 13.18
CA ARG D 129 -16.31 -53.64 12.21
C ARG D 129 -17.76 -53.72 11.76
N LYS D 130 -18.69 -53.53 12.70
CA LYS D 130 -20.10 -53.53 12.35
C LYS D 130 -20.45 -52.33 11.48
N CYS D 131 -19.88 -51.17 11.78
CA CYS D 131 -20.14 -49.98 10.96
C CYS D 131 -19.59 -50.17 9.55
N LYS D 132 -18.43 -50.80 9.43
CA LYS D 132 -17.89 -51.14 8.11
C LYS D 132 -18.80 -52.10 7.37
N GLU D 133 -19.29 -53.13 8.06
CA GLU D 133 -20.22 -54.08 7.45
C GLU D 133 -21.44 -53.39 6.85
N TRP D 134 -21.95 -52.34 7.50
CA TRP D 134 -23.15 -51.66 7.03
C TRP D 134 -22.83 -50.50 6.08
N GLY D 135 -21.61 -50.41 5.60
CA GLY D 135 -21.27 -49.48 4.54
C GLY D 135 -20.94 -48.08 4.99
N PHE D 136 -20.65 -47.88 6.27
CA PHE D 136 -20.45 -46.54 6.81
C PHE D 136 -18.98 -46.14 6.76
N ARG D 137 -18.75 -44.86 6.47
CA ARG D 137 -17.47 -44.23 6.75
C ARG D 137 -17.52 -43.60 8.14
N VAL D 138 -16.40 -43.63 8.84
CA VAL D 138 -16.33 -43.21 10.23
C VAL D 138 -15.14 -42.28 10.39
N PHE D 139 -15.31 -41.22 11.18
CA PHE D 139 -14.16 -40.52 11.71
C PHE D 139 -14.36 -40.38 13.22
N MET D 140 -13.24 -40.38 13.93
CA MET D 140 -13.21 -40.55 15.37
C MET D 140 -13.23 -39.20 16.07
N ASP D 141 -14.07 -39.08 17.09
CA ASP D 141 -14.24 -37.83 17.84
C ASP D 141 -13.80 -38.04 19.28
N PRO D 142 -12.59 -37.64 19.66
CA PRO D 142 -12.24 -37.59 21.09
C PRO D 142 -13.08 -36.52 21.77
N HIS D 143 -14.08 -36.94 22.53
CA HIS D 143 -15.16 -36.04 22.90
C HIS D 143 -15.05 -35.57 24.36
N GLN D 144 -15.47 -34.33 24.58
CA GLN D 144 -15.51 -33.73 25.90
C GLN D 144 -16.50 -32.57 25.87
N ASP D 145 -17.03 -32.23 27.05
CA ASP D 145 -17.80 -31.02 27.26
C ASP D 145 -17.40 -30.46 28.61
N VAL D 146 -17.15 -29.15 28.66
CA VAL D 146 -16.72 -28.46 29.87
C VAL D 146 -15.76 -29.35 30.65
N TRP D 147 -14.78 -29.89 29.96
CA TRP D 147 -13.67 -30.68 30.48
C TRP D 147 -14.06 -32.11 30.82
N SER D 148 -15.04 -32.30 31.68
CA SER D 148 -15.36 -33.65 32.13
C SER D 148 -16.74 -33.70 32.76
N ARG D 149 -17.24 -34.92 32.94
CA ARG D 149 -18.48 -35.11 33.68
C ARG D 149 -18.40 -34.48 35.06
N PHE D 150 -17.24 -34.59 35.70
CA PHE D 150 -17.02 -34.11 37.05
C PHE D 150 -16.92 -32.60 37.12
N THR D 151 -16.84 -31.93 35.98
CA THR D 151 -16.94 -30.47 35.93
C THR D 151 -18.14 -30.03 35.09
N GLY D 152 -19.12 -30.91 34.90
CA GLY D 152 -20.40 -30.53 34.35
C GLY D 152 -20.75 -31.07 32.98
N GLY D 153 -19.93 -31.96 32.40
CA GLY D 153 -20.19 -32.42 31.05
C GLY D 153 -19.74 -33.82 30.73
N SER D 154 -18.58 -33.94 30.08
CA SER D 154 -18.05 -35.22 29.65
C SER D 154 -16.58 -35.05 29.26
N GLY D 155 -15.88 -36.18 29.17
CA GLY D 155 -14.52 -36.15 28.68
C GLY D 155 -13.46 -36.75 29.57
N ALA D 156 -12.76 -35.91 30.32
CA ALA D 156 -11.56 -36.35 31.02
C ALA D 156 -11.89 -37.23 32.22
N PRO D 157 -10.99 -38.13 32.59
CA PRO D 157 -11.20 -38.92 33.81
C PRO D 157 -11.05 -38.08 35.06
N LEU D 158 -11.60 -38.60 36.16
CA LEU D 158 -11.68 -37.83 37.39
C LEU D 158 -10.31 -37.44 37.92
N TRP D 159 -9.31 -38.30 37.73
CA TRP D 159 -7.99 -37.99 38.29
C TRP D 159 -7.32 -36.79 37.63
N THR D 160 -7.83 -36.31 36.50
CA THR D 160 -7.30 -35.06 35.96
C THR D 160 -7.62 -33.88 36.88
N LEU D 161 -8.75 -33.94 37.60
CA LEU D 161 -9.07 -32.87 38.54
C LEU D 161 -8.07 -32.85 39.70
N TYR D 162 -7.76 -34.02 40.24
CA TYR D 162 -6.77 -34.08 41.32
C TYR D 162 -5.41 -33.63 40.83
N ALA D 163 -5.07 -33.93 39.58
CA ALA D 163 -3.81 -33.48 39.03
C ALA D 163 -3.73 -31.96 39.03
N CYS D 164 -4.87 -31.29 38.87
CA CYS D 164 -4.93 -29.84 38.86
C CYS D 164 -5.07 -29.24 40.25
N GLY D 165 -4.94 -30.06 41.29
CA GLY D 165 -5.05 -29.55 42.65
C GLY D 165 -6.42 -29.06 43.03
N ILE D 166 -7.47 -29.67 42.51
CA ILE D 166 -8.86 -29.25 42.73
C ILE D 166 -9.56 -30.34 43.52
N ASP D 167 -10.28 -29.94 44.57
CA ASP D 167 -11.09 -30.88 45.34
C ASP D 167 -12.44 -31.02 44.67
N PRO D 168 -12.76 -32.17 44.06
CA PRO D 168 -14.02 -32.26 43.30
C PRO D 168 -15.27 -32.03 44.15
N TYR D 169 -15.20 -32.26 45.45
CA TYR D 169 -16.39 -32.16 46.29
C TYR D 169 -16.70 -30.74 46.75
N HIS D 170 -15.83 -29.78 46.42
CA HIS D 170 -16.06 -28.39 46.73
C HIS D 170 -16.42 -27.57 45.50
N LEU D 171 -16.58 -28.23 44.34
CA LEU D 171 -17.00 -27.55 43.12
C LEU D 171 -18.33 -26.84 43.30
N THR D 172 -19.32 -27.54 43.86
CA THR D 172 -20.66 -26.98 43.96
C THR D 172 -20.71 -25.80 44.94
N ALA D 173 -20.17 -25.99 46.15
CA ALA D 173 -20.23 -24.95 47.16
C ALA D 173 -19.64 -23.65 46.65
N THR D 174 -18.53 -23.73 45.92
CA THR D 174 -17.85 -22.56 45.40
C THR D 174 -18.40 -22.10 44.04
N ALA D 175 -19.40 -22.79 43.50
CA ALA D 175 -19.91 -22.51 42.15
C ALA D 175 -18.79 -22.55 41.11
N ALA D 176 -17.72 -23.31 41.40
CA ALA D 176 -16.68 -23.47 40.41
C ALA D 176 -17.16 -24.28 39.21
N ALA D 177 -18.23 -25.07 39.38
CA ALA D 177 -18.90 -25.74 38.28
C ALA D 177 -20.30 -26.11 38.72
N TYR D 178 -21.23 -26.13 37.77
CA TYR D 178 -22.62 -26.53 38.00
C TYR D 178 -22.81 -27.95 37.47
N LEU D 179 -23.06 -28.90 38.36
CA LEU D 179 -23.25 -30.29 37.97
C LEU D 179 -24.72 -30.66 38.07
N HIS D 180 -25.22 -31.34 37.04
CA HIS D 180 -26.62 -31.70 36.96
C HIS D 180 -27.08 -32.40 38.23
N CYS D 181 -26.32 -33.41 38.67
CA CYS D 181 -26.75 -34.25 39.78
C CYS D 181 -26.58 -33.57 41.13
N GLU D 182 -26.01 -32.38 41.18
CA GLU D 182 -25.88 -31.62 42.42
C GLU D 182 -26.51 -30.23 42.25
N TRP D 183 -27.56 -30.13 41.44
CA TRP D 183 -28.27 -28.87 41.27
C TRP D 183 -29.61 -28.93 41.98
N PRO D 184 -30.00 -27.89 42.76
CA PRO D 184 -29.20 -26.68 43.04
C PRO D 184 -28.18 -26.92 44.15
N SER D 185 -28.28 -28.06 44.83
CA SER D 185 -27.41 -28.41 45.94
C SER D 185 -27.15 -29.90 45.91
N ALA D 186 -26.01 -30.31 46.48
CA ALA D 186 -25.74 -31.73 46.60
C ALA D 186 -26.66 -32.40 47.62
N GLU D 187 -27.09 -31.63 48.63
CA GLU D 187 -27.88 -32.19 49.73
C GLU D 187 -29.36 -32.29 49.41
N SER D 188 -29.88 -31.41 48.55
CA SER D 188 -31.29 -31.40 48.17
C SER D 188 -31.40 -31.14 46.68
N PRO D 189 -31.01 -32.12 45.86
CA PRO D 189 -31.00 -31.91 44.41
C PRO D 189 -32.38 -31.97 43.79
N LYS D 190 -32.55 -31.18 42.73
CA LYS D 190 -33.77 -31.16 41.92
C LYS D 190 -33.33 -31.17 40.46
N PRO D 191 -32.79 -32.30 39.99
CA PRO D 191 -32.19 -32.31 38.64
C PRO D 191 -33.16 -31.90 37.55
N GLN D 192 -34.48 -32.08 37.74
CA GLN D 192 -35.40 -31.69 36.69
C GLN D 192 -35.53 -30.17 36.56
N ASP D 193 -35.10 -29.41 37.58
CA ASP D 193 -35.12 -27.95 37.50
C ASP D 193 -33.82 -27.38 36.95
N PHE D 194 -32.92 -28.22 36.46
CA PHE D 194 -31.65 -27.77 35.89
C PHE D 194 -31.92 -26.83 34.72
N PRO D 195 -31.51 -25.56 34.81
CA PRO D 195 -31.91 -24.61 33.76
C PRO D 195 -31.45 -25.04 32.38
N ALA D 196 -32.23 -24.64 31.38
CA ALA D 196 -31.98 -25.06 30.00
C ALA D 196 -30.61 -24.58 29.52
N MET D 197 -29.77 -25.54 29.13
CA MET D 197 -28.47 -25.30 28.51
C MET D 197 -27.52 -24.52 29.40
N ILE D 198 -27.70 -24.58 30.73
CA ILE D 198 -26.74 -23.90 31.60
C ILE D 198 -25.41 -24.64 31.68
N TRP D 199 -25.36 -25.89 31.22
CA TRP D 199 -24.11 -26.65 31.31
C TRP D 199 -22.98 -25.94 30.58
N GLY D 200 -23.29 -25.26 29.49
CA GLY D 200 -22.26 -24.61 28.70
C GLY D 200 -21.57 -23.47 29.44
N THR D 201 -22.26 -22.86 30.40
CA THR D 201 -21.64 -21.78 31.16
C THR D 201 -20.50 -22.27 32.06
N ASN D 202 -20.37 -23.58 32.27
CA ASN D 202 -19.23 -24.08 33.04
C ASN D 202 -17.90 -23.68 32.41
N TYR D 203 -17.88 -23.38 31.11
CA TYR D 203 -16.65 -22.93 30.47
C TYR D 203 -16.15 -21.64 31.09
N THR D 204 -17.06 -20.82 31.62
CA THR D 204 -16.71 -19.53 32.20
C THR D 204 -16.93 -19.51 33.71
N HIS D 205 -16.82 -20.68 34.34
CA HIS D 205 -16.69 -20.78 35.79
C HIS D 205 -15.27 -21.25 36.14
N LEU D 206 -14.95 -21.19 37.43
CA LEU D 206 -13.55 -21.23 37.84
C LEU D 206 -12.90 -22.57 37.53
N ALA D 207 -13.62 -23.68 37.70
CA ALA D 207 -13.01 -24.99 37.47
C ALA D 207 -12.51 -25.11 36.03
N ASN D 208 -13.41 -24.89 35.06
CA ASN D 208 -13.03 -24.97 33.66
C ASN D 208 -12.03 -23.87 33.30
N GLN D 209 -12.22 -22.67 33.86
CA GLN D 209 -11.33 -21.55 33.57
C GLN D 209 -9.90 -21.89 33.96
N THR D 210 -9.72 -22.60 35.08
CA THR D 210 -8.39 -23.01 35.49
C THR D 210 -7.88 -24.16 34.63
N ILE D 211 -8.68 -25.22 34.48
CA ILE D 211 -8.18 -26.45 33.89
C ILE D 211 -7.78 -26.25 32.43
N TRP D 212 -8.61 -25.55 31.66
CA TRP D 212 -8.25 -25.30 30.27
C TRP D 212 -7.00 -24.43 30.16
N THR D 213 -6.83 -23.49 31.07
CA THR D 213 -5.59 -22.69 31.05
C THR D 213 -4.38 -23.59 31.27
N PHE D 214 -4.45 -24.46 32.27
CA PHE D 214 -3.39 -25.45 32.46
C PHE D 214 -3.16 -26.25 31.18
N PHE D 215 -4.24 -26.78 30.60
CA PHE D 215 -4.13 -27.75 29.52
C PHE D 215 -3.45 -27.15 28.30
N PHE D 216 -3.84 -25.94 27.92
CA PHE D 216 -3.30 -25.32 26.72
C PHE D 216 -2.10 -24.42 27.00
N ALA D 217 -2.01 -23.81 28.19
CA ALA D 217 -1.00 -22.78 28.40
C ALA D 217 -0.41 -22.82 29.81
N GLY D 218 -0.35 -24.01 30.42
CA GLY D 218 0.19 -24.09 31.77
C GLY D 218 1.62 -23.61 31.87
N LYS D 219 2.42 -23.88 30.82
CA LYS D 219 3.81 -23.45 30.86
C LYS D 219 3.93 -21.93 30.85
N THR D 220 2.98 -21.25 30.19
CA THR D 220 3.02 -19.80 30.06
C THR D 220 2.52 -19.12 31.33
N TYR D 221 1.40 -19.59 31.88
CA TYR D 221 0.70 -18.86 32.94
C TYR D 221 0.74 -19.56 34.30
N ALA D 222 1.16 -20.81 34.35
CA ALA D 222 1.25 -21.56 35.60
C ALA D 222 2.60 -22.25 35.68
N PRO D 223 3.70 -21.49 35.58
CA PRO D 223 5.03 -22.12 35.56
C PRO D 223 5.38 -22.88 36.83
N LYS D 224 4.69 -22.61 37.95
CA LYS D 224 4.97 -23.30 39.20
C LYS D 224 4.24 -24.63 39.32
N CYS D 225 3.32 -24.92 38.41
CA CYS D 225 2.49 -26.13 38.49
C CYS D 225 3.24 -27.28 37.83
N ILE D 226 4.17 -27.86 38.61
CA ILE D 226 5.01 -28.95 38.14
C ILE D 226 4.49 -30.26 38.72
N ILE D 227 4.42 -31.28 37.87
CA ILE D 227 3.86 -32.57 38.24
C ILE D 227 4.65 -33.61 37.47
N ASP D 228 5.21 -34.58 38.19
CA ASP D 228 6.13 -35.55 37.60
C ASP D 228 7.26 -34.86 36.83
N GLY D 229 7.80 -33.81 37.43
CA GLY D 229 8.88 -33.07 36.81
C GLY D 229 8.53 -32.35 35.53
N LYS D 230 7.25 -32.23 35.23
CA LYS D 230 6.79 -31.56 34.02
C LYS D 230 5.76 -30.50 34.40
N ASN D 231 5.58 -29.52 33.53
CA ASN D 231 4.46 -28.61 33.70
C ASN D 231 3.16 -29.35 33.46
N ILE D 232 2.13 -28.99 34.24
CA ILE D 232 0.82 -29.62 34.10
C ILE D 232 0.36 -29.60 32.65
N GLN D 233 0.74 -28.59 31.88
CA GLN D 233 0.34 -28.53 30.48
C GLN D 233 0.81 -29.77 29.73
N ASP D 234 2.10 -30.11 29.86
CA ASP D 234 2.61 -31.31 29.20
C ASP D 234 2.02 -32.57 29.82
N PHE D 235 1.84 -32.59 31.14
CA PHE D 235 1.28 -33.76 31.80
C PHE D 235 -0.09 -34.09 31.23
N LEU D 236 -0.95 -33.08 31.09
CA LEU D 236 -2.32 -33.33 30.63
C LEU D 236 -2.37 -33.63 29.15
N GLN D 237 -1.66 -32.84 28.34
CA GLN D 237 -1.67 -33.06 26.90
C GLN D 237 -1.06 -34.42 26.56
N ASP D 238 0.09 -34.74 27.16
CA ASP D 238 0.76 -36.00 26.86
C ASP D 238 -0.15 -37.18 27.16
N HIS D 239 -0.76 -37.19 28.34
CA HIS D 239 -1.64 -38.29 28.72
C HIS D 239 -2.84 -38.38 27.77
N PHE D 240 -3.50 -37.24 27.52
CA PHE D 240 -4.62 -37.26 26.58
C PHE D 240 -4.19 -37.80 25.23
N ILE D 241 -3.11 -37.25 24.67
CA ILE D 241 -2.62 -37.69 23.37
C ILE D 241 -2.23 -39.17 23.43
N ASP D 242 -1.58 -39.60 24.52
CA ASP D 242 -1.19 -41.00 24.63
C ASP D 242 -2.40 -41.91 24.65
N ALA D 243 -3.45 -41.51 25.38
CA ALA D 243 -4.65 -42.33 25.49
C ALA D 243 -5.29 -42.54 24.13
N VAL D 244 -5.42 -41.47 23.34
CA VAL D 244 -6.00 -41.64 22.01
C VAL D 244 -5.02 -42.35 21.09
N GLY D 245 -3.72 -42.06 21.24
CA GLY D 245 -2.72 -42.81 20.50
C GLY D 245 -2.78 -44.30 20.75
N GLU D 246 -3.08 -44.70 21.98
CA GLU D 246 -3.21 -46.12 22.29
C GLU D 246 -4.39 -46.74 21.53
N LEU D 247 -5.49 -45.99 21.40
CA LEU D 247 -6.63 -46.51 20.66
C LEU D 247 -6.32 -46.62 19.16
N ALA D 248 -5.68 -45.59 18.59
CA ALA D 248 -5.28 -45.66 17.19
C ALA D 248 -4.32 -46.81 16.95
N LYS D 249 -3.40 -47.05 17.89
CA LYS D 249 -2.46 -48.16 17.77
C LYS D 249 -3.18 -49.50 17.86
N ARG D 250 -4.11 -49.62 18.81
CA ARG D 250 -4.91 -50.84 18.91
C ARG D 250 -5.61 -51.13 17.59
N ILE D 251 -6.23 -50.12 16.98
CA ILE D 251 -6.93 -50.31 15.72
C ILE D 251 -5.94 -50.74 14.63
N ALA D 252 -4.80 -50.06 14.57
CA ALA D 252 -3.85 -50.31 13.50
C ALA D 252 -3.30 -51.74 13.57
N GLU D 253 -3.06 -52.24 14.78
CA GLU D 253 -2.47 -53.55 14.95
C GLU D 253 -3.51 -54.67 14.95
N GLU D 254 -4.60 -54.49 15.70
CA GLU D 254 -5.59 -55.55 15.83
C GLU D 254 -6.59 -55.58 14.68
N ALA D 255 -6.83 -54.46 14.00
CA ALA D 255 -7.84 -54.42 12.95
C ALA D 255 -7.43 -53.42 11.87
N GLY D 256 -6.20 -53.54 11.37
CA GLY D 256 -5.67 -52.58 10.43
C GLY D 256 -6.51 -52.36 9.20
N ASP D 257 -7.35 -53.34 8.85
CA ASP D 257 -8.14 -53.24 7.62
C ASP D 257 -9.25 -52.22 7.76
N LEU D 258 -9.60 -51.82 8.99
CA LEU D 258 -10.59 -50.75 9.17
C LEU D 258 -10.09 -49.41 8.63
N LEU D 259 -8.77 -49.20 8.59
CA LEU D 259 -8.21 -47.89 8.32
C LEU D 259 -8.42 -47.51 6.86
N ASP D 260 -8.97 -46.30 6.64
CA ASP D 260 -9.18 -45.72 5.32
C ASP D 260 -10.39 -46.34 4.62
N GLU D 261 -10.56 -47.65 4.75
CA GLU D 261 -11.75 -48.29 4.19
C GLU D 261 -12.99 -47.92 4.99
N CYS D 262 -12.89 -47.87 6.32
CA CYS D 262 -13.98 -47.44 7.18
C CYS D 262 -13.63 -46.19 7.97
N VAL D 263 -12.58 -46.24 8.80
CA VAL D 263 -12.13 -45.08 9.56
C VAL D 263 -11.27 -44.23 8.63
N ILE D 264 -11.81 -43.12 8.12
CA ILE D 264 -11.07 -42.30 7.18
C ILE D 264 -10.23 -41.23 7.86
N GLY D 265 -10.40 -41.00 9.16
CA GLY D 265 -9.65 -39.95 9.82
C GLY D 265 -10.06 -39.76 11.27
N TRP D 266 -9.46 -38.74 11.88
CA TRP D 266 -9.64 -38.43 13.29
C TRP D 266 -9.92 -36.95 13.46
N ASP D 267 -10.93 -36.63 14.27
CA ASP D 267 -11.23 -35.26 14.66
C ASP D 267 -10.24 -34.80 15.73
N SER D 268 -10.07 -33.47 15.81
CA SER D 268 -9.34 -32.86 16.91
C SER D 268 -10.20 -32.91 18.19
N ILE D 269 -9.58 -32.56 19.32
CA ILE D 269 -10.30 -32.59 20.59
C ILE D 269 -11.55 -31.71 20.47
N ASN D 270 -12.66 -32.23 20.99
CA ASN D 270 -13.96 -31.62 20.73
C ASN D 270 -14.14 -30.31 21.49
N GLU D 271 -14.66 -29.30 20.79
CA GLU D 271 -15.02 -27.98 21.31
C GLU D 271 -14.17 -27.59 22.52
N PRO D 272 -12.87 -27.42 22.33
CA PRO D 272 -11.99 -27.19 23.48
C PRO D 272 -12.20 -25.81 24.09
N GLY D 273 -12.07 -25.76 25.41
CA GLY D 273 -12.22 -24.51 26.11
C GLY D 273 -10.96 -23.66 26.06
N GLU D 274 -11.15 -22.36 26.15
CA GLU D 274 -10.06 -21.40 26.14
C GLU D 274 -9.60 -21.01 27.53
N GLY D 275 -10.29 -21.47 28.57
CA GLY D 275 -9.94 -21.07 29.92
C GLY D 275 -9.96 -19.57 30.07
N LEU D 276 -8.94 -19.03 30.72
CA LEU D 276 -8.76 -17.60 30.86
C LEU D 276 -7.80 -17.03 29.83
N ILE D 277 -7.31 -17.85 28.91
CA ILE D 277 -6.35 -17.38 27.91
C ILE D 277 -6.99 -16.27 27.10
N GLY D 278 -6.31 -15.14 27.04
CA GLY D 278 -6.78 -14.01 26.26
C GLY D 278 -7.69 -13.07 27.00
N CYS D 279 -8.03 -13.36 28.25
CA CYS D 279 -8.89 -12.46 29.00
C CYS D 279 -8.25 -11.07 29.09
N LYS D 280 -8.93 -10.07 28.55
CA LYS D 280 -8.38 -8.72 28.55
C LYS D 280 -8.52 -8.04 29.91
N ASP D 281 -9.57 -8.37 30.66
CA ASP D 281 -9.79 -7.75 31.97
C ASP D 281 -10.47 -8.77 32.87
N LEU D 282 -9.73 -9.27 33.86
CA LEU D 282 -10.26 -10.28 34.76
C LEU D 282 -11.38 -9.75 35.65
N ALA D 283 -11.64 -8.45 35.62
CA ALA D 283 -12.66 -7.87 36.48
C ALA D 283 -14.03 -7.79 35.82
N VAL D 284 -14.14 -8.09 34.52
CA VAL D 284 -15.41 -8.00 33.83
C VAL D 284 -15.63 -9.20 32.93
N ILE D 285 -16.91 -9.47 32.65
CA ILE D 285 -17.34 -10.38 31.60
C ILE D 285 -17.65 -9.54 30.37
N PRO D 286 -16.95 -9.73 29.26
CA PRO D 286 -17.19 -8.85 28.10
C PRO D 286 -18.58 -9.06 27.50
N ALA D 287 -19.09 -8.00 26.89
CA ALA D 287 -20.34 -8.11 26.15
C ALA D 287 -20.25 -9.19 25.08
N GLU D 288 -19.06 -9.35 24.49
CA GLU D 288 -18.88 -10.35 23.44
C GLU D 288 -19.17 -11.76 23.94
N GLN D 289 -19.01 -12.01 25.24
CA GLN D 289 -19.25 -13.37 25.75
C GLN D 289 -20.67 -13.79 25.39
N GLN D 290 -20.79 -14.71 24.43
CA GLN D 290 -22.10 -15.11 23.93
C GLN D 290 -22.97 -15.66 25.05
N LEU D 291 -22.52 -16.72 25.70
CA LEU D 291 -23.36 -17.49 26.60
C LEU D 291 -23.20 -17.00 28.03
N LYS D 292 -24.28 -16.48 28.60
CA LYS D 292 -24.39 -16.16 30.01
C LYS D 292 -25.77 -16.63 30.44
N LYS D 293 -25.84 -17.39 31.53
CA LYS D 293 -27.13 -17.84 32.04
C LYS D 293 -26.93 -18.30 33.47
N GLY D 294 -27.85 -17.91 34.36
CA GLY D 294 -27.73 -18.20 35.76
C GLY D 294 -26.70 -17.29 36.41
N PRO D 295 -26.30 -17.60 37.64
CA PRO D 295 -25.26 -16.80 38.30
C PRO D 295 -23.98 -16.81 37.47
N SER D 296 -23.51 -15.62 37.14
CA SER D 296 -22.37 -15.44 36.22
C SER D 296 -21.29 -14.61 36.90
N PRO D 297 -20.48 -15.22 37.77
CA PRO D 297 -19.37 -14.48 38.36
C PRO D 297 -18.33 -14.12 37.30
N THR D 298 -17.76 -12.92 37.44
CA THR D 298 -16.60 -12.55 36.67
C THR D 298 -15.43 -13.45 37.06
N PRO D 299 -14.34 -13.44 36.30
CA PRO D 299 -13.20 -14.30 36.67
C PRO D 299 -12.69 -14.06 38.08
N ILE D 300 -12.51 -12.80 38.48
CA ILE D 300 -11.98 -12.53 39.81
C ILE D 300 -13.01 -12.89 40.88
N GLU D 301 -14.29 -12.62 40.62
CA GLU D 301 -15.33 -13.06 41.54
C GLU D 301 -15.28 -14.57 41.73
N GLY D 302 -15.04 -15.31 40.65
CA GLY D 302 -14.95 -16.75 40.77
C GLY D 302 -13.76 -17.20 41.60
N MET D 303 -12.63 -16.48 41.48
CA MET D 303 -11.47 -16.81 42.31
C MET D 303 -11.74 -16.54 43.79
N ARG D 304 -12.36 -15.39 44.10
CA ARG D 304 -12.75 -15.13 45.49
C ARG D 304 -13.66 -16.24 46.01
N LEU D 305 -14.66 -16.62 45.22
CA LEU D 305 -15.52 -17.74 45.59
C LEU D 305 -14.71 -19.01 45.80
N GLY D 306 -13.70 -19.24 44.95
CA GLY D 306 -12.85 -20.41 45.08
C GLY D 306 -12.03 -20.42 46.35
N MET D 307 -11.92 -19.26 47.02
CA MET D 307 -11.24 -19.16 48.30
C MET D 307 -12.22 -19.13 49.47
N GLY D 308 -13.51 -19.35 49.22
CA GLY D 308 -14.51 -19.43 50.26
C GLY D 308 -15.22 -18.15 50.59
N GLU D 309 -14.93 -17.06 49.88
CA GLU D 309 -15.49 -15.74 50.17
C GLU D 309 -16.79 -15.54 49.39
N ALA D 310 -17.83 -15.09 50.08
CA ALA D 310 -19.12 -14.85 49.45
C ALA D 310 -19.02 -13.69 48.47
N GLN D 311 -19.81 -13.79 47.38
CA GLN D 311 -19.84 -12.78 46.34
C GLN D 311 -21.28 -12.56 45.90
N ASP D 312 -21.59 -11.31 45.55
CA ASP D 312 -22.86 -10.96 44.93
C ASP D 312 -22.64 -10.88 43.43
N VAL D 313 -23.31 -11.75 42.67
CA VAL D 313 -23.01 -11.90 41.25
C VAL D 313 -24.27 -11.64 40.43
N GLN D 314 -24.05 -11.17 39.21
CA GLN D 314 -25.14 -10.95 38.26
C GLN D 314 -25.63 -12.27 37.70
N ALA D 315 -26.96 -12.44 37.67
CA ALA D 315 -27.59 -13.57 36.99
C ALA D 315 -28.13 -13.10 35.65
N TRP D 316 -28.23 -14.05 34.71
CA TRP D 316 -28.63 -13.74 33.34
C TRP D 316 -29.70 -14.72 32.88
N ASN D 317 -30.61 -14.21 32.04
CA ASN D 317 -31.60 -15.03 31.36
C ASN D 317 -31.48 -14.83 29.86
N PHE D 318 -31.97 -15.80 29.11
CA PHE D 318 -31.88 -15.76 27.66
C PHE D 318 -33.17 -15.17 27.09
N GLY D 319 -33.04 -14.00 26.49
CA GLY D 319 -34.15 -13.34 25.84
C GLY D 319 -34.13 -13.57 24.35
N PRO D 320 -35.12 -13.02 23.64
CA PRO D 320 -35.22 -13.28 22.20
C PRO D 320 -34.06 -12.73 21.40
N MET D 321 -33.29 -11.80 21.95
CA MET D 321 -32.14 -11.22 21.27
C MET D 321 -30.83 -11.62 21.93
N GLY D 322 -30.87 -12.58 22.86
CA GLY D 322 -29.69 -13.01 23.56
C GLY D 322 -29.79 -12.76 25.04
N PRO D 323 -28.67 -12.97 25.75
CA PRO D 323 -28.67 -12.77 27.21
C PRO D 323 -29.07 -11.35 27.60
N TYR D 324 -29.72 -11.25 28.77
CA TYR D 324 -30.05 -9.97 29.38
C TYR D 324 -30.04 -10.16 30.89
N ARG D 325 -29.76 -9.09 31.60
CA ARG D 325 -29.53 -9.19 33.04
C ARG D 325 -30.83 -9.39 33.80
N GLY D 326 -30.83 -10.35 34.71
CA GLY D 326 -31.88 -10.54 35.68
C GLY D 326 -31.51 -9.90 37.00
N SER D 327 -31.80 -10.62 38.08
CA SER D 327 -31.47 -10.13 39.42
C SER D 327 -30.08 -10.57 39.84
N ARG D 328 -29.50 -9.82 40.78
CA ARG D 328 -28.26 -10.23 41.41
C ARG D 328 -28.55 -11.33 42.43
N GLN D 329 -27.54 -12.15 42.70
CA GLN D 329 -27.72 -13.32 43.53
C GLN D 329 -26.43 -13.59 44.30
N THR D 330 -26.57 -13.86 45.59
CA THR D 330 -25.43 -14.08 46.46
C THR D 330 -25.06 -15.56 46.51
N ILE D 331 -23.79 -15.85 46.29
CA ILE D 331 -23.23 -17.18 46.46
C ILE D 331 -22.30 -17.12 47.66
N ASP D 332 -22.59 -17.95 48.67
CA ASP D 332 -21.80 -17.95 49.91
C ASP D 332 -21.22 -19.35 50.15
N PRO D 333 -19.94 -19.57 49.84
CA PRO D 333 -19.36 -20.91 50.08
C PRO D 333 -19.15 -21.23 51.57
N LYS D 334 -19.32 -20.26 52.45
CA LYS D 334 -19.16 -20.48 53.89
C LYS D 334 -17.74 -20.94 54.21
N GLY D 335 -16.76 -20.42 53.47
CA GLY D 335 -15.37 -20.73 53.72
C GLY D 335 -14.82 -21.93 52.97
N VAL D 336 -15.66 -22.67 52.26
CA VAL D 336 -15.18 -23.84 51.53
C VAL D 336 -14.33 -23.38 50.36
N LYS D 337 -13.19 -24.03 50.16
CA LYS D 337 -12.26 -23.69 49.09
C LYS D 337 -12.27 -24.78 48.02
N LEU D 338 -12.14 -24.36 46.77
CA LEU D 338 -12.05 -25.34 45.68
C LEU D 338 -10.77 -26.15 45.78
N TRP D 339 -9.71 -25.57 46.33
CA TRP D 339 -8.36 -26.08 46.17
C TRP D 339 -8.06 -27.20 47.15
N LEU D 340 -7.51 -28.29 46.61
CA LEU D 340 -7.24 -29.48 47.39
C LEU D 340 -6.15 -29.20 48.42
N SER D 341 -6.40 -29.62 49.65
CA SER D 341 -5.42 -29.42 50.72
C SER D 341 -4.24 -30.39 50.55
N LYS D 342 -3.20 -30.12 51.34
CA LYS D 342 -2.00 -30.97 51.32
C LYS D 342 -2.33 -32.36 51.86
N GLU D 343 -3.04 -32.43 52.99
CA GLU D 343 -3.45 -33.73 53.50
C GLU D 343 -4.21 -34.50 52.43
N ASP D 344 -5.17 -33.84 51.78
CA ASP D 344 -6.02 -34.52 50.81
C ASP D 344 -5.26 -34.85 49.54
N ASP D 345 -4.18 -34.14 49.23
CA ASP D 345 -3.37 -34.51 48.07
C ASP D 345 -2.66 -35.84 48.32
N VAL D 346 -2.21 -36.07 49.55
CA VAL D 346 -1.60 -37.36 49.88
C VAL D 346 -2.66 -38.46 49.86
N LYS D 347 -3.87 -38.15 50.32
CA LYS D 347 -4.90 -39.17 50.48
C LYS D 347 -5.71 -39.43 49.21
N ARG D 348 -6.09 -38.38 48.48
CA ARG D 348 -6.91 -38.56 47.29
C ARG D 348 -6.25 -38.10 46.01
N GLY D 349 -5.05 -37.53 46.09
CA GLY D 349 -4.46 -36.89 44.94
C GLY D 349 -3.16 -37.54 44.50
N SER D 350 -2.07 -36.79 44.58
CA SER D 350 -0.77 -37.32 44.18
C SER D 350 -0.47 -38.64 44.87
N GLY D 351 -0.82 -38.74 46.16
CA GLY D 351 -0.51 -39.93 46.92
C GLY D 351 -1.37 -41.13 46.58
N LYS D 352 -2.51 -40.91 45.93
CA LYS D 352 -3.39 -42.01 45.55
C LYS D 352 -3.21 -42.44 44.11
N TRP D 353 -3.06 -41.49 43.19
CA TRP D 353 -2.99 -41.79 41.77
C TRP D 353 -1.57 -42.01 41.28
N GLY D 354 -0.56 -41.64 42.06
CA GLY D 354 0.81 -42.01 41.76
C GLY D 354 1.62 -41.05 40.91
N TRP D 355 1.60 -39.77 41.27
CA TRP D 355 2.50 -38.79 40.67
C TRP D 355 3.13 -37.98 41.79
N THR D 356 4.22 -37.28 41.49
CA THR D 356 4.84 -36.36 42.42
C THR D 356 4.51 -34.94 42.01
N ARG D 357 4.22 -34.09 43.00
CA ARG D 357 3.87 -32.70 42.76
C ARG D 357 5.05 -31.79 43.10
N GLY D 358 5.22 -30.74 42.29
CA GLY D 358 6.30 -29.80 42.54
C GLY D 358 6.14 -29.07 43.87
N LYS D 359 7.28 -28.79 44.51
CA LYS D 359 7.26 -28.13 45.81
C LYS D 359 6.76 -26.70 45.72
N GLU D 360 6.81 -26.08 44.56
CA GLU D 360 6.31 -24.72 44.40
C GLU D 360 4.84 -24.69 44.01
N TRP D 361 4.21 -25.84 43.81
CA TRP D 361 2.79 -25.92 43.52
C TRP D 361 2.03 -25.79 44.84
N ALA D 362 1.82 -24.55 45.25
CA ALA D 362 1.02 -24.25 46.42
C ALA D 362 -0.31 -24.97 46.39
N LEU D 363 -0.59 -25.75 47.42
CA LEU D 363 -1.86 -26.45 47.55
C LEU D 363 -2.73 -25.76 48.59
N GLY D 364 -4.04 -26.01 48.50
CA GLY D 364 -4.99 -25.46 49.47
C GLY D 364 -5.29 -23.99 49.32
N THR D 365 -4.79 -23.34 48.27
CA THR D 365 -4.97 -21.91 48.09
C THR D 365 -4.99 -21.63 46.59
N CYS D 366 -5.48 -20.45 46.23
CA CYS D 366 -5.70 -20.14 44.83
C CYS D 366 -4.39 -20.15 44.07
N ILE D 367 -4.31 -20.98 43.02
CA ILE D 367 -3.10 -21.07 42.24
C ILE D 367 -2.83 -19.80 41.44
N TRP D 368 -3.87 -19.02 41.13
CA TRP D 368 -3.65 -17.78 40.40
C TRP D 368 -3.14 -16.67 41.32
N ALA D 369 -3.69 -16.59 42.53
CA ALA D 369 -3.09 -15.71 43.54
C ALA D 369 -1.61 -16.04 43.72
N HIS D 370 -1.28 -17.33 43.77
CA HIS D 370 0.09 -17.76 43.98
C HIS D 370 1.02 -17.33 42.86
N HIS D 371 0.48 -17.06 41.67
CA HIS D 371 1.27 -16.54 40.56
C HIS D 371 1.16 -15.03 40.42
N GLY D 372 0.60 -14.34 41.42
CA GLY D 372 0.56 -12.90 41.42
C GLY D 372 -0.62 -12.28 40.70
N VAL D 373 -1.63 -13.07 40.32
CA VAL D 373 -2.77 -12.51 39.60
C VAL D 373 -3.57 -11.60 40.53
N TRP D 374 -3.85 -12.05 41.74
CA TRP D 374 -4.57 -11.26 42.73
C TRP D 374 -3.96 -11.52 44.10
N GLU D 375 -4.41 -10.73 45.07
CA GLU D 375 -3.89 -10.76 46.44
C GLU D 375 -4.98 -11.28 47.36
N ILE D 376 -4.67 -12.37 48.06
CA ILE D 376 -5.67 -12.98 48.94
C ILE D 376 -5.95 -12.09 50.14
N ALA D 377 -4.90 -11.51 50.74
CA ALA D 377 -5.07 -10.75 51.98
C ALA D 377 -6.07 -9.62 51.79
N THR D 378 -5.98 -8.90 50.67
CA THR D 378 -6.87 -7.78 50.39
C THR D 378 -7.94 -8.10 49.34
N SER D 379 -8.00 -9.34 48.86
CA SER D 379 -8.96 -9.75 47.84
C SER D 379 -8.99 -8.78 46.65
N THR D 380 -7.80 -8.29 46.27
CA THR D 380 -7.68 -7.29 45.23
C THR D 380 -6.96 -7.87 44.01
N LEU D 381 -7.48 -7.51 42.83
CA LEU D 381 -6.87 -7.90 41.56
C LEU D 381 -5.64 -7.04 41.30
N LEU D 382 -4.49 -7.69 41.12
CA LEU D 382 -3.24 -6.99 40.87
C LEU D 382 -2.84 -6.95 39.41
N ARG D 383 -3.22 -7.97 38.63
CA ARG D 383 -2.79 -8.10 37.24
C ARG D 383 -4.00 -8.43 36.39
N PRO D 384 -4.91 -7.47 36.22
CA PRO D 384 -6.17 -7.75 35.50
C PRO D 384 -5.96 -8.27 34.09
N ASP D 385 -4.85 -7.91 33.43
CA ASP D 385 -4.56 -8.37 32.08
C ASP D 385 -3.47 -9.43 32.03
N TYR D 386 -3.27 -10.16 33.14
CA TYR D 386 -2.25 -11.21 33.20
C TYR D 386 -2.34 -12.15 32.02
N PHE D 387 -3.55 -12.58 31.67
CA PHE D 387 -3.75 -13.57 30.62
C PHE D 387 -3.83 -12.96 29.23
N SER D 388 -3.56 -11.66 29.09
CA SER D 388 -3.65 -11.00 27.79
C SER D 388 -2.39 -11.16 26.96
N THR D 389 -1.23 -11.25 27.62
CA THR D 389 0.07 -11.24 26.98
C THR D 389 0.89 -12.40 27.52
N LEU D 390 2.13 -12.50 27.02
CA LEU D 390 3.06 -13.51 27.54
C LEU D 390 3.83 -12.91 28.71
N PRO D 391 3.81 -13.55 29.88
CA PRO D 391 4.63 -13.03 30.99
C PRO D 391 6.09 -12.86 30.64
N THR D 392 6.63 -13.71 29.75
CA THR D 392 8.03 -13.59 29.34
C THR D 392 8.22 -12.59 28.21
N ASN D 393 7.15 -12.08 27.62
CA ASN D 393 7.25 -11.04 26.61
C ASN D 393 5.94 -10.26 26.57
N PRO D 394 5.75 -9.30 27.48
CA PRO D 394 4.44 -8.65 27.59
C PRO D 394 3.99 -7.87 26.37
N GLY D 395 4.89 -7.56 25.43
CA GLY D 395 4.48 -6.85 24.23
C GLY D 395 3.75 -7.68 23.20
N HIS D 396 3.71 -8.99 23.39
CA HIS D 396 3.04 -9.93 22.48
C HIS D 396 1.64 -10.19 23.02
N GLN D 397 0.63 -9.74 22.27
CA GLN D 397 -0.75 -10.06 22.61
C GLN D 397 -1.08 -11.47 22.15
N VAL D 398 -1.66 -12.28 23.04
CA VAL D 398 -1.82 -13.69 22.74
C VAL D 398 -3.14 -13.92 21.98
N ASP D 399 -3.10 -14.91 21.10
CA ASP D 399 -4.25 -15.39 20.34
C ASP D 399 -4.38 -16.88 20.67
N PHE D 400 -5.44 -17.24 21.41
CA PHE D 400 -5.59 -18.60 21.89
C PHE D 400 -5.43 -19.63 20.77
N VAL D 401 -6.03 -19.37 19.62
CA VAL D 401 -6.00 -20.34 18.54
C VAL D 401 -4.59 -20.46 17.96
N ASP D 402 -3.97 -19.32 17.67
CA ASP D 402 -2.66 -19.34 17.02
C ASP D 402 -1.56 -19.78 17.96
N ASP D 403 -1.61 -19.35 19.22
CA ASP D 403 -0.48 -19.51 20.12
C ASP D 403 -0.56 -20.76 20.99
N PHE D 404 -1.74 -21.34 21.17
CA PHE D 404 -1.89 -22.44 22.12
C PHE D 404 -2.63 -23.62 21.53
N TRP D 405 -3.83 -23.38 20.97
CA TRP D 405 -4.56 -24.48 20.37
C TRP D 405 -3.76 -25.14 19.27
N ALA D 406 -3.12 -24.33 18.42
CA ALA D 406 -2.39 -24.86 17.27
C ALA D 406 -1.23 -25.74 17.72
N LEU D 407 -0.58 -25.39 18.83
CA LEU D 407 0.51 -26.21 19.36
C LEU D 407 0.01 -27.59 19.73
N HIS D 408 -1.13 -27.64 20.44
CA HIS D 408 -1.74 -28.92 20.79
C HIS D 408 -2.10 -29.71 19.54
N TRP D 409 -2.69 -29.04 18.54
CA TRP D 409 -3.08 -29.75 17.33
C TRP D 409 -1.86 -30.37 16.65
N LEU D 410 -0.75 -29.64 16.60
CA LEU D 410 0.45 -30.19 16.00
C LEU D 410 0.85 -31.51 16.65
N ALA D 411 0.91 -31.53 17.98
CA ALA D 411 1.31 -32.76 18.67
C ALA D 411 0.26 -33.85 18.51
N TYR D 412 -1.02 -33.48 18.53
CA TYR D 412 -2.09 -34.45 18.38
C TYR D 412 -2.05 -35.09 17.00
N SER D 413 -2.01 -34.26 15.95
CA SER D 413 -2.07 -34.78 14.58
C SER D 413 -0.86 -35.64 14.25
N SER D 414 0.31 -35.35 14.84
CA SER D 414 1.49 -36.16 14.57
C SER D 414 1.34 -37.56 15.14
N ARG D 415 0.81 -37.67 16.37
CA ARG D 415 0.58 -38.99 16.94
C ARG D 415 -0.43 -39.78 16.09
N ILE D 416 -1.48 -39.10 15.63
CA ILE D 416 -2.51 -39.78 14.83
C ILE D 416 -1.89 -40.40 13.59
N ARG D 417 -1.06 -39.62 12.88
CA ARG D 417 -0.49 -40.08 11.62
C ARG D 417 0.54 -41.19 11.82
N LEU D 418 1.15 -41.28 12.99
CA LEU D 418 2.11 -42.36 13.21
C LEU D 418 1.42 -43.71 13.26
N HIS D 419 0.21 -43.75 13.85
CA HIS D 419 -0.54 -44.99 13.91
C HIS D 419 -1.49 -45.17 12.73
N HIS D 420 -1.89 -44.07 12.10
CA HIS D 420 -2.85 -44.09 10.98
C HIS D 420 -2.25 -43.22 9.88
N PRO D 421 -1.34 -43.76 9.07
CA PRO D 421 -0.56 -42.88 8.17
C PRO D 421 -1.37 -42.16 7.13
N GLU D 422 -2.48 -42.74 6.65
CA GLU D 422 -3.32 -42.11 5.64
C GLU D 422 -4.50 -41.34 6.24
N SER D 423 -4.44 -41.01 7.52
CA SER D 423 -5.59 -40.39 8.17
C SER D 423 -5.86 -38.99 7.61
N ILE D 424 -7.14 -38.72 7.35
CA ILE D 424 -7.56 -37.35 7.15
C ILE D 424 -7.57 -36.65 8.51
N HIS D 425 -7.02 -35.44 8.56
CA HIS D 425 -7.12 -34.58 9.74
C HIS D 425 -8.39 -33.74 9.60
N PHE D 426 -9.42 -34.10 10.35
CA PHE D 426 -10.60 -33.24 10.48
C PHE D 426 -10.28 -32.18 11.52
N ILE D 427 -10.17 -30.93 11.08
CA ILE D 427 -9.65 -29.85 11.93
C ILE D 427 -10.83 -29.04 12.45
N GLN D 428 -11.06 -29.14 13.75
CA GLN D 428 -12.17 -28.50 14.43
C GLN D 428 -11.64 -27.38 15.30
N ALA D 429 -11.56 -26.18 14.72
CA ALA D 429 -11.14 -25.01 15.47
C ALA D 429 -12.03 -24.82 16.70
N PRO D 430 -11.56 -24.07 17.69
CA PRO D 430 -12.42 -23.72 18.83
C PRO D 430 -13.70 -23.03 18.37
N VAL D 431 -14.74 -23.17 19.20
CA VAL D 431 -16.09 -22.75 18.85
C VAL D 431 -16.12 -21.26 18.56
N LEU D 432 -16.80 -20.88 17.48
CA LEU D 432 -16.95 -19.50 17.02
C LEU D 432 -15.62 -18.83 16.73
N ARG D 433 -14.57 -19.62 16.52
CA ARG D 433 -13.26 -19.13 16.12
C ARG D 433 -12.94 -19.67 14.74
N GLN D 434 -12.28 -18.86 13.91
CA GLN D 434 -11.78 -19.40 12.67
C GLN D 434 -10.54 -20.26 12.96
N PRO D 435 -10.25 -21.24 12.11
CA PRO D 435 -9.05 -22.05 12.33
C PRO D 435 -7.79 -21.23 12.12
N PRO D 436 -6.68 -21.62 12.71
CA PRO D 436 -5.41 -20.96 12.42
C PRO D 436 -4.87 -21.42 11.07
N LYS D 437 -3.87 -20.69 10.60
CA LYS D 437 -3.06 -21.19 9.49
C LYS D 437 -2.24 -22.38 10.00
N LEU D 438 -2.34 -23.50 9.29
CA LEU D 438 -1.65 -24.69 9.74
C LEU D 438 -0.64 -25.15 8.71
N PRO D 439 0.46 -25.78 9.13
CA PRO D 439 1.56 -26.07 8.20
C PRO D 439 1.29 -27.32 7.36
N GLU D 440 1.51 -27.20 6.06
CA GLU D 440 1.47 -28.38 5.20
C GLU D 440 2.49 -29.41 5.61
N SER D 441 3.46 -29.03 6.46
CA SER D 441 4.34 -29.99 7.11
C SER D 441 3.56 -31.07 7.84
N PHE D 442 2.39 -30.74 8.38
CA PHE D 442 1.55 -31.68 9.11
C PHE D 442 0.28 -32.05 8.37
N LEU D 443 -0.25 -31.16 7.53
CA LEU D 443 -1.47 -31.46 6.78
C LEU D 443 -1.20 -32.48 5.67
N LYS D 444 -0.17 -32.21 4.86
CA LYS D 444 0.26 -33.11 3.79
C LYS D 444 -0.87 -33.38 2.78
N GLY D 445 -1.67 -32.36 2.49
CA GLY D 445 -2.70 -32.47 1.49
C GLY D 445 -3.81 -33.44 1.81
N ARG D 446 -4.09 -33.67 3.09
CA ARG D 446 -5.10 -34.66 3.46
C ARG D 446 -5.80 -34.18 4.74
N ALA D 447 -6.74 -33.26 4.58
CA ALA D 447 -7.38 -32.63 5.71
C ALA D 447 -8.79 -32.18 5.33
N CYS D 448 -9.60 -31.94 6.36
CA CYS D 448 -10.97 -31.48 6.19
C CYS D 448 -11.31 -30.58 7.37
N SER D 449 -11.91 -29.43 7.10
CA SER D 449 -12.38 -28.57 8.17
C SER D 449 -13.69 -29.13 8.73
N SER D 450 -13.79 -29.24 10.05
CA SER D 450 -14.94 -29.86 10.70
C SER D 450 -15.52 -28.94 11.77
N PRO D 451 -16.02 -27.77 11.38
CA PRO D 451 -16.69 -26.90 12.35
C PRO D 451 -18.05 -27.45 12.77
N HIS D 452 -18.53 -26.95 13.90
CA HIS D 452 -19.89 -27.21 14.34
C HIS D 452 -20.76 -25.98 14.09
N PHE D 453 -22.05 -26.22 13.86
CA PHE D 453 -23.00 -25.12 13.75
C PHE D 453 -24.32 -25.52 14.37
N TYR D 454 -24.84 -24.68 15.25
CA TYR D 454 -26.20 -24.79 15.75
C TYR D 454 -26.94 -23.48 15.54
N ASP D 455 -28.20 -23.60 15.06
CA ASP D 455 -29.18 -22.53 15.18
C ASP D 455 -29.33 -22.23 16.67
N GLY D 456 -28.56 -21.26 17.16
CA GLY D 456 -28.46 -21.06 18.60
C GLY D 456 -29.76 -20.61 19.23
N LEU D 457 -30.49 -19.72 18.57
CA LEU D 457 -31.78 -19.28 19.11
C LEU D 457 -32.66 -20.47 19.41
N THR D 458 -32.83 -21.36 18.43
CA THR D 458 -33.66 -22.54 18.63
C THR D 458 -33.11 -23.44 19.73
N LEU D 459 -31.79 -23.56 19.82
CA LEU D 459 -31.18 -24.45 20.81
C LEU D 459 -31.33 -23.92 22.23
N MET D 460 -31.12 -22.61 22.43
CA MET D 460 -31.15 -22.07 23.78
C MET D 460 -32.57 -21.84 24.29
N THR D 461 -33.49 -21.43 23.42
CA THR D 461 -34.86 -21.16 23.87
C THR D 461 -35.75 -22.40 23.77
N LYS D 462 -35.30 -23.47 23.13
CA LYS D 462 -36.12 -24.67 22.98
C LYS D 462 -37.49 -24.33 22.39
N HIS D 463 -37.48 -23.44 21.40
N HIS D 463 -37.47 -23.50 21.36
CA HIS D 463 -38.68 -23.05 20.66
CA HIS D 463 -38.67 -23.09 20.65
C HIS D 463 -38.26 -22.81 19.21
C HIS D 463 -38.27 -22.80 19.21
N TRP D 464 -39.15 -23.12 18.27
CA TRP D 464 -38.96 -22.75 16.87
C TRP D 464 -39.68 -21.41 16.68
N ASN D 465 -38.90 -20.33 16.59
CA ASN D 465 -39.45 -18.98 16.59
C ASN D 465 -39.74 -18.48 15.19
N TRP D 466 -40.70 -17.57 15.10
CA TRP D 466 -41.06 -16.91 13.84
C TRP D 466 -40.05 -15.84 13.44
N PHE D 467 -39.02 -15.62 14.27
CA PHE D 467 -37.90 -14.73 13.99
C PHE D 467 -36.60 -15.48 14.24
N ASN D 468 -35.50 -14.90 13.77
CA ASN D 468 -34.17 -15.43 14.06
C ASN D 468 -33.16 -14.34 13.72
N ALA D 469 -31.90 -14.59 14.05
CA ALA D 469 -30.87 -13.58 13.87
C ALA D 469 -29.58 -14.23 13.42
N ASP D 470 -28.78 -13.46 12.68
CA ASP D 470 -27.54 -13.92 12.06
C ASP D 470 -26.42 -13.84 13.11
N ALA D 471 -26.28 -14.91 13.87
CA ALA D 471 -25.31 -14.92 14.97
C ALA D 471 -23.89 -14.73 14.46
N ILE D 472 -23.51 -15.45 13.41
CA ILE D 472 -22.12 -15.37 12.94
C ILE D 472 -21.81 -13.96 12.47
N GLY D 473 -22.71 -13.38 11.68
CA GLY D 473 -22.52 -12.00 11.24
C GLY D 473 -22.36 -11.03 12.40
N VAL D 474 -23.17 -11.21 13.45
CA VAL D 474 -23.03 -10.34 14.63
C VAL D 474 -21.68 -10.58 15.30
N ILE D 475 -21.23 -11.82 15.36
CA ILE D 475 -19.95 -12.12 16.01
C ILE D 475 -18.80 -11.53 15.18
N ARG D 476 -18.91 -11.58 13.86
CA ARG D 476 -17.94 -10.97 12.95
C ARG D 476 -18.20 -9.48 12.77
N LYS D 477 -19.04 -8.88 13.61
CA LYS D 477 -19.40 -7.46 13.57
C LYS D 477 -19.50 -6.95 12.13
N LYS D 478 -20.48 -7.50 11.42
CA LYS D 478 -20.81 -7.05 10.07
C LYS D 478 -22.10 -6.26 10.01
N TYR D 479 -22.64 -5.86 11.15
CA TYR D 479 -23.86 -5.08 11.24
C TYR D 479 -23.63 -3.89 12.16
N TRP D 480 -24.28 -2.76 11.85
CA TRP D 480 -24.16 -1.64 12.78
C TRP D 480 -24.96 -1.90 14.06
N SER D 481 -26.09 -2.59 13.95
CA SER D 481 -26.90 -2.91 15.11
C SER D 481 -27.48 -4.32 14.94
N ILE D 482 -27.80 -4.94 16.06
CA ILE D 482 -28.31 -6.30 16.02
C ILE D 482 -29.62 -6.39 15.25
N VAL D 483 -30.35 -5.28 15.13
CA VAL D 483 -31.69 -5.36 14.54
C VAL D 483 -31.59 -5.76 13.07
N GLN D 484 -30.57 -5.29 12.36
CA GLN D 484 -30.42 -5.65 10.96
C GLN D 484 -29.84 -7.06 10.78
N ALA D 485 -29.58 -7.77 11.87
CA ALA D 485 -29.28 -9.19 11.82
C ALA D 485 -30.54 -10.05 11.90
N VAL D 486 -31.71 -9.43 12.07
CA VAL D 486 -32.94 -10.17 12.35
C VAL D 486 -33.63 -10.52 11.06
N ARG D 487 -34.26 -11.70 11.05
CA ARG D 487 -35.04 -12.18 9.91
C ARG D 487 -36.38 -12.67 10.42
N ILE D 488 -37.40 -12.51 9.57
CA ILE D 488 -38.79 -12.82 9.88
C ILE D 488 -39.32 -13.78 8.82
N GLY D 489 -40.03 -14.82 9.24
CA GLY D 489 -40.65 -15.74 8.32
C GLY D 489 -39.71 -16.84 7.83
N GLU D 490 -40.33 -17.93 7.36
CA GLU D 490 -39.57 -19.13 7.01
C GLU D 490 -38.56 -18.85 5.91
N GLY D 491 -38.98 -18.13 4.87
CA GLY D 491 -38.14 -17.90 3.72
C GLY D 491 -36.85 -17.20 4.08
N PRO D 492 -36.96 -16.00 4.66
CA PRO D 492 -35.74 -15.26 5.03
C PRO D 492 -34.93 -15.94 6.14
N ILE D 493 -35.58 -16.63 7.10
CA ILE D 493 -34.80 -17.28 8.14
C ILE D 493 -33.96 -18.40 7.55
N ARG D 494 -34.56 -19.22 6.69
CA ARG D 494 -33.83 -20.31 6.04
C ARG D 494 -32.67 -19.78 5.19
N LYS D 495 -32.93 -18.73 4.39
CA LYS D 495 -31.88 -18.16 3.56
C LYS D 495 -30.74 -17.61 4.43
N MET D 496 -31.07 -16.99 5.55
CA MET D 496 -30.03 -16.40 6.38
C MET D 496 -29.17 -17.49 7.05
N ILE D 497 -29.80 -18.57 7.50
CA ILE D 497 -29.02 -19.62 8.13
C ILE D 497 -28.16 -20.34 7.09
N GLN D 498 -28.68 -20.50 5.88
CA GLN D 498 -27.86 -21.00 4.79
C GLN D 498 -26.65 -20.11 4.55
N GLY D 499 -26.85 -18.80 4.63
CA GLY D 499 -25.73 -17.88 4.48
C GLY D 499 -24.67 -18.07 5.55
N GLU D 500 -25.10 -18.35 6.79
CA GLU D 500 -24.14 -18.57 7.87
C GLU D 500 -23.27 -19.80 7.57
N LEU D 501 -23.88 -20.89 7.12
CA LEU D 501 -23.10 -22.08 6.78
C LEU D 501 -22.11 -21.76 5.67
N ALA D 502 -22.51 -20.90 4.72
CA ALA D 502 -21.60 -20.49 3.65
C ALA D 502 -20.39 -19.76 4.20
N VAL D 503 -20.57 -18.98 5.26
CA VAL D 503 -19.44 -18.31 5.89
C VAL D 503 -18.42 -19.34 6.38
N LEU D 504 -18.92 -20.41 7.00
CA LEU D 504 -18.02 -21.44 7.51
C LEU D 504 -17.30 -22.15 6.38
N LYS D 505 -17.98 -22.35 5.25
CA LYS D 505 -17.31 -22.96 4.10
C LYS D 505 -16.20 -22.06 3.59
N GLN D 506 -16.43 -20.74 3.60
CA GLN D 506 -15.40 -19.81 3.17
C GLN D 506 -14.20 -19.80 4.11
N ASP D 507 -14.42 -20.09 5.40
CA ASP D 507 -13.30 -20.17 6.33
C ASP D 507 -12.25 -21.17 5.84
N THR D 508 -12.71 -22.33 5.35
CA THR D 508 -11.77 -23.38 4.95
C THR D 508 -10.87 -22.91 3.82
N ILE D 509 -11.47 -22.33 2.78
CA ILE D 509 -10.70 -21.92 1.61
C ILE D 509 -9.75 -20.79 1.96
N ASP D 510 -10.18 -19.87 2.83
CA ASP D 510 -9.35 -18.70 3.14
C ASP D 510 -8.14 -19.08 3.99
N ILE D 511 -8.33 -19.93 4.99
CA ILE D 511 -7.30 -20.20 5.98
C ILE D 511 -6.57 -21.50 5.71
N LEU D 512 -7.31 -22.58 5.43
CA LEU D 512 -6.70 -23.89 5.33
C LEU D 512 -6.29 -24.24 3.91
N GLY D 513 -7.08 -23.86 2.91
CA GLY D 513 -6.75 -24.13 1.53
C GLY D 513 -7.89 -24.83 0.82
N ASN D 514 -7.55 -25.49 -0.29
CA ASN D 514 -8.51 -26.23 -1.09
C ASN D 514 -8.76 -27.58 -0.42
N TYR D 515 -9.70 -27.59 0.50
CA TYR D 515 -10.03 -28.75 1.31
C TYR D 515 -11.53 -28.82 1.48
N PRO D 516 -12.07 -30.00 1.77
CA PRO D 516 -13.51 -30.11 2.02
C PRO D 516 -13.86 -29.51 3.38
N THR D 517 -15.15 -29.27 3.57
CA THR D 517 -15.73 -28.87 4.85
C THR D 517 -16.78 -29.90 5.24
N LEU D 518 -16.84 -30.22 6.53
CA LEU D 518 -17.80 -31.19 7.06
C LEU D 518 -18.33 -30.65 8.38
N VAL D 519 -19.60 -30.29 8.41
CA VAL D 519 -20.21 -29.81 9.65
C VAL D 519 -20.30 -30.99 10.60
N GLY D 520 -19.41 -31.04 11.59
CA GLY D 520 -19.32 -32.20 12.46
C GLY D 520 -20.48 -32.36 13.42
N GLU D 521 -21.16 -31.27 13.75
CA GLU D 521 -22.33 -31.29 14.61
C GLU D 521 -23.32 -30.24 14.13
N ILE D 522 -24.58 -30.63 14.05
CA ILE D 522 -25.68 -29.72 13.74
C ILE D 522 -26.94 -30.46 14.15
N GLY D 523 -27.88 -29.72 14.75
CA GLY D 523 -29.07 -30.39 15.27
C GLY D 523 -29.98 -29.41 15.98
N ILE D 524 -31.12 -29.96 16.43
CA ILE D 524 -32.17 -29.15 17.04
C ILE D 524 -32.72 -29.87 18.26
N PRO D 525 -33.30 -29.12 19.20
CA PRO D 525 -33.86 -29.77 20.40
C PRO D 525 -35.28 -30.25 20.15
N TYR D 526 -35.54 -31.50 20.56
CA TYR D 526 -36.85 -32.11 20.40
C TYR D 526 -37.78 -31.84 21.56
N ASP D 527 -37.24 -31.47 22.71
CA ASP D 527 -38.05 -31.15 23.89
C ASP D 527 -38.53 -29.70 23.88
N MET D 528 -39.10 -29.28 22.75
CA MET D 528 -39.56 -27.92 22.62
C MET D 528 -40.95 -27.75 23.24
N ASP D 529 -41.27 -26.51 23.60
CA ASP D 529 -42.61 -26.13 24.05
C ASP D 529 -42.99 -26.89 25.30
N ASP D 530 -42.04 -27.01 26.23
CA ASP D 530 -42.24 -27.75 27.46
C ASP D 530 -42.71 -29.18 27.17
N LYS D 531 -42.06 -29.81 26.19
CA LYS D 531 -42.30 -31.21 25.84
C LYS D 531 -43.75 -31.46 25.42
N LYS D 532 -44.37 -30.47 24.79
CA LYS D 532 -45.75 -30.64 24.34
C LYS D 532 -45.89 -31.85 23.42
N ALA D 533 -44.91 -32.07 22.53
CA ALA D 533 -44.99 -33.21 21.64
C ALA D 533 -44.87 -34.55 22.36
N TYR D 534 -44.46 -34.56 23.62
CA TYR D 534 -44.43 -35.80 24.39
C TYR D 534 -45.70 -36.00 25.20
N GLY D 535 -46.63 -35.05 25.15
CA GLY D 535 -47.86 -35.18 25.90
C GLY D 535 -47.77 -34.66 27.32
N TYR D 536 -46.87 -33.73 27.60
CA TYR D 536 -46.57 -33.34 28.96
C TYR D 536 -47.37 -32.14 29.46
N VAL D 537 -48.04 -31.41 28.57
CA VAL D 537 -48.76 -30.20 28.95
C VAL D 537 -50.13 -30.18 28.29
N ASP D 538 -50.95 -29.22 28.70
CA ASP D 538 -52.24 -28.94 28.06
C ASP D 538 -53.10 -30.19 28.01
N GLY D 539 -53.09 -30.94 29.11
CA GLY D 539 -53.87 -32.17 29.17
C GLY D 539 -53.49 -33.21 28.15
N GLY D 540 -52.24 -33.19 27.67
CA GLY D 540 -51.77 -34.14 26.69
C GLY D 540 -51.99 -33.73 25.24
N ARG D 541 -52.61 -32.58 25.00
CA ARG D 541 -52.84 -32.14 23.63
C ARG D 541 -51.52 -31.80 22.95
N GLY D 542 -51.38 -32.25 21.70
CA GLY D 542 -50.16 -32.09 20.96
C GLY D 542 -49.21 -33.26 21.04
N GLU D 543 -49.59 -34.34 21.72
CA GLU D 543 -48.71 -35.49 21.82
C GLU D 543 -48.49 -36.10 20.43
N GLY D 544 -47.24 -36.31 20.06
CA GLY D 544 -46.94 -36.87 18.77
C GLY D 544 -46.84 -35.90 17.62
N ASP D 545 -47.12 -34.62 17.83
CA ASP D 545 -47.09 -33.66 16.77
C ASP D 545 -45.72 -32.99 16.79
N TYR D 546 -44.89 -33.29 15.82
CA TYR D 546 -43.54 -32.75 15.77
C TYR D 546 -43.36 -31.61 14.76
N SER D 547 -44.43 -30.92 14.42
CA SER D 547 -44.41 -29.83 13.45
C SER D 547 -43.31 -28.82 13.64
N SER D 548 -43.18 -28.26 14.83
CA SER D 548 -42.16 -27.26 15.12
C SER D 548 -40.78 -27.85 14.95
N GLN D 549 -40.53 -29.01 15.57
CA GLN D 549 -39.26 -29.69 15.39
C GLN D 549 -38.95 -29.90 13.91
N GLN D 550 -39.96 -30.24 13.12
CA GLN D 550 -39.71 -30.53 11.72
C GLN D 550 -39.24 -29.28 10.98
N LYS D 551 -39.90 -28.15 11.21
CA LYS D 551 -39.49 -26.92 10.54
C LYS D 551 -38.08 -26.52 10.94
N ALA D 552 -37.73 -26.68 12.22
CA ALA D 552 -36.41 -26.27 12.68
C ALA D 552 -35.33 -27.16 12.09
N MET D 553 -35.55 -28.47 12.13
CA MET D 553 -34.59 -29.40 11.51
C MET D 553 -34.48 -29.15 10.02
N ASP D 554 -35.62 -28.96 9.34
CA ASP D 554 -35.60 -28.73 7.90
C ASP D 554 -34.80 -27.48 7.56
N CYS D 555 -34.92 -26.44 8.38
CA CYS D 555 -34.15 -25.22 8.15
C CYS D 555 -32.66 -25.47 8.33
N SER D 556 -32.27 -26.18 9.39
CA SER D 556 -30.86 -26.46 9.57
C SER D 556 -30.33 -27.37 8.45
N MET D 557 -31.11 -28.39 8.07
CA MET D 557 -30.69 -29.30 7.00
C MET D 557 -30.64 -28.57 5.67
N ASN D 558 -31.63 -27.71 5.40
CA ASN D 558 -31.62 -26.97 4.15
C ASN D 558 -30.41 -26.04 4.07
N ALA D 559 -29.86 -25.64 5.21
CA ALA D 559 -28.76 -24.70 5.21
C ALA D 559 -27.50 -25.34 4.65
N CYS D 560 -27.38 -26.67 4.74
CA CYS D 560 -26.28 -27.39 4.13
C CYS D 560 -26.55 -27.78 2.68
N ASP D 561 -27.75 -27.46 2.17
CA ASP D 561 -28.07 -27.62 0.75
C ASP D 561 -27.79 -26.29 0.05
N GLY D 562 -28.69 -25.86 -0.83
CA GLY D 562 -28.46 -24.68 -1.63
C GLY D 562 -27.13 -24.79 -2.37
N PRO D 563 -26.37 -23.70 -2.41
CA PRO D 563 -25.02 -23.77 -3.01
C PRO D 563 -23.94 -24.34 -2.10
N ASN D 564 -24.27 -24.66 -0.84
CA ASN D 564 -23.24 -25.16 0.07
C ASN D 564 -22.92 -26.62 -0.20
N CYS D 565 -23.94 -27.46 -0.35
CA CYS D 565 -23.77 -28.88 -0.64
C CYS D 565 -22.77 -29.52 0.33
N LEU D 566 -23.00 -29.33 1.62
CA LEU D 566 -22.02 -29.67 2.63
C LEU D 566 -22.18 -31.12 3.10
N ASN D 567 -21.06 -31.69 3.54
CA ASN D 567 -21.06 -32.91 4.34
C ASN D 567 -21.41 -32.56 5.78
N TYR D 568 -22.06 -33.49 6.48
CA TYR D 568 -22.36 -33.20 7.88
C TYR D 568 -22.71 -34.46 8.67
N ALA D 569 -22.60 -34.33 9.99
CA ALA D 569 -23.02 -35.35 10.95
C ALA D 569 -24.00 -34.71 11.91
N ILE D 570 -25.26 -35.16 11.87
CA ILE D 570 -26.29 -34.63 12.74
C ILE D 570 -26.00 -35.04 14.17
N TRP D 571 -26.18 -34.12 15.11
CA TRP D 571 -26.17 -34.41 16.54
C TRP D 571 -27.61 -34.53 17.04
N ASN D 572 -28.01 -35.72 17.51
CA ASN D 572 -27.25 -36.96 17.44
C ASN D 572 -28.25 -38.12 17.38
N TYR D 573 -27.75 -39.34 17.52
CA TYR D 573 -28.57 -40.56 17.56
C TYR D 573 -28.26 -41.29 18.88
N VAL D 574 -29.27 -41.39 19.74
CA VAL D 574 -29.12 -41.90 21.10
C VAL D 574 -30.08 -43.06 21.33
N PRO D 575 -29.60 -44.31 21.36
CA PRO D 575 -30.54 -45.43 21.49
C PRO D 575 -31.33 -45.46 22.81
N ASP D 576 -30.82 -44.90 23.90
CA ASP D 576 -31.54 -44.93 25.17
C ASP D 576 -32.18 -43.58 25.52
N ASN D 577 -32.48 -42.74 24.53
CA ASN D 577 -33.16 -41.47 24.77
C ASN D 577 -34.57 -41.73 25.26
N VAL D 578 -35.02 -40.94 26.24
CA VAL D 578 -36.40 -41.02 26.72
C VAL D 578 -36.99 -39.62 26.86
N HIS D 579 -38.32 -39.57 26.88
CA HIS D 579 -38.98 -38.28 26.96
C HIS D 579 -38.68 -37.59 28.29
N GLU D 580 -38.55 -38.36 29.36
CA GLU D 580 -38.44 -37.76 30.69
C GLU D 580 -37.09 -37.09 30.88
N TRP D 581 -36.02 -37.72 30.41
CA TRP D 581 -34.66 -37.22 30.62
C TRP D 581 -33.95 -36.90 29.31
N GLY D 582 -34.63 -37.01 28.18
CA GLY D 582 -33.99 -36.72 26.90
C GLY D 582 -32.84 -37.67 26.61
N ASP D 583 -31.72 -37.09 26.18
CA ASP D 583 -30.51 -37.85 25.88
C ASP D 583 -29.79 -38.31 27.14
N ASN D 584 -30.37 -38.08 28.32
CA ASN D 584 -29.78 -38.44 29.60
C ASN D 584 -28.52 -37.64 29.90
N TRP D 585 -28.47 -36.39 29.46
CA TRP D 585 -27.26 -35.59 29.60
C TRP D 585 -27.65 -34.13 29.67
N ASN D 586 -27.76 -33.60 30.89
CA ASN D 586 -27.86 -32.17 31.15
C ASN D 586 -29.13 -31.55 30.59
N GLY D 587 -30.19 -32.36 30.43
CA GLY D 587 -31.44 -31.85 29.90
C GLY D 587 -31.50 -31.71 28.40
N GLU D 588 -30.44 -32.03 27.69
CA GLU D 588 -30.48 -31.98 26.23
C GLU D 588 -31.33 -33.13 25.70
N ASP D 589 -32.04 -32.85 24.59
CA ASP D 589 -32.88 -33.86 23.93
C ASP D 589 -32.74 -33.62 22.43
N LEU D 590 -31.69 -34.19 21.84
CA LEU D 590 -31.39 -33.95 20.43
C LEU D 590 -31.40 -35.22 19.60
N SER D 591 -31.81 -36.35 20.16
CA SER D 591 -31.79 -37.58 19.39
C SER D 591 -32.90 -37.60 18.35
N LEU D 592 -32.57 -38.10 17.16
CA LEU D 592 -33.54 -38.31 16.11
C LEU D 592 -34.56 -39.39 16.44
N TRP D 593 -34.29 -40.21 17.46
CA TRP D 593 -35.01 -41.46 17.67
C TRP D 593 -35.13 -41.75 19.16
N SER D 594 -36.24 -42.39 19.53
CA SER D 594 -36.53 -42.67 20.92
C SER D 594 -37.53 -43.81 21.04
N VAL D 595 -37.28 -44.72 21.98
CA VAL D 595 -38.22 -45.82 22.22
C VAL D 595 -39.56 -45.27 22.67
N ASP D 596 -39.58 -44.09 23.30
CA ASP D 596 -40.84 -43.50 23.75
C ASP D 596 -41.70 -43.03 22.58
N ASP D 597 -41.15 -42.91 21.38
CA ASP D 597 -41.95 -42.58 20.21
C ASP D 597 -42.31 -43.82 19.40
N LYS D 598 -41.98 -45.01 19.90
CA LYS D 598 -42.42 -46.24 19.25
C LYS D 598 -43.92 -46.43 19.46
N GLU D 599 -44.60 -46.85 18.41
CA GLU D 599 -46.04 -47.15 18.50
C GLU D 599 -46.23 -48.57 19.01
N PRO D 640 -32.79 -58.45 9.25
CA PRO D 640 -32.20 -57.13 8.97
C PRO D 640 -30.74 -57.22 8.52
N SER D 641 -30.51 -57.27 7.21
CA SER D 641 -29.18 -57.41 6.64
C SER D 641 -28.86 -56.25 5.71
N PRO D 642 -27.57 -55.97 5.50
CA PRO D 642 -27.23 -54.83 4.62
C PRO D 642 -27.73 -55.00 3.20
N SER D 643 -27.72 -56.22 2.66
CA SER D 643 -28.24 -56.45 1.31
C SER D 643 -29.71 -56.08 1.23
N VAL D 644 -30.48 -56.41 2.26
CA VAL D 644 -31.91 -56.17 2.21
C VAL D 644 -32.19 -54.66 2.24
N ILE D 645 -31.41 -53.90 3.00
CA ILE D 645 -31.63 -52.47 3.07
C ILE D 645 -31.34 -51.81 1.73
N ASP D 646 -30.27 -52.22 1.05
CA ASP D 646 -29.93 -51.60 -0.22
C ASP D 646 -30.96 -51.96 -1.29
N SER D 647 -31.48 -53.19 -1.27
CA SER D 647 -32.53 -53.54 -2.21
C SER D 647 -33.87 -52.90 -1.88
N GLY D 648 -34.02 -52.34 -0.68
CA GLY D 648 -35.27 -51.71 -0.29
C GLY D 648 -36.35 -52.67 0.18
N ASP D 649 -35.99 -53.89 0.52
CA ASP D 649 -36.95 -54.91 0.94
C ASP D 649 -37.05 -54.98 2.46
N PHE D 650 -37.48 -53.87 3.06
CA PHE D 650 -37.60 -53.76 4.51
C PHE D 650 -38.92 -53.06 4.84
N SER D 651 -39.25 -53.07 6.15
CA SER D 651 -40.53 -52.59 6.68
C SER D 651 -40.52 -51.07 6.84
N PRO D 652 -41.63 -50.39 6.53
CA PRO D 652 -41.72 -48.97 6.90
C PRO D 652 -41.45 -48.73 8.38
N THR D 653 -41.79 -49.71 9.24
CA THR D 653 -41.58 -49.53 10.67
C THR D 653 -40.13 -49.24 10.99
N LEU D 654 -39.20 -49.81 10.22
CA LEU D 654 -37.79 -49.54 10.45
C LEU D 654 -37.50 -48.04 10.36
N ILE D 655 -38.03 -47.37 9.34
CA ILE D 655 -37.64 -45.99 9.09
C ILE D 655 -38.60 -44.97 9.73
N LEU D 656 -39.69 -45.41 10.34
CA LEU D 656 -40.66 -44.50 10.91
C LEU D 656 -40.85 -44.68 12.41
N ASP D 657 -40.97 -45.91 12.89
CA ASP D 657 -41.31 -46.16 14.29
C ASP D 657 -40.17 -45.70 15.19
N GLY D 658 -40.46 -44.76 16.08
CA GLY D 658 -39.47 -44.18 16.97
C GLY D 658 -38.83 -42.90 16.47
N SER D 659 -38.94 -42.62 15.18
CA SER D 659 -38.37 -41.41 14.61
C SER D 659 -39.17 -40.18 15.03
N ARG D 660 -38.50 -39.02 15.03
CA ARG D 660 -39.14 -37.74 15.32
C ARG D 660 -38.76 -36.76 14.23
N ALA D 661 -39.75 -36.24 13.52
CA ALA D 661 -39.52 -35.27 12.44
C ALA D 661 -38.66 -35.87 11.33
N VAL D 662 -38.93 -37.15 11.03
CA VAL D 662 -38.12 -37.88 10.05
C VAL D 662 -38.19 -37.22 8.69
N ALA D 663 -39.31 -36.55 8.39
CA ALA D 663 -39.43 -35.86 7.11
C ALA D 663 -38.33 -34.83 6.94
N ALA D 664 -37.82 -34.26 8.03
CA ALA D 664 -36.83 -33.20 7.92
C ALA D 664 -35.41 -33.73 7.83
N PHE D 665 -35.08 -34.83 8.53
CA PHE D 665 -33.69 -35.26 8.57
C PHE D 665 -33.35 -36.41 7.62
N CYS D 666 -34.33 -37.11 7.08
CA CYS D 666 -34.08 -38.12 6.04
C CYS D 666 -34.48 -37.50 4.72
N ARG D 667 -33.49 -37.18 3.89
CA ARG D 667 -33.68 -36.32 2.74
C ARG D 667 -32.98 -36.89 1.51
N PRO D 668 -33.45 -36.53 0.31
CA PRO D 668 -32.70 -36.88 -0.90
C PRO D 668 -31.45 -36.02 -1.05
N TYR D 669 -30.38 -36.65 -1.50
CA TYR D 669 -29.10 -35.96 -1.70
C TYR D 669 -28.22 -36.83 -2.58
N PRO D 670 -27.23 -36.24 -3.25
CA PRO D 670 -26.33 -37.03 -4.12
C PRO D 670 -25.20 -37.65 -3.34
N VAL D 671 -25.13 -38.99 -3.34
CA VAL D 671 -24.05 -39.68 -2.68
C VAL D 671 -22.73 -39.50 -3.43
N ALA D 672 -22.77 -39.58 -4.76
CA ALA D 672 -21.58 -39.46 -5.58
C ALA D 672 -21.96 -38.83 -6.91
N THR D 673 -21.12 -37.92 -7.39
CA THR D 673 -21.45 -37.12 -8.55
C THR D 673 -20.30 -37.10 -9.54
N VAL D 674 -20.62 -37.32 -10.81
CA VAL D 674 -19.68 -37.04 -11.90
C VAL D 674 -19.76 -35.55 -12.17
N GLY D 675 -18.75 -34.83 -11.74
CA GLY D 675 -18.77 -33.37 -11.74
C GLY D 675 -18.73 -32.81 -10.35
N ILE D 676 -19.07 -31.54 -10.24
CA ILE D 676 -19.04 -30.80 -8.98
C ILE D 676 -20.47 -30.46 -8.60
N PRO D 677 -20.92 -30.78 -7.38
CA PRO D 677 -22.25 -30.32 -6.95
C PRO D 677 -22.32 -28.80 -7.00
N GLU D 678 -23.38 -28.29 -7.61
CA GLU D 678 -23.59 -26.85 -7.70
C GLU D 678 -24.76 -26.36 -6.86
N ARG D 679 -25.92 -27.02 -6.92
CA ARG D 679 -27.04 -26.59 -6.10
C ARG D 679 -27.98 -27.75 -5.79
N ILE D 680 -28.42 -27.81 -4.54
CA ILE D 680 -29.40 -28.78 -4.08
C ILE D 680 -30.56 -28.02 -3.46
N ASP D 681 -31.77 -28.36 -3.84
CA ASP D 681 -32.97 -27.77 -3.25
C ASP D 681 -34.00 -28.87 -3.04
N PHE D 682 -34.53 -28.94 -1.82
CA PHE D 682 -35.52 -29.94 -1.46
C PHE D 682 -36.62 -29.27 -0.66
N ASP D 683 -37.87 -29.54 -1.04
CA ASP D 683 -39.05 -28.98 -0.40
C ASP D 683 -39.89 -30.13 0.11
N ILE D 684 -40.12 -30.16 1.43
CA ILE D 684 -40.81 -31.30 2.02
C ILE D 684 -42.26 -31.37 1.54
N THR D 685 -42.97 -30.25 1.58
CA THR D 685 -44.42 -30.29 1.33
C THR D 685 -44.70 -30.76 -0.06
N SER D 686 -43.98 -30.24 -1.06
CA SER D 686 -44.03 -30.58 -2.46
C SER D 686 -43.36 -31.91 -2.84
N THR D 687 -42.40 -32.33 -2.01
CA THR D 687 -41.42 -33.37 -2.30
C THR D 687 -40.49 -33.02 -3.45
N LYS D 688 -40.57 -31.82 -4.02
CA LYS D 688 -39.75 -31.48 -5.19
C LYS D 688 -38.28 -31.43 -4.81
N PHE D 689 -37.46 -32.21 -5.51
CA PHE D 689 -36.01 -32.24 -5.36
C PHE D 689 -35.40 -31.79 -6.67
N LYS D 690 -34.41 -30.91 -6.59
CA LYS D 690 -33.67 -30.47 -7.77
C LYS D 690 -32.19 -30.40 -7.43
N TYR D 691 -31.36 -30.92 -8.34
CA TYR D 691 -29.93 -31.01 -8.15
C TYR D 691 -29.24 -30.54 -9.43
N ALA D 692 -28.28 -29.64 -9.29
CA ALA D 692 -27.53 -29.08 -10.41
C ALA D 692 -26.06 -29.43 -10.26
N VAL D 693 -25.44 -29.81 -11.37
CA VAL D 693 -24.07 -30.31 -11.39
C VAL D 693 -23.29 -29.59 -12.48
N ARG D 694 -22.10 -29.10 -12.13
CA ARG D 694 -21.17 -28.56 -13.12
C ARG D 694 -20.34 -29.73 -13.66
N VAL D 695 -20.52 -30.04 -14.94
CA VAL D 695 -19.86 -31.19 -15.58
C VAL D 695 -18.84 -30.65 -16.56
N ARG D 696 -17.58 -31.04 -16.37
CA ARG D 696 -16.48 -30.58 -17.19
C ARG D 696 -16.09 -31.63 -18.22
N ALA D 697 -15.53 -31.17 -19.35
CA ALA D 697 -15.22 -32.07 -20.45
C ALA D 697 -14.15 -33.10 -20.06
N ASP D 698 -13.29 -32.76 -19.11
CA ASP D 698 -12.28 -33.70 -18.65
C ASP D 698 -12.79 -34.66 -17.58
N ASP D 699 -14.06 -34.59 -17.21
CA ASP D 699 -14.62 -35.51 -16.23
C ASP D 699 -14.82 -36.91 -16.82
N ILE D 700 -14.82 -37.90 -15.93
CA ILE D 700 -14.94 -39.30 -16.32
C ILE D 700 -16.38 -39.77 -16.11
N ALA D 701 -17.04 -40.22 -17.17
CA ALA D 701 -18.39 -40.75 -17.09
C ALA D 701 -18.51 -41.96 -18.01
N ASN D 702 -19.05 -43.06 -17.50
CA ASN D 702 -19.26 -44.29 -18.26
C ASN D 702 -20.21 -45.17 -17.47
N GLU D 703 -20.40 -46.41 -17.92
CA GLU D 703 -21.41 -47.28 -17.31
C GLU D 703 -21.10 -47.57 -15.84
N GLN D 704 -19.82 -47.57 -15.46
CA GLN D 704 -19.43 -47.85 -14.08
C GLN D 704 -19.26 -46.59 -13.23
N VAL D 705 -19.14 -45.42 -13.84
CA VAL D 705 -18.92 -44.17 -13.12
C VAL D 705 -20.08 -43.24 -13.47
N TYR D 706 -21.02 -43.09 -12.56
CA TYR D 706 -22.25 -42.34 -12.78
C TYR D 706 -22.57 -41.55 -11.52
N THR D 707 -23.64 -40.77 -11.59
CA THR D 707 -24.08 -39.96 -10.46
C THR D 707 -25.16 -40.73 -9.72
N GLU D 708 -24.95 -40.92 -8.41
CA GLU D 708 -25.82 -41.73 -7.58
C GLU D 708 -26.51 -40.83 -6.56
N ILE D 709 -27.83 -40.89 -6.53
CA ILE D 709 -28.64 -40.06 -5.65
C ILE D 709 -29.48 -40.98 -4.77
N TYR D 710 -29.54 -40.67 -3.48
CA TYR D 710 -30.41 -41.38 -2.56
C TYR D 710 -31.79 -40.75 -2.62
N LEU D 711 -32.82 -41.58 -2.81
CA LEU D 711 -34.21 -41.11 -2.81
C LEU D 711 -34.95 -41.81 -1.68
N PRO D 712 -35.31 -41.12 -0.60
CA PRO D 712 -35.89 -41.82 0.57
C PRO D 712 -37.34 -42.23 0.36
N PHE D 713 -37.64 -43.49 0.69
CA PHE D 713 -39.02 -43.94 0.81
C PHE D 713 -39.84 -42.98 1.67
N VAL D 714 -39.21 -42.40 2.70
CA VAL D 714 -39.90 -41.49 3.61
C VAL D 714 -40.69 -40.43 2.84
N HIS D 715 -40.18 -40.00 1.70
CA HIS D 715 -40.82 -38.94 0.92
C HIS D 715 -41.41 -39.42 -0.40
N TYR D 716 -40.87 -40.48 -0.99
CA TYR D 716 -41.17 -40.84 -2.36
C TYR D 716 -41.79 -42.23 -2.52
N ALA D 717 -41.94 -42.99 -1.45
CA ALA D 717 -42.58 -44.28 -1.57
C ALA D 717 -44.01 -44.13 -2.08
N ALA D 718 -44.48 -45.15 -2.81
CA ALA D 718 -45.88 -45.17 -3.22
C ALA D 718 -46.80 -45.10 -2.01
N SER D 719 -46.54 -45.93 -1.00
CA SER D 719 -47.25 -45.86 0.27
C SER D 719 -46.37 -46.41 1.38
N LEU D 720 -46.56 -45.90 2.58
CA LEU D 720 -45.81 -46.32 3.75
C LEU D 720 -46.65 -47.10 4.75
N ASN D 721 -47.91 -47.37 4.46
CA ASN D 721 -48.76 -48.11 5.37
C ASN D 721 -48.08 -49.40 5.85
N GLN D 729 -44.65 -54.24 -0.77
CA GLN D 729 -43.21 -53.94 -0.76
C GLN D 729 -43.00 -52.45 -1.05
N LEU D 730 -42.01 -51.86 -0.37
CA LEU D 730 -41.73 -50.43 -0.55
C LEU D 730 -41.15 -50.18 -1.93
N SER D 731 -41.70 -49.18 -2.62
CA SER D 731 -41.29 -48.86 -3.98
C SER D 731 -41.35 -47.35 -4.20
N LEU D 732 -40.41 -46.85 -4.99
CA LEU D 732 -40.44 -45.44 -5.37
C LEU D 732 -41.55 -45.21 -6.40
N ASP D 733 -42.22 -44.06 -6.28
CA ASP D 733 -43.33 -43.68 -7.16
C ASP D 733 -43.13 -42.20 -7.51
N VAL D 734 -42.29 -41.94 -8.51
CA VAL D 734 -41.81 -40.60 -8.79
C VAL D 734 -41.85 -40.31 -10.29
N THR D 735 -41.85 -39.02 -10.60
CA THR D 735 -41.53 -38.50 -11.92
C THR D 735 -40.14 -37.90 -11.87
N ILE D 736 -39.31 -38.20 -12.86
CA ILE D 736 -37.96 -37.66 -12.95
C ILE D 736 -37.81 -36.93 -14.27
N VAL D 737 -37.21 -35.75 -14.23
CA VAL D 737 -36.92 -34.94 -15.39
C VAL D 737 -35.44 -34.61 -15.33
N ALA D 738 -34.67 -35.17 -16.26
CA ALA D 738 -33.24 -34.92 -16.35
C ALA D 738 -32.92 -34.14 -17.61
N SER D 739 -32.00 -33.18 -17.50
CA SER D 739 -31.61 -32.39 -18.67
C SER D 739 -30.79 -33.21 -19.66
N HIS D 740 -30.01 -34.17 -19.16
CA HIS D 740 -29.17 -34.99 -20.02
C HIS D 740 -29.16 -36.43 -19.53
N GLY D 741 -28.85 -37.34 -20.44
CA GLY D 741 -28.60 -38.73 -20.08
C GLY D 741 -29.86 -39.52 -19.76
N ARG D 742 -29.65 -40.60 -19.02
CA ARG D 742 -30.70 -41.54 -18.67
C ARG D 742 -30.59 -41.90 -17.19
N VAL D 743 -31.67 -42.46 -16.65
CA VAL D 743 -31.72 -42.83 -15.25
C VAL D 743 -32.35 -44.21 -15.07
N GLU D 744 -31.92 -44.90 -14.02
CA GLU D 744 -32.56 -46.10 -13.51
C GLU D 744 -32.75 -45.93 -12.01
N ILE D 745 -33.85 -46.46 -11.48
CA ILE D 745 -34.08 -46.43 -10.04
C ILE D 745 -34.12 -47.87 -9.55
N GLN D 746 -33.77 -48.05 -8.27
CA GLN D 746 -33.74 -49.37 -7.64
C GLN D 746 -33.75 -49.16 -6.14
N GLY D 747 -34.77 -49.66 -5.46
CA GLY D 747 -34.90 -49.40 -4.05
C GLY D 747 -35.00 -47.91 -3.79
N GLN D 748 -34.04 -47.39 -3.02
CA GLN D 748 -33.98 -45.97 -2.67
C GLN D 748 -32.84 -45.27 -3.38
N THR D 749 -32.35 -45.82 -4.48
CA THR D 749 -31.18 -45.30 -5.17
C THR D 749 -31.57 -44.90 -6.58
N LEU D 750 -31.14 -43.72 -6.98
CA LEU D 750 -31.28 -43.25 -8.36
C LEU D 750 -29.89 -43.13 -8.97
N ARG D 751 -29.71 -43.72 -10.15
CA ARG D 751 -28.46 -43.67 -10.89
C ARG D 751 -28.67 -42.87 -12.17
N TRP D 752 -27.71 -42.02 -12.49
CA TRP D 752 -27.85 -41.00 -13.53
C TRP D 752 -26.60 -41.02 -14.40
N TRP D 753 -26.70 -41.64 -15.57
CA TRP D 753 -25.62 -41.67 -16.54
C TRP D 753 -25.80 -40.52 -17.53
N TYR D 754 -24.70 -39.82 -17.83
CA TYR D 754 -24.76 -38.78 -18.85
C TYR D 754 -23.38 -38.61 -19.48
N PRO D 755 -23.32 -38.21 -20.75
CA PRO D 755 -22.02 -37.85 -21.34
C PRO D 755 -21.57 -36.48 -20.88
N VAL D 756 -20.27 -36.35 -20.66
CA VAL D 756 -19.70 -35.06 -20.25
C VAL D 756 -19.73 -34.14 -21.46
N PRO D 757 -19.56 -32.83 -21.29
CA PRO D 757 -19.54 -31.94 -22.45
C PRO D 757 -18.32 -32.20 -23.33
N GLY D 758 -18.53 -32.05 -24.65
CA GLY D 758 -17.42 -32.18 -25.57
C GLY D 758 -16.29 -31.22 -25.25
N THR D 759 -16.63 -29.98 -24.89
CA THR D 759 -15.64 -28.97 -24.57
C THR D 759 -16.13 -28.09 -23.43
N GLY D 760 -15.19 -27.58 -22.64
CA GLY D 760 -15.53 -26.69 -21.56
C GLY D 760 -16.28 -27.39 -20.45
N GLU D 761 -17.21 -26.66 -19.84
CA GLU D 761 -18.02 -27.20 -18.76
C GLU D 761 -19.47 -26.78 -18.99
N GLU D 762 -20.37 -27.53 -18.36
CA GLU D 762 -21.80 -27.35 -18.54
C GLU D 762 -22.48 -27.74 -17.24
N VAL D 763 -23.66 -27.17 -17.00
CA VAL D 763 -24.43 -27.46 -15.79
C VAL D 763 -25.62 -28.33 -16.17
N TYR D 764 -25.64 -29.55 -15.65
CA TYR D 764 -26.73 -30.47 -15.83
C TYR D 764 -27.67 -30.41 -14.63
N THR D 765 -28.93 -30.77 -14.85
CA THR D 765 -29.93 -30.75 -13.78
C THR D 765 -30.78 -32.00 -13.81
N ILE D 766 -31.29 -32.38 -12.64
CA ILE D 766 -32.25 -33.46 -12.53
C ILE D 766 -33.28 -33.08 -11.48
N GLU D 767 -34.56 -33.31 -11.79
CA GLU D 767 -35.67 -32.98 -10.91
C GLU D 767 -36.40 -34.27 -10.57
N VAL D 768 -36.82 -34.38 -9.31
CA VAL D 768 -37.58 -35.54 -8.85
C VAL D 768 -38.75 -35.06 -8.01
N GLN D 769 -39.87 -35.77 -8.10
CA GLN D 769 -41.05 -35.46 -7.31
C GLN D 769 -41.87 -36.74 -7.17
N ARG D 770 -42.51 -36.88 -6.01
CA ARG D 770 -43.43 -37.99 -5.84
C ARG D 770 -44.71 -37.73 -6.64
N ASN D 771 -45.23 -38.78 -7.27
CA ASN D 771 -46.47 -38.66 -8.03
C ASN D 771 -47.63 -38.48 -7.07
N GLY D 772 -48.38 -37.40 -7.27
CA GLY D 772 -49.52 -37.08 -6.44
C GLY D 772 -49.22 -36.27 -5.21
N GLY D 773 -48.03 -35.69 -5.12
CA GLY D 773 -47.65 -34.93 -3.95
C GLY D 773 -47.09 -35.81 -2.84
N ALA D 774 -47.14 -35.27 -1.62
CA ALA D 774 -46.46 -35.84 -0.48
C ALA D 774 -47.27 -36.99 0.13
N LEU D 775 -46.65 -37.67 1.08
CA LEU D 775 -47.19 -38.89 1.66
C LEU D 775 -47.99 -38.62 2.95
N ARG D 776 -48.82 -39.60 3.29
CA ARG D 776 -49.57 -39.64 4.56
C ARG D 776 -49.85 -38.28 5.17
C TRS E . -15.33 52.46 1.38
C1 TRS E . -14.35 53.64 1.65
C2 TRS E . -16.70 53.14 1.05
C3 TRS E . -15.51 51.85 2.82
N TRS E . -14.71 51.57 0.17
O1 TRS E . -14.03 54.22 0.41
O2 TRS E . -17.17 54.06 2.04
O3 TRS E . -16.23 50.64 2.75
H11 TRS E . -13.45 53.28 2.14
H12 TRS E . -14.82 54.38 2.30
H21 TRS E . -17.45 52.36 0.91
H22 TRS E . -16.60 53.68 0.11
H31 TRS E . -16.05 52.56 3.46
H32 TRS E . -14.54 51.67 3.27
HN1 TRS E . -13.70 51.45 0.10
HN2 TRS E . -14.87 51.85 -0.79
HN3 TRS E . -14.98 50.60 0.07
HO1 TRS E . -13.46 54.99 0.55
HO2 TRS E . -18.02 54.45 1.76
HO3 TRS E . -16.43 50.33 3.65
C TRS F . -4.65 4.25 -27.93
C1 TRS F . -4.98 2.83 -27.40
C2 TRS F . -4.68 5.09 -26.61
C3 TRS F . -5.91 4.69 -28.76
N TRS F . -3.35 4.26 -28.89
O1 TRS F . -4.47 1.86 -28.30
O2 TRS F . -4.60 6.47 -26.87
O3 TRS F . -7.19 4.40 -28.17
H11 TRS F . -6.07 2.71 -27.31
H12 TRS F . -4.54 2.69 -26.41
H21 TRS F . -3.85 4.80 -25.97
H22 TRS F . -5.60 4.88 -26.07
H31 TRS F . -5.87 4.19 -29.72
H32 TRS F . -5.85 5.77 -28.93
HN1 TRS F . -3.42 4.56 -29.85
HN2 TRS F . -2.85 3.39 -29.07
HN3 TRS F . -2.53 4.82 -28.65
HO1 TRS F . -4.76 0.97 -28.01
HO2 TRS F . -4.36 6.61 -27.81
HO3 TRS F . -7.90 4.71 -28.78
MG MG G . 16.51 -8.66 -7.24
C TRS H . 34.80 -29.17 9.12
C1 TRS H . 34.69 -29.44 7.60
C2 TRS H . 35.66 -27.87 9.15
C3 TRS H . 35.75 -30.30 9.66
N TRS H . 33.39 -29.28 9.91
O1 TRS H . 33.73 -30.45 7.39
O2 TRS H . 36.31 -27.70 10.38
O3 TRS H . 37.00 -30.38 9.00
H11 TRS H . 35.66 -29.77 7.21
H12 TRS H . 34.41 -28.54 7.07
H21 TRS H . 35.02 -27.00 8.97
H22 TRS H . 36.40 -27.91 8.36
H31 TRS H . 35.23 -31.25 9.56
H32 TRS H . 35.93 -30.12 10.73
HN1 TRS H . 33.36 -29.60 10.87
HN2 TRS H . 32.65 -29.89 9.55
HN3 TRS H . 32.81 -28.45 10.03
HO1 TRS H . 33.71 -30.69 6.45
HO2 TRS H . 36.94 -26.95 10.32
HO3 TRS H . 37.51 -31.14 9.37
C TRS I . -23.37 -30.62 22.06
C1 TRS I . -22.42 -29.43 22.36
C2 TRS I . -24.70 -29.95 21.56
C3 TRS I . -23.70 -31.16 23.49
N TRS I . -22.64 -31.60 21.00
O1 TRS I . -22.02 -28.87 21.13
O2 TRS I . -25.29 -29.02 22.47
O3 TRS I . -24.48 -32.33 23.39
H11 TRS I . -21.55 -29.78 22.92
H12 TRS I . -22.93 -28.68 22.96
H21 TRS I . -25.43 -30.74 21.36
H22 TRS I . -24.50 -29.44 20.62
H31 TRS I . -24.24 -30.41 24.06
H32 TRS I . -22.78 -31.38 24.03
HN1 TRS I . -21.66 -31.83 21.11
HN2 TRS I . -22.60 -31.33 20.02
HN3 TRS I . -22.98 -32.55 20.86
HO1 TRS I . -21.51 -28.05 21.30
HO2 TRS I . -26.11 -28.65 22.09
HO3 TRS I . -24.79 -32.60 24.27
#